data_8HGG
#
_entry.id   8HGG
#
loop_
_entity.id
_entity.type
_entity.pdbx_description
1 polymer 'Bone marrow proteoglycan'
2 polymer Pappalysin-1
3 non-polymer 'ZINC ION'
#
loop_
_entity_poly.entity_id
_entity_poly.type
_entity_poly.pdbx_seq_one_letter_code
_entity_poly.pdbx_strand_id
1 'polypeptide(L)'
;MKLPLLLALLFGAVSALHLRSETSTFETPLGAKTLPEDEETPEQEMEETPCRELEEEEEWGSGSEDASKKDGAVESISVP
DMVDKNLTCPEEEDTVKVVGIPGCQTCRYLLVRSLQTFSQAWFTCRRCYRGNLVSIHNFNINYRIQCSVSALNQGQVWIG
GRITGSGRCRRFQWVDGSRWNFAYWAAHQPWSRGGHCVALCTRGGHWRRAHCLRRLPFICSY
;
A,B
2 'polypeptide(L)'
;MRLWSWVLHLGLLSAALGCGLAERPRRARRDPRAGRPPRPAAGPATCATRAARGRRASPPPPPPPGGAWEAVRVPRRRQQ
REARGATEEPSPPSRALYFSGRGEQLRLRADLELPRDAFTLQVWLRAEGGQRSPAVITGLYDKCSYISRDRGWVVGIHTI
SDQDNKDPRYFFSLKTDRARQVTTINAHRSYLPGQWVYLAATYDGQFMKLYVNGAQVATSGEQVGGIFSPLTQKCKVLML
GGSALNHNYRGYIEHFSLWKVARTQREILSDMETHGAHTALPQLLLQENWDNVKHAWSPMKDGSSPKVEFSNAHGFLLDT
SLEPPLCGQTLCDNTEVIASYNQLSSFRQPKVVRYRVVNLYEDDHKNPTVTREQVDFQHHQLAEAFKQYNISWELDVLEV
SNSSLRRRLILANCDISKIGDENCDPECNHTLTGHDGGDCRHLRHPAFVKKQHNGVCDMDCNYERFNFDGGECCDPEITN
VTQTCFDPDSPHRAYLDVNELKNILKLDGSTHLNIFFAKSSEEELAGVATWPWDKEALMHLGGIVLNPSFYGMPGHTHTM
IHEIGHSLGLYHVFRGISEIQSCSDPCMETEPSFETGDLCNDTNPAPKHKSCGDPGPGNDTCGFHSFFNTPYNNFMSYAD
DDCTDSFTPNQVARMHCYLDLVYQGWQPSRKPAPVALAPQVLGHTTDSVTLEWFPPIDGHFFERELGSACHLCLEGRILV
QYASNASSPMPCSPSGHWSPREAEGHPDVEQPCKSSVRTWSPNSAVNPHTVPPACPEPQGCYLELEFLYPLVPESLTIWV
TFVSTDWDSSGAVNDIKLLAVSGKNISLGPQNVFCDVPLTIRLWDVGEEVYGIQIYTLDEHLEIDAAMLTSTADTPLCLQ
CKPLKYKVVRDPPLQMDVASILHLNRKFVDMDLNLGSVYQYWVITISGTEESEPSPAVTYIHGSGYCGDGIIQKDQGEQC
DDMNKINGDGCSLFCRQEVSFNCIDEPSRCYFHDGDGVCEEFEQKTSIKDCGVYTPQGFLDQWASNASVSHQDQQCPGWV
IIGQPAASQVCRTKVIDLSEGISQHAWYPCTISYPYSQLAQTTFWLRAYFSQPMVAAAVIVHLVTDGTYYGDQKQETISV
QLLDTKDQSHDLGLHVLSCRNNPLIIPVVHDLSQPFYHSQAVRVSFSSPLVAISGVALRSFDNFDPVTLSSCQRGETYSP
AEQSCVHFACEKTDCPELAVENASLNCSSSDRYHGAQCTVSCRTGYVLQIRRDDELIKSQTGPSVTVTCTEGKWNKQVAC
EPVDCSIPDHHQVYAASFSCPEGTTFGSQCSFQCRHPAQLKGNNSLLTCMEDGLWSFPEALCELMCLAPPPVPNADLQTA
RCRENKHKVGSFCKYKCKPGYHVPGSSRKSKKRAFKTQCTQDGSWQEGACVPVTCDPPPPKFHGLYQCTNGFQFNSECRI
KCEDSDASQGLGSNVIHCRKDGTWNGSFHVCQEMQGQCSVPNELNSNLKLQCPDGYAIGSECATSCLDHNSESIILPMNV
TVRDIPHWLNPTRVERVVCTAGLKWYPHPALIHCVKGCEPFMGDNYCDAINNRAFCNYDGGDCCTSTVKTKKVTPFPMSC
DLQGDCACRDPQAQEHSRKDLRGYSHG
;
C,D
#
# COMPACT_ATOMS: atom_id res chain seq x y z
N THR A 88 18.56 25.79 54.54
CA THR A 88 17.19 26.04 54.09
C THR A 88 17.02 25.60 52.64
N CYS A 89 16.84 24.28 52.44
CA CYS A 89 16.75 23.66 51.13
C CYS A 89 15.31 23.45 50.72
N PRO A 90 15.00 23.50 49.40
CA PRO A 90 13.61 23.39 48.96
C PRO A 90 13.05 21.98 49.09
N GLU A 91 11.76 21.82 48.77
CA GLU A 91 11.07 20.56 48.93
C GLU A 91 11.43 19.63 47.76
N GLU A 92 10.90 18.40 47.83
CA GLU A 92 11.17 17.40 46.80
C GLU A 92 10.11 17.33 45.72
N GLU A 93 8.87 17.76 46.03
CA GLU A 93 7.79 17.70 45.05
C GLU A 93 7.90 18.80 44.00
N ASP A 94 8.41 19.97 44.38
CA ASP A 94 8.44 21.11 43.48
C ASP A 94 9.56 21.04 42.45
N THR A 95 10.59 20.22 42.68
CA THR A 95 11.73 20.17 41.78
C THR A 95 11.42 19.28 40.57
N VAL A 96 11.70 19.79 39.38
CA VAL A 96 11.45 19.10 38.12
C VAL A 96 12.77 18.96 37.38
N LYS A 97 13.10 17.73 36.98
CA LYS A 97 14.35 17.44 36.30
C LYS A 97 14.14 17.52 34.79
N VAL A 98 14.94 18.33 34.11
CA VAL A 98 14.89 18.46 32.66
C VAL A 98 16.24 18.05 32.09
N VAL A 99 16.23 17.08 31.19
CA VAL A 99 17.42 16.62 30.47
C VAL A 99 16.95 16.08 29.13
N GLY A 100 17.89 15.97 28.19
CA GLY A 100 17.59 15.49 26.86
C GLY A 100 17.66 16.53 25.76
N ILE A 101 18.35 17.63 25.97
CA ILE A 101 18.50 18.66 24.94
C ILE A 101 19.43 18.14 23.85
N PRO A 102 19.14 18.37 22.56
CA PRO A 102 20.07 17.94 21.50
C PRO A 102 21.45 18.56 21.58
N GLY A 103 21.57 19.79 22.08
CA GLY A 103 22.86 20.37 22.42
C GLY A 103 23.04 20.35 23.92
N CYS A 104 24.22 19.91 24.36
CA CYS A 104 24.58 19.72 25.77
C CYS A 104 23.61 18.75 26.46
N GLN A 105 23.64 17.50 26.00
CA GLN A 105 22.86 16.45 26.65
C GLN A 105 23.50 15.96 27.94
N THR A 106 24.75 16.32 28.19
CA THR A 106 25.39 15.97 29.46
C THR A 106 24.92 16.88 30.59
N CYS A 107 24.62 18.14 30.30
CA CYS A 107 24.19 19.05 31.35
C CYS A 107 22.70 18.92 31.60
N ARG A 108 22.34 18.73 32.87
CA ARG A 108 20.97 18.51 33.30
C ARG A 108 20.55 19.69 34.16
N TYR A 109 19.30 20.13 34.00
CA TYR A 109 18.81 21.29 34.71
C TYR A 109 17.69 20.88 35.67
N LEU A 110 17.52 21.69 36.71
CA LEU A 110 16.44 21.51 37.68
C LEU A 110 15.65 22.80 37.77
N LEU A 111 14.35 22.71 37.51
CA LEU A 111 13.43 23.83 37.69
C LEU A 111 12.75 23.67 39.05
N VAL A 112 12.87 24.70 39.90
CA VAL A 112 12.23 24.71 41.20
C VAL A 112 11.17 25.79 41.19
N ARG A 113 9.95 25.42 41.58
CA ARG A 113 8.83 26.34 41.64
C ARG A 113 8.76 27.10 42.96
N SER A 114 9.82 27.03 43.78
CA SER A 114 9.89 27.80 45.01
C SER A 114 10.07 29.26 44.68
N LEU A 115 9.07 30.08 44.98
CA LEU A 115 9.11 31.51 44.68
C LEU A 115 10.07 32.19 45.64
N GLN A 116 11.28 32.47 45.16
CA GLN A 116 12.31 33.13 45.94
C GLN A 116 12.93 34.24 45.10
N THR A 117 13.64 35.14 45.77
CA THR A 117 14.32 36.24 45.08
C THR A 117 15.61 35.73 44.43
N PHE A 118 16.36 36.65 43.82
CA PHE A 118 17.56 36.24 43.10
C PHE A 118 18.66 35.80 44.05
N SER A 119 18.92 36.59 45.09
CA SER A 119 19.97 36.25 46.05
C SER A 119 19.58 35.03 46.88
N GLN A 120 18.31 34.95 47.28
CA GLN A 120 17.84 33.83 48.09
C GLN A 120 17.92 32.51 47.34
N ALA A 121 17.40 32.48 46.10
CA ALA A 121 17.46 31.25 45.31
C ALA A 121 18.87 30.93 44.85
N TRP A 122 19.68 31.95 44.58
CA TRP A 122 21.07 31.75 44.19
C TRP A 122 21.86 31.09 45.30
N PHE A 123 21.79 31.64 46.52
CA PHE A 123 22.48 31.04 47.65
C PHE A 123 21.86 29.71 48.07
N THR A 124 20.55 29.55 47.85
CA THR A 124 19.87 28.29 48.18
C THR A 124 20.37 27.15 47.30
N CYS A 125 20.39 27.35 45.98
CA CYS A 125 20.89 26.30 45.10
C CYS A 125 22.42 26.28 45.06
N ARG A 126 23.10 27.28 45.62
CA ARG A 126 24.54 27.15 45.87
C ARG A 126 24.82 26.25 47.07
N ARG A 127 23.99 26.33 48.12
CA ARG A 127 24.26 25.58 49.35
C ARG A 127 23.57 24.23 49.39
N CYS A 128 22.57 23.99 48.55
CA CYS A 128 21.88 22.70 48.52
C CYS A 128 22.25 21.85 47.32
N TYR A 129 22.60 22.47 46.21
CA TYR A 129 23.18 21.79 45.06
C TYR A 129 24.66 22.20 44.95
N ARG A 130 25.31 21.67 43.91
CA ARG A 130 26.73 21.93 43.73
C ARG A 130 26.99 22.70 42.45
N GLY A 131 26.15 23.69 42.16
CA GLY A 131 26.34 24.54 41.00
C GLY A 131 25.52 25.80 41.13
N ASN A 132 25.84 26.76 40.28
CA ASN A 132 25.18 28.06 40.29
C ASN A 132 23.93 28.03 39.42
N LEU A 133 23.36 29.20 39.15
CA LEU A 133 22.20 29.32 38.28
C LEU A 133 22.59 29.05 36.84
N VAL A 134 21.57 28.79 36.01
CA VAL A 134 21.79 28.36 34.64
C VAL A 134 22.34 29.51 33.81
N SER A 135 23.40 29.25 33.06
CA SER A 135 23.96 30.19 32.10
C SER A 135 23.65 29.68 30.70
N ILE A 136 22.96 30.49 29.92
CA ILE A 136 22.50 30.12 28.59
C ILE A 136 23.58 30.50 27.58
N HIS A 137 23.97 29.53 26.74
CA HIS A 137 24.99 29.78 25.74
C HIS A 137 24.57 29.47 24.31
N ASN A 138 23.41 28.84 24.09
CA ASN A 138 22.92 28.65 22.73
C ASN A 138 21.40 28.67 22.76
N PHE A 139 20.79 28.31 21.64
CA PHE A 139 19.35 28.43 21.44
C PHE A 139 18.58 27.19 21.85
N ASN A 140 19.18 26.00 21.72
CA ASN A 140 18.46 24.77 22.04
C ASN A 140 18.27 24.63 23.54
N ILE A 141 19.22 25.10 24.34
CA ILE A 141 19.06 25.15 25.78
C ILE A 141 17.93 26.11 26.15
N ASN A 142 17.89 27.28 25.50
CA ASN A 142 16.82 28.26 25.74
C ASN A 142 15.47 27.71 25.30
N TYR A 143 15.43 27.00 24.17
CA TYR A 143 14.17 26.43 23.70
C TYR A 143 13.67 25.32 24.62
N ARG A 144 14.57 24.45 25.10
CA ARG A 144 14.15 23.40 26.02
C ARG A 144 13.75 23.96 27.38
N ILE A 145 14.41 25.03 27.84
CA ILE A 145 14.03 25.67 29.09
C ILE A 145 12.65 26.33 28.96
N GLN A 146 12.39 26.97 27.81
CA GLN A 146 11.07 27.54 27.56
C GLN A 146 9.99 26.46 27.49
N CYS A 147 10.31 25.33 26.86
CA CYS A 147 9.38 24.20 26.83
C CYS A 147 9.11 23.66 28.22
N SER A 148 10.13 23.66 29.09
CA SER A 148 9.95 23.16 30.44
C SER A 148 9.13 24.11 31.31
N VAL A 149 9.31 25.42 31.14
CA VAL A 149 8.67 26.38 32.04
C VAL A 149 7.42 27.01 31.42
N SER A 150 7.01 26.57 30.23
CA SER A 150 5.79 27.13 29.62
C SER A 150 4.52 26.72 30.36
N ALA A 151 4.57 25.71 31.21
CA ALA A 151 3.40 25.28 31.97
C ALA A 151 3.24 25.99 33.30
N LEU A 152 4.21 26.80 33.72
CA LEU A 152 4.16 27.43 35.02
C LEU A 152 3.16 28.57 35.03
N ASN A 153 2.47 28.74 36.16
CA ASN A 153 1.51 29.82 36.30
C ASN A 153 2.20 31.17 36.43
N GLN A 154 3.42 31.19 36.96
CA GLN A 154 4.19 32.42 36.99
C GLN A 154 4.75 32.74 35.61
N GLY A 155 4.85 34.04 35.31
CA GLY A 155 5.28 34.45 33.99
C GLY A 155 6.77 34.45 33.77
N GLN A 156 7.57 34.44 34.84
CA GLN A 156 9.01 34.54 34.74
C GLN A 156 9.68 33.40 35.50
N VAL A 157 10.87 33.01 35.03
CA VAL A 157 11.75 32.13 35.76
C VAL A 157 13.11 32.81 35.84
N TRP A 158 13.94 32.35 36.79
CA TRP A 158 15.24 32.95 37.00
C TRP A 158 16.31 32.25 36.17
N ILE A 159 17.19 33.05 35.58
CA ILE A 159 18.44 32.54 35.01
C ILE A 159 19.58 33.29 35.69
N GLY A 160 20.81 33.01 35.29
CA GLY A 160 21.98 33.50 35.99
C GLY A 160 22.48 34.87 35.62
N GLY A 161 21.75 35.62 34.79
CA GLY A 161 22.25 36.89 34.32
C GLY A 161 22.21 37.97 35.39
N ARG A 162 23.21 38.84 35.36
CA ARG A 162 23.28 39.95 36.30
C ARG A 162 24.14 41.05 35.67
N ILE A 163 23.70 42.29 35.85
CA ILE A 163 24.39 43.45 35.28
C ILE A 163 25.42 43.93 36.29
N THR A 164 26.69 43.92 35.90
CA THR A 164 27.79 44.29 36.79
C THR A 164 28.55 45.45 36.16
N GLY A 165 28.17 46.66 36.54
CA GLY A 165 28.85 47.85 36.06
C GLY A 165 28.00 49.08 36.28
N SER A 166 28.67 50.23 36.17
CA SER A 166 28.02 51.52 36.34
C SER A 166 28.59 52.50 35.32
N GLY A 167 27.81 53.54 35.03
CA GLY A 167 28.22 54.53 34.07
C GLY A 167 27.31 54.59 32.85
N ARG A 168 27.89 54.40 31.67
CA ARG A 168 27.14 54.39 30.42
C ARG A 168 27.14 53.05 29.72
N CYS A 169 28.25 52.33 29.72
CA CYS A 169 28.37 51.03 29.06
C CYS A 169 28.62 49.97 30.14
N ARG A 170 27.55 49.38 30.65
CA ARG A 170 27.62 48.30 31.61
C ARG A 170 27.70 46.96 30.89
N ARG A 171 27.95 45.90 31.66
CA ARG A 171 28.15 44.57 31.10
C ARG A 171 27.30 43.55 31.83
N PHE A 172 26.60 42.72 31.06
CA PHE A 172 25.96 41.54 31.64
C PHE A 172 27.02 40.48 31.91
N GLN A 173 26.76 39.63 32.90
CA GLN A 173 27.59 38.45 33.13
C GLN A 173 26.76 37.41 33.87
N TRP A 174 27.21 36.16 33.76
CA TRP A 174 26.56 35.08 34.49
C TRP A 174 27.15 34.97 35.90
N VAL A 175 26.45 34.23 36.75
CA VAL A 175 26.85 34.13 38.15
C VAL A 175 28.07 33.24 38.33
N ASP A 176 28.25 32.25 37.46
CA ASP A 176 29.34 31.30 37.62
C ASP A 176 30.63 31.75 36.91
N GLY A 177 30.64 32.93 36.31
CA GLY A 177 31.84 33.47 35.71
C GLY A 177 32.07 33.08 34.26
N SER A 178 31.12 32.38 33.63
CA SER A 178 31.25 32.08 32.22
C SER A 178 31.04 33.34 31.38
N ARG A 179 31.57 33.32 30.16
CA ARG A 179 31.48 34.47 29.28
C ARG A 179 30.07 34.59 28.70
N TRP A 180 29.70 35.82 28.38
CA TRP A 180 28.38 36.13 27.84
C TRP A 180 28.51 36.22 26.32
N ASN A 181 27.98 35.22 25.62
CA ASN A 181 28.04 35.19 24.17
C ASN A 181 26.68 35.02 23.50
N PHE A 182 25.67 34.57 24.22
CA PHE A 182 24.33 34.37 23.67
C PHE A 182 23.38 35.35 24.33
N ALA A 183 22.68 36.14 23.52
CA ALA A 183 21.71 37.11 24.02
C ALA A 183 20.41 36.92 23.27
N TYR A 184 19.34 36.63 24.00
CA TYR A 184 18.01 36.39 23.44
C TYR A 184 17.03 37.26 24.22
N TRP A 185 16.93 38.53 23.82
CA TRP A 185 16.12 39.51 24.53
C TRP A 185 14.79 39.73 23.82
N ALA A 186 13.88 40.40 24.54
CA ALA A 186 12.60 40.79 23.97
C ALA A 186 12.71 42.18 23.37
N ALA A 187 11.58 42.80 23.05
CA ALA A 187 11.56 44.10 22.41
C ALA A 187 11.87 45.20 23.42
N HIS A 188 12.89 46.00 23.11
CA HIS A 188 13.36 47.15 23.92
C HIS A 188 13.74 46.74 25.34
N GLN A 189 14.27 45.54 25.51
CA GLN A 189 14.56 45.05 26.87
C GLN A 189 15.86 45.56 27.51
N PRO A 190 17.05 45.50 26.87
CA PRO A 190 18.26 45.88 27.63
C PRO A 190 18.48 47.37 27.76
N TRP A 191 17.72 48.22 27.08
CA TRP A 191 17.90 49.67 27.17
C TRP A 191 16.64 50.36 27.67
N SER A 192 15.94 49.73 28.61
CA SER A 192 14.77 50.34 29.22
C SER A 192 14.90 50.46 30.73
N ARG A 193 16.10 50.29 31.26
CA ARG A 193 16.45 50.30 32.70
C ARG A 193 15.60 49.23 33.39
N GLY A 194 15.03 49.53 34.56
CA GLY A 194 14.30 48.52 35.30
C GLY A 194 15.19 47.83 36.32
N GLY A 195 14.92 46.56 36.58
CA GLY A 195 15.71 45.83 37.55
C GLY A 195 17.08 45.44 37.01
N HIS A 196 17.96 45.09 37.93
CA HIS A 196 19.33 44.73 37.59
C HIS A 196 19.51 43.25 37.30
N CYS A 197 18.49 42.43 37.49
CA CYS A 197 18.62 41.00 37.26
C CYS A 197 17.95 40.61 35.95
N VAL A 198 18.25 39.39 35.49
CA VAL A 198 17.78 38.90 34.20
C VAL A 198 16.87 37.70 34.45
N ALA A 199 15.69 37.70 33.82
CA ALA A 199 14.74 36.62 33.96
C ALA A 199 14.34 36.14 32.57
N LEU A 200 13.76 34.95 32.51
CA LEU A 200 13.30 34.35 31.26
C LEU A 200 11.78 34.28 31.30
N CYS A 201 11.13 34.86 30.29
CA CYS A 201 9.68 34.83 30.21
C CYS A 201 9.20 33.44 29.82
N THR A 202 8.15 32.98 30.48
CA THR A 202 7.60 31.66 30.19
C THR A 202 6.80 31.64 28.89
N ARG A 203 6.35 32.79 28.41
CA ARG A 203 5.61 32.90 27.16
C ARG A 203 6.52 33.55 26.13
N GLY A 204 7.07 32.75 25.21
CA GLY A 204 7.94 33.22 24.16
C GLY A 204 9.41 32.86 24.37
N GLY A 205 9.86 32.81 25.62
CA GLY A 205 11.23 32.43 25.91
C GLY A 205 12.24 33.56 25.87
N HIS A 206 11.82 34.77 25.53
CA HIS A 206 12.73 35.91 25.50
C HIS A 206 13.06 36.36 26.92
N TRP A 207 14.21 37.01 27.06
CA TRP A 207 14.69 37.46 28.36
C TRP A 207 14.18 38.86 28.67
N ARG A 208 13.88 39.09 29.93
CA ARG A 208 13.37 40.37 30.40
C ARG A 208 14.16 40.80 31.63
N ARG A 209 14.54 42.07 31.68
CA ARG A 209 15.19 42.60 32.86
C ARG A 209 14.17 42.78 33.97
N ALA A 210 14.47 42.23 35.15
CA ALA A 210 13.56 42.23 36.27
C ALA A 210 14.30 42.59 37.54
N HIS A 211 13.54 43.05 38.54
CA HIS A 211 14.09 43.37 39.84
C HIS A 211 14.54 42.11 40.57
N CYS A 212 15.63 42.22 41.32
CA CYS A 212 16.22 41.07 41.97
C CYS A 212 15.48 40.65 43.23
N LEU A 213 14.50 41.43 43.69
CA LEU A 213 13.73 41.12 44.88
C LEU A 213 12.39 40.47 44.57
N ARG A 214 12.18 40.02 43.33
CA ARG A 214 10.93 39.38 42.95
C ARG A 214 10.99 37.89 43.25
N ARG A 215 9.91 37.37 43.85
CA ARG A 215 9.81 35.95 44.16
C ARG A 215 9.27 35.21 42.94
N LEU A 216 10.14 34.49 42.26
CA LEU A 216 9.87 33.79 41.01
C LEU A 216 10.44 32.39 41.10
N PRO A 217 9.95 31.45 40.27
CA PRO A 217 10.61 30.15 40.17
C PRO A 217 12.00 30.30 39.59
N PHE A 218 12.87 29.34 39.90
CA PHE A 218 14.27 29.47 39.50
C PHE A 218 14.80 28.16 38.93
N ILE A 219 15.70 28.27 37.98
CA ILE A 219 16.33 27.13 37.33
C ILE A 219 17.80 27.10 37.74
N CYS A 220 18.25 25.95 38.23
CA CYS A 220 19.66 25.76 38.57
C CYS A 220 20.18 24.50 37.90
N SER A 221 21.48 24.25 38.08
CA SER A 221 22.12 23.09 37.48
C SER A 221 23.34 22.72 38.30
N TYR A 222 23.64 21.42 38.32
CA TYR A 222 24.87 20.92 38.93
C TYR A 222 25.24 19.58 38.31
N THR B 88 31.48 -32.78 -43.59
CA THR B 88 30.04 -32.62 -43.74
C THR B 88 29.42 -32.06 -42.46
N CYS B 89 29.53 -30.74 -42.27
CA CYS B 89 29.10 -30.05 -41.07
C CYS B 89 27.71 -29.45 -41.25
N PRO B 90 26.90 -29.36 -40.17
CA PRO B 90 25.53 -28.84 -40.32
C PRO B 90 25.46 -27.35 -40.57
N GLU B 91 24.25 -26.85 -40.81
CA GLU B 91 24.06 -25.45 -41.14
C GLU B 91 24.13 -24.59 -39.88
N GLU B 92 24.05 -23.27 -40.08
CA GLU B 92 24.13 -22.33 -38.97
C GLU B 92 22.77 -21.93 -38.41
N GLU B 93 21.71 -22.04 -39.21
CA GLU B 93 20.39 -21.65 -38.75
C GLU B 93 19.77 -22.68 -37.82
N ASP B 94 20.06 -23.96 -38.03
CA ASP B 94 19.42 -25.03 -37.26
C ASP B 94 20.00 -25.20 -35.86
N THR B 95 21.20 -24.70 -35.60
CA THR B 95 21.85 -24.89 -34.32
C THR B 95 21.32 -23.90 -33.28
N VAL B 96 20.95 -24.41 -32.11
CA VAL B 96 20.41 -23.61 -31.02
C VAL B 96 21.32 -23.80 -29.81
N LYS B 97 21.78 -22.68 -29.24
CA LYS B 97 22.68 -22.68 -28.10
C LYS B 97 21.85 -22.63 -26.81
N VAL B 98 22.06 -23.60 -25.92
CA VAL B 98 21.39 -23.62 -24.62
C VAL B 98 22.46 -23.57 -23.54
N VAL B 99 22.33 -22.58 -22.65
CA VAL B 99 23.21 -22.41 -21.50
C VAL B 99 22.39 -21.69 -20.43
N GLY B 100 22.85 -21.78 -19.19
CA GLY B 100 22.19 -21.17 -18.06
C GLY B 100 21.52 -22.13 -17.10
N ILE B 101 21.92 -23.39 -17.09
CA ILE B 101 21.37 -24.37 -16.15
C ILE B 101 21.88 -24.06 -14.74
N PRO B 102 21.05 -24.15 -13.70
CA PRO B 102 21.55 -23.93 -12.33
C PRO B 102 22.62 -24.91 -11.89
N GLY B 103 22.60 -26.15 -12.38
CA GLY B 103 23.70 -27.07 -12.21
C GLY B 103 24.48 -27.17 -13.51
N CYS B 104 25.81 -27.08 -13.40
CA CYS B 104 26.75 -27.06 -14.54
C CYS B 104 26.43 -25.90 -15.49
N GLN B 105 26.61 -24.68 -14.98
CA GLN B 105 26.47 -23.49 -15.81
C GLN B 105 27.67 -23.26 -16.70
N THR B 106 28.79 -23.96 -16.45
CA THR B 106 29.94 -23.86 -17.33
C THR B 106 29.75 -24.66 -18.62
N CYS B 107 29.03 -25.78 -18.55
CA CYS B 107 28.85 -26.60 -19.74
C CYS B 107 27.68 -26.08 -20.56
N ARG B 108 27.93 -25.87 -21.85
CA ARG B 108 26.97 -25.32 -22.79
C ARG B 108 26.63 -26.39 -23.81
N TYR B 109 25.36 -26.47 -24.20
CA TYR B 109 24.91 -27.50 -25.13
C TYR B 109 24.43 -26.86 -26.43
N LEU B 110 24.49 -27.65 -27.50
CA LEU B 110 23.98 -27.24 -28.80
C LEU B 110 22.98 -28.28 -29.28
N LEU B 111 21.76 -27.82 -29.57
CA LEU B 111 20.74 -28.67 -30.16
C LEU B 111 20.72 -28.40 -31.66
N VAL B 112 20.90 -29.46 -32.45
CA VAL B 112 20.87 -29.37 -33.90
C VAL B 112 19.65 -30.12 -34.39
N ARG B 113 18.84 -29.46 -35.22
CA ARG B 113 17.64 -30.05 -35.78
C ARG B 113 17.90 -30.83 -37.05
N SER B 114 19.17 -31.09 -37.38
CA SER B 114 19.52 -31.91 -38.53
C SER B 114 19.16 -33.36 -38.22
N LEU B 115 18.19 -33.89 -38.96
CA LEU B 115 17.73 -35.27 -38.76
C LEU B 115 18.78 -36.22 -39.30
N GLN B 116 19.58 -36.78 -38.39
CA GLN B 116 20.62 -37.74 -38.73
C GLN B 116 20.54 -38.92 -37.77
N THR B 117 21.20 -40.02 -38.16
CA THR B 117 21.22 -41.21 -37.34
C THR B 117 22.21 -41.04 -36.19
N PHE B 118 22.38 -42.09 -35.38
CA PHE B 118 23.25 -41.99 -34.21
C PHE B 118 24.71 -41.91 -34.62
N SER B 119 25.15 -42.80 -35.50
CA SER B 119 26.55 -42.80 -35.93
C SER B 119 26.87 -41.57 -36.78
N GLN B 120 25.94 -41.17 -37.66
CA GLN B 120 26.16 -40.02 -38.53
C GLN B 120 26.27 -38.73 -37.72
N ALA B 121 25.32 -38.49 -36.81
CA ALA B 121 25.37 -37.28 -36.00
C ALA B 121 26.50 -37.31 -34.98
N TRP B 122 26.83 -38.51 -34.46
CA TRP B 122 27.92 -38.65 -33.52
C TRP B 122 29.25 -38.29 -34.18
N PHE B 123 29.53 -38.87 -35.35
CA PHE B 123 30.77 -38.53 -36.06
C PHE B 123 30.74 -37.12 -36.61
N THR B 124 29.55 -36.59 -36.92
CA THR B 124 29.42 -35.22 -37.41
C THR B 124 29.80 -34.20 -36.34
N CYS B 125 29.23 -34.34 -35.15
CA CYS B 125 29.59 -33.43 -34.07
C CYS B 125 30.92 -33.80 -33.41
N ARG B 126 31.47 -34.97 -33.71
CA ARG B 126 32.86 -35.24 -33.36
C ARG B 126 33.83 -34.51 -34.28
N ARG B 127 33.51 -34.42 -35.57
CA ARG B 127 34.43 -33.85 -36.54
C ARG B 127 34.22 -32.35 -36.77
N CYS B 128 33.06 -31.81 -36.40
CA CYS B 128 32.79 -30.39 -36.58
C CYS B 128 32.85 -29.61 -35.27
N TYR B 129 32.55 -30.25 -34.16
CA TYR B 129 32.77 -29.69 -32.83
C TYR B 129 33.90 -30.46 -32.16
N ARG B 130 34.21 -30.08 -30.92
CA ARG B 130 35.31 -30.71 -30.20
C ARG B 130 34.81 -31.44 -28.95
N GLY B 131 33.70 -32.16 -29.11
CA GLY B 131 33.17 -32.97 -28.02
C GLY B 131 32.19 -33.99 -28.55
N ASN B 132 31.86 -34.94 -27.69
CA ASN B 132 30.95 -36.03 -28.05
C ASN B 132 29.51 -35.60 -27.77
N LEU B 133 28.59 -36.57 -27.84
CA LEU B 133 27.19 -36.32 -27.51
C LEU B 133 27.02 -36.08 -26.01
N VAL B 134 25.86 -35.52 -25.66
CA VAL B 134 25.60 -35.10 -24.28
C VAL B 134 25.45 -36.32 -23.38
N SER B 135 26.17 -36.30 -22.25
CA SER B 135 26.02 -37.31 -21.22
C SER B 135 25.32 -36.67 -20.02
N ILE B 136 24.17 -37.22 -19.65
CA ILE B 136 23.34 -36.65 -18.59
C ILE B 136 23.77 -37.25 -17.26
N HIS B 137 24.03 -36.39 -16.28
CA HIS B 137 24.44 -36.85 -14.96
C HIS B 137 23.58 -36.36 -13.81
N ASN B 138 22.65 -35.44 -14.04
CA ASN B 138 21.71 -35.05 -13.00
C ASN B 138 20.38 -34.66 -13.64
N PHE B 139 19.49 -34.09 -12.84
CA PHE B 139 18.12 -33.82 -13.25
C PHE B 139 17.94 -32.44 -13.85
N ASN B 140 18.72 -31.45 -13.41
CA ASN B 140 18.55 -30.09 -13.92
C ASN B 140 19.02 -29.97 -15.36
N ILE B 141 20.07 -30.72 -15.73
CA ILE B 141 20.49 -30.80 -17.12
C ILE B 141 19.41 -31.45 -17.97
N ASN B 142 18.80 -32.53 -17.47
CA ASN B 142 17.71 -33.20 -18.18
C ASN B 142 16.49 -32.29 -18.30
N TYR B 143 16.17 -31.54 -17.25
CA TYR B 143 15.03 -30.64 -17.30
C TYR B 143 15.26 -29.48 -18.26
N ARG B 144 16.47 -28.92 -18.28
CA ARG B 144 16.76 -27.84 -19.22
C ARG B 144 16.82 -28.34 -20.66
N ILE B 145 17.30 -29.57 -20.87
CA ILE B 145 17.30 -30.15 -22.21
C ILE B 145 15.87 -30.41 -22.69
N GLN B 146 15.00 -30.89 -21.79
CA GLN B 146 13.60 -31.08 -22.13
C GLN B 146 12.91 -29.75 -22.44
N CYS B 147 13.24 -28.70 -21.67
CA CYS B 147 12.71 -27.37 -21.94
C CYS B 147 13.18 -26.85 -23.30
N SER B 148 14.43 -27.18 -23.67
CA SER B 148 14.96 -26.72 -24.95
C SER B 148 14.34 -27.45 -26.12
N VAL B 149 14.08 -28.76 -25.98
CA VAL B 149 13.63 -29.55 -27.12
C VAL B 149 12.12 -29.80 -27.11
N SER B 150 11.38 -29.22 -26.15
CA SER B 150 9.93 -29.40 -26.14
C SER B 150 9.22 -28.68 -27.29
N ALA B 151 9.89 -27.76 -27.97
CA ALA B 151 9.29 -27.05 -29.09
C ALA B 151 9.50 -27.75 -30.43
N LEU B 152 10.29 -28.83 -30.47
CA LEU B 152 10.59 -29.48 -31.73
C LEU B 152 9.41 -30.31 -32.22
N ASN B 153 9.25 -30.37 -33.53
CA ASN B 153 8.17 -31.16 -34.11
C ASN B 153 8.47 -32.65 -34.01
N GLN B 154 9.75 -33.02 -34.01
CA GLN B 154 10.12 -34.42 -33.81
C GLN B 154 9.96 -34.81 -32.35
N GLY B 155 9.59 -36.07 -32.12
CA GLY B 155 9.32 -36.53 -30.78
C GLY B 155 10.55 -36.92 -29.97
N GLN B 156 11.68 -37.15 -30.62
CA GLN B 156 12.87 -37.63 -29.95
C GLN B 156 14.06 -36.73 -30.29
N VAL B 157 15.02 -36.67 -29.36
CA VAL B 157 16.33 -36.09 -29.61
C VAL B 157 17.37 -37.11 -29.17
N TRP B 158 18.59 -36.95 -29.67
CA TRP B 158 19.65 -37.90 -29.37
C TRP B 158 20.44 -37.46 -28.15
N ILE B 159 20.75 -38.43 -27.29
CA ILE B 159 21.75 -38.24 -26.23
C ILE B 159 22.83 -39.29 -26.43
N GLY B 160 23.81 -39.32 -25.55
CA GLY B 160 25.00 -40.13 -25.75
C GLY B 160 24.93 -41.56 -25.28
N GLY B 161 23.76 -42.04 -24.87
CA GLY B 161 23.68 -43.38 -24.31
C GLY B 161 23.78 -44.46 -25.37
N ARG B 162 24.41 -45.58 -25.00
CA ARG B 162 24.56 -46.71 -25.89
C ARG B 162 24.71 -47.96 -25.04
N ILE B 163 24.08 -49.05 -25.49
CA ILE B 163 24.14 -50.33 -24.79
C ILE B 163 25.33 -51.11 -25.33
N THR B 164 26.27 -51.43 -24.45
CA THR B 164 27.50 -52.13 -24.83
C THR B 164 27.59 -53.41 -24.02
N GLY B 165 27.09 -54.50 -24.58
CA GLY B 165 27.16 -55.78 -23.93
C GLY B 165 26.21 -56.77 -24.54
N SER B 166 26.44 -58.04 -24.23
CA SER B 166 25.61 -59.13 -24.72
C SER B 166 25.44 -60.16 -23.60
N GLY B 167 24.36 -60.94 -23.71
CA GLY B 167 24.07 -61.95 -22.72
C GLY B 167 22.77 -61.71 -22.00
N ARG B 168 22.83 -61.62 -20.67
CA ARG B 168 21.66 -61.37 -19.84
C ARG B 168 21.72 -60.03 -19.11
N CYS B 169 22.87 -59.63 -18.60
CA CYS B 169 23.03 -58.37 -17.87
C CYS B 169 23.99 -57.47 -18.67
N ARG B 170 23.42 -56.62 -19.51
CA ARG B 170 24.19 -55.65 -20.27
C ARG B 170 24.33 -54.35 -19.50
N ARG B 171 25.18 -53.46 -19.99
CA ARG B 171 25.47 -52.20 -19.31
C ARG B 171 25.32 -51.04 -20.27
N PHE B 172 24.60 -50.00 -19.83
CA PHE B 172 24.58 -48.74 -20.57
C PHE B 172 25.90 -48.00 -20.35
N GLN B 173 26.29 -47.20 -21.33
CA GLN B 173 27.42 -46.30 -21.16
C GLN B 173 27.28 -45.12 -22.10
N TRP B 174 27.96 -44.03 -21.75
CA TRP B 174 27.97 -42.85 -22.61
C TRP B 174 29.07 -42.97 -23.65
N VAL B 175 28.99 -42.10 -24.67
CA VAL B 175 29.94 -42.19 -25.78
C VAL B 175 31.30 -41.65 -25.39
N ASP B 176 31.37 -40.70 -24.47
CA ASP B 176 32.64 -40.07 -24.11
C ASP B 176 33.37 -40.78 -22.99
N GLY B 177 32.84 -41.91 -22.50
CA GLY B 177 33.52 -42.70 -21.50
C GLY B 177 33.24 -42.32 -20.06
N SER B 178 32.32 -41.38 -19.81
CA SER B 178 31.95 -41.06 -18.44
C SER B 178 31.08 -42.17 -17.86
N ARG B 179 31.05 -42.24 -16.54
CA ARG B 179 30.30 -43.27 -15.84
C ARG B 179 28.81 -42.99 -15.90
N TRP B 180 28.02 -44.06 -15.84
CA TRP B 180 26.56 -43.97 -15.89
C TRP B 180 26.05 -44.02 -14.46
N ASN B 181 25.57 -42.89 -13.96
CA ASN B 181 25.03 -42.78 -12.61
C ASN B 181 23.62 -42.23 -12.54
N PHE B 182 23.14 -41.55 -13.58
CA PHE B 182 21.81 -40.98 -13.60
C PHE B 182 20.98 -41.70 -14.65
N ALA B 183 19.84 -42.23 -14.25
CA ALA B 183 18.93 -42.93 -15.15
C ALA B 183 17.54 -42.34 -14.99
N TYR B 184 16.98 -41.82 -16.08
CA TYR B 184 15.65 -41.20 -16.09
C TYR B 184 14.89 -41.83 -17.25
N TRP B 185 14.30 -43.00 -17.00
CA TRP B 185 13.62 -43.76 -18.03
C TRP B 185 12.10 -43.59 -17.94
N ALA B 186 11.42 -44.03 -19.00
CA ALA B 186 9.96 -44.03 -19.04
C ALA B 186 9.46 -45.37 -18.52
N ALA B 187 8.16 -45.63 -18.71
CA ALA B 187 7.55 -46.85 -18.21
C ALA B 187 7.95 -48.04 -19.08
N HIS B 188 8.49 -49.08 -18.43
CA HIS B 188 8.92 -50.35 -19.05
C HIS B 188 9.95 -50.14 -20.15
N GLN B 189 10.80 -49.14 -20.03
CA GLN B 189 11.72 -48.82 -21.12
C GLN B 189 12.99 -49.68 -21.21
N PRO B 190 13.79 -49.91 -20.15
CA PRO B 190 15.05 -50.63 -20.37
C PRO B 190 14.91 -52.15 -20.50
N TRP B 191 13.74 -52.72 -20.24
CA TRP B 191 13.55 -54.17 -20.32
C TRP B 191 12.48 -54.53 -21.34
N SER B 192 12.42 -53.78 -22.44
CA SER B 192 11.47 -54.08 -23.52
C SER B 192 12.17 -54.31 -24.85
N ARG B 193 13.49 -54.51 -24.84
CA ARG B 193 14.38 -54.70 -26.00
C ARG B 193 14.22 -53.47 -26.91
N GLY B 194 14.11 -53.65 -28.21
CA GLY B 194 14.04 -52.52 -29.12
C GLY B 194 15.42 -52.16 -29.65
N GLY B 195 15.63 -50.88 -29.94
CA GLY B 195 16.91 -50.46 -30.45
C GLY B 195 17.97 -50.40 -29.37
N HIS B 196 19.23 -50.36 -29.82
CA HIS B 196 20.37 -50.35 -28.92
C HIS B 196 20.80 -48.95 -28.51
N CYS B 197 20.19 -47.91 -29.05
CA CYS B 197 20.59 -46.55 -28.70
C CYS B 197 19.58 -45.92 -27.76
N VAL B 198 19.98 -44.81 -27.15
CA VAL B 198 19.17 -44.14 -26.13
C VAL B 198 18.79 -42.76 -26.65
N ALA B 199 17.51 -42.41 -26.57
CA ALA B 199 17.02 -41.12 -27.01
C ALA B 199 16.22 -40.48 -25.88
N LEU B 200 16.01 -39.18 -25.99
CA LEU B 200 15.25 -38.41 -25.02
C LEU B 200 13.95 -37.94 -25.67
N CYS B 201 12.83 -38.28 -25.04
CA CYS B 201 11.53 -37.86 -25.58
C CYS B 201 11.31 -36.37 -25.30
N THR B 202 10.77 -35.67 -26.29
CA THR B 202 10.53 -34.25 -26.15
C THR B 202 9.31 -33.94 -25.29
N ARG B 203 8.42 -34.92 -25.10
CA ARG B 203 7.22 -34.76 -24.27
C ARG B 203 7.44 -35.59 -23.00
N GLY B 204 7.75 -34.90 -21.90
CA GLY B 204 7.97 -35.53 -20.62
C GLY B 204 9.43 -35.58 -20.20
N GLY B 205 10.34 -35.72 -21.16
CA GLY B 205 11.77 -35.73 -20.86
C GLY B 205 12.33 -37.08 -20.48
N HIS B 206 11.52 -38.13 -20.42
CA HIS B 206 12.01 -39.45 -20.08
C HIS B 206 12.75 -40.06 -21.27
N TRP B 207 13.65 -41.00 -20.97
CA TRP B 207 14.48 -41.62 -21.99
C TRP B 207 13.79 -42.85 -22.56
N ARG B 208 13.96 -43.06 -23.86
CA ARG B 208 13.37 -44.18 -24.57
C ARG B 208 14.46 -44.87 -25.38
N ARG B 209 14.47 -46.19 -25.35
CA ARG B 209 15.38 -46.94 -26.19
C ARG B 209 14.90 -46.90 -27.63
N ALA B 210 15.78 -46.52 -28.55
CA ALA B 210 15.44 -46.34 -29.95
C ALA B 210 16.51 -46.96 -30.81
N HIS B 211 16.13 -47.25 -32.05
CA HIS B 211 17.05 -47.77 -33.05
C HIS B 211 18.06 -46.71 -33.44
N CYS B 212 19.30 -47.14 -33.70
CA CYS B 212 20.39 -46.22 -33.98
C CYS B 212 20.36 -45.67 -35.40
N LEU B 213 19.48 -46.18 -36.26
CA LEU B 213 19.38 -45.74 -37.64
C LEU B 213 18.25 -44.74 -37.87
N ARG B 214 17.65 -44.21 -36.80
CA ARG B 214 16.57 -43.24 -36.94
C ARG B 214 17.12 -41.84 -37.09
N ARG B 215 16.58 -41.10 -38.04
CA ARG B 215 16.99 -39.72 -38.29
C ARG B 215 16.22 -38.79 -37.36
N LEU B 216 16.90 -38.30 -36.34
CA LEU B 216 16.34 -37.49 -35.27
C LEU B 216 17.24 -36.29 -35.03
N PRO B 217 16.72 -35.21 -34.42
CA PRO B 217 17.61 -34.13 -33.99
C PRO B 217 18.55 -34.61 -32.89
N PHE B 218 19.68 -33.93 -32.75
CA PHE B 218 20.70 -34.41 -31.83
C PHE B 218 21.28 -33.25 -31.02
N ILE B 219 21.66 -33.56 -29.79
CA ILE B 219 22.25 -32.59 -28.88
C ILE B 219 23.70 -32.98 -28.64
N CYS B 220 24.61 -32.03 -28.83
CA CYS B 220 26.02 -32.25 -28.56
C CYS B 220 26.54 -31.13 -27.66
N SER B 221 27.81 -31.24 -27.29
CA SER B 221 28.44 -30.26 -26.41
C SER B 221 29.95 -30.27 -26.65
N TYR B 222 30.55 -29.10 -26.48
CA TYR B 222 32.01 -28.98 -26.51
C TYR B 222 32.42 -27.74 -25.71
N PRO C 93 -25.61 -70.80 16.32
CA PRO C 93 -25.36 -69.35 16.36
C PRO C 93 -25.68 -68.67 15.04
N SER C 94 -25.09 -67.51 14.80
CA SER C 94 -25.20 -66.84 13.52
C SER C 94 -24.08 -67.33 12.60
N ARG C 95 -24.45 -67.69 11.38
CA ARG C 95 -23.51 -68.26 10.42
C ARG C 95 -23.42 -67.37 9.19
N ALA C 96 -22.24 -67.39 8.56
CA ALA C 96 -21.95 -66.53 7.42
C ALA C 96 -21.25 -67.32 6.32
N LEU C 97 -21.66 -67.06 5.08
CA LEU C 97 -21.03 -67.64 3.91
C LEU C 97 -19.70 -66.95 3.62
N TYR C 98 -18.73 -67.73 3.15
CA TYR C 98 -17.46 -67.18 2.68
C TYR C 98 -17.34 -67.44 1.19
N PHE C 99 -17.60 -66.41 0.39
CA PHE C 99 -17.34 -66.48 -1.04
C PHE C 99 -15.88 -66.17 -1.31
N SER C 100 -15.27 -66.95 -2.19
CA SER C 100 -13.93 -66.68 -2.67
C SER C 100 -13.98 -66.27 -4.14
N GLY C 101 -12.82 -65.88 -4.66
CA GLY C 101 -12.78 -65.43 -6.04
C GLY C 101 -12.71 -66.51 -7.08
N ARG C 102 -12.68 -67.79 -6.66
CA ARG C 102 -12.50 -68.89 -7.60
C ARG C 102 -13.73 -69.15 -8.45
N GLY C 103 -14.89 -68.64 -8.07
CA GLY C 103 -16.09 -68.84 -8.85
C GLY C 103 -17.24 -69.43 -8.07
N GLU C 104 -17.17 -69.36 -6.75
CA GLU C 104 -18.26 -69.82 -5.90
C GLU C 104 -19.39 -68.81 -5.93
N GLN C 105 -20.57 -69.24 -6.35
CA GLN C 105 -21.73 -68.37 -6.43
C GLN C 105 -22.99 -69.22 -6.34
N LEU C 106 -24.11 -68.54 -6.06
CA LEU C 106 -25.40 -69.19 -5.88
C LEU C 106 -26.43 -68.55 -6.80
N ARG C 107 -27.63 -69.09 -6.78
CA ARG C 107 -28.78 -68.43 -7.38
C ARG C 107 -30.03 -68.79 -6.58
N LEU C 108 -31.01 -67.89 -6.61
CA LEU C 108 -32.24 -68.09 -5.85
C LEU C 108 -33.15 -69.09 -6.56
N ARG C 109 -33.86 -69.88 -5.75
CA ARG C 109 -34.86 -70.79 -6.29
C ARG C 109 -36.04 -70.02 -6.87
N ALA C 110 -36.76 -70.65 -7.80
CA ALA C 110 -37.79 -69.98 -8.56
C ALA C 110 -39.10 -69.80 -7.80
N ASP C 111 -39.26 -70.45 -6.65
CA ASP C 111 -40.55 -70.39 -5.94
C ASP C 111 -40.81 -69.02 -5.32
N LEU C 112 -39.77 -68.33 -4.86
CA LEU C 112 -39.93 -66.99 -4.33
C LEU C 112 -40.09 -66.00 -5.47
N GLU C 113 -41.14 -65.19 -5.41
CA GLU C 113 -41.50 -64.30 -6.51
C GLU C 113 -40.77 -62.97 -6.36
N LEU C 114 -39.95 -62.64 -7.34
CA LEU C 114 -39.08 -61.47 -7.28
C LEU C 114 -39.90 -60.18 -7.38
N PRO C 115 -39.47 -59.13 -6.68
CA PRO C 115 -40.23 -57.87 -6.70
C PRO C 115 -40.13 -57.16 -8.04
N ARG C 116 -41.15 -56.36 -8.32
CA ARG C 116 -41.27 -55.65 -9.59
C ARG C 116 -41.28 -54.15 -9.43
N ASP C 117 -42.03 -53.62 -8.47
CA ASP C 117 -42.17 -52.17 -8.32
C ASP C 117 -41.13 -51.60 -7.35
N ALA C 118 -41.09 -52.10 -6.12
CA ALA C 118 -40.22 -51.57 -5.08
C ALA C 118 -39.48 -52.73 -4.43
N PHE C 119 -38.28 -52.46 -3.93
CA PHE C 119 -37.54 -53.49 -3.21
C PHE C 119 -36.56 -52.87 -2.25
N THR C 120 -36.06 -53.70 -1.33
CA THR C 120 -35.00 -53.31 -0.41
C THR C 120 -34.08 -54.51 -0.19
N LEU C 121 -32.80 -54.35 -0.49
CA LEU C 121 -31.81 -55.38 -0.25
C LEU C 121 -30.96 -54.97 0.94
N GLN C 122 -30.97 -55.77 2.00
CA GLN C 122 -30.15 -55.55 3.18
C GLN C 122 -29.24 -56.74 3.36
N VAL C 123 -27.94 -56.49 3.51
CA VAL C 123 -26.97 -57.56 3.61
C VAL C 123 -25.80 -57.09 4.47
N TRP C 124 -25.47 -57.88 5.49
CA TRP C 124 -24.23 -57.68 6.24
C TRP C 124 -23.10 -58.39 5.52
N LEU C 125 -22.13 -57.64 5.02
CA LEU C 125 -21.03 -58.24 4.28
C LEU C 125 -19.71 -57.71 4.80
N ARG C 126 -18.71 -58.59 4.78
CA ARG C 126 -17.34 -58.26 5.20
C ARG C 126 -16.43 -58.55 4.02
N ALA C 127 -16.03 -57.50 3.30
CA ALA C 127 -15.27 -57.66 2.08
C ALA C 127 -13.81 -57.93 2.39
N GLU C 128 -13.09 -58.39 1.36
CA GLU C 128 -11.65 -58.54 1.43
C GLU C 128 -11.00 -57.42 0.62
N GLY C 129 -9.68 -57.30 0.76
CA GLY C 129 -8.99 -56.17 0.17
C GLY C 129 -8.88 -56.24 -1.34
N GLY C 130 -8.43 -57.39 -1.86
CA GLY C 130 -8.24 -57.52 -3.29
C GLY C 130 -9.46 -58.09 -3.97
N GLN C 131 -10.07 -57.32 -4.87
CA GLN C 131 -11.30 -57.71 -5.52
C GLN C 131 -11.14 -57.66 -7.03
N ARG C 132 -11.99 -58.42 -7.73
CA ARG C 132 -12.19 -58.18 -9.15
C ARG C 132 -12.85 -56.83 -9.33
N SER C 133 -12.57 -56.17 -10.47
CA SER C 133 -12.88 -54.75 -10.58
C SER C 133 -14.37 -54.45 -10.59
N PRO C 134 -15.24 -55.08 -11.42
CA PRO C 134 -16.68 -54.93 -11.17
C PRO C 134 -17.28 -56.07 -10.37
N ALA C 135 -16.87 -56.23 -9.10
CA ALA C 135 -17.34 -57.38 -8.33
C ALA C 135 -18.79 -57.19 -7.93
N VAL C 136 -19.57 -58.26 -8.01
CA VAL C 136 -21.01 -58.22 -7.80
C VAL C 136 -21.35 -59.02 -6.56
N ILE C 137 -21.95 -58.36 -5.56
CA ILE C 137 -22.38 -59.05 -4.36
C ILE C 137 -23.73 -59.72 -4.59
N THR C 138 -24.68 -58.99 -5.16
CA THR C 138 -26.02 -59.50 -5.40
C THR C 138 -26.57 -58.83 -6.66
N GLY C 139 -27.05 -59.61 -7.60
CA GLY C 139 -27.58 -59.06 -8.83
C GLY C 139 -28.88 -59.72 -9.22
N LEU C 140 -29.75 -58.94 -9.87
CA LEU C 140 -30.98 -59.45 -10.46
C LEU C 140 -30.84 -59.32 -11.97
N TYR C 141 -30.53 -60.44 -12.62
CA TYR C 141 -30.27 -60.45 -14.05
C TYR C 141 -31.42 -61.12 -14.78
N ASP C 142 -31.37 -61.05 -16.11
CA ASP C 142 -32.36 -61.70 -16.96
C ASP C 142 -31.65 -62.68 -17.88
N LYS C 143 -32.16 -63.92 -17.94
CA LYS C 143 -31.66 -64.93 -18.86
C LYS C 143 -32.67 -65.23 -19.96
N CYS C 144 -33.60 -64.32 -20.21
CA CYS C 144 -34.57 -64.50 -21.28
C CYS C 144 -33.91 -64.48 -22.65
N SER C 145 -33.11 -63.45 -22.93
CA SER C 145 -32.47 -63.29 -24.22
C SER C 145 -31.28 -62.34 -24.07
N TYR C 146 -30.36 -62.44 -25.03
CA TYR C 146 -29.19 -61.57 -25.07
C TYR C 146 -29.42 -60.34 -25.95
N ILE C 147 -30.51 -59.63 -25.70
CA ILE C 147 -30.79 -58.36 -26.38
C ILE C 147 -31.29 -57.39 -25.32
N SER C 148 -30.69 -56.19 -25.31
CA SER C 148 -30.86 -55.18 -24.26
C SER C 148 -30.54 -55.78 -22.88
N ARG C 149 -29.29 -56.19 -22.74
CA ARG C 149 -28.83 -56.84 -21.52
C ARG C 149 -28.56 -55.80 -20.43
N ASP C 150 -27.89 -56.27 -19.36
CA ASP C 150 -27.64 -55.55 -18.08
C ASP C 150 -28.87 -54.78 -17.58
N ARG C 151 -30.04 -55.39 -17.70
CA ARG C 151 -31.26 -54.85 -17.11
C ARG C 151 -31.53 -55.54 -15.78
N GLY C 152 -32.03 -54.78 -14.84
CA GLY C 152 -32.15 -55.20 -13.46
C GLY C 152 -31.31 -54.34 -12.54
N TRP C 153 -31.05 -54.87 -11.35
CA TRP C 153 -30.27 -54.16 -10.35
C TRP C 153 -29.14 -55.03 -9.84
N VAL C 154 -27.97 -54.42 -9.64
CA VAL C 154 -26.81 -55.11 -9.11
C VAL C 154 -26.16 -54.22 -8.05
N VAL C 155 -25.87 -54.80 -6.89
CA VAL C 155 -25.09 -54.17 -5.82
C VAL C 155 -23.72 -54.84 -5.81
N GLY C 156 -22.68 -54.06 -5.59
CA GLY C 156 -21.35 -54.66 -5.55
C GLY C 156 -20.27 -53.66 -5.21
N ILE C 157 -19.04 -53.99 -5.61
CA ILE C 157 -17.87 -53.14 -5.40
C ILE C 157 -17.26 -52.85 -6.77
N HIS C 158 -17.08 -51.57 -7.09
CA HIS C 158 -16.43 -51.23 -8.35
C HIS C 158 -15.67 -49.93 -8.19
N THR C 159 -14.71 -49.73 -9.08
CA THR C 159 -13.83 -48.56 -9.01
C THR C 159 -14.48 -47.34 -9.64
N ILE C 160 -14.23 -46.17 -9.06
CA ILE C 160 -14.76 -44.93 -9.61
C ILE C 160 -14.09 -44.60 -10.95
N SER C 161 -12.76 -44.65 -10.97
CA SER C 161 -11.99 -44.42 -12.19
C SER C 161 -11.75 -45.74 -12.88
N ASP C 162 -12.45 -45.96 -14.00
CA ASP C 162 -12.38 -47.25 -14.68
C ASP C 162 -11.05 -47.47 -15.38
N GLN C 163 -10.39 -46.39 -15.83
CA GLN C 163 -9.14 -46.50 -16.54
C GLN C 163 -7.92 -46.48 -15.62
N ASP C 164 -8.13 -46.41 -14.30
CA ASP C 164 -7.01 -46.34 -13.37
C ASP C 164 -7.13 -47.37 -12.26
N ASN C 165 -8.37 -47.71 -11.89
CA ASN C 165 -8.71 -48.64 -10.80
C ASN C 165 -8.10 -48.20 -9.47
N LYS C 166 -8.36 -46.94 -9.11
CA LYS C 166 -7.82 -46.37 -7.89
C LYS C 166 -8.77 -46.45 -6.70
N ASP C 167 -10.03 -46.05 -6.88
CA ASP C 167 -10.94 -45.79 -5.77
C ASP C 167 -12.09 -46.78 -5.78
N PRO C 168 -12.01 -47.89 -5.04
CA PRO C 168 -13.08 -48.89 -5.08
C PRO C 168 -14.18 -48.62 -4.08
N ARG C 169 -15.42 -48.45 -4.54
CA ARG C 169 -16.54 -48.12 -3.66
C ARG C 169 -17.68 -49.10 -3.89
N TYR C 170 -18.53 -49.21 -2.87
CA TYR C 170 -19.79 -49.93 -3.01
C TYR C 170 -20.70 -49.16 -3.96
N PHE C 171 -21.35 -49.89 -4.86
CA PHE C 171 -22.25 -49.28 -5.83
C PHE C 171 -23.54 -50.06 -5.93
N PHE C 172 -24.58 -49.35 -6.33
CA PHE C 172 -25.90 -49.89 -6.63
C PHE C 172 -26.29 -49.35 -7.99
N SER C 173 -26.50 -50.23 -8.95
CA SER C 173 -26.82 -49.81 -10.31
C SER C 173 -28.12 -50.46 -10.76
N LEU C 174 -29.00 -49.66 -11.34
CA LEU C 174 -30.33 -50.10 -11.74
C LEU C 174 -30.61 -49.66 -13.17
N LYS C 175 -31.25 -50.55 -13.93
CA LYS C 175 -31.77 -50.22 -15.25
C LYS C 175 -33.06 -50.98 -15.45
N THR C 176 -34.19 -50.29 -15.37
CA THR C 176 -35.48 -50.92 -15.59
C THR C 176 -35.67 -51.19 -17.09
N ASP C 177 -36.67 -52.02 -17.40
CA ASP C 177 -36.91 -52.43 -18.78
C ASP C 177 -37.43 -51.28 -19.63
N ARG C 178 -38.14 -50.33 -19.03
CA ARG C 178 -38.64 -49.18 -19.77
C ARG C 178 -37.58 -48.12 -20.01
N ALA C 179 -36.48 -48.15 -19.28
CA ALA C 179 -35.46 -47.12 -19.39
C ALA C 179 -34.47 -47.43 -20.50
N ARG C 180 -33.69 -46.42 -20.87
CA ARG C 180 -32.71 -46.53 -21.94
C ARG C 180 -31.28 -46.40 -21.45
N GLN C 181 -31.06 -46.21 -20.15
CA GLN C 181 -29.72 -46.08 -19.59
C GLN C 181 -29.71 -46.70 -18.20
N VAL C 182 -28.51 -47.02 -17.73
CA VAL C 182 -28.31 -47.64 -16.43
C VAL C 182 -27.72 -46.59 -15.50
N THR C 183 -28.33 -46.43 -14.33
CA THR C 183 -27.87 -45.45 -13.36
C THR C 183 -27.12 -46.16 -12.23
N THR C 184 -25.93 -45.66 -11.94
CA THR C 184 -25.06 -46.22 -10.91
C THR C 184 -24.85 -45.16 -9.84
N ILE C 185 -25.07 -45.54 -8.58
CA ILE C 185 -24.79 -44.65 -7.46
C ILE C 185 -23.76 -45.34 -6.56
N ASN C 186 -22.83 -44.55 -6.02
CA ASN C 186 -21.69 -45.06 -5.28
C ASN C 186 -21.67 -44.46 -3.89
N ALA C 187 -20.92 -45.10 -3.00
CA ALA C 187 -20.73 -44.57 -1.66
C ALA C 187 -19.81 -43.36 -1.68
N HIS C 188 -19.56 -42.79 -0.51
CA HIS C 188 -18.78 -41.57 -0.43
C HIS C 188 -17.29 -41.81 -0.22
N ARG C 189 -16.89 -43.01 0.19
CA ARG C 189 -15.51 -43.33 0.49
C ARG C 189 -15.14 -44.67 -0.10
N SER C 190 -13.85 -44.97 -0.09
CA SER C 190 -13.39 -46.31 -0.41
C SER C 190 -13.86 -47.29 0.65
N TYR C 191 -14.12 -48.52 0.23
CA TYR C 191 -14.66 -49.51 1.15
C TYR C 191 -13.57 -49.98 2.12
N LEU C 192 -13.97 -50.21 3.36
CA LEU C 192 -13.03 -50.69 4.36
C LEU C 192 -12.82 -52.19 4.18
N PRO C 193 -11.59 -52.65 3.98
CA PRO C 193 -11.36 -54.02 3.51
C PRO C 193 -11.38 -55.09 4.59
N GLY C 194 -11.83 -54.81 5.81
CA GLY C 194 -11.85 -55.86 6.80
C GLY C 194 -12.99 -55.77 7.81
N GLN C 195 -13.92 -54.85 7.59
CA GLN C 195 -14.94 -54.54 8.58
C GLN C 195 -16.31 -54.93 8.05
N TRP C 196 -17.23 -55.21 8.97
CA TRP C 196 -18.60 -55.54 8.60
C TRP C 196 -19.32 -54.28 8.15
N VAL C 197 -19.97 -54.36 6.99
CA VAL C 197 -20.68 -53.24 6.38
C VAL C 197 -22.11 -53.69 6.12
N TYR C 198 -23.07 -52.90 6.57
CA TYR C 198 -24.48 -53.21 6.41
C TYR C 198 -24.99 -52.48 5.17
N LEU C 199 -24.89 -53.12 4.01
CA LEU C 199 -25.35 -52.51 2.77
C LEU C 199 -26.86 -52.63 2.66
N ALA C 200 -27.50 -51.56 2.19
CA ALA C 200 -28.95 -51.57 2.02
C ALA C 200 -29.32 -50.71 0.83
N ALA C 201 -29.73 -51.34 -0.26
CA ALA C 201 -30.15 -50.63 -1.47
C ALA C 201 -31.66 -50.70 -1.58
N THR C 202 -32.32 -49.53 -1.59
CA THR C 202 -33.77 -49.48 -1.68
C THR C 202 -34.19 -48.76 -2.95
N TYR C 203 -35.37 -49.10 -3.45
CA TYR C 203 -35.93 -48.45 -4.64
C TYR C 203 -37.44 -48.48 -4.54
N ASP C 204 -38.07 -47.31 -4.62
CA ASP C 204 -39.51 -47.15 -4.41
C ASP C 204 -40.27 -46.77 -5.67
N GLY C 205 -39.69 -46.98 -6.84
CA GLY C 205 -40.34 -46.65 -8.09
C GLY C 205 -40.02 -45.29 -8.64
N GLN C 206 -39.48 -44.38 -7.81
CA GLN C 206 -38.99 -43.10 -8.32
C GLN C 206 -37.62 -42.71 -7.79
N PHE C 207 -37.18 -43.23 -6.64
CA PHE C 207 -35.89 -42.90 -6.06
C PHE C 207 -35.15 -44.17 -5.69
N MET C 208 -33.89 -44.27 -6.09
CA MET C 208 -33.02 -45.37 -5.71
C MET C 208 -31.98 -44.84 -4.72
N LYS C 209 -31.91 -45.46 -3.55
CA LYS C 209 -31.05 -45.00 -2.47
C LYS C 209 -30.14 -46.11 -1.99
N LEU C 210 -28.95 -45.72 -1.52
CA LEU C 210 -27.97 -46.64 -1.00
C LEU C 210 -27.61 -46.22 0.42
N TYR C 211 -27.66 -47.17 1.35
CA TYR C 211 -27.32 -46.94 2.75
C TYR C 211 -26.14 -47.82 3.13
N VAL C 212 -25.09 -47.21 3.63
CA VAL C 212 -23.92 -47.92 4.14
C VAL C 212 -23.85 -47.65 5.63
N ASN C 213 -23.97 -48.73 6.43
CA ASN C 213 -24.01 -48.68 7.90
C ASN C 213 -25.14 -47.79 8.42
N GLY C 214 -26.28 -47.80 7.72
CA GLY C 214 -27.45 -47.09 8.16
C GLY C 214 -27.48 -45.61 7.84
N ALA C 215 -26.43 -45.07 7.22
CA ALA C 215 -26.39 -43.67 6.81
C ALA C 215 -26.52 -43.61 5.30
N GLN C 216 -27.43 -42.78 4.81
CA GLN C 216 -27.66 -42.68 3.37
C GLN C 216 -26.49 -41.99 2.70
N VAL C 217 -25.87 -42.67 1.74
CA VAL C 217 -24.67 -42.15 1.10
C VAL C 217 -24.90 -41.75 -0.35
N ALA C 218 -25.96 -42.22 -0.99
CA ALA C 218 -26.24 -41.85 -2.37
C ALA C 218 -27.72 -42.01 -2.65
N THR C 219 -28.23 -41.14 -3.51
CA THR C 219 -29.61 -41.22 -3.97
C THR C 219 -29.67 -40.78 -5.42
N SER C 220 -30.70 -41.26 -6.12
CA SER C 220 -30.89 -40.89 -7.51
C SER C 220 -32.37 -40.96 -7.84
N GLY C 221 -32.77 -40.18 -8.83
CA GLY C 221 -34.17 -40.14 -9.23
C GLY C 221 -34.36 -40.32 -10.72
N GLU C 222 -33.35 -40.83 -11.41
CA GLU C 222 -33.46 -41.02 -12.85
C GLU C 222 -34.35 -42.21 -13.20
N GLN C 223 -34.19 -43.32 -12.49
CA GLN C 223 -34.96 -44.51 -12.79
C GLN C 223 -36.37 -44.38 -12.24
N VAL C 224 -37.36 -44.64 -13.10
CA VAL C 224 -38.77 -44.48 -12.75
C VAL C 224 -39.53 -45.71 -13.16
N GLY C 225 -40.67 -45.92 -12.50
CA GLY C 225 -41.53 -47.05 -12.80
C GLY C 225 -41.03 -48.33 -12.18
N GLY C 226 -41.75 -49.41 -12.47
CA GLY C 226 -41.36 -50.72 -11.99
C GLY C 226 -40.16 -51.27 -12.74
N ILE C 227 -39.57 -52.33 -12.18
CA ILE C 227 -38.37 -52.90 -12.76
C ILE C 227 -38.71 -53.71 -14.00
N PHE C 228 -39.67 -54.62 -13.90
CA PHE C 228 -40.04 -55.46 -15.03
C PHE C 228 -41.52 -55.82 -14.94
N SER C 229 -42.07 -56.21 -16.09
CA SER C 229 -43.47 -56.58 -16.18
C SER C 229 -43.70 -57.95 -15.55
N PRO C 230 -44.94 -58.24 -15.10
CA PRO C 230 -45.25 -59.60 -14.63
C PRO C 230 -45.20 -60.66 -15.72
N LEU C 231 -45.25 -60.27 -17.00
CA LEU C 231 -45.16 -61.23 -18.08
C LEU C 231 -43.75 -61.81 -18.20
N THR C 232 -42.73 -61.03 -17.87
CA THR C 232 -41.34 -61.44 -17.98
C THR C 232 -40.76 -61.89 -16.63
N GLN C 233 -41.62 -62.26 -15.69
CA GLN C 233 -41.17 -62.60 -14.33
C GLN C 233 -40.50 -63.97 -14.26
N LYS C 234 -40.66 -64.81 -15.27
CA LYS C 234 -40.17 -66.18 -15.19
C LYS C 234 -38.66 -66.27 -15.35
N CYS C 235 -38.08 -65.44 -16.22
CA CYS C 235 -36.67 -65.54 -16.57
C CYS C 235 -35.77 -64.63 -15.73
N LYS C 236 -36.32 -63.92 -14.75
CA LYS C 236 -35.50 -63.10 -13.86
C LYS C 236 -34.83 -63.99 -12.82
N VAL C 237 -33.54 -63.80 -12.62
CA VAL C 237 -32.74 -64.62 -11.71
C VAL C 237 -32.04 -63.69 -10.72
N LEU C 238 -31.79 -64.20 -9.52
CA LEU C 238 -31.13 -63.45 -8.45
C LEU C 238 -29.84 -64.18 -8.08
N MET C 239 -28.72 -63.72 -8.63
CA MET C 239 -27.42 -64.29 -8.33
C MET C 239 -26.84 -63.65 -7.08
N LEU C 240 -26.19 -64.46 -6.26
CA LEU C 240 -25.51 -64.01 -5.06
C LEU C 240 -24.02 -64.27 -5.21
N GLY C 241 -23.22 -63.23 -5.02
CA GLY C 241 -21.78 -63.37 -5.07
C GLY C 241 -21.19 -63.54 -6.44
N GLY C 242 -21.95 -63.30 -7.50
CA GLY C 242 -21.41 -63.49 -8.83
C GLY C 242 -22.37 -63.00 -9.89
N SER C 243 -22.03 -63.30 -11.13
CA SER C 243 -22.83 -62.89 -12.28
C SER C 243 -22.67 -63.95 -13.38
N ALA C 244 -23.07 -63.58 -14.60
CA ALA C 244 -22.89 -64.48 -15.73
C ALA C 244 -21.44 -64.50 -16.20
N LEU C 245 -20.76 -63.36 -16.15
CA LEU C 245 -19.38 -63.24 -16.60
C LEU C 245 -18.37 -63.49 -15.47
N ASN C 246 -18.80 -64.18 -14.42
CA ASN C 246 -17.97 -64.57 -13.26
C ASN C 246 -17.34 -63.35 -12.58
N HIS C 247 -18.16 -62.34 -12.32
CA HIS C 247 -17.75 -61.18 -11.52
C HIS C 247 -17.86 -61.57 -10.06
N ASN C 248 -16.89 -62.35 -9.60
CA ASN C 248 -16.99 -63.01 -8.31
C ASN C 248 -16.68 -62.04 -7.18
N TYR C 249 -16.83 -62.54 -5.96
CA TYR C 249 -16.74 -61.75 -4.75
C TYR C 249 -15.92 -62.52 -3.72
N ARG C 250 -15.10 -61.80 -2.96
CA ARG C 250 -14.28 -62.40 -1.91
C ARG C 250 -14.67 -61.77 -0.58
N GLY C 251 -15.29 -62.55 0.28
CA GLY C 251 -15.67 -62.02 1.58
C GLY C 251 -16.75 -62.86 2.24
N TYR C 252 -17.38 -62.25 3.24
CA TYR C 252 -18.39 -62.90 4.07
C TYR C 252 -19.74 -62.26 3.82
N ILE C 253 -20.78 -63.08 3.76
CA ILE C 253 -22.17 -62.64 3.72
C ILE C 253 -22.87 -63.21 4.94
N GLU C 254 -23.45 -62.36 5.78
CA GLU C 254 -24.05 -62.82 7.03
C GLU C 254 -25.57 -62.90 6.98
N HIS C 255 -26.26 -61.80 6.70
CA HIS C 255 -27.71 -61.74 6.82
C HIS C 255 -28.30 -61.16 5.54
N PHE C 256 -28.53 -62.02 4.55
CA PHE C 256 -29.21 -61.61 3.34
C PHE C 256 -30.68 -61.35 3.63
N SER C 257 -31.23 -60.32 3.00
CA SER C 257 -32.61 -59.93 3.26
C SER C 257 -33.14 -59.17 2.05
N LEU C 258 -34.25 -59.63 1.50
CA LEU C 258 -34.88 -59.00 0.35
C LEU C 258 -36.31 -58.65 0.70
N TRP C 259 -36.72 -57.42 0.40
CA TRP C 259 -38.03 -56.91 0.74
C TRP C 259 -38.73 -56.41 -0.51
N LYS C 260 -40.04 -56.66 -0.58
CA LYS C 260 -40.88 -56.24 -1.69
C LYS C 260 -41.35 -54.80 -1.57
N VAL C 261 -40.98 -54.10 -0.50
CA VAL C 261 -41.28 -52.69 -0.34
C VAL C 261 -39.99 -51.95 -0.02
N ALA C 262 -39.99 -50.65 -0.30
CA ALA C 262 -38.82 -49.82 -0.03
C ALA C 262 -38.96 -49.22 1.37
N ARG C 263 -38.15 -49.70 2.30
CA ARG C 263 -38.20 -49.23 3.68
C ARG C 263 -37.60 -47.85 3.80
N THR C 264 -38.04 -47.12 4.81
CA THR C 264 -37.44 -45.85 5.16
C THR C 264 -36.11 -46.08 5.88
N GLN C 265 -35.39 -44.99 6.15
CA GLN C 265 -34.11 -45.11 6.83
C GLN C 265 -34.26 -45.57 8.27
N ARG C 266 -35.38 -45.21 8.92
CA ARG C 266 -35.62 -45.63 10.30
C ARG C 266 -35.83 -47.14 10.39
N GLU C 267 -36.51 -47.73 9.41
CA GLU C 267 -36.67 -49.17 9.41
C GLU C 267 -35.35 -49.88 9.04
N ILE C 268 -34.50 -49.22 8.24
CA ILE C 268 -33.17 -49.75 7.96
C ILE C 268 -32.32 -49.79 9.24
N LEU C 269 -32.35 -48.71 10.01
CA LEU C 269 -31.64 -48.68 11.30
C LEU C 269 -32.24 -49.66 12.30
N SER C 270 -33.56 -49.86 12.25
CA SER C 270 -34.20 -50.84 13.12
C SER C 270 -33.77 -52.26 12.78
N ASP C 271 -33.68 -52.59 11.49
CA ASP C 271 -33.22 -53.92 11.09
C ASP C 271 -31.73 -54.08 11.35
N MET C 272 -30.97 -52.99 11.36
CA MET C 272 -29.57 -53.08 11.76
C MET C 272 -29.44 -53.35 13.26
N GLU C 273 -30.25 -52.67 14.08
CA GLU C 273 -30.18 -52.86 15.52
C GLU C 273 -30.78 -54.20 15.93
N THR C 274 -31.87 -54.63 15.28
CA THR C 274 -32.53 -55.88 15.56
C THR C 274 -32.25 -56.85 14.42
N HIS C 275 -31.31 -57.76 14.64
CA HIS C 275 -30.87 -58.70 13.62
C HIS C 275 -31.72 -59.97 13.57
N GLY C 276 -32.89 -59.97 14.20
CA GLY C 276 -33.70 -61.15 14.31
C GLY C 276 -34.45 -61.47 13.02
N ALA C 277 -35.25 -62.53 13.09
CA ALA C 277 -36.01 -62.97 11.93
C ALA C 277 -37.15 -62.00 11.63
N HIS C 278 -37.25 -61.60 10.37
CA HIS C 278 -38.29 -60.70 9.90
C HIS C 278 -39.39 -61.44 9.13
N THR C 279 -39.45 -62.77 9.25
CA THR C 279 -40.40 -63.57 8.48
C THR C 279 -41.83 -63.44 9.00
N ALA C 280 -42.05 -62.82 10.16
CA ALA C 280 -43.41 -62.58 10.62
C ALA C 280 -44.13 -61.54 9.76
N LEU C 281 -43.39 -60.61 9.17
CA LEU C 281 -43.99 -59.60 8.31
C LEU C 281 -44.36 -60.20 6.95
N PRO C 282 -45.51 -59.82 6.39
CA PRO C 282 -45.87 -60.33 5.05
C PRO C 282 -45.10 -59.66 3.93
N GLN C 283 -44.60 -58.44 4.13
CA GLN C 283 -43.86 -57.75 3.09
C GLN C 283 -42.47 -58.32 2.87
N LEU C 284 -41.92 -59.00 3.88
CA LEU C 284 -40.59 -59.59 3.78
C LEU C 284 -40.65 -60.77 2.82
N LEU C 285 -40.10 -60.59 1.63
CA LEU C 285 -40.05 -61.68 0.65
C LEU C 285 -39.09 -62.77 1.10
N LEU C 286 -37.91 -62.39 1.56
CA LEU C 286 -36.89 -63.36 1.92
C LEU C 286 -35.93 -62.73 2.92
N GLN C 287 -35.76 -63.35 4.07
CA GLN C 287 -34.65 -63.08 4.96
C GLN C 287 -33.91 -64.39 5.17
N GLU C 288 -32.60 -64.29 5.39
CA GLU C 288 -31.74 -65.46 5.30
C GLU C 288 -30.90 -65.64 6.55
N ASN C 289 -30.91 -66.86 7.08
CA ASN C 289 -29.86 -67.39 7.94
C ASN C 289 -29.28 -68.59 7.22
N TRP C 290 -27.96 -68.77 7.31
CA TRP C 290 -27.27 -69.78 6.52
C TRP C 290 -27.16 -71.12 7.24
N ASP C 291 -28.16 -71.45 8.08
CA ASP C 291 -28.21 -72.78 8.67
C ASP C 291 -28.45 -73.85 7.60
N ASN C 292 -29.27 -73.55 6.60
CA ASN C 292 -29.57 -74.48 5.52
C ASN C 292 -29.42 -73.72 4.19
N VAL C 293 -28.23 -73.81 3.59
CA VAL C 293 -27.96 -73.11 2.34
C VAL C 293 -28.54 -73.82 1.12
N LYS C 294 -28.96 -75.08 1.27
CA LYS C 294 -29.53 -75.83 0.16
C LYS C 294 -31.04 -75.67 0.05
N HIS C 295 -31.67 -74.93 0.96
CA HIS C 295 -33.13 -74.79 0.94
C HIS C 295 -33.58 -73.82 -0.13
N ALA C 296 -33.17 -72.55 -0.02
CA ALA C 296 -33.64 -71.51 -0.91
C ALA C 296 -32.63 -71.11 -1.97
N TRP C 297 -31.40 -71.62 -1.90
CA TRP C 297 -30.34 -71.25 -2.83
C TRP C 297 -29.76 -72.51 -3.47
N SER C 298 -29.54 -72.45 -4.77
CA SER C 298 -28.92 -73.54 -5.49
C SER C 298 -27.60 -73.06 -6.09
N PRO C 299 -26.50 -73.78 -5.87
CA PRO C 299 -25.23 -73.36 -6.46
C PRO C 299 -25.19 -73.64 -7.96
N MET C 300 -24.24 -72.99 -8.62
CA MET C 300 -24.00 -73.27 -10.03
C MET C 300 -23.34 -74.62 -10.19
N LYS C 301 -23.40 -75.16 -11.42
CA LYS C 301 -22.82 -76.47 -11.68
C LYS C 301 -21.30 -76.44 -11.62
N ASP C 302 -20.69 -75.46 -12.29
CA ASP C 302 -19.23 -75.35 -12.30
C ASP C 302 -18.69 -74.82 -10.99
N GLY C 303 -19.36 -73.82 -10.41
CA GLY C 303 -18.89 -73.21 -9.18
C GLY C 303 -19.47 -73.85 -7.94
N SER C 304 -18.59 -74.33 -7.06
CA SER C 304 -19.02 -75.04 -5.86
C SER C 304 -19.64 -74.07 -4.86
N SER C 305 -20.37 -74.63 -3.90
CA SER C 305 -21.04 -73.81 -2.90
C SER C 305 -20.02 -73.23 -1.92
N PRO C 306 -20.22 -71.97 -1.50
CA PRO C 306 -19.30 -71.38 -0.51
C PRO C 306 -19.46 -72.02 0.86
N LYS C 307 -18.35 -72.01 1.60
CA LYS C 307 -18.32 -72.64 2.92
C LYS C 307 -18.98 -71.76 3.95
N VAL C 308 -19.69 -72.39 4.89
CA VAL C 308 -20.42 -71.69 5.94
C VAL C 308 -19.57 -71.72 7.20
N GLU C 309 -19.24 -70.55 7.74
CA GLU C 309 -18.43 -70.41 8.94
C GLU C 309 -19.23 -69.65 10.00
N PHE C 310 -18.62 -69.50 11.18
CA PHE C 310 -19.21 -68.74 12.27
C PHE C 310 -18.59 -67.34 12.29
N SER C 311 -19.44 -66.32 12.40
CA SER C 311 -19.05 -64.94 12.11
C SER C 311 -18.77 -64.11 13.35
N ASN C 312 -19.76 -63.99 14.24
CA ASN C 312 -19.80 -63.02 15.36
C ASN C 312 -19.59 -61.59 14.84
N ALA C 313 -20.58 -61.12 14.09
CA ALA C 313 -20.49 -59.81 13.45
C ALA C 313 -20.63 -58.68 14.46
N HIS C 314 -21.58 -58.79 15.38
CA HIS C 314 -21.85 -57.71 16.34
C HIS C 314 -21.00 -57.89 17.59
N GLY C 315 -19.68 -57.90 17.38
CA GLY C 315 -18.76 -58.19 18.47
C GLY C 315 -18.56 -57.06 19.45
N PHE C 316 -18.60 -55.81 18.98
CA PHE C 316 -18.26 -54.67 19.80
C PHE C 316 -19.37 -53.63 19.75
N LEU C 317 -19.63 -52.99 20.89
CA LEU C 317 -20.55 -51.87 20.98
C LEU C 317 -19.84 -50.52 21.02
N LEU C 318 -18.51 -50.53 21.01
CA LEU C 318 -17.72 -49.31 20.99
C LEU C 318 -16.61 -49.47 19.99
N ASP C 319 -16.47 -48.50 19.08
CA ASP C 319 -15.42 -48.55 18.07
C ASP C 319 -14.14 -47.99 18.68
N THR C 320 -13.18 -48.88 18.96
CA THR C 320 -11.97 -48.51 19.68
C THR C 320 -10.88 -47.93 18.77
N SER C 321 -11.16 -47.76 17.49
CA SER C 321 -10.21 -47.17 16.56
C SER C 321 -10.58 -45.71 16.32
N LEU C 322 -9.68 -44.80 16.66
CA LEU C 322 -9.84 -43.37 16.40
C LEU C 322 -8.83 -42.96 15.34
N GLU C 323 -9.32 -42.41 14.24
CA GLU C 323 -8.43 -42.07 13.13
C GLU C 323 -7.70 -40.75 13.41
N PRO C 324 -6.46 -40.62 12.97
CA PRO C 324 -5.79 -39.32 12.99
C PRO C 324 -6.40 -38.39 11.95
N PRO C 325 -6.17 -37.08 12.06
CA PRO C 325 -6.62 -36.18 10.99
C PRO C 325 -5.79 -36.31 9.71
N LEU C 326 -6.11 -35.47 8.72
CA LEU C 326 -5.43 -35.56 7.42
C LEU C 326 -3.97 -35.16 7.51
N CYS C 327 -3.64 -34.20 8.38
CA CYS C 327 -2.27 -33.74 8.53
C CYS C 327 -1.53 -34.45 9.67
N GLY C 328 -2.22 -35.29 10.43
CA GLY C 328 -1.58 -36.05 11.49
C GLY C 328 -1.06 -37.39 11.00
N GLN C 329 -0.42 -38.11 11.93
CA GLN C 329 0.19 -39.39 11.57
C GLN C 329 -0.07 -40.52 12.56
N THR C 330 -0.55 -40.26 13.78
CA THR C 330 -0.75 -41.30 14.77
C THR C 330 -1.97 -40.98 15.61
N LEU C 331 -2.25 -41.86 16.58
CA LEU C 331 -3.38 -41.69 17.48
C LEU C 331 -3.22 -40.45 18.36
N CYS C 332 -1.99 -40.03 18.62
CA CYS C 332 -1.75 -38.83 19.42
C CYS C 332 -2.16 -37.56 18.69
N ASP C 333 -2.11 -37.56 17.36
CA ASP C 333 -2.49 -36.38 16.59
C ASP C 333 -4.00 -36.13 16.57
N ASN C 334 -4.80 -37.07 17.05
CA ASN C 334 -6.24 -36.91 17.14
C ASN C 334 -6.59 -35.78 18.09
N THR C 335 -7.66 -35.04 17.76
CA THR C 335 -8.05 -33.89 18.55
C THR C 335 -8.60 -34.31 19.91
N GLU C 336 -9.39 -35.38 19.95
CA GLU C 336 -10.01 -35.80 21.19
C GLU C 336 -9.02 -36.47 22.14
N VAL C 337 -7.96 -37.07 21.59
CA VAL C 337 -6.93 -37.67 22.45
C VAL C 337 -5.98 -36.60 22.98
N ILE C 338 -5.61 -35.63 22.13
CA ILE C 338 -4.72 -34.57 22.57
C ILE C 338 -5.44 -33.55 23.45
N ALA C 339 -6.77 -33.49 23.41
CA ALA C 339 -7.51 -32.59 24.29
C ALA C 339 -7.42 -33.03 25.74
N SER C 340 -7.39 -34.35 25.99
CA SER C 340 -7.23 -34.83 27.36
C SER C 340 -5.83 -34.55 27.89
N TYR C 341 -4.81 -34.60 27.02
CA TYR C 341 -3.47 -34.23 27.46
C TYR C 341 -3.34 -32.73 27.69
N ASN C 342 -4.03 -31.92 26.90
CA ASN C 342 -3.95 -30.48 27.07
C ASN C 342 -4.72 -30.01 28.30
N GLN C 343 -5.86 -30.63 28.59
CA GLN C 343 -6.68 -30.20 29.71
C GLN C 343 -6.12 -30.71 31.05
N LEU C 344 -5.89 -32.01 31.15
CA LEU C 344 -5.53 -32.62 32.42
C LEU C 344 -4.03 -32.49 32.69
N SER C 345 -3.69 -32.12 33.92
CA SER C 345 -2.31 -32.01 34.35
C SER C 345 -1.75 -33.29 34.95
N SER C 346 -2.59 -34.31 35.14
CA SER C 346 -2.11 -35.60 35.64
C SER C 346 -1.41 -36.41 34.57
N PHE C 347 -1.62 -36.08 33.30
CA PHE C 347 -0.93 -36.77 32.21
C PHE C 347 0.51 -36.28 32.05
N ARG C 348 0.76 -35.01 32.37
CA ARG C 348 2.09 -34.42 32.18
C ARG C 348 2.95 -34.54 33.45
N GLN C 349 3.05 -35.77 33.96
CA GLN C 349 3.93 -36.05 35.08
C GLN C 349 5.38 -36.02 34.63
N PRO C 350 6.32 -35.78 35.55
CA PRO C 350 7.75 -35.86 35.18
C PRO C 350 8.15 -37.28 34.81
N LYS C 351 8.82 -37.40 33.66
CA LYS C 351 9.24 -38.68 33.13
C LYS C 351 10.75 -38.67 32.91
N VAL C 352 11.39 -39.78 33.19
CA VAL C 352 12.82 -39.94 32.98
C VAL C 352 13.03 -40.64 31.64
N VAL C 353 13.74 -39.99 30.73
CA VAL C 353 14.00 -40.52 29.40
C VAL C 353 15.49 -40.76 29.26
N ARG C 354 15.87 -41.96 28.81
CA ARG C 354 17.26 -42.34 28.68
C ARG C 354 17.73 -42.06 27.25
N TYR C 355 18.83 -41.32 27.13
CA TYR C 355 19.40 -41.04 25.82
C TYR C 355 20.89 -41.31 25.85
N ARG C 356 21.46 -41.59 24.68
CA ARG C 356 22.84 -42.04 24.56
C ARG C 356 23.59 -41.15 23.58
N VAL C 357 24.75 -40.65 24.01
CA VAL C 357 25.64 -39.87 23.17
C VAL C 357 26.82 -40.77 22.78
N VAL C 358 27.03 -40.95 21.48
CA VAL C 358 28.02 -41.87 20.96
C VAL C 358 29.15 -41.07 20.34
N ASN C 359 30.36 -41.23 20.87
CA ASN C 359 31.54 -40.57 20.34
C ASN C 359 32.50 -41.61 19.75
N LEU C 360 33.03 -41.30 18.58
CA LEU C 360 33.91 -42.21 17.86
C LEU C 360 35.35 -42.02 18.31
N TYR C 361 36.00 -43.12 18.70
CA TYR C 361 37.38 -43.13 19.10
C TYR C 361 38.20 -43.97 18.13
N GLU C 362 39.51 -43.78 18.15
CA GLU C 362 40.42 -44.68 17.47
C GLU C 362 40.75 -45.86 18.39
N ASP C 363 41.65 -46.73 17.94
CA ASP C 363 42.00 -47.91 18.73
C ASP C 363 42.84 -47.55 19.95
N ASP C 364 43.57 -46.43 19.93
CA ASP C 364 44.34 -45.98 21.08
C ASP C 364 43.48 -45.30 22.13
N HIS C 365 42.23 -44.95 21.78
CA HIS C 365 41.26 -44.29 22.68
C HIS C 365 41.81 -42.98 23.26
N LYS C 366 42.42 -42.17 22.39
CA LYS C 366 42.94 -40.88 22.79
C LYS C 366 42.19 -39.71 22.17
N ASN C 367 41.57 -39.89 21.02
CA ASN C 367 40.96 -38.79 20.28
C ASN C 367 39.45 -38.90 20.30
N PRO C 368 38.74 -38.05 21.04
CA PRO C 368 37.28 -38.08 21.01
C PRO C 368 36.69 -37.20 19.91
N THR C 369 35.55 -37.63 19.39
CA THR C 369 34.79 -36.82 18.45
C THR C 369 34.21 -35.60 19.15
N VAL C 370 33.69 -35.78 20.37
CA VAL C 370 33.22 -34.69 21.20
C VAL C 370 33.93 -34.76 22.55
N THR C 371 34.41 -33.62 23.02
CA THR C 371 35.08 -33.57 24.31
C THR C 371 34.06 -33.72 25.44
N ARG C 372 34.56 -34.14 26.61
CA ARG C 372 33.68 -34.39 27.74
C ARG C 372 33.11 -33.10 28.32
N GLU C 373 33.82 -31.98 28.13
CA GLU C 373 33.34 -30.69 28.62
C GLU C 373 32.07 -30.27 27.90
N GLN C 374 32.04 -30.38 26.55
CA GLN C 374 30.84 -29.98 25.83
C GLN C 374 29.74 -31.02 25.96
N VAL C 375 30.09 -32.29 26.22
CA VAL C 375 29.07 -33.30 26.52
C VAL C 375 28.35 -32.96 27.83
N ASP C 376 29.13 -32.61 28.86
CA ASP C 376 28.53 -32.24 30.15
C ASP C 376 27.78 -30.91 30.05
N PHE C 377 28.30 -29.96 29.26
CA PHE C 377 27.63 -28.67 29.10
C PHE C 377 26.32 -28.81 28.32
N GLN C 378 26.30 -29.68 27.30
CA GLN C 378 25.07 -29.93 26.56
C GLN C 378 24.05 -30.68 27.42
N HIS C 379 24.52 -31.60 28.26
CA HIS C 379 23.61 -32.30 29.18
C HIS C 379 23.03 -31.34 30.21
N HIS C 380 23.84 -30.42 30.73
CA HIS C 380 23.34 -29.43 31.69
C HIS C 380 22.38 -28.45 31.03
N GLN C 381 22.67 -28.03 29.79
CA GLN C 381 21.77 -27.13 29.08
C GLN C 381 20.45 -27.81 28.73
N LEU C 382 20.51 -29.10 28.38
CA LEU C 382 19.31 -29.87 28.07
C LEU C 382 18.44 -30.06 29.30
N ALA C 383 19.05 -30.43 30.44
CA ALA C 383 18.29 -30.58 31.68
C ALA C 383 17.79 -29.24 32.19
N GLU C 384 18.48 -28.15 31.87
CA GLU C 384 17.98 -26.82 32.19
C GLU C 384 16.77 -26.46 31.34
N ALA C 385 16.78 -26.85 30.07
CA ALA C 385 15.68 -26.50 29.17
C ALA C 385 14.43 -27.32 29.45
N PHE C 386 14.58 -28.61 29.77
CA PHE C 386 13.43 -29.49 29.89
C PHE C 386 12.99 -29.72 31.33
N LYS C 387 13.55 -29.01 32.30
CA LYS C 387 13.09 -29.17 33.68
C LYS C 387 11.71 -28.56 33.89
N GLN C 388 11.44 -27.42 33.24
CA GLN C 388 10.16 -26.75 33.39
C GLN C 388 9.05 -27.39 32.58
N TYR C 389 9.35 -28.39 31.75
CA TYR C 389 8.35 -29.11 30.96
C TYR C 389 8.19 -30.55 31.39
N ASN C 390 8.69 -30.89 32.59
CA ASN C 390 8.53 -32.20 33.23
C ASN C 390 9.08 -33.35 32.40
N ILE C 391 10.24 -33.14 31.77
CA ILE C 391 10.95 -34.19 31.06
C ILE C 391 12.37 -34.25 31.62
N SER C 392 12.75 -35.42 32.15
CA SER C 392 14.07 -35.63 32.71
C SER C 392 14.89 -36.48 31.74
N TRP C 393 16.10 -36.04 31.45
CA TRP C 393 16.98 -36.72 30.52
C TRP C 393 18.13 -37.38 31.27
N GLU C 394 18.34 -38.67 31.04
CA GLU C 394 19.39 -39.44 31.66
C GLU C 394 20.49 -39.68 30.63
N LEU C 395 21.67 -39.13 30.89
CA LEU C 395 22.76 -39.19 29.92
C LEU C 395 23.50 -40.52 30.04
N ASP C 396 23.76 -41.14 28.90
CA ASP C 396 24.68 -42.26 28.80
C ASP C 396 25.67 -41.97 27.69
N VAL C 397 26.93 -42.34 27.90
CA VAL C 397 27.98 -42.15 26.91
C VAL C 397 28.57 -43.51 26.58
N LEU C 398 28.64 -43.84 25.28
CA LEU C 398 29.25 -45.07 24.82
C LEU C 398 30.48 -44.73 23.99
N GLU C 399 31.61 -45.36 24.33
CA GLU C 399 32.85 -45.15 23.62
C GLU C 399 33.04 -46.27 22.62
N VAL C 400 33.14 -45.92 21.34
CA VAL C 400 33.36 -46.89 20.27
C VAL C 400 34.77 -46.70 19.74
N SER C 401 35.61 -47.72 19.90
CA SER C 401 37.01 -47.67 19.51
C SER C 401 37.18 -48.42 18.19
N ASN C 402 37.04 -47.70 17.09
CA ASN C 402 37.29 -48.25 15.76
C ASN C 402 38.11 -47.23 14.98
N SER C 403 39.34 -47.62 14.61
CA SER C 403 40.25 -46.68 13.97
C SER C 403 39.84 -46.35 12.55
N SER C 404 39.24 -47.31 11.84
CA SER C 404 38.81 -47.06 10.47
C SER C 404 37.59 -46.14 10.41
N LEU C 405 36.70 -46.25 11.39
CA LEU C 405 35.50 -45.43 11.39
C LEU C 405 35.78 -43.99 11.77
N ARG C 406 36.85 -43.74 12.52
CA ARG C 406 37.17 -42.38 12.96
C ARG C 406 37.80 -41.54 11.84
N ARG C 407 38.61 -42.17 10.98
CA ARG C 407 39.32 -41.42 9.94
C ARG C 407 38.40 -40.89 8.86
N ARG C 408 37.22 -41.47 8.68
CA ARG C 408 36.29 -41.06 7.64
C ARG C 408 35.56 -39.78 8.02
N LEU C 409 34.93 -39.18 7.02
CA LEU C 409 34.06 -38.03 7.21
C LEU C 409 32.61 -38.48 7.13
N ILE C 410 31.84 -38.22 8.17
CA ILE C 410 30.44 -38.66 8.23
C ILE C 410 29.57 -37.54 7.68
N LEU C 411 28.80 -37.85 6.63
CA LEU C 411 27.99 -36.88 5.92
C LEU C 411 26.53 -36.98 6.34
N ALA C 412 26.00 -35.91 6.93
CA ALA C 412 24.64 -35.95 7.48
C ALA C 412 23.58 -35.85 6.39
N ASN C 413 23.57 -34.75 5.65
CA ASN C 413 22.51 -34.45 4.69
C ASN C 413 22.96 -34.62 3.25
N CYS C 414 24.07 -35.31 3.02
CA CYS C 414 24.57 -35.56 1.67
C CYS C 414 24.23 -36.98 1.24
N ASP C 415 24.33 -37.21 -0.06
CA ASP C 415 24.07 -38.51 -0.67
C ASP C 415 25.26 -38.91 -1.54
N ILE C 416 25.61 -40.20 -1.50
CA ILE C 416 26.76 -40.68 -2.26
C ILE C 416 26.49 -40.69 -3.77
N SER C 417 25.22 -40.71 -4.18
CA SER C 417 24.89 -40.60 -5.59
C SER C 417 24.99 -39.18 -6.11
N LYS C 418 24.97 -38.19 -5.22
CA LYS C 418 25.07 -36.79 -5.61
C LYS C 418 26.50 -36.32 -5.85
N ILE C 419 27.49 -37.16 -5.53
CA ILE C 419 28.88 -36.77 -5.71
C ILE C 419 29.23 -36.73 -7.20
N GLY C 420 28.80 -37.75 -7.95
CA GLY C 420 29.05 -37.76 -9.38
C GLY C 420 28.14 -36.88 -10.21
N ASP C 421 27.02 -36.45 -9.64
CA ASP C 421 26.10 -35.57 -10.35
C ASP C 421 26.70 -34.17 -10.49
N GLU C 422 26.69 -33.65 -11.72
CA GLU C 422 27.34 -32.38 -12.02
C GLU C 422 26.61 -31.17 -11.46
N ASN C 423 25.40 -31.33 -10.94
CA ASN C 423 24.77 -30.27 -10.17
C ASN C 423 25.51 -30.07 -8.86
N CYS C 424 25.81 -28.81 -8.54
CA CYS C 424 26.51 -28.51 -7.30
C CYS C 424 25.53 -28.61 -6.13
N ASP C 425 25.93 -29.33 -5.09
CA ASP C 425 25.16 -29.47 -3.87
C ASP C 425 25.92 -28.85 -2.71
N PRO C 426 25.29 -27.96 -1.93
CA PRO C 426 26.02 -27.25 -0.87
C PRO C 426 26.46 -28.14 0.27
N GLU C 427 25.72 -29.20 0.59
CA GLU C 427 26.04 -30.02 1.75
C GLU C 427 27.24 -30.94 1.53
N CYS C 428 27.56 -31.28 0.29
CA CYS C 428 28.70 -32.16 -0.01
C CYS C 428 29.91 -31.34 -0.44
N ASN C 429 30.40 -30.49 0.46
CA ASN C 429 31.54 -29.62 0.19
C ASN C 429 32.51 -29.70 1.37
N HIS C 430 33.44 -30.65 1.31
CA HIS C 430 34.48 -30.79 2.32
C HIS C 430 35.77 -31.22 1.64
N THR C 431 36.83 -31.34 2.45
CA THR C 431 38.11 -31.82 1.93
C THR C 431 38.03 -33.30 1.58
N LEU C 432 37.41 -34.10 2.45
CA LEU C 432 37.27 -35.53 2.18
C LEU C 432 36.21 -35.81 1.13
N THR C 433 35.31 -34.86 0.87
CA THR C 433 34.38 -34.99 -0.24
C THR C 433 35.04 -34.70 -1.58
N GLY C 434 36.00 -33.78 -1.60
CA GLY C 434 36.60 -33.34 -2.85
C GLY C 434 35.87 -32.19 -3.50
N HIS C 435 35.10 -31.41 -2.74
CA HIS C 435 34.19 -30.38 -3.23
C HIS C 435 33.20 -30.95 -4.26
N ASP C 436 32.45 -31.96 -3.80
CA ASP C 436 31.49 -32.72 -4.59
C ASP C 436 32.14 -33.36 -5.81
N GLY C 437 33.38 -33.83 -5.64
CA GLY C 437 34.16 -34.30 -6.77
C GLY C 437 34.51 -33.20 -7.76
N GLY C 438 34.71 -31.98 -7.29
CA GLY C 438 35.01 -30.85 -8.14
C GLY C 438 33.80 -30.19 -8.77
N ASP C 439 32.59 -30.68 -8.49
CA ASP C 439 31.40 -30.16 -9.18
C ASP C 439 30.99 -28.81 -8.64
N CYS C 440 31.34 -28.49 -7.40
CA CYS C 440 31.13 -27.15 -6.86
C CYS C 440 32.37 -26.27 -6.99
N ARG C 441 33.43 -26.76 -7.63
CA ARG C 441 34.65 -26.00 -7.85
C ARG C 441 34.68 -25.50 -9.28
N HIS C 442 34.93 -24.19 -9.45
CA HIS C 442 34.89 -23.57 -10.77
C HIS C 442 36.10 -23.87 -11.62
N LEU C 443 37.21 -24.35 -11.02
CA LEU C 443 38.39 -24.72 -11.79
C LEU C 443 38.19 -26.01 -12.58
N ARG C 444 37.13 -26.76 -12.32
CA ARG C 444 36.79 -27.94 -13.10
C ARG C 444 36.32 -27.53 -14.49
N HIS C 445 37.02 -28.00 -15.52
CA HIS C 445 36.61 -27.70 -16.88
C HIS C 445 35.39 -28.55 -17.25
N PRO C 446 34.46 -28.02 -18.06
CA PRO C 446 33.23 -28.77 -18.36
C PRO C 446 33.43 -29.97 -19.25
N ALA C 447 34.51 -30.04 -20.02
CA ALA C 447 34.75 -31.18 -20.89
C ALA C 447 35.21 -32.38 -20.08
N PHE C 448 34.99 -33.57 -20.64
CA PHE C 448 35.42 -34.82 -20.03
C PHE C 448 36.53 -35.41 -20.90
N VAL C 449 37.76 -35.29 -20.43
CA VAL C 449 38.92 -35.90 -21.07
C VAL C 449 39.56 -36.84 -20.05
N LYS C 450 39.69 -38.10 -20.41
CA LYS C 450 40.25 -39.11 -19.52
C LYS C 450 41.76 -39.15 -19.74
N LYS C 451 42.50 -38.52 -18.81
CA LYS C 451 43.94 -38.39 -18.94
C LYS C 451 44.64 -39.72 -18.66
N GLN C 452 45.91 -39.78 -19.05
CA GLN C 452 46.72 -40.97 -18.80
C GLN C 452 47.11 -41.05 -17.33
N HIS C 453 47.12 -42.27 -16.81
CA HIS C 453 47.49 -42.53 -15.42
C HIS C 453 48.95 -42.92 -15.33
N ASN C 454 49.70 -42.22 -14.48
CA ASN C 454 51.14 -42.46 -14.35
C ASN C 454 51.59 -42.02 -12.97
N GLY C 455 51.89 -42.97 -12.09
CA GLY C 455 52.54 -42.67 -10.83
C GLY C 455 51.63 -42.26 -9.69
N VAL C 456 52.02 -41.20 -8.99
CA VAL C 456 51.35 -40.80 -7.76
C VAL C 456 50.05 -40.07 -8.08
N CYS C 457 49.17 -39.98 -7.08
CA CYS C 457 47.90 -39.29 -7.22
C CYS C 457 48.11 -37.78 -7.30
N ASP C 458 47.19 -37.11 -8.00
CA ASP C 458 47.23 -35.67 -8.18
C ASP C 458 45.94 -35.06 -7.65
N MET C 459 46.07 -33.92 -6.98
CA MET C 459 44.89 -33.25 -6.43
C MET C 459 44.02 -32.61 -7.51
N ASP C 460 44.64 -32.13 -8.59
CA ASP C 460 43.86 -31.58 -9.69
C ASP C 460 43.21 -32.67 -10.53
N CYS C 461 43.81 -33.86 -10.58
CA CYS C 461 43.28 -34.96 -11.38
C CYS C 461 42.33 -35.86 -10.59
N ASN C 462 42.03 -35.53 -9.34
CA ASN C 462 41.15 -36.36 -8.53
C ASN C 462 39.67 -36.04 -8.73
N TYR C 463 39.35 -35.13 -9.64
CA TYR C 463 37.96 -34.72 -9.85
C TYR C 463 37.22 -35.75 -10.71
N GLU C 464 35.93 -35.50 -10.92
CA GLU C 464 35.10 -36.42 -11.69
C GLU C 464 35.44 -36.37 -13.18
N ARG C 465 35.65 -35.17 -13.72
CA ARG C 465 35.92 -35.03 -15.15
C ARG C 465 37.30 -35.54 -15.54
N PHE C 466 38.21 -35.68 -14.57
CA PHE C 466 39.48 -36.36 -14.80
C PHE C 466 39.42 -37.83 -14.44
N ASN C 467 38.23 -38.33 -14.05
CA ASN C 467 37.96 -39.73 -13.72
C ASN C 467 38.85 -40.25 -12.59
N PHE C 468 39.01 -39.41 -11.55
CA PHE C 468 39.72 -39.74 -10.30
C PHE C 468 41.15 -40.20 -10.54
N ASP C 469 41.83 -39.51 -11.48
CA ASP C 469 43.20 -39.83 -11.92
C ASP C 469 43.33 -41.25 -12.43
N GLY C 470 42.26 -41.78 -13.04
CA GLY C 470 42.26 -43.16 -13.49
C GLY C 470 42.26 -44.18 -12.37
N GLY C 471 41.79 -43.81 -11.18
CA GLY C 471 41.78 -44.75 -10.07
C GLY C 471 43.08 -44.88 -9.33
N GLU C 472 44.05 -43.99 -9.57
CA GLU C 472 45.30 -44.03 -8.82
C GLU C 472 45.13 -43.53 -7.39
N CYS C 473 44.21 -42.58 -7.18
CA CYS C 473 44.06 -41.98 -5.86
C CYS C 473 43.37 -42.91 -4.88
N CYS C 474 42.55 -43.84 -5.37
CA CYS C 474 41.89 -44.80 -4.51
C CYS C 474 42.70 -46.07 -4.29
N ASP C 475 43.87 -46.19 -4.91
CA ASP C 475 44.72 -47.34 -4.68
C ASP C 475 45.37 -47.24 -3.31
N PRO C 476 45.35 -48.29 -2.49
CA PRO C 476 45.94 -48.20 -1.14
C PRO C 476 47.45 -48.14 -1.15
N GLU C 477 48.11 -48.63 -2.20
CA GLU C 477 49.56 -48.64 -2.25
C GLU C 477 50.14 -47.27 -2.56
N ILE C 478 49.43 -46.45 -3.33
CA ILE C 478 49.94 -45.13 -3.70
C ILE C 478 49.95 -44.20 -2.50
N THR C 479 48.84 -44.14 -1.78
CA THR C 479 48.67 -43.19 -0.68
C THR C 479 47.63 -43.73 0.29
N ASN C 480 47.27 -42.92 1.29
CA ASN C 480 46.25 -43.31 2.26
C ASN C 480 44.87 -43.26 1.61
N VAL C 481 44.05 -44.26 1.93
CA VAL C 481 42.71 -44.34 1.37
C VAL C 481 41.81 -43.25 1.96
N THR C 482 41.95 -42.99 3.26
CA THR C 482 40.99 -42.16 4.01
C THR C 482 41.11 -40.67 3.72
N GLN C 483 42.11 -40.24 2.94
CA GLN C 483 42.26 -38.83 2.62
C GLN C 483 42.30 -38.54 1.13
N THR C 484 42.40 -39.55 0.26
CA THR C 484 42.60 -39.33 -1.16
C THR C 484 41.55 -39.92 -2.08
N CYS C 485 40.83 -40.95 -1.65
CA CYS C 485 39.86 -41.61 -2.53
C CYS C 485 38.55 -40.83 -2.53
N PHE C 486 38.12 -40.38 -3.71
CA PHE C 486 36.87 -39.66 -3.86
C PHE C 486 35.85 -40.39 -4.72
N ASP C 487 36.17 -41.59 -5.19
CA ASP C 487 35.26 -42.31 -6.09
C ASP C 487 34.20 -43.04 -5.28
N PRO C 488 32.92 -42.70 -5.42
CA PRO C 488 31.88 -43.41 -4.65
C PRO C 488 31.61 -44.82 -5.15
N ASP C 489 32.03 -45.16 -6.36
CA ASP C 489 31.89 -46.53 -6.84
C ASP C 489 32.88 -47.48 -6.18
N SER C 490 33.96 -46.96 -5.61
CA SER C 490 34.94 -47.80 -4.94
C SER C 490 34.40 -48.30 -3.61
N PRO C 491 34.70 -49.55 -3.22
CA PRO C 491 34.25 -50.06 -1.92
C PRO C 491 34.85 -49.34 -0.72
N HIS C 492 36.06 -48.82 -0.83
CA HIS C 492 36.70 -48.06 0.25
C HIS C 492 36.90 -46.63 -0.21
N ARG C 493 36.34 -45.68 0.55
CA ARG C 493 36.36 -44.27 0.17
C ARG C 493 36.50 -43.41 1.41
N ALA C 494 36.68 -42.10 1.19
CA ALA C 494 36.93 -41.17 2.29
C ALA C 494 35.67 -40.88 3.11
N TYR C 495 34.54 -40.67 2.45
CA TYR C 495 33.32 -40.25 3.13
C TYR C 495 32.39 -41.43 3.38
N LEU C 496 31.55 -41.28 4.41
CA LEU C 496 30.61 -42.31 4.82
C LEU C 496 29.31 -41.64 5.24
N ASP C 497 28.20 -42.21 4.79
CA ASP C 497 26.88 -41.70 5.18
C ASP C 497 26.52 -42.22 6.58
N VAL C 498 25.67 -41.47 7.28
CA VAL C 498 25.27 -41.87 8.62
C VAL C 498 24.38 -43.11 8.58
N ASN C 499 23.60 -43.27 7.51
CA ASN C 499 22.80 -44.48 7.35
C ASN C 499 23.69 -45.69 7.09
N GLU C 500 24.89 -45.48 6.56
CA GLU C 500 25.90 -46.51 6.52
C GLU C 500 26.67 -46.63 7.84
N LEU C 501 26.67 -45.57 8.65
CA LEU C 501 27.34 -45.63 9.94
C LEU C 501 26.54 -46.44 10.95
N LYS C 502 25.21 -46.26 10.96
CA LYS C 502 24.35 -46.95 11.90
C LYS C 502 24.27 -48.45 11.61
N ASN C 503 24.50 -48.84 10.35
CA ASN C 503 24.57 -50.27 10.04
C ASN C 503 25.85 -50.89 10.59
N ILE C 504 26.95 -50.14 10.57
CA ILE C 504 28.20 -50.64 11.13
C ILE C 504 28.13 -50.72 12.65
N LEU C 505 27.60 -49.67 13.29
CA LEU C 505 27.53 -49.65 14.74
C LEU C 505 26.48 -50.60 15.27
N LYS C 506 25.29 -50.59 14.64
CA LYS C 506 24.13 -51.43 15.00
C LYS C 506 23.72 -51.24 16.48
N LEU C 507 23.54 -49.98 16.85
CA LEU C 507 23.21 -49.63 18.23
C LEU C 507 21.75 -49.94 18.51
N ASP C 508 21.48 -50.57 19.65
CA ASP C 508 20.12 -50.88 20.07
C ASP C 508 19.44 -49.57 20.47
N GLY C 509 18.64 -49.03 19.55
CA GLY C 509 17.91 -47.80 19.78
C GLY C 509 16.55 -47.99 20.41
N SER C 510 16.21 -49.22 20.79
CA SER C 510 14.91 -49.48 21.42
C SER C 510 14.84 -48.97 22.85
N THR C 511 15.99 -48.78 23.50
CA THR C 511 16.02 -48.39 24.90
C THR C 511 16.62 -47.02 25.17
N HIS C 512 17.41 -46.48 24.25
CA HIS C 512 18.01 -45.15 24.41
C HIS C 512 17.77 -44.33 23.16
N LEU C 513 17.68 -43.01 23.33
CA LEU C 513 17.70 -42.09 22.20
C LEU C 513 19.14 -41.90 21.78
N ASN C 514 19.54 -42.56 20.70
CA ASN C 514 20.91 -42.45 20.24
C ASN C 514 21.15 -41.12 19.56
N ILE C 515 22.27 -40.47 19.91
CA ILE C 515 22.69 -39.23 19.29
C ILE C 515 23.90 -39.54 18.43
N PHE C 516 23.84 -39.15 17.16
CA PHE C 516 24.94 -39.35 16.23
C PHE C 516 25.51 -38.00 15.82
N PHE C 517 26.73 -38.03 15.31
CA PHE C 517 27.44 -36.82 14.92
C PHE C 517 27.91 -36.95 13.49
N ALA C 518 27.65 -35.92 12.69
CA ALA C 518 28.08 -35.88 11.31
C ALA C 518 28.24 -34.43 10.87
N LYS C 519 29.01 -34.23 9.82
CA LYS C 519 29.38 -32.89 9.36
C LYS C 519 28.49 -32.48 8.19
N SER C 520 27.91 -31.28 8.30
CA SER C 520 27.10 -30.70 7.23
C SER C 520 27.80 -29.44 6.75
N SER C 521 28.10 -29.37 5.45
CA SER C 521 28.82 -28.23 4.91
C SER C 521 27.95 -26.99 4.82
N GLU C 522 26.64 -27.15 4.61
CA GLU C 522 25.73 -26.02 4.57
C GLU C 522 25.57 -25.38 5.95
N GLU C 523 25.63 -26.21 7.01
CA GLU C 523 25.64 -25.85 8.44
C GLU C 523 24.45 -24.96 8.87
N GLU C 524 23.39 -24.90 8.05
CA GLU C 524 22.20 -24.17 8.44
C GLU C 524 21.28 -24.97 9.34
N LEU C 525 21.48 -26.29 9.41
CA LEU C 525 20.67 -27.16 10.26
C LEU C 525 21.52 -28.34 10.71
N ALA C 526 20.89 -29.24 11.46
CA ALA C 526 21.51 -30.49 11.89
C ALA C 526 21.15 -31.60 10.90
N GLY C 527 21.37 -32.85 11.30
CA GLY C 527 21.02 -33.99 10.48
C GLY C 527 19.54 -34.32 10.55
N VAL C 528 19.19 -35.44 9.92
CA VAL C 528 17.80 -35.87 9.83
C VAL C 528 17.41 -36.56 11.14
N ALA C 529 16.38 -36.05 11.80
CA ALA C 529 15.85 -36.64 13.02
C ALA C 529 14.64 -37.50 12.70
N THR C 530 14.62 -38.72 13.24
CA THR C 530 13.54 -39.65 12.94
C THR C 530 12.31 -39.32 13.76
N TRP C 531 11.17 -39.23 13.10
CA TRP C 531 9.90 -38.95 13.74
C TRP C 531 9.45 -40.16 14.56
N PRO C 532 8.58 -39.96 15.56
CA PRO C 532 8.08 -41.11 16.32
C PRO C 532 7.28 -42.11 15.51
N TRP C 533 6.58 -41.67 14.47
CA TRP C 533 5.74 -42.54 13.66
C TRP C 533 6.50 -43.23 12.54
N ASP C 534 7.80 -42.98 12.39
CA ASP C 534 8.59 -43.70 11.42
C ASP C 534 8.83 -45.14 11.90
N LYS C 535 9.13 -46.02 10.94
CA LYS C 535 9.36 -47.42 11.25
C LYS C 535 10.68 -47.66 11.94
N GLU C 536 11.61 -46.70 11.89
CA GLU C 536 12.94 -46.86 12.46
C GLU C 536 13.07 -46.22 13.84
N ALA C 537 11.96 -45.77 14.44
CA ALA C 537 12.01 -45.04 15.70
C ALA C 537 12.44 -45.93 16.87
N LEU C 538 12.24 -47.24 16.76
CA LEU C 538 12.74 -48.17 17.76
C LEU C 538 13.79 -49.13 17.21
N MET C 539 14.18 -48.97 15.95
CA MET C 539 15.18 -49.84 15.34
C MET C 539 16.56 -49.24 15.51
N HIS C 540 17.57 -49.87 14.89
CA HIS C 540 18.94 -49.39 14.99
C HIS C 540 19.24 -48.25 14.02
N LEU C 541 18.32 -47.94 13.11
CA LEU C 541 18.53 -46.89 12.12
C LEU C 541 17.94 -45.55 12.55
N GLY C 542 17.45 -45.44 13.78
CA GLY C 542 16.78 -44.24 14.25
C GLY C 542 17.56 -43.54 15.34
N GLY C 543 17.38 -42.23 15.42
CA GLY C 543 18.08 -41.43 16.40
C GLY C 543 18.12 -39.98 15.96
N ILE C 544 19.14 -39.27 16.43
CA ILE C 544 19.33 -37.87 16.12
C ILE C 544 20.76 -37.69 15.61
N VAL C 545 20.90 -37.06 14.45
CA VAL C 545 22.19 -36.74 13.87
C VAL C 545 22.45 -35.25 14.10
N LEU C 546 23.57 -34.93 14.76
CA LEU C 546 23.94 -33.57 15.07
C LEU C 546 25.28 -33.23 14.44
N ASN C 547 25.67 -31.96 14.56
CA ASN C 547 26.95 -31.48 14.07
C ASN C 547 27.87 -31.25 15.25
N PRO C 548 28.98 -31.99 15.38
CA PRO C 548 29.85 -31.83 16.55
C PRO C 548 30.65 -30.53 16.58
N SER C 549 30.72 -29.79 15.47
CA SER C 549 31.44 -28.53 15.46
C SER C 549 30.71 -27.45 16.24
N PHE C 550 29.38 -27.47 16.23
CA PHE C 550 28.57 -26.52 16.98
C PHE C 550 27.98 -27.12 18.25
N TYR C 551 28.51 -28.27 18.67
CA TYR C 551 27.97 -28.98 19.86
C TYR C 551 28.36 -28.24 21.14
N GLY C 552 27.38 -27.94 22.00
CA GLY C 552 27.65 -27.24 23.28
C GLY C 552 28.37 -25.93 23.08
N MET C 553 27.98 -25.16 22.06
CA MET C 553 28.59 -23.82 21.82
C MET C 553 27.67 -22.72 22.36
N PRO C 554 28.14 -21.61 23.01
CA PRO C 554 27.22 -20.63 23.58
C PRO C 554 26.21 -20.07 22.60
N GLY C 555 26.57 -19.93 21.33
CA GLY C 555 25.62 -19.53 20.31
C GLY C 555 24.88 -20.65 19.63
N HIS C 556 25.17 -21.91 19.98
CA HIS C 556 24.55 -23.07 19.33
C HIS C 556 24.20 -24.14 20.36
N THR C 557 23.64 -23.74 21.50
CA THR C 557 23.25 -24.69 22.53
C THR C 557 21.81 -25.17 22.40
N HIS C 558 21.03 -24.60 21.47
CA HIS C 558 19.61 -24.90 21.35
C HIS C 558 19.28 -25.79 20.15
N THR C 559 20.28 -26.32 19.46
CA THR C 559 20.01 -27.20 18.33
C THR C 559 19.59 -28.59 18.79
N MET C 560 20.14 -29.08 19.91
CA MET C 560 19.75 -30.39 20.41
C MET C 560 18.33 -30.38 20.96
N ILE C 561 17.89 -29.26 21.53
CA ILE C 561 16.51 -29.12 21.96
C ILE C 561 15.57 -29.17 20.75
N HIS C 562 15.97 -28.53 19.65
CA HIS C 562 15.18 -28.56 18.42
C HIS C 562 15.11 -29.97 17.83
N GLU C 563 16.23 -30.69 17.80
CA GLU C 563 16.21 -32.03 17.24
C GLU C 563 15.50 -33.02 18.16
N ILE C 564 15.55 -32.80 19.47
CA ILE C 564 14.80 -33.64 20.40
C ILE C 564 13.30 -33.39 20.27
N GLY C 565 12.91 -32.13 20.04
CA GLY C 565 11.53 -31.84 19.72
C GLY C 565 11.07 -32.46 18.41
N HIS C 566 11.97 -32.51 17.42
CA HIS C 566 11.67 -33.22 16.18
C HIS C 566 11.52 -34.72 16.41
N SER C 567 12.34 -35.29 17.29
CA SER C 567 12.26 -36.73 17.55
C SER C 567 11.13 -37.09 18.50
N LEU C 568 10.45 -36.12 19.10
CA LEU C 568 9.30 -36.37 19.96
C LEU C 568 7.98 -35.96 19.31
N GLY C 569 7.99 -35.65 18.02
CA GLY C 569 6.75 -35.42 17.30
C GLY C 569 6.27 -34.00 17.22
N LEU C 570 7.19 -33.04 17.14
CA LEU C 570 6.86 -31.64 16.95
C LEU C 570 7.34 -31.19 15.59
N TYR C 571 6.45 -30.61 14.80
CA TYR C 571 6.83 -30.05 13.51
C TYR C 571 7.42 -28.66 13.71
N HIS C 572 7.92 -28.08 12.61
CA HIS C 572 8.29 -26.68 12.63
C HIS C 572 7.04 -25.81 12.71
N VAL C 573 7.20 -24.60 13.26
CA VAL C 573 6.09 -23.66 13.33
C VAL C 573 5.72 -23.15 11.94
N PHE C 574 6.69 -23.10 11.03
CA PHE C 574 6.47 -22.63 9.67
C PHE C 574 6.05 -23.75 8.72
N ARG C 575 5.55 -24.87 9.25
CA ARG C 575 5.10 -25.95 8.38
C ARG C 575 3.83 -25.58 7.62
N GLY C 576 2.92 -24.86 8.27
CA GLY C 576 1.66 -24.51 7.65
C GLY C 576 1.74 -23.43 6.59
N ILE C 577 2.88 -22.77 6.43
CA ILE C 577 3.05 -21.72 5.43
C ILE C 577 4.15 -22.08 4.43
N SER C 578 5.30 -22.52 4.92
CA SER C 578 6.47 -22.74 4.08
C SER C 578 6.65 -24.19 3.66
N GLU C 579 6.38 -25.15 4.54
CA GLU C 579 6.60 -26.57 4.23
C GLU C 579 5.32 -27.24 3.74
N ILE C 580 4.77 -26.69 2.66
CA ILE C 580 3.58 -27.24 2.02
C ILE C 580 3.87 -27.40 0.54
N GLN C 581 3.06 -28.24 -0.12
CA GLN C 581 3.25 -28.50 -1.54
C GLN C 581 2.88 -27.29 -2.38
N SER C 582 1.72 -26.69 -2.12
CA SER C 582 1.26 -25.55 -2.89
C SER C 582 0.34 -24.71 -2.01
N CYS C 583 -0.34 -23.74 -2.61
CA CYS C 583 -1.33 -22.95 -1.91
C CYS C 583 -2.65 -23.68 -1.75
N SER C 584 -2.81 -24.84 -2.37
CA SER C 584 -4.03 -25.64 -2.27
C SER C 584 -3.88 -26.82 -1.32
N ASP C 585 -2.82 -26.84 -0.52
CA ASP C 585 -2.63 -27.92 0.42
C ASP C 585 -3.63 -27.82 1.56
N PRO C 586 -4.21 -28.95 2.00
CA PRO C 586 -5.18 -28.90 3.11
C PRO C 586 -4.56 -28.56 4.46
N CYS C 587 -3.24 -28.72 4.63
CA CYS C 587 -2.57 -28.46 5.88
C CYS C 587 -2.07 -27.03 5.99
N MET C 588 -2.41 -26.17 5.03
CA MET C 588 -2.05 -24.76 5.10
C MET C 588 -2.99 -24.07 6.09
N GLU C 589 -2.46 -23.69 7.25
CA GLU C 589 -3.29 -23.14 8.32
C GLU C 589 -3.55 -21.67 8.06
N THR C 590 -4.79 -21.33 7.70
CA THR C 590 -5.20 -19.94 7.66
C THR C 590 -5.45 -19.40 9.05
N GLU C 591 -5.91 -20.26 9.97
CA GLU C 591 -6.13 -19.97 11.37
C GLU C 591 -5.49 -21.06 12.20
N PRO C 592 -5.08 -20.75 13.45
CA PRO C 592 -4.49 -21.79 14.30
C PRO C 592 -5.52 -22.83 14.72
N SER C 593 -5.16 -24.10 14.57
CA SER C 593 -6.06 -25.20 14.92
C SER C 593 -5.23 -26.44 15.20
N PHE C 594 -5.89 -27.45 15.76
CA PHE C 594 -5.25 -28.71 16.09
C PHE C 594 -5.08 -29.63 14.88
N GLU C 595 -5.70 -29.32 13.76
CA GLU C 595 -5.72 -30.21 12.60
C GLU C 595 -4.95 -29.67 11.40
N THR C 596 -4.43 -28.45 11.48
CA THR C 596 -3.71 -27.85 10.37
C THR C 596 -2.33 -27.40 10.81
N GLY C 597 -1.39 -27.39 9.88
CA GLY C 597 -0.07 -26.87 10.11
C GLY C 597 0.79 -27.73 11.01
N ASP C 598 1.21 -27.17 12.14
CA ASP C 598 2.04 -27.88 13.11
C ASP C 598 1.21 -28.58 14.18
N LEU C 599 -0.11 -28.66 13.98
CA LEU C 599 -1.07 -29.33 14.87
C LEU C 599 -1.06 -28.74 16.28
N CYS C 600 -0.89 -27.41 16.36
CA CYS C 600 -0.88 -26.70 17.62
C CYS C 600 -1.75 -25.46 17.51
N ASN C 601 -2.66 -25.28 18.47
CA ASN C 601 -3.54 -24.13 18.48
C ASN C 601 -2.86 -22.87 19.00
N ASP C 602 -1.79 -23.01 19.79
CA ASP C 602 -1.11 -21.86 20.37
C ASP C 602 -0.27 -21.13 19.32
N THR C 603 0.42 -21.88 18.47
CA THR C 603 1.38 -21.29 17.54
C THR C 603 0.65 -20.73 16.32
N ASN C 604 0.79 -19.43 16.11
CA ASN C 604 0.19 -18.77 14.96
C ASN C 604 0.93 -19.13 13.67
N PRO C 605 0.29 -18.99 12.51
CA PRO C 605 1.00 -19.16 11.25
C PRO C 605 2.12 -18.14 11.07
N ALA C 606 3.20 -18.59 10.44
CA ALA C 606 4.40 -17.78 10.27
C ALA C 606 5.24 -18.39 9.17
N PRO C 607 5.96 -17.58 8.39
CA PRO C 607 6.91 -18.13 7.42
C PRO C 607 8.24 -18.41 8.10
N LYS C 608 9.20 -18.88 7.31
CA LYS C 608 10.54 -19.15 7.82
C LYS C 608 11.40 -17.90 7.68
N HIS C 609 12.06 -17.53 8.78
CA HIS C 609 12.93 -16.36 8.79
C HIS C 609 13.93 -16.52 9.93
N LYS C 610 15.03 -15.78 9.82
CA LYS C 610 16.07 -15.78 10.84
C LYS C 610 15.91 -14.64 11.85
N SER C 611 14.88 -13.82 11.70
CA SER C 611 14.69 -12.68 12.59
C SER C 611 14.04 -13.11 13.90
N CYS C 612 14.29 -12.33 14.94
CA CYS C 612 13.68 -12.53 16.25
C CYS C 612 12.43 -11.68 16.42
N GLY C 613 11.91 -11.11 15.33
CA GLY C 613 10.70 -10.30 15.40
C GLY C 613 9.66 -10.71 14.38
N ASP C 614 8.60 -9.92 14.25
CA ASP C 614 7.57 -10.20 13.27
C ASP C 614 8.03 -9.77 11.89
N PRO C 615 7.98 -10.64 10.89
CA PRO C 615 8.35 -10.23 9.53
C PRO C 615 7.28 -9.35 8.90
N GLY C 616 7.71 -8.57 7.91
CA GLY C 616 6.82 -7.69 7.20
C GLY C 616 6.27 -8.33 5.93
N PRO C 617 6.49 -7.69 4.78
CA PRO C 617 6.01 -8.25 3.52
C PRO C 617 6.83 -9.46 3.10
N GLY C 618 6.13 -10.44 2.51
CA GLY C 618 6.77 -11.67 2.08
C GLY C 618 6.12 -12.27 0.84
N ASN C 619 6.94 -12.66 -0.14
CA ASN C 619 6.45 -13.23 -1.38
C ASN C 619 6.23 -14.74 -1.30
N ASP C 620 6.80 -15.41 -0.29
CA ASP C 620 6.65 -16.85 -0.17
C ASP C 620 5.23 -17.23 0.22
N THR C 621 4.60 -16.43 1.07
CA THR C 621 3.23 -16.71 1.49
C THR C 621 2.26 -16.41 0.34
N CYS C 622 1.22 -17.25 0.23
CA CYS C 622 0.29 -17.14 -0.88
C CYS C 622 -0.59 -15.91 -0.76
N GLY C 623 -1.42 -15.84 0.28
CA GLY C 623 -2.38 -14.77 0.38
C GLY C 623 -2.21 -13.84 1.56
N PHE C 624 -1.37 -14.22 2.51
CA PHE C 624 -1.19 -13.46 3.74
C PHE C 624 0.06 -12.59 3.60
N HIS C 625 -0.15 -11.28 3.49
CA HIS C 625 0.96 -10.35 3.32
C HIS C 625 1.70 -10.09 4.62
N SER C 626 1.02 -10.13 5.75
CA SER C 626 1.63 -9.80 7.03
C SER C 626 1.18 -10.82 8.08
N PHE C 627 2.00 -10.95 9.12
CA PHE C 627 1.73 -11.85 10.23
C PHE C 627 1.94 -11.12 11.55
N PHE C 628 1.12 -11.48 12.53
CA PHE C 628 1.22 -10.93 13.88
C PHE C 628 1.12 -12.07 14.88
N ASN C 629 1.70 -11.85 16.06
CA ASN C 629 1.94 -12.87 17.09
C ASN C 629 2.70 -14.06 16.51
N THR C 630 3.75 -13.76 15.75
CA THR C 630 4.62 -14.80 15.22
C THR C 630 5.42 -15.44 16.34
N PRO C 631 5.45 -16.77 16.45
CA PRO C 631 6.29 -17.42 17.45
C PRO C 631 7.77 -17.38 17.08
N TYR C 632 8.41 -16.22 17.23
CA TYR C 632 9.84 -16.12 16.95
C TYR C 632 10.68 -16.75 18.06
N ASN C 633 10.16 -16.78 19.29
CA ASN C 633 10.89 -17.28 20.44
C ASN C 633 10.75 -18.78 20.64
N ASN C 634 9.99 -19.45 19.79
CA ASN C 634 9.77 -20.89 19.94
C ASN C 634 11.02 -21.66 19.51
N PHE C 635 11.20 -22.84 20.11
CA PHE C 635 12.34 -23.69 19.77
C PHE C 635 12.27 -24.24 18.36
N MET C 636 11.07 -24.39 17.81
CA MET C 636 10.88 -25.06 16.53
C MET C 636 11.02 -24.14 15.33
N SER C 637 11.14 -22.83 15.54
CA SER C 637 11.27 -21.89 14.43
C SER C 637 12.71 -21.84 13.94
N TYR C 638 12.93 -21.01 12.92
CA TYR C 638 14.26 -20.86 12.31
C TYR C 638 15.04 -19.70 12.91
N ALA C 639 14.65 -19.21 14.08
CA ALA C 639 15.36 -18.12 14.72
C ALA C 639 16.70 -18.59 15.28
N ASP C 640 17.54 -17.63 15.64
CA ASP C 640 18.84 -17.95 16.21
C ASP C 640 18.67 -18.53 17.62
N ASP C 641 19.72 -19.20 18.10
CA ASP C 641 19.64 -19.99 19.33
C ASP C 641 19.44 -19.12 20.56
N ASP C 642 19.89 -17.87 20.54
CA ASP C 642 19.61 -16.98 21.65
C ASP C 642 18.15 -16.51 21.65
N CYS C 643 17.51 -16.49 20.48
CA CYS C 643 16.13 -16.07 20.38
C CYS C 643 15.16 -17.15 20.84
N THR C 644 15.48 -18.42 20.62
CA THR C 644 14.58 -19.52 20.93
C THR C 644 14.67 -19.87 22.41
N ASP C 645 13.60 -19.60 23.17
CA ASP C 645 13.63 -19.87 24.60
C ASP C 645 12.32 -20.37 25.19
N SER C 646 11.30 -20.66 24.38
CA SER C 646 9.99 -21.00 24.93
C SER C 646 9.34 -22.15 24.17
N PHE C 647 8.64 -23.00 24.93
CA PHE C 647 7.79 -24.05 24.39
C PHE C 647 6.34 -23.72 24.71
N THR C 648 5.46 -23.87 23.72
CA THR C 648 4.04 -23.76 24.00
C THR C 648 3.57 -24.99 24.78
N PRO C 649 2.54 -24.86 25.62
CA PRO C 649 2.01 -26.03 26.34
C PRO C 649 1.42 -27.11 25.43
N ASN C 650 0.96 -26.76 24.23
CA ASN C 650 0.47 -27.78 23.31
C ASN C 650 1.61 -28.67 22.80
N GLN C 651 2.78 -28.08 22.57
CA GLN C 651 3.94 -28.88 22.18
C GLN C 651 4.42 -29.75 23.33
N VAL C 652 4.25 -29.29 24.57
CA VAL C 652 4.55 -30.09 25.74
C VAL C 652 3.59 -31.28 25.84
N ALA C 653 2.30 -31.05 25.56
CA ALA C 653 1.32 -32.13 25.57
C ALA C 653 1.61 -33.14 24.47
N ARG C 654 2.02 -32.67 23.28
CA ARG C 654 2.40 -33.57 22.19
C ARG C 654 3.63 -34.40 22.54
N MET C 655 4.62 -33.77 23.20
CA MET C 655 5.83 -34.51 23.60
C MET C 655 5.52 -35.56 24.66
N HIS C 656 4.69 -35.22 25.65
CA HIS C 656 4.31 -36.19 26.68
C HIS C 656 3.47 -37.32 26.10
N CYS C 657 2.58 -36.98 25.17
CA CYS C 657 1.71 -37.98 24.56
C CYS C 657 2.49 -38.93 23.65
N TYR C 658 3.49 -38.42 22.94
CA TYR C 658 4.35 -39.29 22.16
C TYR C 658 5.34 -40.08 23.01
N LEU C 659 5.69 -39.58 24.19
CA LEU C 659 6.47 -40.40 25.11
C LEU C 659 5.63 -41.53 25.70
N ASP C 660 4.35 -41.28 25.93
CA ASP C 660 3.46 -42.36 26.38
C ASP C 660 3.15 -43.34 25.25
N LEU C 661 3.08 -42.85 24.02
CA LEU C 661 2.55 -43.64 22.92
C LEU C 661 3.56 -44.67 22.41
N VAL C 662 4.71 -44.20 21.93
CA VAL C 662 5.67 -45.05 21.23
C VAL C 662 6.98 -45.24 21.99
N TYR C 663 7.24 -44.43 23.02
CA TYR C 663 8.55 -44.40 23.70
C TYR C 663 8.48 -44.98 25.10
N GLN C 664 7.73 -46.09 25.28
CA GLN C 664 7.62 -46.69 26.59
C GLN C 664 8.89 -47.44 26.99
N GLY C 665 9.65 -47.92 26.00
CA GLY C 665 10.86 -48.66 26.31
C GLY C 665 12.02 -47.80 26.77
N TRP C 666 11.98 -46.50 26.47
CA TRP C 666 13.08 -45.62 26.86
C TRP C 666 13.04 -45.32 28.35
N GLN C 667 11.85 -45.15 28.90
CA GLN C 667 11.71 -44.74 30.29
C GLN C 667 11.94 -45.92 31.23
N PRO C 668 12.78 -45.78 32.25
CA PRO C 668 12.99 -46.90 33.19
C PRO C 668 11.82 -47.15 34.12
N SER C 669 10.97 -46.16 34.36
CA SER C 669 9.80 -46.37 35.20
C SER C 669 8.75 -47.17 34.45
N ARG C 670 8.32 -48.28 35.04
CA ARG C 670 7.40 -49.21 34.39
C ARG C 670 5.94 -48.92 34.73
N LYS C 671 5.60 -47.65 34.93
CA LYS C 671 4.21 -47.27 35.15
C LYS C 671 3.43 -47.44 33.85
N PRO C 672 2.27 -48.11 33.88
CA PRO C 672 1.53 -48.36 32.64
C PRO C 672 0.94 -47.09 32.05
N ALA C 673 0.64 -47.17 30.76
CA ALA C 673 0.08 -46.03 30.04
C ALA C 673 -1.39 -45.86 30.42
N PRO C 674 -1.88 -44.61 30.52
CA PRO C 674 -3.26 -44.38 30.92
C PRO C 674 -4.24 -44.63 29.79
N VAL C 675 -5.52 -44.72 30.16
CA VAL C 675 -6.62 -44.71 29.20
C VAL C 675 -6.84 -43.26 28.80
N ALA C 676 -6.48 -42.90 27.56
CA ALA C 676 -6.40 -41.51 27.16
C ALA C 676 -7.76 -40.86 26.94
N LEU C 677 -8.80 -41.65 26.72
CA LEU C 677 -10.14 -41.12 26.52
C LEU C 677 -11.01 -41.42 27.73
N ALA C 678 -11.97 -40.53 27.99
CA ALA C 678 -12.91 -40.71 29.08
C ALA C 678 -13.81 -41.92 28.81
N PRO C 679 -14.27 -42.60 29.85
CA PRO C 679 -15.22 -43.70 29.65
C PRO C 679 -16.53 -43.20 29.07
N GLN C 680 -17.14 -44.03 28.21
CA GLN C 680 -18.33 -43.66 27.47
C GLN C 680 -19.52 -44.42 28.02
N VAL C 681 -20.67 -43.74 28.10
CA VAL C 681 -21.89 -44.33 28.63
C VAL C 681 -22.61 -45.04 27.50
N LEU C 682 -22.55 -46.38 27.50
CA LEU C 682 -23.20 -47.14 26.45
C LEU C 682 -24.72 -47.11 26.60
N GLY C 683 -25.21 -47.35 27.80
CA GLY C 683 -26.65 -47.36 28.02
C GLY C 683 -26.97 -47.22 29.49
N HIS C 684 -28.22 -46.87 29.76
CA HIS C 684 -28.68 -46.71 31.13
C HIS C 684 -30.05 -47.36 31.29
N THR C 685 -30.30 -47.86 32.49
CA THR C 685 -31.58 -48.44 32.87
C THR C 685 -32.14 -47.65 34.06
N THR C 686 -33.23 -48.16 34.63
CA THR C 686 -33.83 -47.51 35.79
C THR C 686 -32.99 -47.71 37.05
N ASP C 687 -32.23 -48.81 37.12
CA ASP C 687 -31.46 -49.13 38.31
C ASP C 687 -29.98 -49.33 38.06
N SER C 688 -29.50 -49.14 36.83
CA SER C 688 -28.10 -49.41 36.52
C SER C 688 -27.67 -48.58 35.32
N VAL C 689 -26.35 -48.49 35.14
CA VAL C 689 -25.75 -47.87 33.97
C VAL C 689 -24.59 -48.77 33.51
N THR C 690 -24.24 -48.65 32.24
CA THR C 690 -23.18 -49.44 31.65
C THR C 690 -22.11 -48.51 31.09
N LEU C 691 -20.85 -48.80 31.41
CA LEU C 691 -19.72 -48.02 30.93
C LEU C 691 -18.75 -48.91 30.17
N GLU C 692 -18.22 -48.37 29.07
CA GLU C 692 -17.17 -49.03 28.31
C GLU C 692 -16.16 -47.97 27.90
N TRP C 693 -14.87 -48.31 28.03
CA TRP C 693 -13.79 -47.37 27.78
C TRP C 693 -12.83 -47.91 26.74
N PHE C 694 -12.01 -47.00 26.22
CA PHE C 694 -11.02 -47.35 25.22
C PHE C 694 -9.86 -48.11 25.84
N PRO C 695 -9.07 -48.82 25.04
CA PRO C 695 -7.79 -49.37 25.52
C PRO C 695 -6.80 -48.25 25.86
N PRO C 696 -5.74 -48.56 26.60
CA PRO C 696 -4.75 -47.52 26.94
C PRO C 696 -4.02 -46.98 25.71
N ILE C 697 -3.37 -45.83 25.91
CA ILE C 697 -2.76 -45.10 24.81
C ILE C 697 -1.55 -45.83 24.24
N ASP C 698 -0.98 -46.78 24.98
CA ASP C 698 0.12 -47.59 24.46
C ASP C 698 -0.33 -48.53 23.35
N GLY C 699 -1.61 -48.85 23.29
CA GLY C 699 -2.13 -49.77 22.29
C GLY C 699 -1.89 -51.23 22.60
N HIS C 700 -1.41 -51.54 23.79
CA HIS C 700 -1.09 -52.92 24.18
C HIS C 700 -2.17 -53.44 25.12
N PHE C 701 -2.60 -54.67 24.88
CA PHE C 701 -3.63 -55.31 25.70
C PHE C 701 -3.05 -56.30 26.70
N PHE C 702 -1.73 -56.42 26.77
CA PHE C 702 -1.07 -57.38 27.66
C PHE C 702 0.04 -56.68 28.43
N GLU C 703 0.57 -57.38 29.42
CA GLU C 703 1.60 -56.81 30.29
C GLU C 703 2.94 -56.74 29.55
N ARG C 704 3.81 -55.89 30.07
CA ARG C 704 5.10 -55.62 29.43
C ARG C 704 6.13 -56.66 29.91
N GLU C 705 6.54 -57.53 28.99
CA GLU C 705 7.64 -58.46 29.22
C GLU C 705 8.67 -58.25 28.13
N LEU C 706 9.94 -58.10 28.52
CA LEU C 706 10.98 -57.74 27.56
C LEU C 706 11.34 -58.91 26.65
N GLY C 707 11.51 -60.10 27.22
CA GLY C 707 11.96 -61.24 26.45
C GLY C 707 10.86 -62.16 25.93
N SER C 708 9.81 -61.59 25.35
CA SER C 708 8.72 -62.39 24.79
C SER C 708 8.02 -61.58 23.71
N ALA C 709 6.97 -62.16 23.15
CA ALA C 709 6.18 -61.54 22.08
C ALA C 709 4.88 -60.97 22.61
N CYS C 710 4.89 -60.40 23.82
CA CYS C 710 3.67 -59.90 24.43
C CYS C 710 3.21 -58.57 23.84
N HIS C 711 4.09 -57.86 23.13
CA HIS C 711 3.67 -56.62 22.48
C HIS C 711 3.02 -56.86 21.12
N LEU C 712 3.10 -58.08 20.59
CA LEU C 712 2.43 -58.42 19.33
C LEU C 712 0.99 -58.87 19.53
N CYS C 713 0.58 -59.20 20.76
CA CYS C 713 -0.73 -59.76 20.99
C CYS C 713 -1.79 -58.67 21.05
N LEU C 714 -2.94 -58.96 20.45
CA LEU C 714 -4.05 -58.03 20.32
C LEU C 714 -5.01 -58.22 21.51
N GLU C 715 -6.25 -57.72 21.36
CA GLU C 715 -7.26 -57.84 22.41
C GLU C 715 -7.57 -59.30 22.73
N GLY C 716 -7.77 -60.11 21.68
CA GLY C 716 -7.78 -61.55 21.85
C GLY C 716 -6.37 -62.09 21.88
N ARG C 717 -6.26 -63.41 21.91
CA ARG C 717 -4.94 -64.03 21.94
C ARG C 717 -4.37 -64.30 20.55
N ILE C 718 -4.77 -63.50 19.56
CA ILE C 718 -4.15 -63.57 18.24
C ILE C 718 -2.82 -62.82 18.26
N LEU C 719 -1.99 -63.09 17.25
CA LEU C 719 -0.69 -62.46 17.12
C LEU C 719 -0.60 -61.82 15.74
N VAL C 720 -0.31 -60.52 15.72
CA VAL C 720 -0.25 -59.74 14.48
C VAL C 720 1.17 -59.24 14.33
N GLN C 721 1.88 -59.72 13.30
CA GLN C 721 3.29 -59.39 13.13
C GLN C 721 3.56 -58.98 11.69
N TYR C 722 4.69 -58.33 11.48
CA TYR C 722 5.11 -57.85 10.18
C TYR C 722 6.37 -58.60 9.74
N ALA C 723 6.77 -58.36 8.48
CA ALA C 723 7.86 -59.11 7.87
C ALA C 723 9.19 -58.66 8.46
N SER C 724 9.82 -59.50 9.28
CA SER C 724 11.03 -59.08 9.96
C SER C 724 12.24 -59.11 9.03
N ASN C 725 12.34 -60.12 8.16
CA ASN C 725 13.47 -60.26 7.25
C ASN C 725 12.94 -60.39 5.83
N ALA C 726 13.51 -59.60 4.92
CA ALA C 726 13.13 -59.61 3.52
C ALA C 726 14.32 -60.07 2.68
N SER C 727 14.03 -60.82 1.62
CA SER C 727 15.08 -61.34 0.74
C SER C 727 14.55 -61.42 -0.68
N SER C 728 15.19 -60.71 -1.60
CA SER C 728 14.85 -60.75 -3.01
C SER C 728 16.12 -61.00 -3.81
N PRO C 729 16.06 -61.78 -4.88
CA PRO C 729 17.27 -62.04 -5.68
C PRO C 729 17.70 -60.82 -6.46
N MET C 730 19.01 -60.59 -6.46
CA MET C 730 19.58 -59.54 -7.30
C MET C 730 19.44 -59.95 -8.76
N PRO C 731 18.89 -59.09 -9.61
CA PRO C 731 18.56 -59.52 -10.98
C PRO C 731 19.77 -59.73 -11.86
N CYS C 732 20.75 -58.82 -11.83
CA CYS C 732 21.94 -58.97 -12.67
C CYS C 732 22.88 -60.02 -12.10
N SER C 733 23.34 -59.82 -10.88
CA SER C 733 24.30 -60.74 -10.28
C SER C 733 23.60 -62.04 -9.87
N PRO C 734 24.09 -63.19 -10.33
CA PRO C 734 23.45 -64.47 -9.96
C PRO C 734 23.70 -64.81 -8.49
N SER C 735 22.62 -65.19 -7.80
CA SER C 735 22.58 -65.47 -6.36
C SER C 735 23.09 -64.29 -5.54
N GLY C 736 22.75 -63.08 -5.98
CA GLY C 736 23.13 -61.89 -5.23
C GLY C 736 22.35 -61.76 -3.93
N HIS C 737 21.03 -61.88 -4.00
CA HIS C 737 20.10 -61.93 -2.86
C HIS C 737 20.21 -60.68 -1.98
N TRP C 738 19.85 -59.54 -2.56
CA TRP C 738 19.87 -58.29 -1.82
C TRP C 738 18.72 -58.24 -0.82
N SER C 739 18.96 -57.61 0.32
CA SER C 739 18.00 -57.58 1.40
C SER C 739 17.32 -56.23 1.46
N PRO C 740 16.03 -56.13 1.13
CA PRO C 740 15.34 -54.83 1.19
C PRO C 740 15.09 -54.41 2.64
N ARG C 741 15.71 -53.31 3.06
CA ARG C 741 15.39 -52.75 4.36
C ARG C 741 14.03 -52.05 4.35
N GLU C 742 13.57 -51.61 3.18
CA GLU C 742 12.17 -51.26 3.02
C GLU C 742 11.36 -52.54 2.86
N ALA C 743 10.03 -52.39 2.83
CA ALA C 743 9.06 -53.47 2.75
C ALA C 743 9.22 -54.49 3.88
N GLU C 744 9.57 -54.02 5.07
CA GLU C 744 9.66 -54.89 6.24
C GLU C 744 8.72 -54.52 7.37
N GLY C 745 8.77 -53.28 7.84
CA GLY C 745 8.02 -52.89 9.02
C GLY C 745 6.56 -52.60 8.74
N HIS C 746 5.99 -51.73 9.57
CA HIS C 746 4.62 -51.28 9.33
C HIS C 746 4.60 -50.38 8.09
N PRO C 747 3.48 -50.36 7.34
CA PRO C 747 3.44 -49.58 6.10
C PRO C 747 3.55 -48.08 6.35
N ASP C 748 4.37 -47.42 5.55
CA ASP C 748 4.73 -46.03 5.80
C ASP C 748 4.80 -45.22 4.50
N VAL C 749 3.82 -45.39 3.62
CA VAL C 749 3.71 -44.55 2.43
C VAL C 749 2.66 -43.48 2.69
N GLU C 750 2.90 -42.29 2.14
CA GLU C 750 1.98 -41.18 2.30
C GLU C 750 0.93 -41.16 1.19
N GLN C 751 1.38 -41.06 -0.07
CA GLN C 751 0.47 -41.17 -1.20
C GLN C 751 0.34 -42.64 -1.55
N PRO C 752 -0.84 -43.25 -1.38
CA PRO C 752 -0.93 -44.71 -1.47
C PRO C 752 -1.01 -45.26 -2.88
N CYS C 753 -1.05 -44.42 -3.91
CA CYS C 753 -1.08 -44.86 -5.30
C CYS C 753 0.01 -44.13 -6.10
N LYS C 754 1.21 -44.11 -5.55
CA LYS C 754 2.32 -43.35 -6.11
C LYS C 754 3.61 -44.12 -5.88
N SER C 755 4.52 -44.03 -6.84
CA SER C 755 5.83 -44.67 -6.71
C SER C 755 6.61 -43.98 -5.60
N SER C 756 7.18 -44.77 -4.69
CA SER C 756 7.81 -44.24 -3.49
C SER C 756 9.14 -44.94 -3.27
N VAL C 757 9.94 -44.35 -2.39
CA VAL C 757 11.22 -44.93 -2.00
C VAL C 757 11.10 -45.88 -0.81
N ARG C 758 9.94 -45.92 -0.16
CA ARG C 758 9.72 -46.76 1.01
C ARG C 758 9.18 -48.14 0.66
N THR C 759 9.21 -48.52 -0.62
CA THR C 759 8.65 -49.76 -1.10
C THR C 759 9.67 -50.56 -1.90
N TRP C 760 9.51 -51.89 -1.85
CA TRP C 760 10.34 -52.77 -2.66
C TRP C 760 9.84 -52.79 -4.11
N SER C 761 10.79 -52.76 -5.04
CA SER C 761 10.49 -52.87 -6.47
C SER C 761 11.41 -53.91 -7.08
N PRO C 762 10.96 -54.61 -8.12
CA PRO C 762 11.82 -55.62 -8.76
C PRO C 762 13.04 -55.05 -9.47
N ASN C 763 13.02 -53.78 -9.87
CA ASN C 763 14.12 -53.18 -10.62
C ASN C 763 14.82 -52.08 -9.84
N SER C 764 14.66 -52.05 -8.51
CA SER C 764 15.30 -51.02 -7.70
C SER C 764 16.68 -51.43 -7.19
N ALA C 765 17.00 -52.72 -7.19
CA ALA C 765 18.29 -53.18 -6.68
C ALA C 765 19.43 -52.93 -7.66
N VAL C 766 19.13 -52.84 -8.96
CA VAL C 766 20.18 -52.77 -9.96
C VAL C 766 20.80 -51.37 -9.97
N ASN C 767 22.04 -51.31 -10.46
CA ASN C 767 22.70 -50.03 -10.65
C ASN C 767 22.09 -49.31 -11.85
N PRO C 768 22.26 -47.99 -11.95
CA PRO C 768 21.80 -47.28 -13.15
C PRO C 768 22.49 -47.73 -14.44
N HIS C 769 23.74 -48.17 -14.36
CA HIS C 769 24.46 -48.51 -15.59
C HIS C 769 24.00 -49.85 -16.17
N THR C 770 23.66 -50.82 -15.33
CA THR C 770 23.29 -52.13 -15.86
C THR C 770 21.86 -52.13 -16.36
N VAL C 771 21.61 -52.97 -17.38
CA VAL C 771 20.29 -53.10 -17.96
C VAL C 771 19.45 -53.98 -17.05
N PRO C 772 18.33 -53.49 -16.53
CA PRO C 772 17.50 -54.30 -15.64
C PRO C 772 16.78 -55.39 -16.41
N PRO C 773 16.97 -56.65 -16.03
CA PRO C 773 16.31 -57.74 -16.75
C PRO C 773 14.82 -57.81 -16.44
N ALA C 774 14.05 -58.23 -17.44
CA ALA C 774 12.64 -58.48 -17.22
C ALA C 774 12.45 -59.74 -16.41
N CYS C 775 11.32 -59.81 -15.70
CA CYS C 775 11.04 -60.96 -14.87
C CYS C 775 10.64 -62.16 -15.73
N PRO C 776 10.95 -63.38 -15.29
CA PRO C 776 10.66 -64.58 -16.10
C PRO C 776 9.18 -64.81 -16.32
N GLU C 777 8.87 -65.41 -17.47
CA GLU C 777 7.47 -65.60 -17.87
C GLU C 777 6.67 -66.57 -16.99
N PRO C 778 7.12 -67.79 -16.66
CA PRO C 778 6.21 -68.69 -15.91
C PRO C 778 6.02 -68.32 -14.46
N GLN C 779 7.02 -67.73 -13.80
CA GLN C 779 6.93 -67.41 -12.38
C GLN C 779 6.96 -65.91 -12.11
N GLY C 780 8.00 -65.22 -12.55
CA GLY C 780 8.16 -63.80 -12.28
C GLY C 780 9.11 -63.55 -11.12
N CYS C 781 9.43 -62.27 -10.96
CA CYS C 781 10.31 -61.84 -9.88
C CYS C 781 9.58 -61.94 -8.54
N TYR C 782 10.27 -62.45 -7.52
CA TYR C 782 9.60 -62.72 -6.25
C TYR C 782 10.32 -62.06 -5.10
N LEU C 783 9.53 -61.73 -4.07
CA LEU C 783 10.02 -61.23 -2.80
C LEU C 783 9.75 -62.28 -1.73
N GLU C 784 10.78 -62.66 -0.98
CA GLU C 784 10.65 -63.64 0.09
C GLU C 784 10.68 -62.90 1.42
N LEU C 785 9.52 -62.77 2.05
CA LEU C 785 9.37 -62.05 3.30
C LEU C 785 9.29 -63.07 4.44
N GLU C 786 10.22 -62.99 5.38
CA GLU C 786 10.29 -63.92 6.49
C GLU C 786 9.79 -63.24 7.75
N PHE C 787 8.94 -63.94 8.50
CA PHE C 787 8.42 -63.41 9.75
C PHE C 787 9.25 -63.94 10.92
N LEU C 788 9.24 -63.18 12.02
CA LEU C 788 10.09 -63.50 13.16
C LEU C 788 9.60 -64.73 13.90
N TYR C 789 8.30 -64.81 14.16
CA TYR C 789 7.73 -65.91 14.92
C TYR C 789 6.85 -66.76 14.01
N PRO C 790 7.28 -67.95 13.63
CA PRO C 790 6.43 -68.83 12.82
C PRO C 790 5.27 -69.38 13.64
N LEU C 791 4.07 -69.33 13.08
CA LEU C 791 2.86 -69.74 13.78
C LEU C 791 1.83 -70.21 12.76
N VAL C 792 0.69 -70.67 13.28
CA VAL C 792 -0.44 -71.06 12.44
C VAL C 792 -1.14 -69.78 12.00
N PRO C 793 -1.22 -69.48 10.71
CA PRO C 793 -1.82 -68.23 10.26
C PRO C 793 -3.30 -68.34 9.92
N GLU C 794 -3.98 -67.20 10.05
CA GLU C 794 -5.35 -67.08 9.59
C GLU C 794 -5.56 -65.94 8.61
N SER C 795 -4.66 -64.97 8.54
CA SER C 795 -4.85 -63.86 7.63
C SER C 795 -3.49 -63.32 7.20
N LEU C 796 -3.45 -62.78 5.98
CA LEU C 796 -2.21 -62.27 5.42
C LEU C 796 -2.54 -61.05 4.57
N THR C 797 -2.02 -59.89 4.94
CA THR C 797 -2.25 -58.68 4.17
C THR C 797 -0.95 -58.18 3.58
N ILE C 798 -1.01 -57.70 2.35
CA ILE C 798 0.13 -57.15 1.63
C ILE C 798 -0.25 -55.78 1.13
N TRP C 799 0.57 -54.77 1.46
CA TRP C 799 0.28 -53.40 1.04
C TRP C 799 0.95 -53.15 -0.31
N VAL C 800 0.28 -53.57 -1.37
CA VAL C 800 0.76 -53.24 -2.72
C VAL C 800 0.42 -51.77 -2.98
N THR C 801 1.45 -50.93 -3.03
CA THR C 801 1.22 -49.49 -3.13
C THR C 801 0.96 -49.06 -4.56
N PHE C 802 1.90 -49.30 -5.47
CA PHE C 802 1.81 -48.81 -6.83
C PHE C 802 1.75 -49.99 -7.79
N VAL C 803 0.80 -49.94 -8.72
CA VAL C 803 0.70 -50.90 -9.81
C VAL C 803 0.86 -50.15 -11.12
N SER C 804 1.14 -50.89 -12.19
CA SER C 804 1.31 -50.27 -13.50
C SER C 804 -0.05 -49.85 -14.06
N THR C 805 -0.12 -48.61 -14.56
CA THR C 805 -1.39 -48.07 -15.05
C THR C 805 -1.81 -48.77 -16.34
N ASP C 806 -0.91 -48.88 -17.31
CA ASP C 806 -1.18 -49.60 -18.55
C ASP C 806 -0.80 -51.05 -18.32
N TRP C 807 -1.78 -51.85 -17.91
CA TRP C 807 -1.55 -53.23 -17.46
C TRP C 807 -2.58 -54.12 -18.17
N ASP C 808 -2.16 -54.69 -19.29
CA ASP C 808 -3.07 -55.49 -20.12
C ASP C 808 -3.40 -56.84 -19.47
N SER C 809 -2.47 -57.40 -18.70
CA SER C 809 -2.70 -58.68 -18.04
C SER C 809 -3.70 -58.52 -16.90
N SER C 810 -4.19 -59.66 -16.41
CA SER C 810 -5.25 -59.65 -15.41
C SER C 810 -4.74 -59.28 -14.03
N GLY C 811 -3.93 -60.14 -13.43
CA GLY C 811 -3.50 -59.99 -12.04
C GLY C 811 -2.03 -59.63 -11.96
N ALA C 812 -1.72 -58.62 -11.13
CA ALA C 812 -0.34 -58.20 -10.95
C ALA C 812 0.45 -59.20 -10.14
N VAL C 813 -0.11 -59.66 -9.02
CA VAL C 813 0.55 -60.66 -8.20
C VAL C 813 0.32 -62.02 -8.84
N ASN C 814 1.41 -62.66 -9.28
CA ASN C 814 1.30 -63.89 -10.05
C ASN C 814 0.85 -65.06 -9.17
N ASP C 815 1.49 -65.23 -8.01
CA ASP C 815 1.01 -66.12 -6.95
C ASP C 815 1.68 -65.72 -5.65
N ILE C 816 1.20 -66.31 -4.56
CA ILE C 816 1.76 -66.12 -3.23
C ILE C 816 1.95 -67.51 -2.62
N LYS C 817 3.19 -67.84 -2.29
CA LYS C 817 3.54 -69.18 -1.80
C LYS C 817 3.98 -69.07 -0.35
N LEU C 818 3.18 -69.64 0.55
CA LEU C 818 3.53 -69.67 1.96
C LEU C 818 4.54 -70.78 2.21
N LEU C 819 5.62 -70.46 2.92
CA LEU C 819 6.68 -71.41 3.24
C LEU C 819 6.43 -71.97 4.63
N ALA C 820 6.17 -73.26 4.71
CA ALA C 820 5.96 -73.90 6.00
C ALA C 820 7.30 -74.29 6.61
N VAL C 821 7.28 -74.54 7.93
CA VAL C 821 8.48 -74.97 8.63
C VAL C 821 8.86 -76.39 8.27
N SER C 822 7.92 -77.19 7.77
CA SER C 822 8.20 -78.55 7.34
C SER C 822 8.87 -78.62 5.97
N GLY C 823 8.92 -77.51 5.24
CA GLY C 823 9.49 -77.47 3.91
C GLY C 823 8.49 -77.46 2.78
N LYS C 824 7.21 -77.73 3.07
CA LYS C 824 6.19 -77.70 2.03
C LYS C 824 5.84 -76.28 1.67
N ASN C 825 5.65 -76.02 0.37
CA ASN C 825 5.23 -74.73 -0.13
C ASN C 825 3.74 -74.79 -0.46
N ILE C 826 2.95 -73.93 0.16
CA ILE C 826 1.50 -73.88 -0.04
C ILE C 826 1.21 -72.71 -0.96
N SER C 827 0.75 -72.99 -2.17
CA SER C 827 0.59 -71.97 -3.19
C SER C 827 -0.85 -71.48 -3.24
N LEU C 828 -1.01 -70.16 -3.34
CA LEU C 828 -2.30 -69.54 -3.60
C LEU C 828 -2.36 -69.06 -5.04
N GLY C 829 -3.56 -68.70 -5.48
CA GLY C 829 -3.75 -68.31 -6.85
C GLY C 829 -3.28 -66.90 -7.12
N PRO C 830 -3.41 -66.47 -8.37
CA PRO C 830 -3.12 -65.07 -8.71
C PRO C 830 -4.14 -64.14 -8.09
N GLN C 831 -3.65 -63.19 -7.30
CA GLN C 831 -4.50 -62.34 -6.49
C GLN C 831 -4.67 -60.99 -7.16
N ASN C 832 -5.92 -60.55 -7.28
CA ASN C 832 -6.19 -59.20 -7.75
C ASN C 832 -5.83 -58.20 -6.67
N VAL C 833 -5.29 -57.05 -7.07
CA VAL C 833 -4.86 -56.03 -6.14
C VAL C 833 -5.45 -54.69 -6.51
N PHE C 834 -5.56 -53.82 -5.53
CA PHE C 834 -5.94 -52.43 -5.72
C PHE C 834 -4.80 -51.53 -5.29
N CYS C 835 -4.81 -50.31 -5.82
CA CYS C 835 -3.77 -49.34 -5.48
C CYS C 835 -3.90 -48.87 -4.03
N ASP C 836 -5.11 -48.50 -3.62
CA ASP C 836 -5.30 -47.84 -2.34
C ASP C 836 -5.40 -48.83 -1.18
N VAL C 837 -6.42 -49.69 -1.20
CA VAL C 837 -6.70 -50.59 -0.08
C VAL C 837 -5.69 -51.74 -0.09
N PRO C 838 -5.28 -52.24 1.07
CA PRO C 838 -4.32 -53.34 1.09
C PRO C 838 -4.95 -54.65 0.66
N LEU C 839 -4.15 -55.49 0.00
CA LEU C 839 -4.61 -56.82 -0.36
C LEU C 839 -4.71 -57.68 0.89
N THR C 840 -5.83 -58.39 1.04
CA THR C 840 -6.09 -59.21 2.21
C THR C 840 -6.46 -60.62 1.76
N ILE C 841 -5.82 -61.63 2.35
CA ILE C 841 -6.08 -63.03 2.04
C ILE C 841 -6.44 -63.75 3.33
N ARG C 842 -7.56 -64.47 3.31
CA ARG C 842 -7.91 -65.38 4.38
C ARG C 842 -7.39 -66.76 4.03
N LEU C 843 -6.68 -67.39 4.97
CA LEU C 843 -6.03 -68.67 4.75
C LEU C 843 -6.81 -69.78 5.44
N TRP C 844 -7.15 -70.82 4.70
CA TRP C 844 -7.96 -71.92 5.19
C TRP C 844 -7.12 -73.19 5.30
N ASP C 845 -7.24 -73.86 6.45
CA ASP C 845 -6.66 -75.19 6.71
C ASP C 845 -5.14 -75.19 6.56
N VAL C 846 -4.50 -74.10 6.97
CA VAL C 846 -3.04 -74.05 7.03
C VAL C 846 -2.66 -74.51 8.43
N GLY C 847 -2.61 -75.84 8.59
CA GLY C 847 -2.28 -76.42 9.88
C GLY C 847 -0.83 -76.20 10.28
N GLU C 848 0.08 -76.28 9.32
CA GLU C 848 1.50 -76.16 9.61
C GLU C 848 1.88 -74.71 9.86
N GLU C 849 2.89 -74.52 10.70
CA GLU C 849 3.39 -73.18 11.00
C GLU C 849 4.10 -72.59 9.80
N VAL C 850 3.87 -71.29 9.56
CA VAL C 850 4.37 -70.60 8.38
C VAL C 850 5.32 -69.51 8.86
N TYR C 851 6.57 -69.55 8.36
CA TYR C 851 7.58 -68.59 8.76
C TYR C 851 7.79 -67.49 7.72
N GLY C 852 7.18 -67.59 6.54
CA GLY C 852 7.37 -66.56 5.54
C GLY C 852 6.51 -66.82 4.33
N ILE C 853 6.48 -65.82 3.45
CA ILE C 853 5.75 -65.89 2.19
C ILE C 853 6.70 -65.53 1.07
N GLN C 854 6.31 -65.92 -0.14
CA GLN C 854 6.98 -65.50 -1.38
C GLN C 854 5.92 -64.91 -2.29
N ILE C 855 6.12 -63.67 -2.69
CA ILE C 855 5.18 -62.94 -3.54
C ILE C 855 5.80 -62.86 -4.93
N TYR C 856 5.15 -63.47 -5.91
CA TYR C 856 5.64 -63.50 -7.28
C TYR C 856 4.92 -62.46 -8.11
N THR C 857 5.63 -61.87 -9.07
CA THR C 857 5.10 -60.78 -9.87
C THR C 857 5.57 -60.93 -11.31
N LEU C 858 4.67 -60.63 -12.24
CA LEU C 858 5.03 -60.42 -13.64
C LEU C 858 5.15 -58.96 -14.01
N ASP C 859 4.96 -58.06 -13.04
CA ASP C 859 5.04 -56.62 -13.26
C ASP C 859 6.34 -56.11 -12.66
N GLU C 860 7.04 -55.26 -13.42
CA GLU C 860 8.34 -54.75 -13.00
C GLU C 860 8.25 -53.38 -12.32
N HIS C 861 7.05 -52.79 -12.24
CA HIS C 861 6.85 -51.55 -11.50
C HIS C 861 5.97 -51.76 -10.27
N LEU C 862 5.70 -53.00 -9.89
CA LEU C 862 4.89 -53.27 -8.71
C LEU C 862 5.68 -52.93 -7.46
N GLU C 863 5.03 -52.28 -6.51
CA GLU C 863 5.67 -51.85 -5.27
C GLU C 863 4.93 -52.42 -4.08
N ILE C 864 5.63 -53.19 -3.25
CA ILE C 864 5.09 -53.78 -2.04
C ILE C 864 5.63 -53.00 -0.85
N ASP C 865 4.73 -52.51 0.00
CA ASP C 865 5.10 -51.63 1.09
C ASP C 865 5.30 -52.37 2.41
N ALA C 866 4.48 -53.38 2.69
CA ALA C 866 4.59 -54.16 3.92
C ALA C 866 3.83 -55.45 3.74
N ALA C 867 4.09 -56.38 4.64
CA ALA C 867 3.29 -57.59 4.77
C ALA C 867 2.97 -57.79 6.25
N MET C 868 1.83 -58.43 6.51
CA MET C 868 1.34 -58.59 7.87
C MET C 868 0.67 -59.95 8.00
N LEU C 869 1.09 -60.72 8.99
CA LEU C 869 0.53 -62.04 9.26
C LEU C 869 -0.25 -62.00 10.56
N THR C 870 -1.49 -62.48 10.52
CA THR C 870 -2.36 -62.54 11.68
C THR C 870 -2.67 -64.01 11.96
N SER C 871 -2.38 -64.44 13.19
CA SER C 871 -2.51 -65.84 13.58
C SER C 871 -3.94 -66.14 14.02
N THR C 872 -4.16 -67.36 14.51
CA THR C 872 -5.48 -67.82 14.90
C THR C 872 -5.85 -67.27 16.27
N ALA C 873 -7.00 -67.72 16.80
CA ALA C 873 -7.55 -67.14 18.02
C ALA C 873 -6.73 -67.49 19.25
N ASP C 874 -6.10 -68.66 19.27
CA ASP C 874 -5.24 -69.07 20.38
C ASP C 874 -3.83 -69.32 19.83
N THR C 875 -2.88 -68.51 20.29
CA THR C 875 -1.50 -68.59 19.85
C THR C 875 -0.63 -69.00 21.03
N PRO C 876 0.24 -70.00 20.88
CA PRO C 876 1.09 -70.42 22.02
C PRO C 876 2.08 -69.36 22.49
N LEU C 877 2.41 -68.38 21.66
CA LEU C 877 3.30 -67.31 22.08
C LEU C 877 2.57 -66.29 22.95
N CYS C 878 1.26 -66.12 22.76
CA CYS C 878 0.49 -65.18 23.55
C CYS C 878 -0.18 -65.83 24.76
N LEU C 879 -0.08 -67.16 24.91
CA LEU C 879 -0.64 -67.80 26.09
C LEU C 879 0.19 -67.54 27.33
N GLN C 880 1.49 -67.28 27.16
CA GLN C 880 2.36 -67.04 28.31
C GLN C 880 2.11 -65.66 28.92
N CYS C 881 1.72 -64.69 28.10
CA CYS C 881 1.57 -63.32 28.57
C CYS C 881 0.29 -63.16 29.38
N LYS C 882 0.34 -62.26 30.37
CA LYS C 882 -0.80 -61.96 31.22
C LYS C 882 -1.41 -60.62 30.82
N PRO C 883 -2.74 -60.54 30.72
CA PRO C 883 -3.38 -59.30 30.26
C PRO C 883 -3.42 -58.23 31.35
N LEU C 884 -3.66 -57.01 30.91
CA LEU C 884 -3.86 -55.91 31.83
C LEU C 884 -5.21 -56.00 32.51
N LYS C 885 -5.35 -55.29 33.62
CA LYS C 885 -6.61 -55.20 34.35
C LYS C 885 -7.00 -53.74 34.48
N TYR C 886 -8.29 -53.51 34.74
CA TYR C 886 -8.82 -52.16 34.83
C TYR C 886 -9.62 -52.01 36.11
N LYS C 887 -9.49 -50.85 36.75
CA LYS C 887 -10.18 -50.57 38.00
C LYS C 887 -10.98 -49.29 37.84
N VAL C 888 -12.26 -49.34 38.19
CA VAL C 888 -13.16 -48.21 38.05
C VAL C 888 -13.26 -47.50 39.40
N VAL C 889 -12.97 -46.20 39.41
CA VAL C 889 -13.01 -45.38 40.62
C VAL C 889 -13.98 -44.24 40.37
N ARG C 890 -14.95 -44.09 41.29
CA ARG C 890 -15.98 -43.08 41.20
C ARG C 890 -15.69 -41.95 42.17
N ASP C 891 -16.20 -40.74 41.86
CA ASP C 891 -15.94 -39.60 42.73
C ASP C 891 -16.79 -39.66 44.01
N PRO C 892 -18.07 -40.10 43.98
CA PRO C 892 -18.64 -40.64 45.21
C PRO C 892 -17.98 -41.95 45.57
N PRO C 893 -17.88 -42.28 46.85
CA PRO C 893 -17.21 -43.53 47.25
C PRO C 893 -18.06 -44.74 46.88
N LEU C 894 -17.46 -45.67 46.14
CA LEU C 894 -18.11 -46.91 45.78
C LEU C 894 -18.06 -47.89 46.95
N GLN C 895 -18.73 -49.02 46.76
CA GLN C 895 -18.66 -50.11 47.73
C GLN C 895 -17.28 -50.74 47.70
N MET C 896 -16.90 -51.36 48.82
CA MET C 896 -15.57 -51.96 48.93
C MET C 896 -15.40 -53.15 48.00
N ASP C 897 -16.44 -54.00 47.90
CA ASP C 897 -16.36 -55.16 47.02
C ASP C 897 -16.41 -54.76 45.55
N VAL C 898 -17.17 -53.71 45.21
CA VAL C 898 -17.24 -53.25 43.84
C VAL C 898 -15.92 -52.57 43.43
N ALA C 899 -15.32 -51.81 44.33
CA ALA C 899 -14.04 -51.18 44.03
C ALA C 899 -12.87 -52.16 44.06
N SER C 900 -13.00 -53.27 44.77
CA SER C 900 -11.88 -54.19 44.92
C SER C 900 -11.65 -55.05 43.68
N ILE C 901 -12.70 -55.40 42.94
CA ILE C 901 -12.57 -56.32 41.83
C ILE C 901 -11.95 -55.61 40.64
N LEU C 902 -10.91 -56.21 40.07
CA LEU C 902 -10.23 -55.69 38.89
C LEU C 902 -10.79 -56.38 37.65
N HIS C 903 -11.34 -55.58 36.73
CA HIS C 903 -12.03 -56.14 35.57
C HIS C 903 -11.02 -56.50 34.48
N LEU C 904 -11.13 -57.72 33.96
CA LEU C 904 -10.32 -58.10 32.81
C LEU C 904 -10.81 -57.42 31.55
N ASN C 905 -12.13 -57.44 31.33
CA ASN C 905 -12.71 -56.80 30.16
C ASN C 905 -12.98 -55.32 30.44
N ARG C 906 -13.35 -54.59 29.39
CA ARG C 906 -13.53 -53.15 29.47
C ARG C 906 -14.99 -52.74 29.67
N LYS C 907 -15.76 -53.55 30.40
CA LYS C 907 -17.17 -53.29 30.63
C LYS C 907 -17.43 -53.19 32.13
N PHE C 908 -18.21 -52.19 32.54
CA PHE C 908 -18.50 -51.97 33.95
C PHE C 908 -19.99 -51.67 34.13
N VAL C 909 -20.63 -52.42 35.04
CA VAL C 909 -22.03 -52.22 35.37
C VAL C 909 -22.16 -52.12 36.89
N ASP C 910 -22.90 -51.12 37.35
CA ASP C 910 -23.13 -50.89 38.77
C ASP C 910 -24.61 -50.67 39.02
N MET C 911 -25.10 -51.16 40.17
CA MET C 911 -26.49 -50.99 40.56
C MET C 911 -26.64 -50.10 41.78
N ASP C 912 -25.61 -49.35 42.14
CA ASP C 912 -25.58 -48.57 43.38
C ASP C 912 -25.78 -47.09 43.12
N LEU C 913 -26.68 -46.75 42.20
CA LEU C 913 -26.91 -45.36 41.82
C LEU C 913 -28.26 -44.87 42.35
N ASN C 914 -28.25 -43.68 42.92
CA ASN C 914 -29.49 -42.96 43.25
C ASN C 914 -29.97 -42.19 42.03
N LEU C 915 -31.26 -41.89 42.01
CA LEU C 915 -31.89 -41.36 40.80
C LEU C 915 -31.53 -39.89 40.57
N GLY C 916 -31.21 -39.15 41.63
CA GLY C 916 -30.92 -37.74 41.46
C GLY C 916 -29.45 -37.36 41.55
N SER C 917 -28.60 -38.32 41.90
CA SER C 917 -27.21 -38.02 42.21
C SER C 917 -26.33 -38.01 40.96
N VAL C 918 -25.24 -37.25 41.03
CA VAL C 918 -24.31 -37.06 39.93
C VAL C 918 -23.02 -37.82 40.26
N TYR C 919 -22.52 -38.60 39.31
CA TYR C 919 -21.37 -39.45 39.54
C TYR C 919 -20.30 -39.17 38.49
N GLN C 920 -19.07 -38.96 38.93
CA GLN C 920 -17.92 -38.87 38.03
C GLN C 920 -17.12 -40.16 38.12
N TYR C 921 -16.90 -40.79 36.96
CA TYR C 921 -16.19 -42.05 36.88
C TYR C 921 -14.84 -41.85 36.20
N TRP C 922 -13.88 -42.72 36.54
CA TRP C 922 -12.66 -42.85 35.76
C TRP C 922 -12.13 -44.27 35.93
N VAL C 923 -11.19 -44.64 35.07
CA VAL C 923 -10.63 -45.99 35.05
C VAL C 923 -9.11 -45.90 35.12
N ILE C 924 -8.51 -46.64 36.04
CA ILE C 924 -7.07 -46.73 36.18
C ILE C 924 -6.61 -48.11 35.73
N THR C 925 -5.53 -48.14 34.95
CA THR C 925 -5.00 -49.39 34.41
C THR C 925 -4.02 -50.01 35.40
N ILE C 926 -4.23 -51.27 35.73
CA ILE C 926 -3.41 -51.99 36.69
C ILE C 926 -2.79 -53.18 35.96
N SER C 927 -1.47 -53.17 35.79
CA SER C 927 -0.80 -54.27 35.12
C SER C 927 -0.50 -55.40 36.10
N GLY C 928 0.37 -55.13 37.07
CA GLY C 928 0.65 -56.07 38.15
C GLY C 928 0.13 -55.52 39.45
N THR C 929 1.04 -54.95 40.25
CA THR C 929 0.65 -54.16 41.41
C THR C 929 0.66 -52.67 41.12
N GLU C 930 1.42 -52.23 40.13
CA GLU C 930 1.54 -50.81 39.83
C GLU C 930 0.32 -50.31 39.06
N GLU C 931 -0.07 -49.08 39.35
CA GLU C 931 -1.22 -48.44 38.74
C GLU C 931 -0.75 -47.36 37.76
N SER C 932 -1.66 -46.95 36.88
CA SER C 932 -1.38 -45.95 35.87
C SER C 932 -1.92 -44.59 36.30
N GLU C 933 -1.76 -43.61 35.43
CA GLU C 933 -2.43 -42.33 35.62
C GLU C 933 -3.94 -42.52 35.42
N PRO C 934 -4.76 -41.72 36.09
CA PRO C 934 -6.21 -41.81 35.88
C PRO C 934 -6.64 -41.36 34.49
N SER C 935 -7.70 -42.00 34.00
CA SER C 935 -8.37 -41.55 32.80
C SER C 935 -9.14 -40.27 33.11
N PRO C 936 -9.47 -39.47 32.09
CA PRO C 936 -10.38 -38.34 32.31
C PRO C 936 -11.75 -38.82 32.78
N ALA C 937 -12.37 -38.03 33.65
CA ALA C 937 -13.59 -38.43 34.31
C ALA C 937 -14.81 -38.14 33.46
N VAL C 938 -15.77 -39.05 33.47
CA VAL C 938 -17.06 -38.86 32.82
C VAL C 938 -18.08 -38.50 33.89
N THR C 939 -18.76 -37.37 33.70
CA THR C 939 -19.80 -36.91 34.61
C THR C 939 -21.15 -37.38 34.10
N TYR C 940 -21.86 -38.13 34.93
CA TYR C 940 -23.11 -38.77 34.53
C TYR C 940 -24.18 -38.46 35.56
N ILE C 941 -25.34 -38.00 35.08
CA ILE C 941 -26.50 -37.71 35.91
C ILE C 941 -27.55 -38.77 35.62
N HIS C 942 -28.05 -39.42 36.67
CA HIS C 942 -28.91 -40.59 36.48
C HIS C 942 -30.30 -40.24 35.98
N GLY C 943 -30.69 -38.97 35.99
CA GLY C 943 -31.97 -38.57 35.42
C GLY C 943 -31.84 -37.95 34.05
N SER C 944 -30.84 -37.08 33.89
CA SER C 944 -30.67 -36.32 32.66
C SER C 944 -30.03 -37.17 31.58
N GLY C 945 -29.91 -36.59 30.37
CA GLY C 945 -29.38 -37.30 29.23
C GLY C 945 -27.87 -37.30 29.17
N TYR C 946 -27.35 -37.97 28.15
CA TYR C 946 -25.92 -38.13 27.96
C TYR C 946 -25.66 -38.26 26.46
N CYS C 947 -24.46 -38.74 26.10
CA CYS C 947 -24.05 -38.79 24.70
C CYS C 947 -24.81 -39.87 23.93
N GLY C 948 -24.88 -41.08 24.46
CA GLY C 948 -25.47 -42.17 23.72
C GLY C 948 -26.91 -42.48 24.06
N ASP C 949 -27.63 -41.47 24.57
CA ASP C 949 -28.99 -41.71 25.05
C ASP C 949 -30.00 -41.84 23.92
N GLY C 950 -29.74 -41.21 22.77
CA GLY C 950 -30.66 -41.22 21.67
C GLY C 950 -31.47 -39.95 21.51
N ILE C 951 -31.33 -38.99 22.41
CA ILE C 951 -32.04 -37.71 22.36
C ILE C 951 -31.00 -36.61 22.24
N ILE C 952 -31.20 -35.71 21.28
CA ILE C 952 -30.28 -34.60 21.08
C ILE C 952 -30.46 -33.59 22.20
N GLN C 953 -29.40 -33.35 22.97
CA GLN C 953 -29.36 -32.30 23.97
C GLN C 953 -28.33 -31.27 23.52
N LYS C 954 -28.80 -30.07 23.19
CA LYS C 954 -27.89 -29.02 22.74
C LYS C 954 -27.12 -28.38 23.89
N ASP C 955 -27.50 -28.67 25.14
CA ASP C 955 -26.80 -28.11 26.30
C ASP C 955 -25.41 -28.70 26.44
N GLN C 956 -25.23 -29.98 26.11
CA GLN C 956 -23.93 -30.63 26.20
C GLN C 956 -23.11 -30.49 24.91
N GLY C 957 -23.61 -29.73 23.93
CA GLY C 957 -22.88 -29.54 22.70
C GLY C 957 -23.05 -30.64 21.67
N GLU C 958 -24.16 -31.38 21.73
CA GLU C 958 -24.37 -32.52 20.85
C GLU C 958 -25.05 -32.05 19.57
N GLN C 959 -24.31 -32.07 18.46
CA GLN C 959 -24.91 -31.72 17.17
C GLN C 959 -25.77 -32.87 16.65
N CYS C 960 -25.40 -34.11 16.93
CA CYS C 960 -26.19 -35.27 16.59
C CYS C 960 -26.20 -36.22 17.77
N ASP C 961 -27.21 -37.08 17.81
CA ASP C 961 -27.28 -38.06 18.89
C ASP C 961 -27.91 -39.33 18.34
N ASP C 962 -27.12 -40.38 18.27
CA ASP C 962 -27.58 -41.70 17.91
C ASP C 962 -26.97 -42.69 18.91
N MET C 963 -27.63 -43.83 19.07
CA MET C 963 -27.21 -44.83 20.05
C MET C 963 -26.14 -45.77 19.53
N ASN C 964 -25.45 -45.41 18.45
CA ASN C 964 -24.56 -46.35 17.77
C ASN C 964 -23.25 -46.56 18.53
N LYS C 965 -22.64 -45.47 19.01
CA LYS C 965 -21.23 -45.43 19.46
C LYS C 965 -20.28 -46.03 18.41
N ILE C 966 -20.57 -45.75 17.14
CA ILE C 966 -19.83 -46.30 16.01
C ILE C 966 -19.51 -45.14 15.07
N ASN C 967 -18.23 -45.03 14.68
CA ASN C 967 -17.78 -43.92 13.85
C ASN C 967 -18.07 -44.12 12.36
N GLY C 968 -18.57 -45.28 11.95
CA GLY C 968 -18.83 -45.51 10.54
C GLY C 968 -20.03 -44.76 10.00
N ASP C 969 -20.95 -44.35 10.87
CA ASP C 969 -22.15 -43.65 10.45
C ASP C 969 -21.84 -42.15 10.33
N GLY C 970 -22.89 -41.34 10.23
CA GLY C 970 -22.69 -39.90 10.16
C GLY C 970 -22.48 -39.22 11.50
N CYS C 971 -22.70 -39.92 12.60
CA CYS C 971 -22.57 -39.36 13.94
C CYS C 971 -21.48 -40.09 14.70
N SER C 972 -20.56 -39.32 15.29
CA SER C 972 -19.42 -39.90 16.00
C SER C 972 -19.87 -40.49 17.34
N LEU C 973 -18.93 -41.15 18.01
CA LEU C 973 -19.18 -41.58 19.39
C LEU C 973 -19.02 -40.44 20.38
N PHE C 974 -18.44 -39.31 19.95
CA PHE C 974 -18.41 -38.09 20.73
C PHE C 974 -19.58 -37.17 20.43
N CYS C 975 -20.54 -37.66 19.63
CA CYS C 975 -21.84 -37.02 19.39
C CYS C 975 -21.71 -35.66 18.70
N ARG C 976 -20.71 -35.55 17.84
CA ARG C 976 -20.57 -34.46 16.88
C ARG C 976 -20.69 -35.04 15.48
N GLN C 977 -21.34 -34.32 14.58
CA GLN C 977 -21.55 -34.85 13.24
C GLN C 977 -20.26 -34.83 12.44
N GLU C 978 -20.15 -35.75 11.49
CA GLU C 978 -18.93 -35.96 10.74
C GLU C 978 -18.87 -35.01 9.56
N VAL C 979 -17.86 -35.17 8.71
CA VAL C 979 -17.66 -34.28 7.59
C VAL C 979 -18.62 -34.64 6.46
N SER C 980 -19.32 -33.63 5.95
CA SER C 980 -20.26 -33.74 4.82
C SER C 980 -21.38 -34.74 5.10
N PHE C 981 -21.88 -34.74 6.33
CA PHE C 981 -23.07 -35.49 6.70
C PHE C 981 -24.03 -34.56 7.43
N ASN C 982 -25.32 -34.81 7.28
CA ASN C 982 -26.34 -34.03 7.96
C ASN C 982 -27.32 -34.96 8.63
N CYS C 983 -27.61 -34.73 9.91
CA CYS C 983 -28.53 -35.57 10.67
C CYS C 983 -29.75 -34.73 11.04
N ILE C 984 -30.93 -35.31 10.83
CA ILE C 984 -32.18 -34.55 10.85
C ILE C 984 -33.05 -34.89 12.06
N ASP C 985 -33.35 -36.18 12.27
CA ASP C 985 -34.34 -36.58 13.26
C ASP C 985 -33.77 -36.48 14.67
N GLU C 986 -34.68 -36.50 15.66
CA GLU C 986 -34.29 -36.45 17.07
C GLU C 986 -33.52 -37.71 17.48
N PRO C 987 -33.90 -38.95 17.05
CA PRO C 987 -32.88 -39.99 16.95
C PRO C 987 -32.17 -39.84 15.62
N SER C 988 -30.92 -39.39 15.65
CA SER C 988 -30.27 -38.79 14.49
C SER C 988 -29.97 -39.82 13.42
N ARG C 989 -30.76 -39.81 12.36
CA ARG C 989 -30.42 -40.51 11.13
C ARG C 989 -29.75 -39.51 10.19
N CYS C 990 -28.60 -39.90 9.65
CA CYS C 990 -27.77 -38.98 8.91
C CYS C 990 -27.70 -39.38 7.44
N TYR C 991 -27.58 -38.37 6.58
CA TYR C 991 -27.49 -38.58 5.14
C TYR C 991 -26.36 -37.74 4.58
N PHE C 992 -25.81 -38.20 3.47
CA PHE C 992 -24.70 -37.54 2.79
C PHE C 992 -25.25 -36.41 1.93
N HIS C 993 -24.96 -35.17 2.30
CA HIS C 993 -25.59 -34.01 1.70
C HIS C 993 -24.71 -33.27 0.70
N ASP C 994 -23.43 -33.63 0.59
CA ASP C 994 -22.52 -32.85 -0.23
C ASP C 994 -22.73 -33.10 -1.72
N GLY C 995 -23.12 -34.31 -2.09
CA GLY C 995 -23.37 -34.63 -3.49
C GLY C 995 -24.80 -34.99 -3.77
N ASP C 996 -25.71 -34.54 -2.90
CA ASP C 996 -27.13 -34.87 -3.04
C ASP C 996 -27.75 -34.12 -4.21
N GLY C 997 -28.88 -34.64 -4.69
CA GLY C 997 -29.59 -33.99 -5.77
C GLY C 997 -30.21 -32.66 -5.38
N VAL C 998 -30.75 -32.59 -4.16
CA VAL C 998 -31.42 -31.37 -3.73
C VAL C 998 -30.40 -30.36 -3.21
N CYS C 999 -30.79 -29.09 -3.22
CA CYS C 999 -30.01 -28.00 -2.67
C CYS C 999 -30.79 -27.37 -1.52
N GLU C 1000 -30.16 -27.27 -0.36
CA GLU C 1000 -30.77 -26.71 0.82
C GLU C 1000 -30.05 -25.42 1.21
N GLU C 1001 -30.68 -24.66 2.11
CA GLU C 1001 -30.16 -23.32 2.43
C GLU C 1001 -28.90 -23.37 3.29
N PHE C 1002 -28.66 -24.46 4.00
CA PHE C 1002 -27.45 -24.53 4.83
C PHE C 1002 -26.22 -24.97 4.06
N GLU C 1003 -26.37 -25.37 2.79
CA GLU C 1003 -25.24 -25.80 1.97
C GLU C 1003 -25.09 -24.95 0.71
N GLN C 1004 -25.71 -23.77 0.68
CA GLN C 1004 -25.55 -22.89 -0.47
C GLN C 1004 -24.15 -22.28 -0.50
N LYS C 1005 -23.64 -21.88 0.65
CA LYS C 1005 -22.31 -21.28 0.71
C LYS C 1005 -21.22 -22.34 0.57
N THR C 1006 -21.41 -23.50 1.19
CA THR C 1006 -20.36 -24.52 1.25
C THR C 1006 -20.20 -25.25 -0.09
N SER C 1007 -21.30 -25.63 -0.73
CA SER C 1007 -21.28 -26.53 -1.87
C SER C 1007 -21.47 -25.78 -3.17
N ILE C 1008 -20.61 -26.07 -4.16
CA ILE C 1008 -20.78 -25.55 -5.51
C ILE C 1008 -21.45 -26.56 -6.43
N LYS C 1009 -21.64 -27.81 -5.98
CA LYS C 1009 -22.20 -28.86 -6.82
C LYS C 1009 -23.72 -28.92 -6.74
N ASP C 1010 -24.28 -28.89 -5.52
CA ASP C 1010 -25.72 -29.00 -5.37
C ASP C 1010 -26.42 -27.72 -5.81
N CYS C 1011 -25.89 -26.57 -5.39
CA CYS C 1011 -26.43 -25.27 -5.74
C CYS C 1011 -25.48 -24.59 -6.73
N GLY C 1012 -25.76 -23.34 -7.05
CA GLY C 1012 -24.87 -22.54 -7.87
C GLY C 1012 -23.80 -21.88 -7.02
N VAL C 1013 -23.05 -20.97 -7.67
CA VAL C 1013 -22.15 -20.12 -6.93
C VAL C 1013 -22.97 -19.14 -6.09
N TYR C 1014 -22.58 -18.97 -4.83
CA TYR C 1014 -23.39 -18.22 -3.89
C TYR C 1014 -23.28 -16.73 -4.17
N THR C 1015 -24.41 -16.11 -4.49
CA THR C 1015 -24.53 -14.68 -4.67
C THR C 1015 -25.39 -14.11 -3.56
N PRO C 1016 -24.94 -13.07 -2.85
CA PRO C 1016 -25.74 -12.51 -1.75
C PRO C 1016 -26.99 -11.81 -2.27
N GLN C 1017 -27.87 -11.46 -1.31
CA GLN C 1017 -29.19 -10.97 -1.64
C GLN C 1017 -29.17 -9.57 -2.27
N GLY C 1018 -28.10 -8.81 -2.06
CA GLY C 1018 -28.02 -7.48 -2.64
C GLY C 1018 -27.20 -7.44 -3.92
N PHE C 1019 -26.94 -8.60 -4.51
CA PHE C 1019 -26.04 -8.68 -5.66
C PHE C 1019 -26.62 -9.60 -6.72
N LEU C 1020 -26.11 -9.43 -7.93
CA LEU C 1020 -26.48 -10.23 -9.09
C LEU C 1020 -25.22 -10.63 -9.82
N ASP C 1021 -25.23 -11.82 -10.42
CA ASP C 1021 -24.07 -12.38 -11.10
C ASP C 1021 -24.37 -12.58 -12.58
N GLN C 1022 -23.49 -12.07 -13.44
CA GLN C 1022 -23.61 -12.24 -14.88
C GLN C 1022 -22.37 -12.95 -15.42
N TRP C 1023 -22.57 -14.01 -16.19
CA TRP C 1023 -21.45 -14.78 -16.70
C TRP C 1023 -21.08 -14.33 -18.12
N ALA C 1024 -19.89 -14.72 -18.54
CA ALA C 1024 -19.27 -14.19 -19.75
C ALA C 1024 -19.94 -14.75 -21.00
N SER C 1025 -19.65 -14.10 -22.13
CA SER C 1025 -20.19 -14.51 -23.42
C SER C 1025 -19.28 -14.02 -24.53
N ASN C 1026 -19.07 -14.88 -25.53
CA ASN C 1026 -18.27 -14.60 -26.73
C ASN C 1026 -16.84 -14.18 -26.38
N ALA C 1027 -16.25 -14.90 -25.43
CA ALA C 1027 -14.92 -14.56 -24.93
C ALA C 1027 -13.84 -14.89 -25.95
N SER C 1028 -12.75 -14.13 -25.88
CA SER C 1028 -11.60 -14.32 -26.75
C SER C 1028 -10.38 -14.60 -25.90
N VAL C 1029 -9.52 -15.50 -26.39
CA VAL C 1029 -8.34 -15.93 -25.64
C VAL C 1029 -7.09 -15.66 -26.48
N SER C 1030 -5.94 -15.68 -25.80
CA SER C 1030 -4.68 -15.39 -26.47
C SER C 1030 -4.26 -16.50 -27.41
N HIS C 1031 -4.33 -17.76 -26.94
CA HIS C 1031 -3.84 -18.90 -27.70
C HIS C 1031 -5.02 -19.80 -28.06
N GLN C 1032 -5.19 -20.03 -29.36
CA GLN C 1032 -6.26 -20.87 -29.89
C GLN C 1032 -5.66 -22.06 -30.62
N ASP C 1033 -6.34 -23.20 -30.54
CA ASP C 1033 -5.94 -24.38 -31.29
C ASP C 1033 -7.20 -25.16 -31.63
N GLN C 1034 -7.02 -26.28 -32.34
CA GLN C 1034 -8.15 -27.15 -32.61
C GLN C 1034 -8.52 -27.98 -31.38
N GLN C 1035 -7.53 -28.36 -30.58
CA GLN C 1035 -7.79 -29.18 -29.39
C GLN C 1035 -8.47 -28.37 -28.30
N CYS C 1036 -7.97 -27.16 -28.04
CA CYS C 1036 -8.57 -26.28 -27.04
C CYS C 1036 -9.56 -25.34 -27.72
N PRO C 1037 -10.85 -25.39 -27.36
CA PRO C 1037 -11.85 -24.60 -28.11
C PRO C 1037 -11.74 -23.10 -27.89
N GLY C 1038 -11.60 -22.68 -26.64
CA GLY C 1038 -11.48 -21.28 -26.30
C GLY C 1038 -12.80 -20.57 -26.05
N TRP C 1039 -13.91 -21.14 -26.51
CA TRP C 1039 -15.23 -20.58 -26.29
C TRP C 1039 -15.98 -21.31 -25.18
N VAL C 1040 -15.30 -22.17 -24.44
CA VAL C 1040 -15.94 -22.92 -23.36
C VAL C 1040 -16.12 -22.10 -22.09
N ILE C 1041 -15.60 -20.87 -22.06
CA ILE C 1041 -15.77 -19.97 -20.93
C ILE C 1041 -17.15 -19.34 -20.88
N ILE C 1042 -17.94 -19.50 -21.95
CA ILE C 1042 -19.22 -18.82 -22.05
C ILE C 1042 -20.24 -19.48 -21.13
N GLY C 1043 -20.85 -18.69 -20.26
CA GLY C 1043 -21.93 -19.19 -19.44
C GLY C 1043 -21.53 -19.69 -18.07
N GLN C 1044 -22.27 -20.67 -17.57
CA GLN C 1044 -22.07 -21.19 -16.23
C GLN C 1044 -20.74 -21.94 -16.13
N PRO C 1045 -20.09 -21.90 -14.97
CA PRO C 1045 -18.79 -22.58 -14.83
C PRO C 1045 -18.96 -24.08 -14.69
N ALA C 1046 -17.82 -24.77 -14.78
CA ALA C 1046 -17.77 -26.22 -14.58
C ALA C 1046 -17.72 -26.50 -13.08
N ALA C 1047 -18.91 -26.50 -12.47
CA ALA C 1047 -19.00 -26.69 -11.03
C ALA C 1047 -18.76 -28.14 -10.63
N SER C 1048 -19.10 -29.09 -11.50
CA SER C 1048 -18.88 -30.49 -11.20
C SER C 1048 -17.41 -30.90 -11.31
N GLN C 1049 -16.58 -30.11 -11.99
CA GLN C 1049 -15.17 -30.43 -12.10
C GLN C 1049 -14.44 -30.09 -10.81
N VAL C 1050 -13.53 -30.98 -10.43
CA VAL C 1050 -12.73 -30.78 -9.23
C VAL C 1050 -11.47 -30.01 -9.60
N CYS C 1051 -10.87 -29.34 -8.62
CA CYS C 1051 -9.72 -28.48 -8.84
C CYS C 1051 -8.45 -29.29 -8.70
N ARG C 1052 -7.62 -29.28 -9.73
CA ARG C 1052 -6.40 -30.08 -9.77
C ARG C 1052 -5.18 -29.21 -9.48
N THR C 1053 -4.19 -29.81 -8.83
CA THR C 1053 -2.95 -29.11 -8.51
C THR C 1053 -1.81 -30.09 -8.62
N LYS C 1054 -0.61 -29.53 -8.83
CA LYS C 1054 0.65 -30.28 -9.02
C LYS C 1054 0.53 -31.30 -10.15
N VAL C 1055 -0.04 -30.85 -11.27
CA VAL C 1055 -0.42 -31.71 -12.38
C VAL C 1055 0.54 -31.43 -13.54
N ILE C 1056 1.14 -32.50 -14.07
CA ILE C 1056 2.15 -32.35 -15.13
C ILE C 1056 1.49 -31.98 -16.45
N ASP C 1057 0.43 -32.72 -16.84
CA ASP C 1057 -0.22 -32.52 -18.12
C ASP C 1057 -1.71 -32.36 -17.90
N LEU C 1058 -2.29 -31.31 -18.47
CA LEU C 1058 -3.70 -30.97 -18.31
C LEU C 1058 -4.54 -31.47 -19.47
N SER C 1059 -4.23 -32.66 -20.00
CA SER C 1059 -4.90 -33.19 -21.17
C SER C 1059 -5.83 -34.36 -20.84
N GLU C 1060 -6.31 -34.43 -19.61
CA GLU C 1060 -7.15 -35.57 -19.23
C GLU C 1060 -8.60 -35.36 -19.66
N GLY C 1061 -9.30 -34.42 -19.01
CA GLY C 1061 -10.68 -34.15 -19.37
C GLY C 1061 -11.09 -32.70 -19.23
N ILE C 1062 -10.14 -31.81 -18.94
CA ILE C 1062 -10.48 -30.42 -18.64
C ILE C 1062 -10.57 -29.55 -19.88
N SER C 1063 -10.24 -30.09 -21.06
CA SER C 1063 -10.31 -29.30 -22.28
C SER C 1063 -11.75 -29.07 -22.73
N GLN C 1064 -12.69 -29.90 -22.30
CA GLN C 1064 -14.09 -29.77 -22.66
C GLN C 1064 -14.88 -28.93 -21.65
N HIS C 1065 -14.23 -28.39 -20.63
CA HIS C 1065 -14.94 -27.61 -19.62
C HIS C 1065 -14.32 -26.23 -19.43
N ALA C 1066 -13.00 -26.16 -19.54
CA ALA C 1066 -12.27 -24.92 -19.29
C ALA C 1066 -11.18 -24.76 -20.33
N TRP C 1067 -10.66 -23.53 -20.44
CA TRP C 1067 -9.64 -23.22 -21.42
C TRP C 1067 -8.27 -23.11 -20.75
N TYR C 1068 -7.29 -23.79 -21.32
CA TYR C 1068 -5.89 -23.66 -21.00
C TYR C 1068 -5.14 -23.51 -22.30
N PRO C 1069 -3.94 -22.90 -22.29
CA PRO C 1069 -3.16 -22.76 -23.53
C PRO C 1069 -2.68 -24.08 -24.10
N CYS C 1070 -3.23 -24.46 -25.25
CA CYS C 1070 -2.89 -25.74 -25.88
C CYS C 1070 -1.50 -25.70 -26.49
N THR C 1071 -1.16 -24.60 -27.18
CA THR C 1071 0.04 -24.55 -28.01
C THR C 1071 1.31 -24.49 -27.17
N ILE C 1072 1.26 -23.83 -26.01
CA ILE C 1072 2.43 -23.64 -25.17
C ILE C 1072 2.33 -24.60 -23.99
N SER C 1073 3.34 -25.45 -23.83
CA SER C 1073 3.44 -26.30 -22.66
C SER C 1073 4.31 -25.62 -21.60
N TYR C 1074 4.32 -26.22 -20.40
CA TYR C 1074 5.09 -25.65 -19.30
C TYR C 1074 6.61 -25.62 -19.52
N PRO C 1075 7.29 -26.67 -20.04
CA PRO C 1075 8.73 -26.49 -20.32
C PRO C 1075 9.03 -25.46 -21.41
N TYR C 1076 8.20 -25.38 -22.44
CA TYR C 1076 8.42 -24.39 -23.49
C TYR C 1076 8.09 -22.98 -23.01
N SER C 1077 7.12 -22.83 -22.11
CA SER C 1077 6.88 -21.54 -21.50
C SER C 1077 8.00 -21.17 -20.53
N GLN C 1078 8.65 -22.18 -19.93
CA GLN C 1078 9.79 -21.91 -19.08
C GLN C 1078 11.00 -21.48 -19.88
N LEU C 1079 11.17 -22.03 -21.09
CA LEU C 1079 12.31 -21.66 -21.93
C LEU C 1079 12.17 -20.25 -22.47
N ALA C 1080 11.01 -19.91 -23.04
CA ALA C 1080 10.75 -18.60 -23.61
C ALA C 1080 9.57 -17.98 -22.89
N GLN C 1081 9.80 -16.83 -22.25
CA GLN C 1081 8.79 -16.22 -21.40
C GLN C 1081 7.72 -15.54 -22.24
N THR C 1082 6.46 -15.86 -21.94
CA THR C 1082 5.32 -15.31 -22.65
C THR C 1082 4.19 -15.03 -21.68
N THR C 1083 3.28 -14.16 -22.08
CA THR C 1083 2.14 -13.77 -21.27
C THR C 1083 0.85 -14.12 -21.99
N PHE C 1084 -0.02 -14.84 -21.28
CA PHE C 1084 -1.31 -15.28 -21.81
C PHE C 1084 -2.41 -14.38 -21.27
N TRP C 1085 -3.39 -14.07 -22.11
CA TRP C 1085 -4.49 -13.21 -21.71
C TRP C 1085 -5.82 -13.82 -22.13
N LEU C 1086 -6.81 -13.64 -21.28
CA LEU C 1086 -8.17 -14.15 -21.49
C LEU C 1086 -9.11 -12.96 -21.43
N ARG C 1087 -9.76 -12.64 -22.55
CA ARG C 1087 -10.61 -11.47 -22.64
C ARG C 1087 -12.06 -11.95 -22.72
N ALA C 1088 -12.84 -11.66 -21.68
CA ALA C 1088 -14.21 -12.13 -21.58
C ALA C 1088 -15.15 -10.93 -21.65
N TYR C 1089 -16.09 -10.97 -22.59
CA TYR C 1089 -17.07 -9.91 -22.80
C TYR C 1089 -18.40 -10.29 -22.17
N PHE C 1090 -19.21 -9.27 -21.91
CA PHE C 1090 -20.51 -9.44 -21.26
C PHE C 1090 -21.59 -8.76 -22.08
N SER C 1091 -22.79 -9.34 -22.03
CA SER C 1091 -23.90 -8.85 -22.86
C SER C 1091 -24.42 -7.51 -22.35
N GLN C 1092 -24.68 -7.41 -21.05
CA GLN C 1092 -25.20 -6.18 -20.46
C GLN C 1092 -24.10 -5.51 -19.66
N PRO C 1093 -23.55 -4.38 -20.12
CA PRO C 1093 -22.49 -3.71 -19.36
C PRO C 1093 -23.02 -3.06 -18.09
N MET C 1094 -22.61 -3.57 -16.94
CA MET C 1094 -23.03 -3.07 -15.65
C MET C 1094 -21.81 -2.68 -14.83
N VAL C 1095 -22.06 -2.23 -13.60
CA VAL C 1095 -20.96 -1.99 -12.67
C VAL C 1095 -20.41 -3.33 -12.18
N ALA C 1096 -19.18 -3.30 -11.69
CA ALA C 1096 -18.49 -4.50 -11.23
C ALA C 1096 -18.20 -4.34 -9.75
N ALA C 1097 -19.09 -4.88 -8.90
CA ALA C 1097 -18.81 -4.90 -7.47
C ALA C 1097 -17.70 -5.89 -7.14
N ALA C 1098 -17.68 -7.02 -7.85
CA ALA C 1098 -16.63 -8.02 -7.71
C ALA C 1098 -16.54 -8.80 -9.01
N VAL C 1099 -15.40 -9.47 -9.20
CA VAL C 1099 -15.19 -10.33 -10.35
C VAL C 1099 -14.99 -11.76 -9.83
N ILE C 1100 -15.82 -12.68 -10.28
CA ILE C 1100 -15.76 -14.07 -9.88
C ILE C 1100 -15.04 -14.85 -10.95
N VAL C 1101 -13.88 -15.43 -10.61
CA VAL C 1101 -13.08 -16.21 -11.54
C VAL C 1101 -13.06 -17.64 -11.03
N HIS C 1102 -13.69 -18.55 -11.75
CA HIS C 1102 -13.76 -19.95 -11.37
C HIS C 1102 -12.67 -20.73 -12.09
N LEU C 1103 -11.83 -21.42 -11.32
CA LEU C 1103 -10.71 -22.16 -11.88
C LEU C 1103 -10.84 -23.63 -11.53
N VAL C 1104 -10.29 -24.48 -12.40
CA VAL C 1104 -10.19 -25.91 -12.16
C VAL C 1104 -8.75 -26.40 -12.07
N THR C 1105 -7.77 -25.51 -12.26
CA THR C 1105 -6.37 -25.85 -12.07
C THR C 1105 -5.65 -24.66 -11.46
N ASP C 1106 -4.79 -24.94 -10.47
CA ASP C 1106 -3.96 -23.91 -9.88
C ASP C 1106 -2.81 -23.49 -10.79
N GLY C 1107 -2.46 -24.30 -11.77
CA GLY C 1107 -1.34 -24.02 -12.64
C GLY C 1107 0.01 -24.43 -12.08
N THR C 1108 0.05 -25.07 -10.91
CA THR C 1108 1.30 -25.44 -10.29
C THR C 1108 1.87 -26.68 -10.97
N TYR C 1109 3.11 -26.60 -11.44
CA TYR C 1109 3.78 -27.75 -12.00
C TYR C 1109 4.26 -28.66 -10.88
N TYR C 1110 4.32 -29.95 -11.17
CA TYR C 1110 4.64 -30.94 -10.14
C TYR C 1110 6.11 -30.94 -9.75
N GLY C 1111 6.97 -30.31 -10.55
CA GLY C 1111 8.36 -30.15 -10.23
C GLY C 1111 8.78 -28.77 -9.77
N ASP C 1112 7.89 -27.79 -9.83
CA ASP C 1112 8.20 -26.41 -9.48
C ASP C 1112 7.39 -26.01 -8.26
N GLN C 1113 8.06 -25.41 -7.28
CA GLN C 1113 7.43 -25.04 -6.02
C GLN C 1113 6.82 -23.64 -6.04
N LYS C 1114 6.94 -22.91 -7.14
CA LYS C 1114 6.43 -21.55 -7.21
C LYS C 1114 4.91 -21.55 -7.33
N GLN C 1115 4.30 -20.52 -6.76
CA GLN C 1115 2.87 -20.31 -6.88
C GLN C 1115 2.58 -19.50 -8.14
N GLU C 1116 1.33 -19.59 -8.58
CA GLU C 1116 0.90 -18.95 -9.83
C GLU C 1116 -0.08 -17.85 -9.53
N THR C 1117 0.12 -16.70 -10.17
CA THR C 1117 -0.68 -15.51 -9.93
C THR C 1117 -1.49 -15.15 -11.17
N ILE C 1118 -2.67 -14.59 -10.94
CA ILE C 1118 -3.56 -14.13 -11.99
C ILE C 1118 -3.76 -12.63 -11.78
N SER C 1119 -3.71 -11.87 -12.87
CA SER C 1119 -3.93 -10.44 -12.86
C SER C 1119 -5.18 -10.13 -13.66
N VAL C 1120 -6.07 -9.33 -13.09
CA VAL C 1120 -7.37 -9.04 -13.68
C VAL C 1120 -7.47 -7.54 -13.92
N GLN C 1121 -7.78 -7.15 -15.15
CA GLN C 1121 -8.02 -5.76 -15.51
C GLN C 1121 -9.46 -5.62 -16.00
N LEU C 1122 -10.24 -4.80 -15.30
CA LEU C 1122 -11.57 -4.44 -15.79
C LEU C 1122 -11.44 -3.51 -16.98
N LEU C 1123 -12.27 -3.74 -18.00
CA LEU C 1123 -12.30 -2.89 -19.18
C LEU C 1123 -13.64 -2.18 -19.24
N ASP C 1124 -13.62 -0.88 -19.53
CA ASP C 1124 -14.80 -0.05 -19.52
C ASP C 1124 -15.45 -0.04 -20.90
N THR C 1125 -16.57 0.68 -21.01
CA THR C 1125 -17.16 0.96 -22.31
C THR C 1125 -16.40 2.03 -23.06
N LYS C 1126 -15.58 2.82 -22.36
CA LYS C 1126 -14.69 3.80 -22.96
C LYS C 1126 -13.32 3.22 -23.28
N ASP C 1127 -13.16 1.90 -23.14
CA ASP C 1127 -11.92 1.16 -23.41
C ASP C 1127 -10.76 1.66 -22.55
N GLN C 1128 -10.93 1.54 -21.24
CA GLN C 1128 -9.91 1.89 -20.26
C GLN C 1128 -9.72 0.73 -19.30
N SER C 1129 -8.47 0.50 -18.89
CA SER C 1129 -8.13 -0.62 -18.03
C SER C 1129 -8.02 -0.16 -16.59
N HIS C 1130 -8.70 -0.87 -15.69
CA HIS C 1130 -8.61 -0.64 -14.26
C HIS C 1130 -8.02 -1.89 -13.62
N ASP C 1131 -6.89 -1.73 -12.94
CA ASP C 1131 -6.17 -2.87 -12.39
C ASP C 1131 -6.83 -3.35 -11.10
N LEU C 1132 -6.96 -4.67 -10.98
CA LEU C 1132 -7.48 -5.29 -9.76
C LEU C 1132 -6.42 -6.07 -9.00
N GLY C 1133 -5.19 -6.13 -9.51
CA GLY C 1133 -4.07 -6.65 -8.76
C GLY C 1133 -3.75 -8.10 -9.08
N LEU C 1134 -2.70 -8.58 -8.42
CA LEU C 1134 -2.23 -9.95 -8.56
C LEU C 1134 -2.80 -10.81 -7.43
N HIS C 1135 -3.34 -11.97 -7.78
CA HIS C 1135 -3.94 -12.88 -6.81
C HIS C 1135 -3.43 -14.29 -7.04
N VAL C 1136 -3.08 -14.98 -5.96
CA VAL C 1136 -2.65 -16.37 -6.08
C VAL C 1136 -3.87 -17.27 -6.28
N LEU C 1137 -3.62 -18.46 -6.80
CA LEU C 1137 -4.67 -19.39 -7.17
C LEU C 1137 -4.62 -20.58 -6.21
N SER C 1138 -5.74 -20.86 -5.56
CA SER C 1138 -5.86 -21.95 -4.60
C SER C 1138 -7.14 -22.73 -4.89
N CYS C 1139 -7.07 -24.06 -4.73
CA CYS C 1139 -8.26 -24.89 -4.91
C CYS C 1139 -9.27 -24.67 -3.80
N ARG C 1140 -8.80 -24.22 -2.62
CA ARG C 1140 -9.70 -23.85 -1.54
C ARG C 1140 -10.58 -22.67 -1.95
N ASN C 1141 -10.01 -21.66 -2.60
CA ASN C 1141 -10.78 -20.56 -3.18
C ASN C 1141 -11.07 -20.89 -4.65
N ASN C 1142 -12.02 -21.82 -4.84
CA ASN C 1142 -12.38 -22.20 -6.21
C ASN C 1142 -13.03 -21.05 -6.98
N PRO C 1143 -14.09 -20.34 -6.49
CA PRO C 1143 -14.62 -19.19 -7.22
C PRO C 1143 -13.86 -17.97 -6.67
N LEU C 1144 -12.71 -17.65 -7.26
CA LEU C 1144 -11.90 -16.55 -6.68
C LEU C 1144 -12.80 -15.30 -6.70
N ILE C 1145 -12.91 -14.62 -5.56
CA ILE C 1145 -13.70 -13.36 -5.50
C ILE C 1145 -12.70 -12.22 -5.45
N ILE C 1146 -12.70 -11.35 -6.47
CA ILE C 1146 -11.78 -10.18 -6.46
C ILE C 1146 -12.64 -8.96 -6.17
N PRO C 1147 -12.49 -8.31 -4.99
CA PRO C 1147 -13.34 -7.18 -4.63
C PRO C 1147 -12.85 -5.89 -5.30
N VAL C 1148 -13.74 -5.16 -5.98
CA VAL C 1148 -13.33 -3.94 -6.65
C VAL C 1148 -13.48 -2.79 -5.67
N VAL C 1149 -12.37 -2.17 -5.30
CA VAL C 1149 -12.36 -1.04 -4.38
C VAL C 1149 -12.44 0.22 -5.21
N HIS C 1150 -13.62 0.85 -5.23
CA HIS C 1150 -13.87 2.02 -6.05
C HIS C 1150 -13.94 3.25 -5.17
N ASP C 1151 -13.20 4.29 -5.55
CA ASP C 1151 -13.21 5.55 -4.80
C ASP C 1151 -14.52 6.29 -5.07
N LEU C 1152 -15.23 6.66 -4.00
CA LEU C 1152 -16.58 7.19 -4.14
C LEU C 1152 -16.59 8.60 -4.70
N SER C 1153 -15.48 9.32 -4.67
CA SER C 1153 -15.42 10.64 -5.30
C SER C 1153 -15.39 10.51 -6.82
N GLN C 1154 -14.69 9.49 -7.32
CA GLN C 1154 -14.64 9.24 -8.76
C GLN C 1154 -16.00 8.73 -9.25
N PRO C 1155 -16.37 9.03 -10.49
CA PRO C 1155 -17.63 8.52 -11.03
C PRO C 1155 -17.60 7.02 -11.26
N PHE C 1156 -18.76 6.39 -11.09
CA PHE C 1156 -18.90 4.97 -11.42
C PHE C 1156 -18.90 4.78 -12.92
N TYR C 1157 -18.45 3.61 -13.36
CA TYR C 1157 -18.33 3.31 -14.78
C TYR C 1157 -18.85 1.90 -15.06
N HIS C 1158 -19.49 1.75 -16.22
CA HIS C 1158 -19.92 0.45 -16.67
C HIS C 1158 -18.71 -0.40 -17.07
N SER C 1159 -18.81 -1.70 -16.83
CA SER C 1159 -17.76 -2.65 -17.18
C SER C 1159 -18.25 -3.51 -18.33
N GLN C 1160 -17.48 -3.55 -19.41
CA GLN C 1160 -17.83 -4.32 -20.60
C GLN C 1160 -17.08 -5.64 -20.68
N ALA C 1161 -15.76 -5.61 -20.42
CA ALA C 1161 -14.92 -6.78 -20.59
C ALA C 1161 -14.01 -6.93 -19.38
N VAL C 1162 -13.56 -8.16 -19.15
CA VAL C 1162 -12.59 -8.48 -18.12
C VAL C 1162 -11.42 -9.18 -18.80
N ARG C 1163 -10.22 -8.63 -18.62
CA ARG C 1163 -9.01 -9.24 -19.15
C ARG C 1163 -8.24 -9.86 -18.00
N VAL C 1164 -8.04 -11.18 -18.07
CA VAL C 1164 -7.31 -11.94 -17.06
C VAL C 1164 -5.97 -12.32 -17.66
N SER C 1165 -4.89 -11.78 -17.12
CA SER C 1165 -3.55 -11.99 -17.66
C SER C 1165 -2.76 -12.87 -16.70
N PHE C 1166 -2.26 -13.99 -17.21
CA PHE C 1166 -1.45 -14.91 -16.41
C PHE C 1166 -0.29 -15.41 -17.26
N SER C 1167 0.80 -15.78 -16.58
CA SER C 1167 2.03 -16.19 -17.23
C SER C 1167 2.36 -17.65 -16.92
N SER C 1168 1.35 -18.51 -16.93
CA SER C 1168 1.56 -19.94 -16.71
C SER C 1168 0.56 -20.73 -17.55
N PRO C 1169 1.04 -21.62 -18.42
CA PRO C 1169 0.14 -22.29 -19.38
C PRO C 1169 -0.71 -23.41 -18.78
N LEU C 1170 -0.56 -23.72 -17.50
CA LEU C 1170 -1.35 -24.76 -16.87
C LEU C 1170 -2.57 -24.22 -16.15
N VAL C 1171 -2.81 -22.91 -16.21
CA VAL C 1171 -3.96 -22.31 -15.55
C VAL C 1171 -5.19 -22.48 -16.44
N ALA C 1172 -6.27 -22.98 -15.86
CA ALA C 1172 -7.53 -23.18 -16.57
C ALA C 1172 -8.65 -22.40 -15.88
N ILE C 1173 -9.50 -21.77 -16.66
CA ILE C 1173 -10.61 -20.97 -16.17
C ILE C 1173 -11.90 -21.51 -16.77
N SER C 1174 -12.83 -21.95 -15.93
CA SER C 1174 -14.12 -22.41 -16.41
C SER C 1174 -15.03 -21.26 -16.83
N GLY C 1175 -15.07 -20.19 -16.04
CA GLY C 1175 -15.93 -19.07 -16.33
C GLY C 1175 -15.53 -17.85 -15.54
N VAL C 1176 -15.80 -16.68 -16.10
CA VAL C 1176 -15.54 -15.39 -15.45
C VAL C 1176 -16.87 -14.67 -15.30
N ALA C 1177 -17.16 -14.23 -14.08
CA ALA C 1177 -18.43 -13.58 -13.78
C ALA C 1177 -18.20 -12.14 -13.33
N LEU C 1178 -19.24 -11.35 -13.47
CA LEU C 1178 -19.28 -9.96 -13.05
C LEU C 1178 -20.39 -9.82 -12.03
N ARG C 1179 -20.06 -9.25 -10.87
CA ARG C 1179 -21.02 -9.05 -9.80
C ARG C 1179 -21.48 -7.59 -9.79
N SER C 1180 -22.78 -7.38 -9.84
CA SER C 1180 -23.37 -6.06 -9.92
C SER C 1180 -24.46 -5.93 -8.86
N PHE C 1181 -25.06 -4.76 -8.78
CA PHE C 1181 -26.12 -4.48 -7.82
C PHE C 1181 -27.47 -4.71 -8.49
N ASP C 1182 -28.29 -5.56 -7.88
CA ASP C 1182 -29.57 -5.91 -8.50
C ASP C 1182 -30.62 -4.81 -8.33
N ASN C 1183 -30.58 -4.08 -7.22
CA ASN C 1183 -31.59 -3.05 -6.98
C ASN C 1183 -31.36 -1.78 -7.81
N PHE C 1184 -30.11 -1.45 -8.11
CA PHE C 1184 -29.85 -0.19 -8.77
C PHE C 1184 -28.62 -0.28 -9.66
N ASP C 1185 -28.58 0.61 -10.65
CA ASP C 1185 -27.40 0.84 -11.49
C ASP C 1185 -26.81 2.18 -11.06
N PRO C 1186 -25.64 2.20 -10.42
CA PRO C 1186 -25.13 3.48 -9.88
C PRO C 1186 -24.62 4.45 -10.93
N VAL C 1187 -24.38 4.00 -12.16
CA VAL C 1187 -23.88 4.90 -13.20
C VAL C 1187 -25.00 5.80 -13.71
N THR C 1188 -26.11 5.21 -14.16
CA THR C 1188 -27.20 6.00 -14.71
C THR C 1188 -28.00 6.71 -13.63
N LEU C 1189 -27.86 6.32 -12.37
CA LEU C 1189 -28.57 7.00 -11.29
C LEU C 1189 -27.94 8.33 -10.92
N SER C 1190 -26.67 8.54 -11.26
CA SER C 1190 -26.05 9.84 -11.09
C SER C 1190 -26.41 10.82 -12.19
N SER C 1191 -27.03 10.34 -13.27
CA SER C 1191 -27.48 11.19 -14.36
C SER C 1191 -28.79 11.89 -14.02
N CYS C 1215 -49.36 19.48 -8.30
CA CYS C 1215 -48.81 20.55 -7.47
C CYS C 1215 -49.82 21.68 -7.29
N PRO C 1216 -49.97 22.15 -6.06
CA PRO C 1216 -50.94 23.21 -5.78
C PRO C 1216 -50.45 24.56 -6.25
N GLU C 1217 -51.33 25.56 -6.13
CA GLU C 1217 -51.00 26.92 -6.49
C GLU C 1217 -50.22 27.58 -5.35
N LEU C 1218 -49.16 28.28 -5.69
CA LEU C 1218 -48.33 28.99 -4.72
C LEU C 1218 -48.62 30.48 -4.79
N ALA C 1219 -48.98 31.06 -3.64
CA ALA C 1219 -49.32 32.47 -3.55
C ALA C 1219 -48.31 33.17 -2.65
N VAL C 1220 -47.60 34.15 -3.21
CA VAL C 1220 -46.59 34.92 -2.48
C VAL C 1220 -47.03 36.37 -2.47
N GLU C 1221 -47.07 36.96 -1.28
CA GLU C 1221 -47.53 38.34 -1.14
C GLU C 1221 -46.43 39.31 -1.54
N ASN C 1222 -46.83 40.40 -2.19
CA ASN C 1222 -45.96 41.50 -2.64
C ASN C 1222 -44.84 41.02 -3.57
N ALA C 1223 -45.23 40.30 -4.61
CA ALA C 1223 -44.26 39.72 -5.54
C ALA C 1223 -44.95 39.47 -6.88
N SER C 1224 -44.13 39.24 -7.90
CA SER C 1224 -44.58 38.82 -9.21
C SER C 1224 -44.09 37.39 -9.47
N LEU C 1225 -45.02 36.51 -9.80
CA LEU C 1225 -44.72 35.09 -9.99
C LEU C 1225 -45.04 34.71 -11.43
N ASN C 1226 -44.13 33.96 -12.05
CA ASN C 1226 -44.33 33.48 -13.41
C ASN C 1226 -43.80 32.06 -13.53
N CYS C 1227 -44.61 31.19 -14.11
CA CYS C 1227 -44.23 29.79 -14.33
C CYS C 1227 -44.01 29.58 -15.82
N SER C 1228 -42.87 28.98 -16.18
CA SER C 1228 -42.56 28.75 -17.58
C SER C 1228 -43.41 27.64 -18.19
N SER C 1229 -44.02 26.79 -17.37
CA SER C 1229 -44.92 25.75 -17.84
C SER C 1229 -46.34 26.06 -17.35
N SER C 1230 -47.29 26.01 -18.28
CA SER C 1230 -48.68 26.26 -17.92
C SER C 1230 -49.26 25.11 -17.11
N ASP C 1231 -48.93 23.87 -17.46
CA ASP C 1231 -49.44 22.71 -16.75
C ASP C 1231 -48.68 22.52 -15.46
N ARG C 1232 -49.41 22.31 -14.36
CA ARG C 1232 -48.82 22.06 -13.06
C ARG C 1232 -48.76 20.56 -12.84
N TYR C 1233 -47.54 20.02 -12.81
CA TYR C 1233 -47.31 18.60 -12.64
C TYR C 1233 -46.10 18.42 -11.72
N HIS C 1234 -45.75 17.16 -11.45
CA HIS C 1234 -44.62 16.83 -10.60
C HIS C 1234 -43.33 17.12 -11.37
N GLY C 1235 -42.74 18.28 -11.11
CA GLY C 1235 -41.51 18.66 -11.79
C GLY C 1235 -41.53 20.08 -12.31
N ALA C 1236 -42.67 20.75 -12.21
CA ALA C 1236 -42.81 22.12 -12.67
C ALA C 1236 -42.19 23.10 -11.68
N GLN C 1237 -41.70 24.21 -12.21
CA GLN C 1237 -41.06 25.24 -11.40
C GLN C 1237 -41.65 26.60 -11.73
N CYS C 1238 -41.71 27.46 -10.71
CA CYS C 1238 -42.23 28.82 -10.86
C CYS C 1238 -41.24 29.80 -10.24
N THR C 1239 -40.95 30.88 -10.98
CA THR C 1239 -39.99 31.89 -10.55
C THR C 1239 -40.74 33.08 -9.97
N VAL C 1240 -40.42 33.43 -8.73
CA VAL C 1240 -41.05 34.55 -8.03
C VAL C 1240 -39.97 35.60 -7.76
N SER C 1241 -40.26 36.84 -8.16
CA SER C 1241 -39.38 37.98 -7.88
C SER C 1241 -40.20 39.06 -7.20
N CYS C 1242 -39.72 39.54 -6.06
CA CYS C 1242 -40.52 40.50 -5.30
C CYS C 1242 -40.38 41.90 -5.89
N ARG C 1243 -41.27 42.78 -5.47
CA ARG C 1243 -41.29 44.15 -5.93
C ARG C 1243 -40.30 44.98 -5.12
N THR C 1244 -40.28 46.29 -5.41
CA THR C 1244 -39.35 47.18 -4.75
C THR C 1244 -39.77 47.44 -3.31
N GLY C 1245 -38.78 47.60 -2.44
CA GLY C 1245 -39.05 47.85 -1.04
C GLY C 1245 -39.45 46.65 -0.23
N TYR C 1246 -38.96 45.46 -0.59
CA TYR C 1246 -39.27 44.25 0.17
C TYR C 1246 -38.03 43.37 0.26
N VAL C 1247 -37.88 42.72 1.41
CA VAL C 1247 -36.73 41.87 1.72
C VAL C 1247 -37.20 40.42 1.75
N LEU C 1248 -36.53 39.57 0.96
CA LEU C 1248 -36.83 38.15 0.93
C LEU C 1248 -36.38 37.48 2.23
N GLN C 1249 -37.15 36.48 2.65
CA GLN C 1249 -36.73 35.53 3.69
C GLN C 1249 -37.07 34.13 3.17
N ILE C 1250 -36.16 33.55 2.41
CA ILE C 1250 -36.34 32.18 1.92
C ILE C 1250 -35.92 31.23 3.03
N ARG C 1251 -36.84 30.38 3.47
CA ARG C 1251 -36.61 29.52 4.62
C ARG C 1251 -37.05 28.10 4.30
N ARG C 1252 -36.57 27.16 5.12
CA ARG C 1252 -37.05 25.78 5.08
C ARG C 1252 -37.46 25.36 6.49
N ASP C 1253 -37.75 24.07 6.67
CA ASP C 1253 -38.17 23.56 7.97
C ASP C 1253 -36.97 23.53 8.91
N ASP C 1254 -36.98 24.42 9.91
CA ASP C 1254 -35.89 24.63 10.87
C ASP C 1254 -34.57 24.92 10.17
N GLU C 1255 -34.63 25.78 9.15
CA GLU C 1255 -33.46 26.11 8.34
C GLU C 1255 -33.56 27.58 7.95
N LEU C 1256 -32.87 28.45 8.68
CA LEU C 1256 -32.92 29.90 8.48
C LEU C 1256 -31.73 30.29 7.62
N ILE C 1257 -31.96 30.35 6.31
CA ILE C 1257 -30.91 30.71 5.36
C ILE C 1257 -30.90 32.23 5.19
N LYS C 1258 -29.79 32.75 4.69
CA LYS C 1258 -29.66 34.17 4.46
C LYS C 1258 -30.44 34.60 3.22
N SER C 1259 -30.68 35.90 3.11
CA SER C 1259 -31.50 36.42 2.03
C SER C 1259 -30.73 36.43 0.71
N GLN C 1260 -31.43 36.05 -0.36
CA GLN C 1260 -30.81 36.04 -1.69
C GLN C 1260 -30.64 37.46 -2.21
N THR C 1261 -29.46 37.75 -2.75
CA THR C 1261 -29.20 39.07 -3.31
C THR C 1261 -29.99 39.29 -4.60
N GLY C 1262 -30.10 38.26 -5.43
CA GLY C 1262 -30.92 38.34 -6.62
C GLY C 1262 -32.39 38.36 -6.27
N PRO C 1263 -33.19 39.04 -7.09
CA PRO C 1263 -34.62 39.16 -6.76
C PRO C 1263 -35.41 37.89 -7.09
N SER C 1264 -34.98 37.14 -8.09
CA SER C 1264 -35.74 36.01 -8.59
C SER C 1264 -35.30 34.72 -7.89
N VAL C 1265 -36.27 34.01 -7.33
CA VAL C 1265 -36.05 32.68 -6.76
C VAL C 1265 -36.99 31.71 -7.45
N THR C 1266 -36.46 30.61 -7.96
CA THR C 1266 -37.26 29.62 -8.66
C THR C 1266 -37.58 28.48 -7.69
N VAL C 1267 -38.86 28.22 -7.48
CA VAL C 1267 -39.33 27.22 -6.53
C VAL C 1267 -39.91 26.05 -7.32
N THR C 1268 -39.53 24.84 -6.94
CA THR C 1268 -39.99 23.61 -7.58
C THR C 1268 -40.72 22.76 -6.55
N CYS C 1269 -41.93 22.31 -6.90
CA CYS C 1269 -42.69 21.43 -6.02
C CYS C 1269 -42.14 20.01 -6.09
N THR C 1270 -42.01 19.38 -4.93
CA THR C 1270 -41.54 18.00 -4.83
C THR C 1270 -42.55 17.19 -4.03
N GLU C 1271 -42.97 16.06 -4.61
CA GLU C 1271 -43.92 15.11 -4.00
C GLU C 1271 -45.25 15.77 -3.65
N GLY C 1272 -45.68 16.72 -4.48
CA GLY C 1272 -46.92 17.44 -4.25
C GLY C 1272 -46.83 18.55 -3.22
N LYS C 1273 -45.66 18.80 -2.65
CA LYS C 1273 -45.47 19.79 -1.61
C LYS C 1273 -44.40 20.79 -2.03
N TRP C 1274 -44.38 21.93 -1.36
CA TRP C 1274 -43.40 22.97 -1.65
C TRP C 1274 -42.21 22.81 -0.70
N ASN C 1275 -41.00 22.77 -1.28
CA ASN C 1275 -39.80 22.45 -0.52
C ASN C 1275 -39.36 23.59 0.38
N LYS C 1276 -39.76 24.83 0.11
CA LYS C 1276 -39.32 25.97 0.88
C LYS C 1276 -40.44 27.00 0.98
N GLN C 1277 -40.34 27.85 1.99
CA GLN C 1277 -41.27 28.94 2.18
C GLN C 1277 -40.60 30.25 1.75
N VAL C 1278 -41.25 30.95 0.84
CA VAL C 1278 -40.73 32.20 0.29
C VAL C 1278 -41.65 33.33 0.74
N ALA C 1279 -41.11 34.29 1.47
CA ALA C 1279 -41.86 35.43 1.95
C ALA C 1279 -41.05 36.70 1.70
N CYS C 1280 -41.77 37.82 1.58
CA CYS C 1280 -41.14 39.12 1.36
C CYS C 1280 -41.69 40.12 2.36
N GLU C 1281 -40.92 40.36 3.42
CA GLU C 1281 -41.29 41.32 4.42
C GLU C 1281 -41.06 42.74 3.91
N PRO C 1282 -41.74 43.73 4.48
CA PRO C 1282 -41.35 45.12 4.24
C PRO C 1282 -39.94 45.37 4.78
N VAL C 1283 -39.19 46.22 4.07
CA VAL C 1283 -37.82 46.50 4.48
C VAL C 1283 -37.85 47.37 5.73
N ASP C 1284 -37.20 46.89 6.79
CA ASP C 1284 -37.28 47.54 8.09
C ASP C 1284 -36.27 48.68 8.15
N CYS C 1285 -36.77 49.90 7.99
CA CYS C 1285 -35.97 51.07 8.34
C CYS C 1285 -35.74 51.07 9.85
N SER C 1286 -34.57 51.58 10.26
CA SER C 1286 -34.26 51.66 11.67
C SER C 1286 -35.18 52.67 12.36
N ILE C 1287 -35.39 52.45 13.66
CA ILE C 1287 -36.11 53.38 14.52
C ILE C 1287 -35.31 54.68 14.50
N PRO C 1288 -35.95 55.84 14.18
CA PRO C 1288 -35.22 57.08 13.88
C PRO C 1288 -34.31 57.56 15.01
N ASP C 1289 -33.01 57.39 14.78
CA ASP C 1289 -32.00 57.64 15.79
C ASP C 1289 -31.73 59.14 15.92
N HIS C 1290 -31.08 59.50 17.02
CA HIS C 1290 -30.64 60.88 17.20
C HIS C 1290 -29.53 61.26 16.22
N HIS C 1291 -28.79 60.28 15.70
CA HIS C 1291 -27.76 60.56 14.70
C HIS C 1291 -28.33 60.83 13.32
N GLN C 1292 -29.60 60.48 13.07
CA GLN C 1292 -30.22 60.83 11.80
C GLN C 1292 -30.52 62.31 11.73
N VAL C 1293 -31.35 62.80 12.63
CA VAL C 1293 -31.60 64.23 12.82
C VAL C 1293 -31.28 64.56 14.28
N TYR C 1294 -30.39 65.52 14.48
CA TYR C 1294 -29.95 65.86 15.82
C TYR C 1294 -30.90 66.86 16.46
N ALA C 1295 -31.04 66.75 17.79
CA ALA C 1295 -31.88 67.62 18.64
C ALA C 1295 -33.34 67.62 18.18
N ALA C 1296 -33.91 66.41 18.06
CA ALA C 1296 -35.28 66.26 17.65
C ALA C 1296 -35.92 65.09 18.37
N SER C 1297 -37.24 65.15 18.51
CA SER C 1297 -38.05 64.07 19.05
C SER C 1297 -38.90 63.49 17.93
N PHE C 1298 -38.94 62.17 17.84
CA PHE C 1298 -39.54 61.47 16.72
C PHE C 1298 -40.85 60.81 17.15
N SER C 1299 -41.90 61.03 16.36
CA SER C 1299 -43.20 60.39 16.57
C SER C 1299 -43.60 59.75 15.26
N CYS C 1300 -43.64 58.41 15.23
CA CYS C 1300 -43.99 57.65 14.04
C CYS C 1300 -45.18 56.77 14.37
N PRO C 1301 -46.41 57.23 14.11
CA PRO C 1301 -47.59 56.40 14.40
C PRO C 1301 -47.80 55.25 13.43
N GLU C 1302 -47.28 55.34 12.21
CA GLU C 1302 -47.51 54.34 11.19
C GLU C 1302 -46.45 53.25 11.17
N GLY C 1303 -45.42 53.35 11.99
CA GLY C 1303 -44.39 52.34 12.07
C GLY C 1303 -43.13 52.72 11.29
N THR C 1304 -42.25 51.74 11.15
CA THR C 1304 -40.98 51.90 10.44
C THR C 1304 -40.89 50.98 9.22
N THR C 1305 -42.03 50.59 8.65
CA THR C 1305 -42.01 49.71 7.48
C THR C 1305 -41.85 50.55 6.21
N PHE C 1306 -41.85 49.87 5.06
CA PHE C 1306 -41.72 50.56 3.79
C PHE C 1306 -43.01 51.32 3.47
N GLY C 1307 -42.86 52.56 3.05
CA GLY C 1307 -43.98 53.44 2.79
C GLY C 1307 -44.46 54.23 3.99
N SER C 1308 -43.90 53.96 5.18
CA SER C 1308 -44.31 54.66 6.38
C SER C 1308 -43.76 56.07 6.38
N GLN C 1309 -44.36 56.92 7.23
CA GLN C 1309 -43.88 58.28 7.44
C GLN C 1309 -43.77 58.53 8.93
N CYS C 1310 -42.81 59.39 9.28
CA CYS C 1310 -42.57 59.74 10.67
C CYS C 1310 -42.41 61.26 10.76
N SER C 1311 -42.70 61.82 11.92
CA SER C 1311 -42.55 63.24 12.14
C SER C 1311 -41.46 63.48 13.18
N PHE C 1312 -40.73 64.58 13.02
CA PHE C 1312 -39.76 64.99 14.01
C PHE C 1312 -40.02 66.44 14.39
N GLN C 1313 -39.91 66.71 15.69
CA GLN C 1313 -40.14 68.04 16.25
C GLN C 1313 -38.88 68.49 16.97
N CYS C 1314 -38.43 69.70 16.67
CA CYS C 1314 -37.19 70.20 17.26
C CYS C 1314 -37.40 70.54 18.73
N ARG C 1315 -36.31 70.39 19.50
CA ARG C 1315 -36.35 70.65 20.93
C ARG C 1315 -36.31 72.15 21.21
N HIS C 1316 -36.40 72.51 22.50
CA HIS C 1316 -36.45 73.92 22.88
C HIS C 1316 -35.22 74.77 22.51
N PRO C 1317 -33.96 74.36 22.74
CA PRO C 1317 -32.86 75.19 22.20
C PRO C 1317 -32.79 75.20 20.69
N ALA C 1318 -33.24 74.13 20.04
CA ALA C 1318 -33.27 74.08 18.59
C ALA C 1318 -34.40 74.95 18.05
N GLN C 1319 -34.25 75.34 16.78
CA GLN C 1319 -35.27 76.08 16.06
C GLN C 1319 -35.55 75.35 14.74
N LEU C 1320 -36.83 75.21 14.40
CA LEU C 1320 -37.23 74.52 13.19
C LEU C 1320 -37.23 75.49 12.01
N LYS C 1321 -36.46 75.17 10.97
CA LYS C 1321 -36.45 75.96 9.74
C LYS C 1321 -36.68 75.04 8.56
N GLY C 1322 -37.71 75.34 7.79
CA GLY C 1322 -38.00 74.55 6.59
C GLY C 1322 -39.48 74.58 6.29
N ASN C 1323 -39.84 73.91 5.19
CA ASN C 1323 -41.23 73.81 4.78
C ASN C 1323 -41.87 72.54 5.33
N ASN C 1324 -41.30 71.38 5.02
CA ASN C 1324 -41.81 70.09 5.46
C ASN C 1324 -40.85 69.48 6.46
N SER C 1325 -41.39 68.96 7.56
CA SER C 1325 -40.58 68.34 8.60
C SER C 1325 -40.96 66.88 8.79
N LEU C 1326 -41.11 66.16 7.69
CA LEU C 1326 -41.52 64.76 7.69
C LEU C 1326 -40.43 63.90 7.06
N LEU C 1327 -40.28 62.67 7.58
CA LEU C 1327 -39.32 61.71 7.06
C LEU C 1327 -40.06 60.50 6.53
N THR C 1328 -39.52 59.89 5.48
CA THR C 1328 -40.17 58.77 4.82
C THR C 1328 -39.19 57.60 4.74
N CYS C 1329 -39.64 56.42 5.16
CA CYS C 1329 -38.87 55.19 4.97
C CYS C 1329 -38.97 54.78 3.51
N MET C 1330 -37.90 55.00 2.75
CA MET C 1330 -37.94 54.85 1.30
C MET C 1330 -37.56 53.43 0.89
N GLU C 1331 -37.32 53.25 -0.41
CA GLU C 1331 -37.22 51.92 -1.01
C GLU C 1331 -35.93 51.21 -0.61
N ASP C 1332 -34.80 51.91 -0.66
CA ASP C 1332 -33.50 51.27 -0.47
C ASP C 1332 -33.21 50.91 0.98
N GLY C 1333 -34.04 51.33 1.93
CA GLY C 1333 -33.89 50.93 3.30
C GLY C 1333 -33.43 52.01 4.27
N LEU C 1334 -33.39 53.26 3.84
CA LEU C 1334 -32.95 54.36 4.68
C LEU C 1334 -34.02 55.44 4.69
N TRP C 1335 -34.04 56.20 5.77
CA TRP C 1335 -34.94 57.35 5.86
C TRP C 1335 -34.50 58.43 4.90
N SER C 1336 -35.48 59.17 4.36
CA SER C 1336 -35.20 60.11 3.29
C SER C 1336 -34.52 61.36 3.83
N PHE C 1337 -34.16 62.25 2.90
CA PHE C 1337 -33.46 63.47 3.26
C PHE C 1337 -34.39 64.42 3.99
N PRO C 1338 -34.03 64.89 5.18
CA PRO C 1338 -34.88 65.85 5.91
C PRO C 1338 -34.91 67.20 5.21
N GLU C 1339 -36.12 67.68 4.92
CA GLU C 1339 -36.31 68.96 4.26
C GLU C 1339 -36.39 70.13 5.24
N ALA C 1340 -36.24 69.86 6.54
CA ALA C 1340 -36.20 70.90 7.54
C ALA C 1340 -35.06 70.63 8.50
N LEU C 1341 -34.54 71.69 9.10
CA LEU C 1341 -33.37 71.62 9.97
C LEU C 1341 -33.70 72.14 11.35
N CYS C 1342 -33.22 71.42 12.37
CA CYS C 1342 -33.23 71.90 13.75
C CYS C 1342 -31.90 72.59 14.01
N GLU C 1343 -31.91 73.92 13.99
CA GLU C 1343 -30.71 74.72 14.16
C GLU C 1343 -30.62 75.19 15.59
N LEU C 1344 -29.55 74.81 16.28
CA LEU C 1344 -29.35 75.13 17.68
C LEU C 1344 -28.53 76.40 17.79
N MET C 1345 -29.02 77.35 18.58
CA MET C 1345 -28.34 78.61 18.84
C MET C 1345 -27.99 78.69 20.31
N CYS C 1346 -26.72 78.98 20.60
CA CYS C 1346 -26.28 79.13 21.98
C CYS C 1346 -26.72 80.48 22.53
N LEU C 1347 -27.36 80.45 23.70
CA LEU C 1347 -27.87 81.66 24.34
C LEU C 1347 -26.76 82.29 25.18
N ALA C 1348 -27.14 83.26 26.02
CA ALA C 1348 -26.18 83.89 26.91
C ALA C 1348 -25.74 82.91 27.99
N PRO C 1349 -24.44 82.80 28.27
CA PRO C 1349 -23.97 81.81 29.24
C PRO C 1349 -24.32 82.22 30.65
N PRO C 1350 -24.42 81.27 31.59
CA PRO C 1350 -24.64 81.63 32.99
C PRO C 1350 -23.43 82.33 33.57
N PRO C 1351 -23.62 83.23 34.54
CA PRO C 1351 -22.49 83.98 35.08
C PRO C 1351 -21.62 83.12 35.99
N VAL C 1352 -20.36 83.53 36.12
CA VAL C 1352 -19.38 82.87 36.98
C VAL C 1352 -18.97 83.89 38.04
N PRO C 1353 -18.98 83.53 39.33
CA PRO C 1353 -18.49 84.45 40.35
C PRO C 1353 -16.99 84.71 40.20
N ASN C 1354 -16.61 85.97 40.50
CA ASN C 1354 -15.23 86.47 40.41
C ASN C 1354 -14.62 86.26 39.02
N ALA C 1355 -15.43 86.51 37.98
CA ALA C 1355 -14.96 86.40 36.61
C ALA C 1355 -15.66 87.46 35.76
N ASP C 1356 -14.94 87.94 34.74
CA ASP C 1356 -15.48 88.94 33.83
C ASP C 1356 -15.38 88.42 32.41
N LEU C 1357 -16.45 88.61 31.64
CA LEU C 1357 -16.47 88.21 30.24
C LEU C 1357 -15.68 89.23 29.42
N GLN C 1358 -14.78 88.73 28.57
CA GLN C 1358 -13.88 89.59 27.82
C GLN C 1358 -14.32 89.84 26.38
N THR C 1359 -15.25 89.05 25.87
CA THR C 1359 -15.71 89.19 24.49
C THR C 1359 -17.08 89.85 24.47
N ALA C 1360 -17.21 90.90 23.64
CA ALA C 1360 -18.46 91.66 23.59
C ALA C 1360 -19.56 90.94 22.83
N ARG C 1361 -19.21 90.12 21.84
CA ARG C 1361 -20.22 89.37 21.09
C ARG C 1361 -20.76 88.17 21.86
N CYS C 1362 -20.09 87.75 22.94
CA CYS C 1362 -20.58 86.67 23.78
C CYS C 1362 -21.67 87.11 24.74
N ARG C 1363 -21.85 88.41 24.93
CA ARG C 1363 -22.94 88.92 25.74
C ARG C 1363 -24.29 88.84 25.04
N GLU C 1364 -24.29 88.69 23.72
CA GLU C 1364 -25.52 88.57 22.96
C GLU C 1364 -26.16 87.20 23.17
N ASN C 1365 -27.43 87.10 22.78
CA ASN C 1365 -28.18 85.87 22.92
C ASN C 1365 -28.02 84.92 21.74
N LYS C 1366 -27.32 85.34 20.68
CA LYS C 1366 -27.08 84.52 19.51
C LYS C 1366 -25.58 84.33 19.33
N HIS C 1367 -25.16 83.07 19.13
CA HIS C 1367 -23.75 82.76 19.01
C HIS C 1367 -23.58 81.50 18.18
N LYS C 1368 -22.43 81.39 17.52
CA LYS C 1368 -22.12 80.20 16.75
C LYS C 1368 -21.76 79.04 17.67
N VAL C 1369 -22.04 77.82 17.20
CA VAL C 1369 -21.78 76.62 17.98
C VAL C 1369 -20.37 76.14 17.67
N GLY C 1370 -19.55 76.00 18.72
CA GLY C 1370 -18.17 75.57 18.58
C GLY C 1370 -17.14 76.64 18.85
N SER C 1371 -17.55 77.89 19.02
CA SER C 1371 -16.62 78.97 19.31
C SER C 1371 -16.37 79.06 20.81
N PHE C 1372 -15.38 79.88 21.18
CA PHE C 1372 -14.94 80.02 22.56
C PHE C 1372 -15.21 81.43 23.05
N CYS C 1373 -15.69 81.53 24.29
CA CYS C 1373 -15.87 82.80 24.97
C CYS C 1373 -14.90 82.85 26.15
N LYS C 1374 -14.17 83.96 26.25
CA LYS C 1374 -13.06 84.08 27.20
C LYS C 1374 -13.54 84.77 28.47
N TYR C 1375 -13.38 84.09 29.60
CA TYR C 1375 -13.68 84.65 30.91
C TYR C 1375 -12.38 84.79 31.70
N LYS C 1376 -12.13 85.99 32.21
CA LYS C 1376 -10.91 86.27 32.97
C LYS C 1376 -11.26 86.36 34.44
N CYS C 1377 -10.53 85.61 35.26
CA CYS C 1377 -10.71 85.64 36.70
C CYS C 1377 -10.06 86.88 37.29
N LYS C 1378 -10.34 87.13 38.57
CA LYS C 1378 -9.67 88.19 39.30
C LYS C 1378 -8.24 87.77 39.61
N PRO C 1379 -7.34 88.73 39.85
CA PRO C 1379 -6.00 88.37 40.36
C PRO C 1379 -6.08 87.72 41.72
N GLY C 1380 -5.43 86.56 41.85
CA GLY C 1380 -5.55 85.71 43.01
C GLY C 1380 -6.56 84.58 42.85
N TYR C 1381 -7.46 84.69 41.89
CA TYR C 1381 -8.40 83.63 41.56
C TYR C 1381 -7.90 82.95 40.29
N HIS C 1382 -7.85 81.62 40.31
CA HIS C 1382 -7.24 80.89 39.20
C HIS C 1382 -7.81 79.48 39.14
N VAL C 1383 -7.52 78.82 38.02
CA VAL C 1383 -7.91 77.41 37.83
C VAL C 1383 -7.12 76.55 38.81
N PRO C 1384 -7.75 75.61 39.51
CA PRO C 1384 -6.99 74.73 40.42
C PRO C 1384 -6.05 73.81 39.67
N GLY C 1385 -4.94 73.47 40.32
CA GLY C 1385 -3.85 72.77 39.69
C GLY C 1385 -2.86 73.64 38.98
N SER C 1386 -2.98 74.97 39.10
CA SER C 1386 -2.06 75.88 38.41
C SER C 1386 -0.72 75.93 39.12
N SER C 1387 0.33 76.13 38.34
CA SER C 1387 1.68 76.20 38.86
C SER C 1387 1.93 77.54 39.55
N ARG C 1388 2.92 77.54 40.45
CA ARG C 1388 3.31 78.76 41.15
C ARG C 1388 3.98 79.76 40.21
N LYS C 1389 4.82 79.26 39.30
CA LYS C 1389 5.57 80.14 38.41
C LYS C 1389 4.67 80.69 37.30
N SER C 1390 3.72 79.89 36.82
CA SER C 1390 2.82 80.28 35.73
C SER C 1390 1.39 80.28 36.27
N LYS C 1391 0.98 81.41 36.82
CA LYS C 1391 -0.39 81.59 37.32
C LYS C 1391 -1.23 82.20 36.21
N LYS C 1392 -2.07 81.38 35.59
CA LYS C 1392 -2.92 81.84 34.49
C LYS C 1392 -4.27 82.26 35.02
N ARG C 1393 -4.67 83.49 34.67
CA ARG C 1393 -5.84 84.14 35.26
C ARG C 1393 -7.00 84.28 34.29
N ALA C 1394 -6.97 83.56 33.17
CA ALA C 1394 -8.05 83.65 32.19
C ALA C 1394 -8.23 82.29 31.53
N PHE C 1395 -9.49 81.90 31.32
CA PHE C 1395 -9.83 80.64 30.69
C PHE C 1395 -10.89 80.90 29.62
N LYS C 1396 -11.24 79.86 28.87
CA LYS C 1396 -12.24 79.95 27.82
C LYS C 1396 -13.23 78.81 27.96
N THR C 1397 -14.48 79.10 27.63
CA THR C 1397 -15.55 78.11 27.62
C THR C 1397 -16.15 78.01 26.23
N GLN C 1398 -16.44 76.78 25.80
CA GLN C 1398 -16.93 76.52 24.45
C GLN C 1398 -18.42 76.23 24.50
N CYS C 1399 -19.16 76.83 23.56
CA CYS C 1399 -20.55 76.48 23.35
C CYS C 1399 -20.65 75.04 22.84
N THR C 1400 -21.27 74.17 23.63
CA THR C 1400 -21.35 72.76 23.30
C THR C 1400 -22.48 72.51 22.30
N GLN C 1401 -22.68 71.23 21.97
CA GLN C 1401 -23.67 70.87 20.97
C GLN C 1401 -25.10 70.94 21.49
N ASP C 1402 -25.30 70.66 22.78
CA ASP C 1402 -26.63 70.63 23.37
C ASP C 1402 -27.10 71.98 23.87
N GLY C 1403 -26.47 73.07 23.43
CA GLY C 1403 -26.85 74.41 23.83
C GLY C 1403 -26.20 74.90 25.10
N SER C 1404 -25.45 74.06 25.81
CA SER C 1404 -24.83 74.43 27.06
C SER C 1404 -23.42 74.99 26.77
N TRP C 1405 -22.64 75.17 27.82
CA TRP C 1405 -21.28 75.69 27.73
C TRP C 1405 -20.36 74.82 28.57
N GLN C 1406 -19.06 74.98 28.34
CA GLN C 1406 -18.08 74.33 29.22
C GLN C 1406 -18.10 74.97 30.59
N GLU C 1407 -18.10 74.12 31.62
CA GLU C 1407 -18.15 74.60 33.00
C GLU C 1407 -16.78 75.08 33.44
N GLY C 1408 -16.74 76.22 34.13
CA GLY C 1408 -15.51 76.76 34.64
C GLY C 1408 -15.74 77.69 35.81
N ALA C 1409 -15.04 77.45 36.92
CA ALA C 1409 -15.19 78.26 38.13
C ALA C 1409 -13.84 78.79 38.57
N CYS C 1410 -13.76 80.10 38.84
CA CYS C 1410 -12.55 80.73 39.35
C CYS C 1410 -12.51 80.58 40.87
N VAL C 1411 -12.25 79.36 41.31
CA VAL C 1411 -12.17 79.09 42.75
C VAL C 1411 -10.85 79.61 43.30
N PRO C 1412 -10.85 80.29 44.45
CA PRO C 1412 -9.59 80.76 45.08
C PRO C 1412 -8.93 79.66 45.92
N VAL C 1413 -8.43 78.62 45.26
CA VAL C 1413 -8.01 77.40 45.95
C VAL C 1413 -6.74 77.62 46.77
N THR C 1414 -5.78 78.37 46.25
CA THR C 1414 -4.43 78.40 46.82
C THR C 1414 -4.09 79.78 47.39
N CYS C 1415 -3.55 79.78 48.60
CA CYS C 1415 -2.76 80.87 49.15
C CYS C 1415 -1.54 80.24 49.80
N ASP C 1416 -0.66 81.08 50.36
CA ASP C 1416 0.46 80.54 51.13
C ASP C 1416 -0.06 79.84 52.37
N PRO C 1417 0.38 78.61 52.64
CA PRO C 1417 -0.08 77.88 53.84
C PRO C 1417 0.51 78.47 55.10
N PRO C 1418 -0.24 78.44 56.21
CA PRO C 1418 0.35 78.81 57.50
C PRO C 1418 1.41 77.80 57.91
N PRO C 1419 2.39 78.21 58.72
CA PRO C 1419 3.40 77.27 59.23
C PRO C 1419 2.79 76.22 60.12
N PRO C 1420 3.33 74.99 60.12
CA PRO C 1420 2.78 73.93 60.97
C PRO C 1420 2.87 74.20 62.46
N LYS C 1421 3.86 75.00 62.89
CA LYS C 1421 4.13 75.25 64.29
C LYS C 1421 3.03 76.05 65.00
N PHE C 1422 2.10 76.64 64.26
CA PHE C 1422 0.98 77.37 64.85
C PHE C 1422 -0.33 76.93 64.24
N HIS C 1423 -0.49 75.63 64.03
CA HIS C 1423 -1.67 75.05 63.42
C HIS C 1423 -2.59 74.46 64.49
N GLY C 1424 -3.89 74.63 64.29
CA GLY C 1424 -4.87 74.03 65.19
C GLY C 1424 -5.85 74.99 65.82
N LEU C 1425 -5.37 76.17 66.20
CA LEU C 1425 -6.22 77.17 66.84
C LEU C 1425 -6.69 78.26 65.89
N TYR C 1426 -6.36 78.16 64.60
CA TYR C 1426 -6.70 79.19 63.63
C TYR C 1426 -8.17 79.08 63.23
N GLN C 1427 -8.79 80.23 63.01
CA GLN C 1427 -10.12 80.32 62.42
C GLN C 1427 -10.06 81.36 61.30
N CYS C 1428 -10.44 80.95 60.10
CA CYS C 1428 -10.38 81.83 58.93
C CYS C 1428 -11.77 82.03 58.36
N THR C 1429 -11.89 83.04 57.50
CA THR C 1429 -13.17 83.30 56.83
C THR C 1429 -13.44 82.26 55.76
N ASN C 1430 -12.41 81.85 55.02
CA ASN C 1430 -12.56 80.86 53.95
C ASN C 1430 -11.57 79.71 54.09
N GLY C 1431 -10.92 79.58 55.23
CA GLY C 1431 -9.94 78.51 55.40
C GLY C 1431 -8.60 78.91 54.83
N PHE C 1432 -8.04 78.03 54.00
CA PHE C 1432 -6.74 78.25 53.36
C PHE C 1432 -6.86 78.98 52.04
N GLN C 1433 -8.03 79.54 51.73
CA GLN C 1433 -8.31 80.14 50.44
C GLN C 1433 -7.68 81.52 50.31
N PHE C 1434 -7.74 82.06 49.11
CA PHE C 1434 -7.19 83.38 48.83
C PHE C 1434 -8.09 84.46 49.42
N ASN C 1435 -7.44 85.52 49.94
CA ASN C 1435 -8.10 86.65 50.63
C ASN C 1435 -8.94 86.18 51.81
N SER C 1436 -8.42 85.21 52.56
CA SER C 1436 -9.08 84.68 53.75
C SER C 1436 -8.32 85.16 54.98
N GLU C 1437 -9.01 85.83 55.89
CA GLU C 1437 -8.38 86.40 57.07
C GLU C 1437 -8.41 85.37 58.20
N CYS C 1438 -7.23 84.90 58.59
CA CYS C 1438 -7.10 83.90 59.65
C CYS C 1438 -6.70 84.58 60.95
N ARG C 1439 -7.43 84.26 62.02
CA ARG C 1439 -7.16 84.79 63.35
C ARG C 1439 -7.02 83.64 64.34
N ILE C 1440 -6.11 83.78 65.30
CA ILE C 1440 -5.96 82.84 66.39
C ILE C 1440 -6.46 83.51 67.66
N LYS C 1441 -7.46 82.89 68.29
CA LYS C 1441 -8.09 83.49 69.46
C LYS C 1441 -7.18 83.38 70.68
N CYS C 1442 -7.03 84.47 71.41
CA CYS C 1442 -6.16 84.51 72.57
C CYS C 1442 -6.93 84.96 73.81
N LEU C 1451 2.31 94.08 71.79
CA LEU C 1451 2.87 93.26 70.72
C LEU C 1451 1.86 93.06 69.60
N GLY C 1452 2.24 92.27 68.59
CA GLY C 1452 1.38 92.00 67.47
C GLY C 1452 0.35 90.92 67.78
N SER C 1453 -0.48 90.65 66.78
CA SER C 1453 -1.51 89.63 66.86
C SER C 1453 -1.35 88.65 65.70
N ASN C 1454 -2.16 87.59 65.71
CA ASN C 1454 -2.14 86.58 64.66
C ASN C 1454 -3.17 86.86 63.58
N VAL C 1455 -3.15 88.06 63.02
CA VAL C 1455 -4.09 88.49 61.99
C VAL C 1455 -3.29 88.85 60.74
N ILE C 1456 -3.53 88.10 59.65
CA ILE C 1456 -2.79 88.29 58.41
C ILE C 1456 -3.76 88.21 57.23
N HIS C 1457 -3.35 88.83 56.12
CA HIS C 1457 -4.17 88.90 54.91
C HIS C 1457 -3.35 88.41 53.72
N CYS C 1458 -3.94 87.50 52.94
CA CYS C 1458 -3.25 86.99 51.75
C CYS C 1458 -3.24 88.06 50.67
N ARG C 1459 -2.08 88.28 50.06
CA ARG C 1459 -1.92 89.37 49.12
C ARG C 1459 -2.11 88.88 47.68
N LYS C 1460 -1.94 89.82 46.74
CA LYS C 1460 -2.14 89.53 45.32
C LYS C 1460 -1.08 88.56 44.79
N ASP C 1461 0.16 88.71 45.24
CA ASP C 1461 1.23 87.80 44.83
C ASP C 1461 1.09 86.42 45.46
N GLY C 1462 0.33 86.30 46.56
CA GLY C 1462 0.10 85.04 47.21
C GLY C 1462 0.73 84.90 48.58
N THR C 1463 1.38 85.95 49.09
CA THR C 1463 2.05 85.91 50.38
C THR C 1463 1.23 86.65 51.43
N TRP C 1464 1.59 86.44 52.69
CA TRP C 1464 0.97 87.11 53.82
C TRP C 1464 1.78 88.33 54.21
N ASN C 1465 1.11 89.28 54.88
CA ASN C 1465 1.80 90.45 55.39
C ASN C 1465 2.52 90.20 56.71
N GLY C 1466 2.36 89.02 57.30
CA GLY C 1466 3.07 88.66 58.50
C GLY C 1466 3.04 87.16 58.70
N SER C 1467 3.38 86.75 59.91
CA SER C 1467 3.37 85.33 60.28
C SER C 1467 2.85 85.18 61.69
N PHE C 1468 2.41 83.95 62.00
CA PHE C 1468 1.89 83.65 63.32
C PHE C 1468 3.01 83.59 64.35
N HIS C 1469 2.65 83.81 65.61
CA HIS C 1469 3.59 83.76 66.72
C HIS C 1469 2.91 83.09 67.91
N VAL C 1470 3.62 83.05 69.04
CA VAL C 1470 3.09 82.44 70.26
C VAL C 1470 2.03 83.33 70.90
N VAL C 1480 4.13 62.75 77.06
CA VAL C 1480 4.44 61.59 76.22
C VAL C 1480 3.21 61.18 75.41
N PRO C 1481 3.34 61.15 74.08
CA PRO C 1481 2.20 60.75 73.23
C PRO C 1481 1.96 59.25 73.28
N ASN C 1482 1.22 58.79 74.28
CA ASN C 1482 0.96 57.36 74.44
C ASN C 1482 -0.02 56.82 73.41
N GLU C 1483 -0.81 57.69 72.78
CA GLU C 1483 -1.79 57.27 71.78
C GLU C 1483 -1.07 57.09 70.44
N LEU C 1484 -0.45 55.92 70.30
CA LEU C 1484 0.31 55.56 69.10
C LEU C 1484 -0.47 54.54 68.27
N ASN C 1485 0.05 54.27 67.08
CA ASN C 1485 -0.54 53.29 66.19
C ASN C 1485 0.04 51.90 66.49
N SER C 1486 -0.25 50.93 65.63
CA SER C 1486 0.23 49.57 65.86
C SER C 1486 1.73 49.45 65.60
N ASN C 1487 2.28 50.28 64.71
CA ASN C 1487 3.69 50.23 64.37
C ASN C 1487 4.37 51.60 64.49
N LEU C 1488 3.70 52.60 65.04
CA LEU C 1488 4.24 53.96 65.03
C LEU C 1488 5.34 54.13 66.08
N LYS C 1489 6.43 54.78 65.68
CA LYS C 1489 7.57 55.03 66.55
C LYS C 1489 8.05 56.46 66.33
N LEU C 1490 8.25 57.19 67.43
CA LEU C 1490 8.71 58.57 67.40
C LEU C 1490 10.07 58.67 68.07
N GLN C 1491 11.03 59.30 67.40
CA GLN C 1491 12.36 59.54 67.95
C GLN C 1491 12.60 61.04 68.06
N CYS C 1492 12.87 61.52 69.27
CA CYS C 1492 13.02 62.94 69.51
C CYS C 1492 14.49 63.31 69.67
N PRO C 1493 15.10 64.05 68.74
CA PRO C 1493 16.49 64.46 68.93
C PRO C 1493 16.67 65.63 69.88
N ASP C 1494 15.61 66.37 70.19
CA ASP C 1494 15.68 67.51 71.09
C ASP C 1494 14.78 67.37 72.31
N GLY C 1495 14.25 66.17 72.56
CA GLY C 1495 13.35 65.97 73.68
C GLY C 1495 11.95 66.50 73.37
N TYR C 1496 11.22 66.77 74.45
CA TYR C 1496 9.85 67.29 74.37
C TYR C 1496 9.79 68.79 74.59
N ALA C 1497 10.80 69.52 74.10
CA ALA C 1497 10.84 70.96 74.26
C ALA C 1497 9.85 71.64 73.31
N ILE C 1498 9.68 72.94 73.50
CA ILE C 1498 8.71 73.71 72.72
C ILE C 1498 9.29 73.98 71.34
N GLY C 1499 8.55 73.59 70.30
CA GLY C 1499 8.97 73.78 68.94
C GLY C 1499 9.92 72.73 68.39
N SER C 1500 10.26 71.71 69.18
CA SER C 1500 11.16 70.67 68.72
C SER C 1500 10.48 69.75 67.71
N GLU C 1501 11.27 69.25 66.77
CA GLU C 1501 10.78 68.38 65.70
C GLU C 1501 11.34 66.98 65.91
N CYS C 1502 10.44 66.00 65.98
CA CYS C 1502 10.82 64.61 66.19
C CYS C 1502 10.48 63.76 64.97
N ALA C 1503 11.34 62.79 64.66
CA ALA C 1503 11.12 61.94 63.51
C ALA C 1503 10.04 60.89 63.80
N THR C 1504 9.21 60.63 62.79
CA THR C 1504 8.15 59.63 62.87
C THR C 1504 8.47 58.50 61.90
N SER C 1505 8.15 57.27 62.31
CA SER C 1505 8.43 56.10 61.48
C SER C 1505 7.43 55.01 61.81
N CYS C 1506 7.34 54.02 60.93
CA CYS C 1506 6.54 52.84 61.16
C CYS C 1506 7.46 51.65 61.41
N LEU C 1507 7.07 50.79 62.36
CA LEU C 1507 7.89 49.64 62.71
C LEU C 1507 7.93 48.60 61.59
N ASP C 1508 6.85 48.47 60.83
CA ASP C 1508 6.85 47.59 59.68
C ASP C 1508 7.60 48.24 58.52
N HIS C 1509 8.37 47.44 57.79
CA HIS C 1509 9.16 47.96 56.68
C HIS C 1509 8.29 48.38 55.51
N ASN C 1510 7.15 47.71 55.32
CA ASN C 1510 6.23 47.99 54.21
C ASN C 1510 5.07 48.87 54.65
N SER C 1511 5.31 49.81 55.56
CA SER C 1511 4.27 50.70 56.06
C SER C 1511 4.74 52.14 56.00
N GLU C 1512 3.79 53.04 55.74
CA GLU C 1512 4.04 54.46 55.72
C GLU C 1512 3.02 55.17 56.61
N SER C 1513 3.47 56.22 57.29
CA SER C 1513 2.66 56.96 58.25
C SER C 1513 2.05 58.19 57.57
N ILE C 1514 0.72 58.25 57.57
CA ILE C 1514 -0.01 59.34 56.94
C ILE C 1514 -1.04 59.89 57.92
N ILE C 1515 -1.69 60.98 57.51
CA ILE C 1515 -2.78 61.58 58.26
C ILE C 1515 -4.08 61.20 57.56
N LEU C 1516 -4.86 60.32 58.19
CA LEU C 1516 -6.09 59.92 57.54
C LEU C 1516 -7.24 60.84 57.95
N PRO C 1517 -8.11 61.19 57.01
CA PRO C 1517 -9.35 61.90 57.37
C PRO C 1517 -10.30 61.00 58.14
N MET C 1518 -11.30 61.64 58.77
CA MET C 1518 -12.23 60.91 59.62
C MET C 1518 -13.19 60.04 58.81
N ASN C 1519 -13.54 60.46 57.60
CA ASN C 1519 -14.40 59.65 56.74
C ASN C 1519 -13.62 58.66 55.89
N VAL C 1520 -12.29 58.67 55.97
CA VAL C 1520 -11.45 57.77 55.20
C VAL C 1520 -10.90 56.72 56.16
N THR C 1521 -11.24 55.45 55.90
CA THR C 1521 -10.80 54.35 56.74
C THR C 1521 -9.41 53.89 56.30
N VAL C 1522 -8.98 52.74 56.82
CA VAL C 1522 -7.67 52.20 56.47
C VAL C 1522 -7.73 51.35 55.21
N ARG C 1523 -8.68 50.42 55.14
CA ARG C 1523 -8.76 49.47 54.04
C ARG C 1523 -9.58 49.97 52.86
N ASP C 1524 -10.18 51.15 52.95
CA ASP C 1524 -10.96 51.73 51.87
C ASP C 1524 -10.43 53.11 51.48
N ILE C 1525 -9.12 53.24 51.42
CA ILE C 1525 -8.50 54.47 50.88
C ILE C 1525 -8.69 54.48 49.36
N PRO C 1526 -9.20 55.56 48.78
CA PRO C 1526 -9.40 55.59 47.33
C PRO C 1526 -8.08 55.61 46.57
N HIS C 1527 -8.12 55.04 45.36
CA HIS C 1527 -6.92 54.95 44.53
C HIS C 1527 -6.58 56.28 43.85
N TRP C 1528 -7.52 57.21 43.77
CA TRP C 1528 -7.23 58.54 43.24
C TRP C 1528 -6.77 59.52 44.30
N LEU C 1529 -6.86 59.16 45.58
CA LEU C 1529 -6.53 60.07 46.67
C LEU C 1529 -5.06 59.96 47.04
N ASN C 1530 -4.42 61.11 47.25
CA ASN C 1530 -3.04 61.16 47.71
C ASN C 1530 -3.00 61.70 49.13
N PRO C 1531 -2.93 60.85 50.15
CA PRO C 1531 -2.86 61.35 51.53
C PRO C 1531 -1.50 61.95 51.84
N THR C 1532 -1.50 62.83 52.85
CA THR C 1532 -0.30 63.56 53.22
C THR C 1532 0.57 62.68 54.12
N ARG C 1533 1.77 62.35 53.65
CA ARG C 1533 2.70 61.54 54.43
C ARG C 1533 3.29 62.36 55.57
N VAL C 1534 3.61 61.67 56.66
CA VAL C 1534 4.15 62.29 57.86
C VAL C 1534 5.66 62.16 57.86
N GLU C 1535 6.35 63.28 58.03
CA GLU C 1535 7.81 63.31 58.17
C GLU C 1535 8.24 63.53 59.60
N ARG C 1536 7.74 64.60 60.24
CA ARG C 1536 8.10 64.92 61.61
C ARG C 1536 6.85 65.35 62.38
N VAL C 1537 6.90 65.13 63.69
CA VAL C 1537 5.95 65.74 64.62
C VAL C 1537 6.58 67.02 65.16
N VAL C 1538 5.87 68.13 64.99
CA VAL C 1538 6.33 69.43 65.45
C VAL C 1538 5.33 69.96 66.48
N CYS C 1539 5.84 70.35 67.64
CA CYS C 1539 4.98 70.84 68.71
C CYS C 1539 4.41 72.21 68.37
N THR C 1540 3.24 72.51 68.93
CA THR C 1540 2.53 73.75 68.67
C THR C 1540 2.58 74.66 69.90
N ALA C 1541 1.90 75.80 69.81
CA ALA C 1541 1.88 76.76 70.90
C ALA C 1541 0.97 76.32 72.05
N GLY C 1542 0.08 75.36 71.82
CA GLY C 1542 -0.79 74.86 72.87
C GLY C 1542 -0.25 73.62 73.56
N LEU C 1543 1.05 73.38 73.38
CA LEU C 1543 1.76 72.20 73.90
C LEU C 1543 1.11 70.89 73.43
N LYS C 1544 0.68 70.88 72.18
CA LYS C 1544 0.10 69.70 71.55
C LYS C 1544 0.93 69.34 70.32
N TRP C 1545 0.43 68.40 69.51
CA TRP C 1545 1.16 68.03 68.26
C TRP C 1545 0.37 68.44 67.02
N TYR C 1546 1.03 69.10 66.05
CA TYR C 1546 0.34 69.44 64.78
C TYR C 1546 -0.09 68.15 64.07
N PRO C 1547 0.75 67.10 63.94
CA PRO C 1547 0.29 65.82 63.40
C PRO C 1547 0.01 64.95 64.63
N HIS C 1548 -1.26 64.82 65.02
CA HIS C 1548 -1.57 64.06 66.26
C HIS C 1548 -1.16 62.60 66.06
N PRO C 1549 -0.46 61.96 67.02
CA PRO C 1549 0.00 60.58 66.86
C PRO C 1549 -1.20 59.63 66.70
N ALA C 1550 -2.27 59.88 67.46
CA ALA C 1550 -3.50 59.06 67.30
C ALA C 1550 -4.00 59.15 65.86
N LEU C 1551 -4.02 60.37 65.29
CA LEU C 1551 -4.52 60.53 63.94
C LEU C 1551 -3.55 60.04 62.87
N ILE C 1552 -2.34 59.67 63.25
CA ILE C 1552 -1.36 59.14 62.31
C ILE C 1552 -1.59 57.66 62.14
N HIS C 1553 -1.81 57.23 60.90
CA HIS C 1553 -2.04 55.83 60.57
C HIS C 1553 -0.86 55.28 59.79
N CYS C 1554 -0.31 54.16 60.24
CA CYS C 1554 0.70 53.42 59.49
C CYS C 1554 -0.05 52.44 58.59
N VAL C 1555 -0.22 52.81 57.33
CA VAL C 1555 -0.90 51.98 56.36
C VAL C 1555 0.15 51.24 55.55
N LYS C 1556 -0.30 50.26 54.77
CA LYS C 1556 0.59 49.40 53.97
C LYS C 1556 1.27 50.24 52.89
N GLY C 1557 2.57 50.47 53.06
CA GLY C 1557 3.29 51.38 52.19
C GLY C 1557 3.56 50.81 50.82
N CYS C 1558 4.12 51.66 49.97
CA CYS C 1558 4.40 51.28 48.60
C CYS C 1558 5.59 50.32 48.53
N GLU C 1559 5.42 49.24 47.77
CA GLU C 1559 6.52 48.35 47.50
C GLU C 1559 7.57 49.06 46.64
N PRO C 1560 8.85 48.67 46.74
CA PRO C 1560 9.89 49.33 45.95
C PRO C 1560 9.95 48.94 44.49
N PHE C 1561 8.94 48.25 43.96
CA PHE C 1561 8.94 47.77 42.58
C PHE C 1561 8.30 48.79 41.63
N MET C 1562 8.77 50.03 41.68
CA MET C 1562 8.24 51.11 40.88
C MET C 1562 9.23 51.49 39.79
N GLY C 1563 8.74 51.73 38.58
CA GLY C 1563 9.59 52.12 37.48
C GLY C 1563 10.41 51.00 36.88
N ASP C 1564 10.01 49.75 37.06
CA ASP C 1564 10.73 48.60 36.53
C ASP C 1564 10.01 47.97 35.34
N ASN C 1565 9.22 48.78 34.61
CA ASN C 1565 8.44 48.36 33.43
C ASN C 1565 7.50 47.20 33.76
N TYR C 1566 6.89 47.26 34.93
CA TYR C 1566 6.06 46.18 35.43
C TYR C 1566 4.89 46.76 36.22
N CYS C 1567 3.68 46.29 35.91
CA CYS C 1567 2.48 46.77 36.56
C CYS C 1567 2.11 45.87 37.74
N ASP C 1568 1.90 46.48 38.90
CA ASP C 1568 1.50 45.78 40.11
C ASP C 1568 0.19 46.33 40.63
N ALA C 1569 -0.65 45.45 41.17
CA ALA C 1569 -1.98 45.87 41.63
C ALA C 1569 -1.91 46.65 42.93
N ILE C 1570 -0.88 46.41 43.75
CA ILE C 1570 -0.77 47.09 45.04
C ILE C 1570 -0.41 48.55 44.84
N ASN C 1571 0.54 48.84 43.95
CA ASN C 1571 1.03 50.19 43.73
C ASN C 1571 0.26 50.93 42.64
N ASN C 1572 -0.86 50.38 42.17
CA ASN C 1572 -1.65 51.02 41.12
C ASN C 1572 -2.62 52.02 41.75
N ARG C 1573 -2.05 53.11 42.25
CA ARG C 1573 -2.81 54.17 42.91
C ARG C 1573 -1.96 55.44 42.91
N ALA C 1574 -2.64 56.57 43.17
CA ALA C 1574 -1.93 57.85 43.27
C ALA C 1574 -1.06 57.94 44.51
N PHE C 1575 -1.27 57.05 45.49
CA PHE C 1575 -0.40 56.97 46.66
C PHE C 1575 0.99 56.47 46.29
N CYS C 1576 1.11 55.69 45.21
CA CYS C 1576 2.39 55.15 44.75
C CYS C 1576 2.66 55.51 43.30
N ASN C 1577 2.10 56.64 42.84
CA ASN C 1577 2.27 57.19 41.48
C ASN C 1577 1.87 56.20 40.38
N TYR C 1578 0.86 55.37 40.68
CA TYR C 1578 0.35 54.31 39.80
C TYR C 1578 1.47 53.36 39.36
N ASP C 1579 2.22 52.89 40.37
CA ASP C 1579 3.40 52.03 40.21
C ASP C 1579 4.46 52.68 39.31
N GLY C 1580 4.65 53.98 39.49
CA GLY C 1580 5.54 54.71 38.60
C GLY C 1580 4.99 54.91 37.21
N GLY C 1581 3.68 54.82 37.04
CA GLY C 1581 3.08 54.94 35.73
C GLY C 1581 3.32 53.77 34.80
N ASP C 1582 3.65 52.60 35.34
CA ASP C 1582 3.96 51.44 34.51
C ASP C 1582 2.73 50.71 34.00
N CYS C 1583 1.55 50.98 34.54
CA CYS C 1583 0.35 50.24 34.19
C CYS C 1583 -0.36 50.79 32.96
N CYS C 1584 0.14 51.86 32.36
CA CYS C 1584 -0.41 52.43 31.14
C CYS C 1584 0.58 52.22 30.00
N THR C 1585 0.04 51.99 28.79
CA THR C 1585 0.90 51.73 27.63
C THR C 1585 1.67 52.97 27.22
N SER C 1586 1.04 54.15 27.31
CA SER C 1586 1.67 55.37 26.83
C SER C 1586 2.78 55.88 27.74
N THR C 1587 2.85 55.38 28.98
CA THR C 1587 3.84 55.85 29.92
C THR C 1587 4.91 54.82 30.27
N VAL C 1588 4.67 53.54 30.04
CA VAL C 1588 5.64 52.51 30.40
C VAL C 1588 6.81 52.54 29.40
N LYS C 1589 7.99 52.16 29.88
CA LYS C 1589 9.21 52.27 29.07
C LYS C 1589 9.28 51.20 27.98
N THR C 1590 8.75 50.01 28.23
CA THR C 1590 8.77 48.94 27.24
C THR C 1590 7.61 49.00 26.27
N LYS C 1591 6.72 49.99 26.42
CA LYS C 1591 5.58 50.26 25.52
C LYS C 1591 4.62 49.08 25.43
N LYS C 1592 4.48 48.32 26.53
CA LYS C 1592 3.53 47.22 26.59
C LYS C 1592 3.20 46.96 28.06
N VAL C 1593 1.92 46.88 28.38
CA VAL C 1593 1.49 46.68 29.76
C VAL C 1593 1.57 45.20 30.10
N THR C 1594 2.36 44.88 31.12
CA THR C 1594 2.51 43.50 31.59
C THR C 1594 2.22 43.46 33.09
N PRO C 1595 1.09 42.91 33.52
CA PRO C 1595 0.89 42.67 34.95
C PRO C 1595 1.82 41.58 35.45
N PHE C 1596 2.43 41.80 36.62
CA PHE C 1596 3.41 40.85 37.15
C PHE C 1596 2.83 39.47 37.46
N PRO C 1597 1.68 39.31 38.14
CA PRO C 1597 1.04 37.99 38.13
C PRO C 1597 0.42 37.73 36.77
N MET C 1598 0.45 36.46 36.34
CA MET C 1598 -0.06 36.13 35.03
C MET C 1598 -1.58 35.95 35.00
N SER C 1599 -2.26 36.11 36.15
CA SER C 1599 -3.72 36.13 36.21
C SER C 1599 -4.17 37.32 37.08
N CYS C 1600 -4.30 38.48 36.45
CA CYS C 1600 -4.84 39.67 37.09
C CYS C 1600 -5.82 40.33 36.13
N ASP C 1601 -6.75 41.09 36.69
CA ASP C 1601 -7.73 41.79 35.88
C ASP C 1601 -7.04 42.94 35.17
N LEU C 1602 -6.91 42.84 33.84
CA LEU C 1602 -6.19 43.85 33.07
C LEU C 1602 -6.98 45.14 32.96
N GLN C 1603 -8.31 45.06 32.92
CA GLN C 1603 -9.17 46.23 32.96
C GLN C 1603 -9.69 46.53 34.36
N GLY C 1604 -9.28 45.74 35.35
CA GLY C 1604 -9.78 45.90 36.70
C GLY C 1604 -8.75 46.39 37.70
N ASP C 1605 -8.20 45.47 38.49
CA ASP C 1605 -7.30 45.85 39.57
C ASP C 1605 -5.91 46.25 39.04
N CYS C 1606 -5.47 45.63 37.94
CA CYS C 1606 -4.20 45.96 37.31
C CYS C 1606 -4.38 46.90 36.12
N ALA C 1607 -5.34 47.82 36.18
CA ALA C 1607 -5.67 48.67 35.06
C ALA C 1607 -4.88 49.97 35.07
N CYS C 1608 -5.03 50.74 34.00
CA CYS C 1608 -4.40 52.05 33.86
C CYS C 1608 -5.34 53.11 34.43
N ARG C 1609 -4.96 53.67 35.58
CA ARG C 1609 -5.77 54.69 36.25
C ARG C 1609 -5.07 56.04 36.32
N ASP C 1610 -4.00 56.23 35.55
CA ASP C 1610 -3.29 57.51 35.55
C ASP C 1610 -4.02 58.49 34.66
N PRO C 1611 -4.51 59.61 35.18
CA PRO C 1611 -5.25 60.56 34.34
C PRO C 1611 -4.37 61.34 33.37
N GLN C 1612 -3.05 61.34 33.58
CA GLN C 1612 -2.13 62.00 32.65
C GLN C 1612 -1.84 61.14 31.42
N ALA C 1613 -2.22 59.87 31.43
CA ALA C 1613 -1.99 59.00 30.29
C ALA C 1613 -2.95 59.34 29.15
N GLN C 1614 -2.56 58.96 27.93
CA GLN C 1614 -3.31 59.28 26.74
C GLN C 1614 -4.58 58.44 26.58
N GLU C 1615 -4.72 57.34 27.32
CA GLU C 1615 -5.94 56.55 27.26
C GLU C 1615 -7.11 57.28 27.90
N HIS C 1616 -6.89 57.94 29.03
CA HIS C 1616 -7.95 58.63 29.75
C HIS C 1616 -8.32 59.94 29.05
N PRO D 93 3.09 73.99 -21.20
CA PRO D 93 2.93 72.53 -21.22
C PRO D 93 1.92 72.04 -20.19
N SER D 94 2.04 70.77 -19.80
CA SER D 94 1.25 70.22 -18.71
C SER D 94 1.97 70.44 -17.39
N ARG D 95 1.25 70.95 -16.40
CA ARG D 95 1.84 71.30 -15.11
C ARG D 95 1.18 70.48 -14.01
N ALA D 96 1.95 70.21 -12.95
CA ALA D 96 1.51 69.37 -11.85
C ALA D 96 1.87 70.02 -10.52
N LEU D 97 0.94 69.94 -9.57
CA LEU D 97 1.17 70.40 -8.21
C LEU D 97 2.02 69.40 -7.45
N TYR D 98 2.88 69.91 -6.57
CA TYR D 98 3.66 69.08 -5.67
C TYR D 98 3.23 69.37 -4.25
N PHE D 99 2.42 68.48 -3.68
CA PHE D 99 2.07 68.57 -2.28
C PHE D 99 3.15 67.90 -1.44
N SER D 100 3.53 68.55 -0.34
CA SER D 100 4.43 67.96 0.63
C SER D 100 3.68 67.68 1.92
N GLY D 101 4.37 67.04 2.85
CA GLY D 101 3.72 66.68 4.10
C GLY D 101 3.65 67.78 5.13
N ARG D 102 4.18 68.96 4.83
CA ARG D 102 4.25 70.04 5.81
C ARG D 102 2.90 70.66 6.11
N GLY D 103 1.90 70.46 5.26
CA GLY D 103 0.59 71.01 5.50
C GLY D 103 0.06 71.84 4.34
N GLU D 104 0.64 71.65 3.17
CA GLU D 104 0.16 72.34 1.97
C GLU D 104 -1.10 71.66 1.47
N GLN D 105 -2.19 72.41 1.41
CA GLN D 105 -3.47 71.88 0.96
C GLN D 105 -4.32 73.02 0.41
N LEU D 106 -5.35 72.65 -0.34
CA LEU D 106 -6.23 73.60 -1.00
C LEU D 106 -7.68 73.32 -0.62
N ARG D 107 -8.58 74.17 -1.10
CA ARG D 107 -10.00 73.88 -1.06
C ARG D 107 -10.67 74.51 -2.28
N LEU D 108 -11.77 73.91 -2.71
CA LEU D 108 -12.49 74.38 -3.89
C LEU D 108 -13.30 75.63 -3.55
N ARG D 109 -13.39 76.54 -4.53
CA ARG D 109 -14.24 77.70 -4.39
C ARG D 109 -15.71 77.31 -4.38
N ALA D 110 -16.54 78.17 -3.79
CA ALA D 110 -17.94 77.84 -3.55
C ALA D 110 -18.82 77.98 -4.79
N ASP D 111 -18.32 78.57 -5.87
CA ASP D 111 -19.17 78.82 -7.03
C ASP D 111 -19.51 77.53 -7.78
N LEU D 112 -18.59 76.58 -7.82
CA LEU D 112 -18.87 75.29 -8.46
C LEU D 112 -19.74 74.45 -7.54
N GLU D 113 -20.85 73.94 -8.07
CA GLU D 113 -21.85 73.24 -7.27
C GLU D 113 -21.50 71.76 -7.20
N LEU D 114 -21.26 71.28 -5.98
CA LEU D 114 -20.79 69.92 -5.76
C LEU D 114 -21.89 68.90 -6.09
N PRO D 115 -21.50 67.73 -6.60
CA PRO D 115 -22.51 66.72 -6.97
C PRO D 115 -23.16 66.09 -5.75
N ARG D 116 -24.38 65.60 -5.96
CA ARG D 116 -25.19 65.03 -4.90
C ARG D 116 -25.53 63.56 -5.13
N ASP D 117 -25.93 63.20 -6.34
CA ASP D 117 -26.38 61.84 -6.62
C ASP D 117 -25.24 60.94 -7.11
N ALA D 118 -24.56 61.35 -8.18
CA ALA D 118 -23.53 60.56 -8.81
C ALA D 118 -22.32 61.43 -9.06
N PHE D 119 -21.13 60.83 -9.03
CA PHE D 119 -19.91 61.58 -9.31
C PHE D 119 -18.83 60.66 -9.83
N THR D 120 -17.79 61.28 -10.40
CA THR D 120 -16.59 60.57 -10.84
C THR D 120 -15.39 61.47 -10.60
N LEU D 121 -14.43 60.99 -9.81
CA LEU D 121 -13.18 61.70 -9.58
C LEU D 121 -12.06 61.00 -10.33
N GLN D 122 -11.43 61.73 -11.25
CA GLN D 122 -10.29 61.22 -12.01
C GLN D 122 -9.10 62.11 -11.73
N VAL D 123 -7.98 61.51 -11.36
CA VAL D 123 -6.79 62.28 -10.99
C VAL D 123 -5.55 61.47 -11.32
N TRP D 124 -4.63 62.09 -12.06
CA TRP D 124 -3.30 61.52 -12.26
C TRP D 124 -2.42 61.94 -11.09
N LEU D 125 -1.97 60.98 -10.28
CA LEU D 125 -1.16 61.31 -9.13
C LEU D 125 0.07 60.42 -9.08
N ARG D 126 1.17 61.00 -8.61
CA ARG D 126 2.44 60.30 -8.46
C ARG D 126 2.84 60.40 -6.99
N ALA D 127 2.62 59.33 -6.25
CA ALA D 127 2.82 59.36 -4.81
C ALA D 127 4.30 59.21 -4.47
N GLU D 128 4.63 59.53 -3.22
CA GLU D 128 5.95 59.26 -2.68
C GLU D 128 5.88 58.08 -1.73
N GLY D 129 7.05 57.58 -1.34
CA GLY D 129 7.09 56.35 -0.58
C GLY D 129 6.61 56.49 0.85
N GLY D 130 7.09 57.50 1.55
CA GLY D 130 6.70 57.67 2.93
C GLY D 130 5.50 58.59 3.09
N GLN D 131 4.41 58.06 3.63
CA GLN D 131 3.16 58.81 3.73
C GLN D 131 2.68 58.80 5.17
N ARG D 132 1.88 59.81 5.50
CA ARG D 132 1.05 59.72 6.71
C ARG D 132 0.04 58.61 6.52
N SER D 133 -0.35 57.98 7.65
CA SER D 133 -1.04 56.69 7.55
C SER D 133 -2.43 56.78 6.93
N PRO D 134 -3.37 57.67 7.38
CA PRO D 134 -4.57 57.87 6.54
C PRO D 134 -4.44 59.09 5.63
N ALA D 135 -3.54 59.08 4.65
CA ALA D 135 -3.33 60.25 3.82
C ALA D 135 -4.48 60.43 2.85
N VAL D 136 -4.92 61.68 2.67
CA VAL D 136 -6.11 62.00 1.89
C VAL D 136 -5.68 62.78 0.66
N ILE D 137 -5.97 62.26 -0.52
CA ILE D 137 -5.68 62.97 -1.76
C ILE D 137 -6.77 63.98 -2.06
N THR D 138 -8.03 63.55 -1.97
CA THR D 138 -9.17 64.41 -2.27
C THR D 138 -10.33 63.98 -1.39
N GLY D 139 -10.94 64.93 -0.69
CA GLY D 139 -12.04 64.63 0.19
C GLY D 139 -13.17 65.63 0.06
N LEU D 140 -14.39 65.15 0.25
CA LEU D 140 -15.57 66.00 0.32
C LEU D 140 -16.10 65.92 1.74
N TYR D 141 -15.81 66.95 2.53
CA TYR D 141 -16.16 66.99 3.93
C TYR D 141 -17.28 67.97 4.17
N ASP D 142 -17.80 67.98 5.40
CA ASP D 142 -18.83 68.92 5.81
C ASP D 142 -18.32 69.73 7.00
N LYS D 143 -18.46 71.05 6.92
CA LYS D 143 -18.13 71.94 8.02
C LYS D 143 -19.38 72.57 8.63
N CYS D 144 -20.54 71.95 8.44
CA CYS D 144 -21.78 72.45 9.03
C CYS D 144 -21.76 72.33 10.54
N SER D 145 -21.45 71.15 11.06
CA SER D 145 -21.45 70.91 12.50
C SER D 145 -20.62 69.67 12.79
N TYR D 146 -20.17 69.56 14.04
CA TYR D 146 -19.39 68.42 14.50
C TYR D 146 -20.29 67.36 15.15
N ILE D 147 -21.33 66.95 14.44
CA ILE D 147 -22.19 65.85 14.86
C ILE D 147 -22.45 64.97 13.64
N SER D 148 -22.24 63.66 13.79
CA SER D 148 -22.22 62.67 12.71
C SER D 148 -21.23 63.08 11.62
N ARG D 149 -19.97 63.14 12.01
CA ARG D 149 -18.90 63.58 11.13
C ARG D 149 -18.49 62.45 10.19
N ASP D 150 -17.34 62.65 9.51
CA ASP D 150 -16.80 61.82 8.42
C ASP D 150 -17.85 61.37 7.42
N ARG D 151 -18.78 62.27 7.07
CA ARG D 151 -19.73 62.04 6.00
C ARG D 151 -19.23 62.69 4.72
N GLY D 152 -19.50 62.03 3.61
CA GLY D 152 -18.92 62.38 2.33
C GLY D 152 -18.05 61.28 1.78
N TRP D 153 -17.20 61.65 0.84
CA TRP D 153 -16.30 60.70 0.20
C TRP D 153 -14.87 61.21 0.25
N VAL D 154 -13.94 60.30 0.50
CA VAL D 154 -12.52 60.62 0.53
C VAL D 154 -11.75 59.53 -0.22
N VAL D 155 -10.87 59.95 -1.12
CA VAL D 155 -9.93 59.08 -1.81
C VAL D 155 -8.55 59.35 -1.25
N GLY D 156 -7.75 58.31 -1.06
CA GLY D 156 -6.41 58.54 -0.53
C GLY D 156 -5.61 57.26 -0.45
N ILE D 157 -4.61 57.28 0.44
CA ILE D 157 -3.72 56.15 0.69
C ILE D 157 -3.80 55.79 2.16
N HIS D 158 -4.12 54.54 2.46
CA HIS D 158 -4.15 54.11 3.85
C HIS D 158 -3.77 52.64 3.95
N THR D 159 -3.34 52.24 5.13
CA THR D 159 -2.86 50.89 5.35
C THR D 159 -4.02 49.94 5.60
N ILE D 160 -3.87 48.70 5.12
CA ILE D 160 -4.90 47.69 5.34
C ILE D 160 -4.94 47.28 6.80
N SER D 161 -3.79 46.98 7.39
CA SER D 161 -3.68 46.62 8.80
C SER D 161 -3.41 47.88 9.60
N ASP D 162 -4.41 48.35 10.36
CA ASP D 162 -4.28 49.60 11.07
C ASP D 162 -3.33 49.49 12.26
N GLN D 163 -3.24 48.31 12.88
CA GLN D 163 -2.39 48.12 14.05
C GLN D 163 -0.97 47.71 13.69
N ASP D 164 -0.63 47.62 12.40
CA ASP D 164 0.70 47.20 12.01
C ASP D 164 1.33 48.16 11.00
N ASN D 165 0.48 48.80 10.18
CA ASN D 165 0.88 49.72 9.11
C ASN D 165 1.83 49.06 8.11
N LYS D 166 1.42 47.91 7.59
CA LYS D 166 2.25 47.14 6.68
C LYS D 166 1.93 47.40 5.22
N ASP D 167 0.65 47.34 4.84
CA ASP D 167 0.25 47.27 3.43
C ASP D 167 -0.49 48.52 3.02
N PRO D 168 0.17 49.53 2.44
CA PRO D 168 -0.53 50.78 2.09
C PRO D 168 -1.16 50.75 0.71
N ARG D 169 -2.47 50.95 0.62
CA ARG D 169 -3.19 50.86 -0.65
C ARG D 169 -4.01 52.12 -0.85
N TYR D 170 -4.31 52.40 -2.13
CA TYR D 170 -5.28 53.43 -2.45
C TYR D 170 -6.67 52.99 -2.01
N PHE D 171 -7.40 53.91 -1.41
CA PHE D 171 -8.74 53.61 -0.93
C PHE D 171 -9.70 54.72 -1.32
N PHE D 172 -10.97 54.32 -1.43
CA PHE D 172 -12.09 55.21 -1.67
C PHE D 172 -13.14 54.87 -0.62
N SER D 173 -13.49 55.84 0.22
CA SER D 173 -14.43 55.59 1.30
C SER D 173 -15.57 56.58 1.22
N LEU D 174 -16.79 56.09 1.36
CA LEU D 174 -18.00 56.88 1.20
C LEU D 174 -18.93 56.62 2.37
N LYS D 175 -19.58 57.69 2.84
CA LYS D 175 -20.65 57.60 3.83
C LYS D 175 -21.66 58.69 3.53
N THR D 176 -22.80 58.32 2.95
CA THR D 176 -23.85 59.28 2.66
C THR D 176 -24.55 59.69 3.95
N ASP D 177 -25.34 60.77 3.87
CA ASP D 177 -25.99 61.31 5.06
C ASP D 177 -27.09 60.39 5.58
N ARG D 178 -27.73 59.63 4.70
CA ARG D 178 -28.76 58.70 5.12
C ARG D 178 -28.22 57.40 5.69
N ALA D 179 -26.94 57.10 5.45
CA ALA D 179 -26.37 55.85 5.89
C ALA D 179 -25.89 55.94 7.32
N ARG D 180 -25.63 54.78 7.92
CA ARG D 180 -25.18 54.68 9.30
C ARG D 180 -23.77 54.16 9.45
N GLN D 181 -23.10 53.85 8.34
CA GLN D 181 -21.73 53.34 8.37
C GLN D 181 -20.99 53.85 7.15
N VAL D 182 -19.66 53.83 7.23
CA VAL D 182 -18.79 54.28 6.15
C VAL D 182 -18.18 53.05 5.50
N THR D 183 -18.28 52.98 4.18
CA THR D 183 -17.74 51.85 3.43
C THR D 183 -16.45 52.26 2.74
N THR D 184 -15.41 51.46 2.93
CA THR D 184 -14.09 51.71 2.37
C THR D 184 -13.74 50.58 1.42
N ILE D 185 -13.33 50.92 0.20
CA ILE D 185 -12.85 49.93 -0.75
C ILE D 185 -11.41 50.26 -1.11
N ASN D 186 -10.59 49.22 -1.25
CA ASN D 186 -9.16 49.37 -1.44
C ASN D 186 -8.73 48.70 -2.74
N ALA D 187 -7.55 49.07 -3.21
CA ALA D 187 -6.99 48.45 -4.39
C ALA D 187 -6.49 47.04 -4.07
N HIS D 188 -5.96 46.36 -5.07
CA HIS D 188 -5.56 44.96 -4.90
C HIS D 188 -4.11 44.79 -4.47
N ARG D 189 -3.28 45.83 -4.60
CA ARG D 189 -1.86 45.74 -4.30
C ARG D 189 -1.42 46.97 -3.53
N SER D 190 -0.21 46.92 -2.99
CA SER D 190 0.42 48.10 -2.44
C SER D 190 0.69 49.10 -3.54
N TYR D 191 0.64 50.38 -3.19
CA TYR D 191 0.82 51.43 -4.18
C TYR D 191 2.28 51.53 -4.60
N LEU D 192 2.51 51.79 -5.87
CA LEU D 192 3.87 51.94 -6.38
C LEU D 192 4.38 53.33 -6.03
N PRO D 193 5.49 53.46 -5.32
CA PRO D 193 5.87 54.74 -4.72
C PRO D 193 6.57 55.72 -5.65
N GLY D 194 6.60 55.49 -6.96
CA GLY D 194 7.26 56.47 -7.82
C GLY D 194 6.65 56.62 -9.20
N GLN D 195 5.51 56.00 -9.44
CA GLN D 195 4.94 55.92 -10.77
C GLN D 195 3.62 56.68 -10.83
N TRP D 196 3.27 57.13 -12.03
CA TRP D 196 2.02 57.84 -12.22
C TRP D 196 0.87 56.85 -12.20
N VAL D 197 -0.15 57.15 -11.40
CA VAL D 197 -1.31 56.29 -11.20
C VAL D 197 -2.55 57.12 -11.51
N TYR D 198 -3.42 56.59 -12.37
CA TYR D 198 -4.64 57.26 -12.77
C TYR D 198 -5.78 56.76 -11.90
N LEU D 199 -6.00 57.43 -10.77
CA LEU D 199 -7.07 57.04 -9.86
C LEU D 199 -8.40 57.57 -10.36
N ALA D 200 -9.44 56.73 -10.28
CA ALA D 200 -10.77 57.13 -10.72
C ALA D 200 -11.81 56.47 -9.84
N ALA D 201 -12.45 57.25 -8.98
CA ALA D 201 -13.50 56.74 -8.09
C ALA D 201 -14.85 57.22 -8.61
N THR D 202 -15.74 56.28 -8.92
CA THR D 202 -17.06 56.61 -9.44
C THR D 202 -18.13 56.10 -8.49
N TYR D 203 -19.27 56.79 -8.49
CA TYR D 203 -20.42 56.38 -7.68
C TYR D 203 -21.70 56.81 -8.37
N ASP D 204 -22.59 55.84 -8.63
CA ASP D 204 -23.80 56.07 -9.41
C ASP D 204 -25.08 55.98 -8.59
N GLY D 205 -24.99 56.09 -7.28
CA GLY D 205 -26.16 56.03 -6.44
C GLY D 205 -26.47 54.66 -5.89
N GLN D 206 -25.89 53.61 -6.45
CA GLN D 206 -26.01 52.28 -5.85
C GLN D 206 -24.69 51.51 -5.80
N PHE D 207 -23.71 51.82 -6.64
CA PHE D 207 -22.43 51.12 -6.66
C PHE D 207 -21.29 52.13 -6.62
N MET D 208 -20.33 51.90 -5.74
CA MET D 208 -19.11 52.70 -5.67
C MET D 208 -17.96 51.86 -6.18
N LYS D 209 -17.24 52.38 -7.17
CA LYS D 209 -16.19 51.63 -7.85
C LYS D 209 -14.90 52.43 -7.84
N LEU D 210 -13.78 51.72 -7.82
CA LEU D 210 -12.45 52.31 -7.84
C LEU D 210 -11.68 51.73 -9.02
N TYR D 211 -11.08 52.60 -9.83
CA TYR D 211 -10.28 52.20 -10.97
C TYR D 211 -8.86 52.71 -10.78
N VAL D 212 -7.90 51.80 -10.85
CA VAL D 212 -6.48 52.15 -10.78
C VAL D 212 -5.88 51.79 -12.13
N ASN D 213 -5.36 52.81 -12.83
CA ASN D 213 -4.82 52.68 -14.19
C ASN D 213 -5.82 52.10 -15.18
N GLY D 214 -7.09 52.46 -15.01
CA GLY D 214 -8.12 52.05 -15.95
C GLY D 214 -8.68 50.66 -15.74
N ALA D 215 -8.17 49.90 -14.79
CA ALA D 215 -8.68 48.56 -14.47
C ALA D 215 -9.42 48.63 -13.15
N GLN D 216 -10.64 48.09 -13.13
CA GLN D 216 -11.45 48.14 -11.93
C GLN D 216 -10.88 47.21 -10.87
N VAL D 217 -10.56 47.76 -9.70
CA VAL D 217 -9.91 46.98 -8.65
C VAL D 217 -10.82 46.74 -7.45
N ALA D 218 -11.88 47.53 -7.28
CA ALA D 218 -12.78 47.33 -6.16
C ALA D 218 -14.15 47.90 -6.49
N THR D 219 -15.18 47.24 -5.96
CA THR D 219 -16.55 47.71 -6.09
C THR D 219 -17.31 47.39 -4.82
N SER D 220 -18.36 48.15 -4.57
CA SER D 220 -19.20 47.93 -3.40
C SER D 220 -20.61 48.42 -3.71
N GLY D 221 -21.57 47.84 -3.01
CA GLY D 221 -22.97 48.20 -3.21
C GLY D 221 -23.70 48.51 -1.93
N GLU D 222 -22.95 48.78 -0.86
CA GLU D 222 -23.60 49.06 0.42
C GLU D 222 -24.20 50.47 0.42
N GLN D 223 -23.47 51.46 -0.08
CA GLN D 223 -23.95 52.83 -0.05
C GLN D 223 -24.99 53.04 -1.16
N VAL D 224 -26.14 53.59 -0.76
CA VAL D 224 -27.26 53.79 -1.67
C VAL D 224 -27.76 55.23 -1.56
N GLY D 225 -28.42 55.68 -2.61
CA GLY D 225 -29.00 57.01 -2.62
C GLY D 225 -27.97 58.09 -2.90
N GLY D 226 -28.43 59.33 -2.84
CA GLY D 226 -27.55 60.45 -3.03
C GLY D 226 -26.66 60.70 -1.83
N ILE D 227 -25.63 61.52 -2.04
CA ILE D 227 -24.67 61.79 -0.98
C ILE D 227 -25.26 62.73 0.06
N PHE D 228 -25.86 63.84 -0.38
CA PHE D 228 -26.44 64.80 0.55
C PHE D 228 -27.59 65.53 -0.13
N SER D 229 -28.46 66.10 0.71
CA SER D 229 -29.62 66.84 0.24
C SER D 229 -29.19 68.19 -0.32
N PRO D 230 -29.98 68.78 -1.21
CA PRO D 230 -29.70 70.15 -1.68
C PRO D 230 -29.81 71.21 -0.60
N LEU D 231 -30.48 70.92 0.51
CA LEU D 231 -30.59 71.89 1.60
C LEU D 231 -29.25 72.08 2.32
N THR D 232 -28.43 71.04 2.38
CA THR D 232 -27.14 71.08 3.07
C THR D 232 -25.97 71.29 2.11
N GLN D 233 -26.23 71.84 0.92
CA GLN D 233 -25.21 71.96 -0.10
C GLN D 233 -24.22 73.09 0.19
N LYS D 234 -24.56 74.01 1.10
CA LYS D 234 -23.73 75.19 1.29
C LYS D 234 -22.46 74.89 2.07
N CYS D 235 -22.52 73.98 3.04
CA CYS D 235 -21.41 73.72 3.93
C CYS D 235 -20.52 72.56 3.49
N LYS D 236 -20.79 71.98 2.33
CA LYS D 236 -19.93 70.93 1.80
C LYS D 236 -18.68 71.54 1.17
N VAL D 237 -17.52 71.00 1.51
CA VAL D 237 -16.24 71.52 1.04
C VAL D 237 -15.47 70.38 0.38
N LEU D 238 -14.62 70.73 -0.59
CA LEU D 238 -13.81 69.77 -1.33
C LEU D 238 -12.35 70.10 -1.10
N MET D 239 -11.71 69.40 -0.17
CA MET D 239 -10.30 69.58 0.11
C MET D 239 -9.45 68.73 -0.82
N LEU D 240 -8.33 69.30 -1.27
CA LEU D 240 -7.37 68.60 -2.12
C LEU D 240 -6.06 68.46 -1.35
N GLY D 241 -5.57 67.23 -1.24
CA GLY D 241 -4.30 66.99 -0.60
C GLY D 241 -4.30 67.07 0.90
N GLY D 242 -5.46 67.11 1.54
CA GLY D 242 -5.48 67.22 2.98
C GLY D 242 -6.89 67.08 3.53
N SER D 243 -7.02 67.35 4.82
CA SER D 243 -8.30 67.25 5.52
C SER D 243 -8.32 68.29 6.63
N ALA D 244 -9.26 68.11 7.56
CA ALA D 244 -9.32 69.01 8.71
C ALA D 244 -8.24 68.68 9.74
N LEU D 245 -7.95 67.39 9.92
CA LEU D 245 -6.95 66.93 10.88
C LEU D 245 -5.55 66.84 10.29
N ASN D 246 -5.29 67.56 9.19
CA ASN D 246 -3.99 67.64 8.51
C ASN D 246 -3.48 66.27 8.07
N HIS D 247 -4.36 65.49 7.43
CA HIS D 247 -3.98 64.22 6.81
C HIS D 247 -3.38 64.55 5.44
N ASN D 248 -2.14 65.01 5.48
CA ASN D 248 -1.53 65.60 4.30
C ASN D 248 -1.05 64.51 3.33
N TYR D 249 -0.54 64.96 2.19
CA TYR D 249 -0.18 64.10 1.08
C TYR D 249 1.16 64.56 0.52
N ARG D 250 1.99 63.60 0.13
CA ARG D 250 3.30 63.88 -0.46
C ARG D 250 3.33 63.32 -1.87
N GLY D 251 3.35 64.18 -2.87
CA GLY D 251 3.42 63.69 -4.23
C GLY D 251 2.97 64.74 -5.23
N TYR D 252 2.66 64.26 -6.43
CA TYR D 252 2.31 65.09 -7.57
C TYR D 252 0.84 64.86 -7.93
N ILE D 253 0.13 65.94 -8.24
CA ILE D 253 -1.21 65.88 -8.79
C ILE D 253 -1.17 66.55 -10.15
N GLU D 254 -1.57 65.83 -11.21
CA GLU D 254 -1.45 66.38 -12.56
C GLU D 254 -2.79 66.87 -13.12
N HIS D 255 -3.79 66.00 -13.24
CA HIS D 255 -5.02 66.33 -13.94
C HIS D 255 -6.22 66.00 -13.06
N PHE D 256 -6.60 66.94 -12.21
CA PHE D 256 -7.80 66.79 -11.40
C PHE D 256 -9.02 66.92 -12.27
N SER D 257 -10.04 66.10 -11.99
CA SER D 257 -11.25 66.09 -12.81
C SER D 257 -12.40 65.57 -11.98
N LEU D 258 -13.48 66.35 -11.89
CA LEU D 258 -14.66 65.97 -11.13
C LEU D 258 -15.86 66.00 -12.07
N TRP D 259 -16.66 64.94 -12.02
CA TRP D 259 -17.81 64.78 -12.90
C TRP D 259 -19.07 64.57 -12.08
N LYS D 260 -20.17 65.16 -12.54
CA LYS D 260 -21.47 65.04 -11.90
C LYS D 260 -22.22 63.78 -12.29
N VAL D 261 -21.63 62.94 -13.15
CA VAL D 261 -22.21 61.65 -13.51
C VAL D 261 -21.15 60.59 -13.32
N ALA D 262 -21.60 59.35 -13.15
CA ALA D 262 -20.70 58.22 -12.95
C ALA D 262 -20.41 57.59 -14.32
N ARG D 263 -19.19 57.78 -14.80
CA ARG D 263 -18.81 57.27 -16.11
C ARG D 263 -18.60 55.77 -16.04
N THR D 264 -18.76 55.13 -17.20
CA THR D 264 -18.44 53.73 -17.34
C THR D 264 -16.91 53.56 -17.46
N GLN D 265 -16.47 52.30 -17.48
CA GLN D 265 -15.03 52.04 -17.57
C GLN D 265 -14.46 52.44 -18.92
N ARG D 266 -15.26 52.36 -19.98
CA ARG D 266 -14.79 52.75 -21.31
C ARG D 266 -14.53 54.25 -21.39
N GLU D 267 -15.38 55.05 -20.74
CA GLU D 267 -15.12 56.48 -20.69
C GLU D 267 -13.95 56.82 -19.79
N ILE D 268 -13.70 56.00 -18.76
CA ILE D 268 -12.51 56.17 -17.92
C ILE D 268 -11.25 55.93 -18.75
N LEU D 269 -11.23 54.85 -19.54
CA LEU D 269 -10.10 54.56 -20.40
C LEU D 269 -9.94 55.61 -21.51
N SER D 270 -11.06 56.16 -21.99
CA SER D 270 -11.00 57.23 -22.99
C SER D 270 -10.40 58.50 -22.41
N ASP D 271 -10.77 58.85 -21.18
CA ASP D 271 -10.18 60.03 -20.55
C ASP D 271 -8.73 59.78 -20.16
N MET D 272 -8.35 58.53 -19.92
CA MET D 272 -6.94 58.22 -19.70
C MET D 272 -6.14 58.37 -20.99
N GLU D 273 -6.69 57.89 -22.11
CA GLU D 273 -5.98 57.99 -23.39
C GLU D 273 -5.98 59.42 -23.92
N THR D 274 -7.09 60.14 -23.75
CA THR D 274 -7.21 61.52 -24.21
C THR D 274 -7.18 62.43 -22.99
N HIS D 275 -6.03 63.06 -22.76
CA HIS D 275 -5.81 63.91 -21.59
C HIS D 275 -6.24 65.36 -21.82
N GLY D 276 -7.00 65.63 -22.88
CA GLY D 276 -7.37 66.98 -23.23
C GLY D 276 -8.45 67.55 -22.34
N ALA D 277 -8.86 68.77 -22.67
CA ALA D 277 -9.87 69.47 -21.90
C ALA D 277 -11.25 68.86 -22.14
N HIS D 278 -11.96 68.56 -21.06
CA HIS D 278 -13.30 68.01 -21.11
C HIS D 278 -14.37 69.05 -20.82
N THR D 279 -14.02 70.33 -20.86
CA THR D 279 -14.95 71.40 -20.50
C THR D 279 -16.03 71.64 -21.56
N ALA D 280 -15.91 71.03 -22.74
CA ALA D 280 -16.97 71.13 -23.73
C ALA D 280 -18.22 70.38 -23.31
N LEU D 281 -18.07 69.32 -22.51
CA LEU D 281 -19.22 68.55 -22.05
C LEU D 281 -19.94 69.31 -20.92
N PRO D 282 -21.27 69.28 -20.90
CA PRO D 282 -22.00 69.92 -19.79
C PRO D 282 -21.96 69.13 -18.50
N GLN D 283 -21.77 67.81 -18.56
CA GLN D 283 -21.73 67.00 -17.35
C GLN D 283 -20.44 67.19 -16.56
N LEU D 284 -19.37 67.65 -17.21
CA LEU D 284 -18.09 67.89 -16.54
C LEU D 284 -18.22 69.09 -15.63
N LEU D 285 -18.29 68.84 -14.32
CA LEU D 285 -18.34 69.93 -13.36
C LEU D 285 -17.04 70.70 -13.31
N LEU D 286 -15.92 69.98 -13.26
CA LEU D 286 -14.61 70.63 -13.12
C LEU D 286 -13.54 69.70 -13.67
N GLN D 287 -12.76 70.19 -14.62
CA GLN D 287 -11.50 69.58 -14.98
C GLN D 287 -10.42 70.63 -14.79
N GLU D 288 -9.21 70.19 -14.47
CA GLU D 288 -8.20 71.10 -13.97
C GLU D 288 -6.89 70.98 -14.76
N ASN D 289 -6.37 72.12 -15.17
CA ASN D 289 -4.97 72.31 -15.50
C ASN D 289 -4.43 73.35 -14.53
N TRP D 290 -3.20 73.16 -14.08
CA TRP D 290 -2.64 73.99 -13.02
C TRP D 290 -1.90 75.21 -13.55
N ASP D 291 -2.34 75.75 -14.69
CA ASP D 291 -1.79 77.02 -15.17
C ASP D 291 -2.16 78.17 -14.23
N ASN D 292 -3.36 78.15 -13.67
CA ASN D 292 -3.83 79.19 -12.74
C ASN D 292 -4.44 78.49 -11.53
N VAL D 293 -3.62 78.31 -10.49
CA VAL D 293 -4.08 77.62 -9.28
C VAL D 293 -4.89 78.54 -8.37
N LYS D 294 -4.87 79.85 -8.59
CA LYS D 294 -5.61 80.79 -7.79
C LYS D 294 -7.02 81.04 -8.30
N HIS D 295 -7.39 80.45 -9.43
CA HIS D 295 -8.70 80.70 -10.02
C HIS D 295 -9.80 79.94 -9.30
N ALA D 296 -9.72 78.61 -9.31
CA ALA D 296 -10.77 77.77 -8.74
C ALA D 296 -10.42 77.17 -7.39
N TRP D 297 -9.18 77.34 -6.92
CA TRP D 297 -8.74 76.76 -5.67
C TRP D 297 -8.16 77.85 -4.77
N SER D 298 -8.52 77.79 -3.49
CA SER D 298 -7.98 78.73 -2.52
C SER D 298 -7.20 77.94 -1.47
N PRO D 299 -5.97 78.33 -1.17
CA PRO D 299 -5.21 77.62 -0.13
C PRO D 299 -5.71 77.98 1.26
N MET D 300 -5.33 77.15 2.22
CA MET D 300 -5.63 77.44 3.60
C MET D 300 -4.76 78.59 4.10
N LYS D 301 -5.17 79.18 5.23
CA LYS D 301 -4.43 80.32 5.78
C LYS D 301 -3.10 79.88 6.35
N ASP D 302 -3.10 78.80 7.15
CA ASP D 302 -1.86 78.33 7.75
C ASP D 302 -0.98 77.60 6.75
N GLY D 303 -1.58 76.78 5.89
CA GLY D 303 -0.82 75.99 4.94
C GLY D 303 -0.65 76.69 3.60
N SER D 304 0.60 76.86 3.18
CA SER D 304 0.90 77.56 1.94
C SER D 304 0.50 76.73 0.73
N SER D 305 0.41 77.41 -0.41
CA SER D 305 0.01 76.75 -1.63
C SER D 305 1.14 75.85 -2.14
N PRO D 306 0.81 74.68 -2.69
CA PRO D 306 1.85 73.80 -3.25
C PRO D 306 2.45 74.38 -4.52
N LYS D 307 3.71 74.03 -4.76
CA LYS D 307 4.45 74.55 -5.90
C LYS D 307 4.06 73.82 -7.18
N VAL D 308 4.00 74.56 -8.27
CA VAL D 308 3.60 74.03 -9.57
C VAL D 308 4.86 73.77 -10.38
N GLU D 309 5.06 72.53 -10.80
CA GLU D 309 6.22 72.11 -11.57
C GLU D 309 5.78 71.52 -12.91
N PHE D 310 6.75 71.16 -13.74
CA PHE D 310 6.48 70.52 -15.03
C PHE D 310 6.66 69.02 -14.87
N SER D 311 5.69 68.25 -15.38
CA SER D 311 5.56 66.84 -15.04
C SER D 311 6.07 65.89 -16.11
N ASN D 312 5.53 65.99 -17.32
CA ASN D 312 5.70 65.01 -18.42
C ASN D 312 5.30 63.60 -17.94
N ALA D 313 3.99 63.46 -17.68
CA ALA D 313 3.47 62.21 -17.14
C ALA D 313 3.46 61.10 -18.18
N HIS D 314 3.02 61.39 -19.39
CA HIS D 314 2.89 60.37 -20.44
C HIS D 314 4.20 60.25 -21.23
N GLY D 315 5.28 59.92 -20.50
CA GLY D 315 6.59 59.91 -21.11
C GLY D 315 6.87 58.71 -21.98
N PHE D 316 6.32 57.54 -21.64
CA PHE D 316 6.66 56.30 -22.33
C PHE D 316 5.39 55.60 -22.79
N LEU D 317 5.47 54.99 -23.97
CA LEU D 317 4.40 54.15 -24.50
C LEU D 317 4.68 52.67 -24.31
N LEU D 318 5.84 52.32 -23.75
CA LEU D 318 6.19 50.93 -23.49
C LEU D 318 6.81 50.85 -22.10
N ASP D 319 6.29 49.93 -21.28
CA ASP D 319 6.81 49.75 -19.93
C ASP D 319 8.04 48.84 -20.00
N THR D 320 9.22 49.43 -19.81
CA THR D 320 10.48 48.70 -20.00
C THR D 320 10.89 47.92 -18.76
N SER D 321 10.09 47.89 -17.71
CA SER D 321 10.38 47.12 -16.52
C SER D 321 9.57 45.83 -16.55
N LEU D 322 10.26 44.69 -16.52
CA LEU D 322 9.62 43.38 -16.43
C LEU D 322 9.97 42.78 -15.09
N GLU D 323 8.95 42.45 -14.31
CA GLU D 323 9.18 41.95 -12.96
C GLU D 323 9.57 40.48 -12.99
N PRO D 324 10.45 40.05 -12.09
CA PRO D 324 10.69 38.62 -11.91
C PRO D 324 9.51 37.94 -11.26
N PRO D 325 9.39 36.62 -11.35
CA PRO D 325 8.33 35.93 -10.60
C PRO D 325 8.57 35.90 -9.09
N LEU D 326 7.66 35.25 -8.36
CA LEU D 326 7.76 35.23 -6.91
C LEU D 326 8.97 34.43 -6.42
N CYS D 327 9.33 33.38 -7.14
CA CYS D 327 10.48 32.55 -6.76
C CYS D 327 11.76 32.98 -7.46
N GLY D 328 11.71 33.94 -8.39
CA GLY D 328 12.88 34.43 -9.04
C GLY D 328 13.51 35.61 -8.30
N GLN D 329 14.63 36.08 -8.83
CA GLN D 329 15.36 37.16 -8.18
C GLN D 329 15.85 38.26 -9.12
N THR D 330 15.85 38.06 -10.43
CA THR D 330 16.36 39.06 -11.36
C THR D 330 15.55 39.01 -12.64
N LEU D 331 15.93 39.88 -13.59
CA LEU D 331 15.27 39.97 -14.89
C LEU D 331 15.43 38.68 -15.70
N CYS D 332 16.50 37.93 -15.45
CA CYS D 332 16.73 36.67 -16.16
C CYS D 332 15.72 35.60 -15.74
N ASP D 333 15.22 35.65 -14.50
CA ASP D 333 14.26 34.66 -14.03
C ASP D 333 12.87 34.83 -14.64
N ASN D 334 12.63 35.92 -15.36
CA ASN D 334 11.36 36.14 -16.03
C ASN D 334 11.14 35.09 -17.12
N THR D 335 9.87 34.70 -17.29
CA THR D 335 9.55 33.65 -18.25
C THR D 335 9.73 34.12 -19.69
N GLU D 336 9.35 35.36 -19.97
CA GLU D 336 9.43 35.87 -21.34
C GLU D 336 10.86 36.18 -21.74
N VAL D 337 11.72 36.51 -20.78
CA VAL D 337 13.13 36.77 -21.10
C VAL D 337 13.89 35.46 -21.25
N ILE D 338 13.62 34.48 -20.38
CA ILE D 338 14.31 33.20 -20.48
C ILE D 338 13.76 32.35 -21.64
N ALA D 339 12.56 32.66 -22.14
CA ALA D 339 12.05 31.93 -23.30
C ALA D 339 12.82 32.25 -24.56
N SER D 340 13.30 33.50 -24.69
CA SER D 340 14.12 33.86 -25.85
C SER D 340 15.49 33.21 -25.78
N TYR D 341 16.04 33.02 -24.57
CA TYR D 341 17.30 32.29 -24.44
C TYR D 341 17.11 30.80 -24.69
N ASN D 342 15.97 30.25 -24.30
CA ASN D 342 15.74 28.81 -24.51
C ASN D 342 15.44 28.49 -25.97
N GLN D 343 14.72 29.38 -26.66
CA GLN D 343 14.36 29.11 -28.04
C GLN D 343 15.51 29.38 -29.00
N LEU D 344 16.11 30.57 -28.93
CA LEU D 344 17.11 30.98 -29.91
C LEU D 344 18.49 30.46 -29.55
N SER D 345 19.19 29.93 -30.56
CA SER D 345 20.55 29.43 -30.38
C SER D 345 21.61 30.50 -30.62
N SER D 346 21.24 31.68 -31.09
CA SER D 346 22.19 32.76 -31.27
C SER D 346 22.59 33.42 -29.96
N PHE D 347 21.80 33.23 -28.90
CA PHE D 347 22.14 33.76 -27.60
C PHE D 347 23.19 32.92 -26.89
N ARG D 348 23.22 31.61 -27.15
CA ARG D 348 24.14 30.71 -26.48
C ARG D 348 25.45 30.53 -27.27
N GLN D 349 26.08 31.65 -27.63
CA GLN D 349 27.37 31.63 -28.26
C GLN D 349 28.45 31.23 -27.25
N PRO D 350 29.58 30.70 -27.71
CA PRO D 350 30.69 30.42 -26.78
C PRO D 350 31.27 31.70 -26.20
N LYS D 351 31.42 31.71 -24.88
CA LYS D 351 31.92 32.88 -24.15
C LYS D 351 33.12 32.46 -23.32
N VAL D 352 34.10 33.36 -23.25
CA VAL D 352 35.32 33.13 -22.47
C VAL D 352 35.13 33.82 -21.12
N VAL D 353 35.22 33.05 -20.04
CA VAL D 353 35.04 33.57 -18.69
C VAL D 353 36.36 33.43 -17.94
N ARG D 354 36.82 34.51 -17.33
CA ARG D 354 38.08 34.52 -16.61
C ARG D 354 37.83 34.22 -15.14
N TYR D 355 38.54 33.23 -14.61
CA TYR D 355 38.43 32.87 -13.21
C TYR D 355 39.81 32.74 -12.60
N ARG D 356 39.89 32.93 -11.28
CA ARG D 356 41.16 33.00 -10.57
C ARG D 356 41.19 32.00 -9.43
N VAL D 357 42.24 31.19 -9.38
CA VAL D 357 42.46 30.25 -8.28
C VAL D 357 43.57 30.81 -7.40
N VAL D 358 43.26 31.01 -6.12
CA VAL D 358 44.17 31.67 -5.18
C VAL D 358 44.69 30.63 -4.20
N ASN D 359 46.00 30.45 -4.18
CA ASN D 359 46.65 29.53 -3.24
C ASN D 359 47.51 30.31 -2.26
N LEU D 360 47.41 29.94 -0.99
CA LEU D 360 48.12 30.63 0.07
C LEU D 360 49.52 30.05 0.24
N TYR D 361 50.53 30.92 0.21
CA TYR D 361 51.91 30.54 0.40
C TYR D 361 52.46 31.20 1.66
N GLU D 362 53.56 30.66 2.16
CA GLU D 362 54.33 31.32 3.21
C GLU D 362 55.29 32.33 2.58
N ASP D 363 56.13 32.95 3.40
CA ASP D 363 57.07 33.94 2.90
C ASP D 363 58.21 33.30 2.11
N ASP D 364 58.53 32.04 2.38
CA ASP D 364 59.55 31.33 1.61
C ASP D 364 59.06 30.85 0.26
N HIS D 365 57.74 30.86 0.03
CA HIS D 365 57.09 30.43 -1.22
C HIS D 365 57.45 28.99 -1.58
N LYS D 366 57.42 28.11 -0.59
CA LYS D 366 57.69 26.70 -0.80
C LYS D 366 56.48 25.80 -0.62
N ASN D 367 55.51 26.21 0.20
CA ASN D 367 54.39 25.35 0.56
C ASN D 367 53.10 25.84 -0.08
N PRO D 368 52.56 25.16 -1.09
CA PRO D 368 51.28 25.57 -1.66
C PRO D 368 50.09 24.95 -0.94
N THR D 369 48.99 25.71 -0.94
CA THR D 369 47.73 25.17 -0.43
C THR D 369 47.18 24.12 -1.39
N VAL D 370 47.28 24.36 -2.68
CA VAL D 370 46.91 23.40 -3.71
C VAL D 370 48.10 23.20 -4.63
N THR D 371 48.40 21.94 -4.94
CA THR D 371 49.50 21.64 -5.84
C THR D 371 49.12 21.97 -7.28
N ARG D 372 50.14 22.19 -8.11
CA ARG D 372 49.91 22.59 -9.49
C ARG D 372 49.31 21.47 -10.32
N GLU D 373 49.55 20.22 -9.92
CA GLU D 373 49.00 19.07 -10.63
C GLU D 373 47.48 19.03 -10.53
N GLN D 374 46.94 19.21 -9.32
CA GLN D 374 45.50 19.21 -9.17
C GLN D 374 44.86 20.50 -9.69
N VAL D 375 45.60 21.61 -9.70
CA VAL D 375 45.11 22.83 -10.34
C VAL D 375 44.93 22.62 -11.83
N ASP D 376 45.94 22.03 -12.49
CA ASP D 376 45.84 21.75 -13.92
C ASP D 376 44.81 20.67 -14.22
N PHE D 377 44.69 19.67 -13.34
CA PHE D 377 43.69 18.62 -13.55
C PHE D 377 42.28 19.14 -13.37
N GLN D 378 42.06 20.03 -12.40
CA GLN D 378 40.75 20.63 -12.22
C GLN D 378 40.40 21.57 -13.37
N HIS D 379 41.40 22.30 -13.89
CA HIS D 379 41.17 23.15 -15.05
C HIS D 379 40.82 22.32 -16.28
N HIS D 380 41.50 21.19 -16.48
CA HIS D 380 41.20 20.33 -17.62
C HIS D 380 39.82 19.68 -17.47
N GLN D 381 39.46 19.26 -16.25
CA GLN D 381 38.15 18.67 -16.01
C GLN D 381 37.03 19.70 -16.19
N LEU D 382 37.28 20.94 -15.77
CA LEU D 382 36.32 22.02 -15.94
C LEU D 382 36.11 22.36 -17.42
N ALA D 383 37.20 22.49 -18.17
CA ALA D 383 37.08 22.76 -19.60
C ALA D 383 36.49 21.58 -20.35
N GLU D 384 36.67 20.36 -19.83
CA GLU D 384 36.01 19.19 -20.40
C GLU D 384 34.51 19.23 -20.14
N ALA D 385 34.11 19.68 -18.95
CA ALA D 385 32.70 19.68 -18.60
C ALA D 385 31.93 20.78 -19.33
N PHE D 386 32.53 21.96 -19.47
CA PHE D 386 31.80 23.11 -20.01
C PHE D 386 32.07 23.37 -21.49
N LYS D 387 32.77 22.48 -22.20
CA LYS D 387 32.98 22.67 -23.62
C LYS D 387 31.70 22.44 -24.42
N GLN D 388 30.90 21.46 -24.01
CA GLN D 388 29.66 21.14 -24.70
C GLN D 388 28.52 22.09 -24.39
N TYR D 389 28.72 23.03 -23.45
CA TYR D 389 27.71 24.02 -23.10
C TYR D 389 28.13 25.43 -23.48
N ASN D 390 29.14 25.56 -24.34
CA ASN D 390 29.62 26.82 -24.90
C ASN D 390 30.07 27.82 -23.84
N ILE D 391 30.76 27.34 -22.82
CA ILE D 391 31.38 28.21 -21.81
C ILE D 391 32.86 27.86 -21.75
N SER D 392 33.71 28.85 -22.00
CA SER D 392 35.15 28.68 -21.96
C SER D 392 35.70 29.32 -20.70
N TRP D 393 36.52 28.58 -19.96
CA TRP D 393 37.09 29.07 -18.71
C TRP D 393 38.58 29.34 -18.90
N GLU D 394 39.00 30.56 -18.53
CA GLU D 394 40.38 30.97 -18.62
C GLU D 394 40.98 30.99 -17.22
N LEU D 395 41.97 30.14 -16.99
CA LEU D 395 42.54 29.97 -15.66
C LEU D 395 43.58 31.06 -15.39
N ASP D 396 43.51 31.65 -14.20
CA ASP D 396 44.57 32.49 -13.67
C ASP D 396 44.89 32.00 -12.27
N VAL D 397 46.17 32.02 -11.91
CA VAL D 397 46.64 31.63 -10.59
C VAL D 397 47.37 32.81 -9.98
N LEU D 398 46.99 33.17 -8.76
CA LEU D 398 47.66 34.23 -8.01
C LEU D 398 48.31 33.62 -6.78
N GLU D 399 49.60 33.89 -6.59
CA GLU D 399 50.34 33.40 -5.44
C GLU D 399 50.40 34.49 -4.39
N VAL D 400 49.87 34.21 -3.20
CA VAL D 400 49.88 35.14 -2.09
C VAL D 400 50.86 34.62 -1.04
N SER D 401 51.91 35.39 -0.79
CA SER D 401 52.97 34.99 0.14
C SER D 401 52.77 35.75 1.46
N ASN D 402 52.01 35.15 2.36
CA ASN D 402 51.83 35.68 3.70
C ASN D 402 51.95 34.53 4.68
N SER D 403 52.97 34.59 5.54
CA SER D 403 53.25 33.48 6.45
C SER D 403 52.22 33.35 7.55
N SER D 404 51.67 34.48 8.01
CA SER D 404 50.67 34.43 9.08
C SER D 404 49.34 33.88 8.59
N LEU D 405 48.99 34.16 7.33
CA LEU D 405 47.72 33.68 6.79
C LEU D 405 47.74 32.19 6.49
N ARG D 406 48.92 31.62 6.22
CA ARG D 406 49.01 30.21 5.88
C ARG D 406 48.88 29.30 7.10
N ARG D 407 49.41 29.73 8.25
CA ARG D 407 49.40 28.89 9.45
C ARG D 407 48.02 28.67 10.03
N ARG D 408 47.07 29.57 9.74
CA ARG D 408 45.73 29.48 10.29
C ARG D 408 44.91 28.41 9.56
N LEU D 409 43.78 28.06 10.18
CA LEU D 409 42.80 27.16 9.58
C LEU D 409 41.63 27.98 9.09
N ILE D 410 41.31 27.88 7.79
CA ILE D 410 40.23 28.66 7.20
C ILE D 410 38.94 27.85 7.28
N LEU D 411 37.93 28.41 7.93
CA LEU D 411 36.68 27.73 8.21
C LEU D 411 35.60 28.19 7.22
N ALA D 412 35.08 27.27 6.42
CA ALA D 412 34.14 27.63 5.37
C ALA D 412 32.75 27.88 5.92
N ASN D 413 32.14 26.86 6.53
CA ASN D 413 30.75 26.91 6.95
C ASN D 413 30.59 27.05 8.45
N CYS D 414 31.64 27.44 9.15
CA CYS D 414 31.59 27.62 10.60
C CYS D 414 31.50 29.11 10.94
N ASP D 415 31.12 29.38 12.18
CA ASP D 415 31.00 30.73 12.70
C ASP D 415 31.78 30.84 14.00
N ILE D 416 32.45 31.99 14.19
CA ILE D 416 33.26 32.19 15.38
C ILE D 416 32.41 32.35 16.64
N SER D 417 31.14 32.73 16.49
CA SER D 417 30.26 32.79 17.65
C SER D 417 29.75 31.43 18.07
N LYS D 418 29.83 30.43 17.19
CA LYS D 418 29.38 29.08 17.51
C LYS D 418 30.41 28.27 18.27
N ILE D 419 31.63 28.78 18.43
CA ILE D 419 32.67 28.06 19.17
C ILE D 419 32.35 28.02 20.66
N GLY D 420 31.92 29.16 21.21
CA GLY D 420 31.56 29.21 22.62
C GLY D 420 30.19 28.65 22.94
N ASP D 421 29.33 28.48 21.94
CA ASP D 421 28.02 27.92 22.16
C ASP D 421 28.11 26.42 22.45
N GLU D 422 27.47 25.99 23.54
CA GLU D 422 27.59 24.62 24.02
C GLU D 422 26.87 23.60 23.15
N ASN D 423 26.05 24.05 22.20
CA ASN D 423 25.52 23.13 21.19
C ASN D 423 26.66 22.68 20.28
N CYS D 424 26.73 21.37 20.05
CA CYS D 424 27.77 20.84 19.17
C CYS D 424 27.41 21.11 17.71
N ASP D 425 28.38 21.65 16.97
CA ASP D 425 28.24 21.92 15.55
C ASP D 425 29.21 21.06 14.77
N PRO D 426 28.75 20.33 13.75
CA PRO D 426 29.64 19.40 13.04
C PRO D 426 30.73 20.07 12.23
N GLU D 427 30.49 21.27 11.69
CA GLU D 427 31.46 21.90 10.81
C GLU D 427 32.65 22.48 11.56
N CYS D 428 32.51 22.80 12.84
CA CYS D 428 33.61 23.36 13.63
C CYS D 428 34.28 22.27 14.47
N ASN D 429 34.86 21.28 13.80
CA ASN D 429 35.53 20.16 14.45
C ASN D 429 36.87 19.91 13.78
N HIS D 430 37.91 20.58 14.27
CA HIS D 430 39.26 20.38 13.78
C HIS D 430 40.24 20.48 14.96
N THR D 431 41.53 20.27 14.66
CA THR D 431 42.54 20.42 15.69
C THR D 431 42.74 21.89 16.06
N LEU D 432 42.77 22.78 15.06
CA LEU D 432 42.90 24.20 15.32
C LEU D 432 41.62 24.82 15.86
N THR D 433 40.48 24.15 15.70
CA THR D 433 39.25 24.59 16.32
C THR D 433 39.20 24.22 17.80
N GLY D 434 39.80 23.09 18.16
CA GLY D 434 39.69 22.58 19.51
C GLY D 434 38.49 21.70 19.76
N HIS D 435 37.92 21.11 18.70
CA HIS D 435 36.65 20.37 18.71
C HIS D 435 35.52 21.23 19.27
N ASP D 436 35.32 22.38 18.60
CA ASP D 436 34.33 23.40 18.97
C ASP D 436 34.55 23.92 20.38
N GLY D 437 35.83 24.04 20.79
CA GLY D 437 36.16 24.35 22.16
C GLY D 437 35.77 23.27 23.14
N GLY D 438 35.83 22.01 22.71
CA GLY D 438 35.44 20.89 23.55
C GLY D 438 33.95 20.60 23.58
N ASP D 439 33.14 21.38 22.86
CA ASP D 439 31.69 21.23 22.96
C ASP D 439 31.19 20.00 22.23
N CYS D 440 31.92 19.52 21.23
CA CYS D 440 31.61 18.27 20.57
C CYS D 440 32.42 17.10 21.15
N ARG D 441 33.22 17.34 22.18
CA ARG D 441 33.99 16.30 22.84
C ARG D 441 33.31 15.88 24.14
N HIS D 442 33.13 14.58 24.31
CA HIS D 442 32.37 14.07 25.46
C HIS D 442 33.16 14.08 26.75
N LEU D 443 34.49 14.22 26.68
CA LEU D 443 35.31 14.32 27.89
C LEU D 443 35.14 15.65 28.61
N ARG D 444 34.51 16.64 27.97
CA ARG D 444 34.21 17.91 28.61
C ARG D 444 33.12 17.72 29.66
N HIS D 445 33.43 18.04 30.91
CA HIS D 445 32.43 17.96 31.97
C HIS D 445 31.45 19.13 31.85
N PRO D 446 30.17 18.90 32.17
CA PRO D 446 29.18 19.97 31.99
C PRO D 446 29.30 21.12 32.97
N ALA D 447 29.94 20.93 34.11
CA ALA D 447 30.10 22.01 35.07
C ALA D 447 31.16 23.00 34.59
N PHE D 448 31.06 24.23 35.09
CA PHE D 448 32.02 25.28 34.77
C PHE D 448 32.79 25.62 36.04
N VAL D 449 34.04 25.16 36.09
CA VAL D 449 34.96 25.47 37.18
C VAL D 449 36.17 26.15 36.57
N LYS D 450 36.47 27.36 37.03
CA LYS D 450 37.59 28.14 36.52
C LYS D 450 38.83 27.78 37.33
N LYS D 451 39.68 26.93 36.75
CA LYS D 451 40.85 26.43 37.46
C LYS D 451 41.93 27.49 37.56
N GLN D 452 42.90 27.24 38.45
CA GLN D 452 44.01 28.15 38.62
C GLN D 452 44.98 28.04 37.44
N HIS D 453 45.54 29.18 37.04
CA HIS D 453 46.47 29.27 35.94
C HIS D 453 47.90 29.24 36.47
N ASN D 454 48.72 28.32 35.95
CA ASN D 454 50.09 28.18 36.43
C ASN D 454 50.94 27.55 35.34
N GLY D 455 51.81 28.34 34.73
CA GLY D 455 52.81 27.81 33.83
C GLY D 455 52.38 27.59 32.39
N VAL D 456 52.73 26.43 31.85
CA VAL D 456 52.53 26.15 30.43
C VAL D 456 51.07 25.80 30.16
N CYS D 457 50.69 25.90 28.89
CA CYS D 457 49.34 25.57 28.46
C CYS D 457 49.10 24.06 28.53
N ASP D 458 47.84 23.69 28.73
CA ASP D 458 47.42 22.30 28.84
C ASP D 458 46.34 22.03 27.80
N MET D 459 46.41 20.86 27.16
CA MET D 459 45.43 20.50 26.14
C MET D 459 44.07 20.18 26.75
N ASP D 460 44.05 19.61 27.96
CA ASP D 460 42.77 19.35 28.62
C ASP D 460 42.15 20.63 29.18
N CYS D 461 42.96 21.61 29.54
CA CYS D 461 42.48 22.86 30.10
C CYS D 461 42.20 23.93 29.05
N ASN D 462 42.34 23.61 27.77
CA ASN D 462 42.12 24.59 26.71
C ASN D 462 40.67 24.68 26.27
N TYR D 463 39.77 23.95 26.92
CA TYR D 463 38.37 23.93 26.53
C TYR D 463 37.65 25.16 27.05
N GLU D 464 36.36 25.28 26.70
CA GLU D 464 35.57 26.43 27.12
C GLU D 464 35.25 26.38 28.61
N ARG D 465 34.89 25.19 29.12
CA ARG D 465 34.51 25.07 30.52
C ARG D 465 35.69 25.21 31.47
N PHE D 466 36.92 25.06 30.98
CA PHE D 466 38.11 25.40 31.73
C PHE D 466 38.61 26.81 31.46
N ASN D 467 37.86 27.57 30.66
CA ASN D 467 38.12 28.99 30.35
C ASN D 467 39.49 29.19 29.69
N PHE D 468 39.83 28.28 28.77
CA PHE D 468 41.04 28.34 27.93
C PHE D 468 42.32 28.43 28.76
N ASP D 469 42.36 27.64 29.85
CA ASP D 469 43.45 27.61 30.84
C ASP D 469 43.73 28.99 31.43
N GLY D 470 42.69 29.81 31.57
CA GLY D 470 42.88 31.16 32.05
C GLY D 470 43.60 32.08 31.11
N GLY D 471 43.59 31.78 29.80
CA GLY D 471 44.28 32.62 28.85
C GLY D 471 45.76 32.36 28.71
N GLU D 472 46.27 31.27 29.28
CA GLU D 472 47.68 30.93 29.11
C GLU D 472 47.97 30.40 27.72
N CYS D 473 47.01 29.71 27.10
CA CYS D 473 47.24 29.08 25.81
C CYS D 473 47.29 30.11 24.67
N CYS D 474 46.62 31.24 24.84
CA CYS D 474 46.64 32.30 23.84
C CYS D 474 47.78 33.29 24.04
N ASP D 475 48.57 33.11 25.09
CA ASP D 475 49.72 33.99 25.31
C ASP D 475 50.83 33.64 24.32
N PRO D 476 51.41 34.61 23.61
CA PRO D 476 52.46 34.29 22.63
C PRO D 476 53.77 33.85 23.26
N GLU D 477 54.03 34.21 24.51
CA GLU D 477 55.28 33.84 25.15
C GLU D 477 55.30 32.39 25.60
N ILE D 478 54.14 31.83 25.95
CA ILE D 478 54.09 30.45 26.43
C ILE D 478 54.34 29.48 25.28
N THR D 479 53.65 29.67 24.16
CA THR D 479 53.72 28.74 23.04
C THR D 479 53.34 29.49 21.76
N ASN D 480 53.24 28.74 20.66
CA ASN D 480 52.83 29.33 19.39
C ASN D 480 51.35 29.69 19.40
N VAL D 481 51.03 30.84 18.83
CA VAL D 481 49.65 31.31 18.79
C VAL D 481 48.82 30.46 17.83
N THR D 482 49.40 30.09 16.69
CA THR D 482 48.64 29.52 15.58
C THR D 482 48.23 28.07 15.80
N GLN D 483 48.67 27.43 16.89
CA GLN D 483 48.31 26.05 17.16
C GLN D 483 47.65 25.84 18.52
N THR D 484 47.64 26.84 19.40
CA THR D 484 47.19 26.65 20.77
C THR D 484 46.05 27.55 21.20
N CYS D 485 45.86 28.71 20.57
CA CYS D 485 44.84 29.65 21.02
C CYS D 485 43.48 29.26 20.44
N PHE D 486 42.51 29.00 21.32
CA PHE D 486 41.17 28.64 20.89
C PHE D 486 40.11 29.67 21.32
N ASP D 487 40.52 30.77 21.93
CA ASP D 487 39.55 31.76 22.42
C ASP D 487 39.15 32.70 21.30
N PRO D 488 37.88 32.72 20.88
CA PRO D 488 37.48 33.63 19.80
C PRO D 488 37.41 35.09 20.23
N ASP D 489 37.37 35.37 21.53
CA ASP D 489 37.41 36.75 21.99
C ASP D 489 38.80 37.36 21.86
N SER D 490 39.85 36.54 21.73
CA SER D 490 41.20 37.05 21.58
C SER D 490 41.40 37.61 20.17
N PRO D 491 42.15 38.71 20.03
CA PRO D 491 42.43 39.25 18.69
C PRO D 491 43.24 38.32 17.79
N HIS D 492 44.11 37.50 18.36
CA HIS D 492 44.90 36.54 17.59
C HIS D 492 44.51 35.13 18.00
N ARG D 493 44.07 34.32 17.03
CA ARG D 493 43.57 32.98 17.30
C ARG D 493 43.98 32.05 16.17
N ALA D 494 43.69 30.76 16.37
CA ALA D 494 44.13 29.74 15.42
C ALA D 494 43.28 29.73 14.15
N TYR D 495 41.97 29.85 14.28
CA TYR D 495 41.07 29.72 13.13
C TYR D 495 40.68 31.09 12.59
N LEU D 496 40.33 31.11 11.30
CA LEU D 496 39.96 32.32 10.59
C LEU D 496 38.81 32.01 9.64
N ASP D 497 37.81 32.87 9.62
CA ASP D 497 36.69 32.72 8.70
C ASP D 497 37.07 33.23 7.31
N VAL D 498 36.42 32.68 6.28
CA VAL D 498 36.73 33.10 4.92
C VAL D 498 36.25 34.53 4.66
N ASN D 499 35.18 34.95 5.33
CA ASN D 499 34.75 36.34 5.22
C ASN D 499 35.74 37.29 5.89
N GLU D 500 36.51 36.78 6.86
CA GLU D 500 37.65 37.52 7.36
C GLU D 500 38.89 37.34 6.50
N LEU D 501 38.94 36.28 5.68
CA LEU D 501 40.07 36.09 4.78
C LEU D 501 39.99 37.03 3.58
N LYS D 502 38.79 37.21 3.03
CA LYS D 502 38.61 38.05 1.85
C LYS D 502 38.82 39.52 2.18
N ASN D 503 38.60 39.92 3.43
CA ASN D 503 38.91 41.29 3.84
C ASN D 503 40.42 41.52 3.90
N ILE D 504 41.18 40.50 4.31
CA ILE D 504 42.64 40.63 4.34
C ILE D 504 43.19 40.63 2.92
N LEU D 505 42.72 39.73 2.06
CA LEU D 505 43.25 39.63 0.71
C LEU D 505 42.79 40.81 -0.16
N LYS D 506 41.49 41.15 -0.06
CA LYS D 506 40.85 42.25 -0.82
C LYS D 506 41.04 42.08 -2.33
N LEU D 507 40.71 40.90 -2.82
CA LEU D 507 40.89 40.57 -4.23
C LEU D 507 39.82 41.23 -5.07
N ASP D 508 40.23 41.85 -6.18
CA ASP D 508 39.29 42.48 -7.10
C ASP D 508 38.52 41.39 -7.82
N GLY D 509 37.31 41.11 -7.34
CA GLY D 509 36.44 40.11 -7.93
C GLY D 509 35.55 40.61 -9.04
N SER D 510 35.73 41.87 -9.46
CA SER D 510 34.92 42.41 -10.55
C SER D 510 35.31 41.86 -11.90
N THR D 511 36.54 41.34 -12.04
CA THR D 511 37.04 40.88 -13.32
C THR D 511 37.30 39.38 -13.40
N HIS D 512 37.48 38.70 -12.27
CA HIS D 512 37.71 37.26 -12.25
C HIS D 512 36.77 36.60 -11.25
N LEU D 513 36.42 35.34 -11.52
CA LEU D 513 35.72 34.52 -10.54
C LEU D 513 36.76 33.97 -9.57
N ASN D 514 36.85 34.56 -8.39
CA ASN D 514 37.82 34.13 -7.41
C ASN D 514 37.40 32.82 -6.78
N ILE D 515 38.34 31.88 -6.69
CA ILE D 515 38.12 30.60 -6.03
C ILE D 515 38.91 30.62 -4.74
N PHE D 516 38.24 30.36 -3.63
CA PHE D 516 38.86 30.31 -2.31
C PHE D 516 38.84 28.89 -1.78
N PHE D 517 39.72 28.62 -0.82
CA PHE D 517 39.86 27.30 -0.23
C PHE D 517 39.73 27.39 1.27
N ALA D 518 38.90 26.51 1.83
CA ALA D 518 38.69 26.45 3.27
C ALA D 518 38.26 25.04 3.64
N LYS D 519 38.47 24.70 4.91
CA LYS D 519 38.25 23.35 5.41
C LYS D 519 36.88 23.26 6.08
N SER D 520 36.10 22.26 5.69
CA SER D 520 34.81 21.96 6.29
C SER D 520 34.90 20.59 6.94
N SER D 521 34.61 20.52 8.24
CA SER D 521 34.70 19.27 8.96
C SER D 521 33.58 18.31 8.62
N GLU D 522 32.39 18.83 8.29
CA GLU D 522 31.28 17.97 7.88
C GLU D 522 31.54 17.33 6.53
N GLU D 523 32.23 18.06 5.64
CA GLU D 523 32.73 17.63 4.31
C GLU D 523 31.64 17.05 3.39
N GLU D 524 30.36 17.32 3.69
CA GLU D 524 29.28 16.90 2.82
C GLU D 524 29.07 17.87 1.65
N LEU D 525 29.62 19.08 1.75
CA LEU D 525 29.48 20.08 0.70
C LEU D 525 30.73 20.96 0.70
N ALA D 526 30.73 21.95 -0.19
CA ALA D 526 31.77 22.96 -0.28
C ALA D 526 31.35 24.18 0.56
N GLY D 527 32.04 25.31 0.34
CA GLY D 527 31.69 26.54 1.01
C GLY D 527 30.51 27.24 0.36
N VAL D 528 30.23 28.44 0.87
CA VAL D 528 29.09 29.22 0.41
C VAL D 528 29.46 29.92 -0.89
N ALA D 529 28.69 29.67 -1.95
CA ALA D 529 28.90 30.30 -3.25
C ALA D 529 27.94 31.46 -3.40
N THR D 530 28.46 32.61 -3.82
CA THR D 530 27.65 33.81 -3.94
C THR D 530 26.83 33.76 -5.23
N TRP D 531 25.53 34.01 -5.09
CA TRP D 531 24.61 34.03 -6.22
C TRP D 531 24.87 35.26 -7.08
N PRO D 532 24.46 35.24 -8.36
CA PRO D 532 24.64 36.43 -9.20
C PRO D 532 23.88 37.67 -8.74
N TRP D 533 22.74 37.49 -8.09
CA TRP D 533 21.91 38.59 -7.64
C TRP D 533 22.31 39.13 -6.27
N ASP D 534 23.30 38.55 -5.62
CA ASP D 534 23.79 39.10 -4.37
C ASP D 534 24.57 40.38 -4.62
N LYS D 535 24.66 41.20 -3.56
CA LYS D 535 25.36 42.47 -3.66
C LYS D 535 26.87 42.31 -3.74
N GLU D 536 27.41 41.16 -3.37
CA GLU D 536 28.84 40.92 -3.33
C GLU D 536 29.35 40.19 -4.57
N ALA D 537 28.50 40.01 -5.59
CA ALA D 537 28.88 39.21 -6.75
C ALA D 537 29.96 39.87 -7.59
N LEU D 538 30.09 41.20 -7.51
CA LEU D 538 31.18 41.90 -8.17
C LEU D 538 32.13 42.57 -7.19
N MET D 539 31.92 42.41 -5.89
CA MET D 539 32.76 43.01 -4.88
C MET D 539 33.89 42.06 -4.50
N HIS D 540 34.67 42.44 -3.49
CA HIS D 540 35.78 41.62 -3.04
C HIS D 540 35.35 40.50 -2.10
N LEU D 541 34.10 40.49 -1.64
CA LEU D 541 33.61 39.48 -0.72
C LEU D 541 32.90 38.33 -1.42
N GLY D 542 32.94 38.29 -2.75
CA GLY D 542 32.23 37.29 -3.51
C GLY D 542 33.17 36.35 -4.25
N GLY D 543 32.70 35.13 -4.48
CA GLY D 543 33.50 34.12 -5.13
C GLY D 543 32.95 32.74 -4.80
N ILE D 544 33.85 31.76 -4.87
CA ILE D 544 33.52 30.37 -4.59
C ILE D 544 34.51 29.85 -3.55
N VAL D 545 33.99 29.27 -2.47
CA VAL D 545 34.81 28.65 -1.45
C VAL D 545 34.74 27.14 -1.64
N LEU D 546 35.90 26.50 -1.81
CA LEU D 546 36.00 25.07 -2.02
C LEU D 546 36.83 24.44 -0.90
N ASN D 547 36.88 23.11 -0.92
CA ASN D 547 37.67 22.34 0.02
C ASN D 547 38.91 21.81 -0.69
N PRO D 548 40.12 22.22 -0.30
CA PRO D 548 41.33 21.77 -1.01
C PRO D 548 41.68 20.31 -0.79
N SER D 549 41.10 19.65 0.22
CA SER D 549 41.40 18.24 0.43
C SER D 549 40.80 17.35 -0.65
N PHE D 550 39.64 17.73 -1.18
CA PHE D 550 38.98 16.98 -2.25
C PHE D 550 39.14 17.65 -3.61
N TYR D 551 40.08 18.60 -3.70
CA TYR D 551 40.27 19.37 -4.97
C TYR D 551 40.96 18.49 -6.02
N GLY D 552 40.39 18.39 -7.21
CA GLY D 552 40.98 17.59 -8.30
C GLY D 552 41.16 16.12 -7.90
N MET D 553 40.19 15.56 -7.17
CA MET D 553 40.27 14.13 -6.78
C MET D 553 39.38 13.29 -7.73
N PRO D 554 39.76 12.06 -8.18
CA PRO D 554 38.93 11.32 -9.15
C PRO D 554 37.50 11.11 -8.70
N GLY D 555 37.26 10.96 -7.40
CA GLY D 555 35.91 10.87 -6.87
C GLY D 555 35.27 12.19 -6.51
N HIS D 556 36.00 13.30 -6.63
CA HIS D 556 35.49 14.61 -6.24
C HIS D 556 35.91 15.67 -7.25
N THR D 557 35.77 15.36 -8.54
CA THR D 557 36.10 16.32 -9.60
C THR D 557 34.91 17.16 -10.03
N HIS D 558 33.70 16.87 -9.52
CA HIS D 558 32.49 17.53 -9.97
C HIS D 558 31.94 18.54 -8.97
N THR D 559 32.69 18.83 -7.89
CA THR D 559 32.23 19.82 -6.92
C THR D 559 32.42 21.24 -7.44
N MET D 560 33.49 21.48 -8.20
CA MET D 560 33.69 22.82 -8.76
C MET D 560 32.68 23.14 -9.83
N ILE D 561 32.23 22.14 -10.59
CA ILE D 561 31.16 22.34 -11.56
C ILE D 561 29.85 22.71 -10.84
N HIS D 562 29.59 22.06 -9.71
CA HIS D 562 28.40 22.36 -8.91
C HIS D 562 28.45 23.77 -8.33
N GLU D 563 29.61 24.16 -7.79
CA GLU D 563 29.72 25.51 -7.22
C GLU D 563 29.74 26.59 -8.29
N ILE D 564 30.27 26.28 -9.48
CA ILE D 564 30.22 27.23 -10.58
C ILE D 564 28.80 27.39 -11.09
N GLY D 565 28.03 26.30 -11.12
CA GLY D 565 26.61 26.40 -11.42
C GLY D 565 25.84 27.19 -10.39
N HIS D 566 26.23 27.08 -9.10
CA HIS D 566 25.64 27.91 -8.07
C HIS D 566 26.00 29.38 -8.25
N SER D 567 27.23 29.67 -8.68
CA SER D 567 27.65 31.05 -8.87
C SER D 567 27.15 31.64 -10.19
N LEU D 568 26.55 30.83 -11.06
CA LEU D 568 25.96 31.33 -12.30
C LEU D 568 24.44 31.32 -12.27
N GLY D 569 23.83 31.09 -11.11
CA GLY D 569 22.41 31.26 -10.98
C GLY D 569 21.56 30.02 -11.18
N LEU D 570 22.07 28.87 -10.76
CA LEU D 570 21.33 27.62 -10.80
C LEU D 570 21.07 27.14 -9.38
N TYR D 571 19.82 26.87 -9.06
CA TYR D 571 19.46 26.31 -7.77
C TYR D 571 19.70 24.81 -7.77
N HIS D 572 19.54 24.18 -6.61
CA HIS D 572 19.50 22.74 -6.56
C HIS D 572 18.21 22.23 -7.19
N VAL D 573 18.27 20.99 -7.69
CA VAL D 573 17.08 20.37 -8.27
C VAL D 573 16.05 20.06 -7.19
N PHE D 574 16.51 19.81 -5.96
CA PHE D 574 15.63 19.50 -4.84
C PHE D 574 15.17 20.73 -4.08
N ARG D 575 15.25 21.92 -4.70
CA ARG D 575 14.80 23.14 -4.04
C ARG D 575 13.28 23.15 -3.88
N GLY D 576 12.56 22.66 -4.89
CA GLY D 576 11.11 22.69 -4.85
C GLY D 576 10.45 21.70 -3.93
N ILE D 577 11.21 20.77 -3.35
CA ILE D 577 10.68 19.78 -2.43
C ILE D 577 11.32 19.90 -1.05
N SER D 578 12.65 19.98 -1.00
CA SER D 578 13.38 19.93 0.26
C SER D 578 13.74 21.30 0.81
N GLU D 579 14.11 22.24 -0.05
CA GLU D 579 14.56 23.57 0.39
C GLU D 579 13.42 24.57 0.36
N ILE D 580 12.35 24.26 1.08
CA ILE D 580 11.20 25.13 1.21
C ILE D 580 10.88 25.31 2.68
N GLN D 581 10.14 26.37 2.99
CA GLN D 581 9.79 26.65 4.38
C GLN D 581 8.79 25.64 4.93
N SER D 582 7.73 25.37 4.18
CA SER D 582 6.70 24.44 4.62
C SER D 582 6.03 23.83 3.40
N CYS D 583 4.96 23.09 3.63
CA CYS D 583 4.16 22.53 2.55
C CYS D 583 3.25 23.56 1.89
N SER D 584 3.16 24.76 2.45
CA SER D 584 2.34 25.84 1.91
C SER D 584 3.18 26.88 1.17
N ASP D 585 4.44 26.58 0.89
CA ASP D 585 5.29 27.52 0.19
C ASP D 585 4.86 27.64 -1.27
N PRO D 586 4.83 28.84 -1.83
CA PRO D 586 4.43 28.99 -3.25
C PRO D 586 5.43 28.42 -4.24
N CYS D 587 6.69 28.23 -3.85
CA CYS D 587 7.72 27.73 -4.75
C CYS D 587 7.84 26.21 -4.71
N MET D 588 6.92 25.53 -4.04
CA MET D 588 6.89 24.07 -4.04
C MET D 588 6.31 23.60 -5.37
N GLU D 589 7.14 23.03 -6.23
CA GLU D 589 6.71 22.66 -7.57
C GLU D 589 5.98 21.32 -7.53
N THR D 590 4.67 21.36 -7.72
CA THR D 590 3.91 20.13 -7.92
C THR D 590 4.11 19.60 -9.34
N GLU D 591 4.32 20.48 -10.30
CA GLU D 591 4.61 20.18 -11.69
C GLU D 591 5.81 21.01 -12.13
N PRO D 592 6.59 20.53 -13.11
CA PRO D 592 7.73 21.32 -13.58
C PRO D 592 7.28 22.57 -14.34
N SER D 593 7.87 23.71 -13.98
CA SER D 593 7.52 24.98 -14.61
C SER D 593 8.70 25.94 -14.45
N PHE D 594 8.61 27.05 -15.17
CA PHE D 594 9.64 28.08 -15.12
C PHE D 594 9.54 28.99 -13.90
N GLU D 595 8.43 28.92 -13.15
CA GLU D 595 8.19 29.85 -12.06
C GLU D 595 8.21 29.18 -10.68
N THR D 596 8.39 27.86 -10.62
CA THR D 596 8.40 27.15 -9.35
C THR D 596 9.68 26.32 -9.22
N GLY D 597 10.10 26.13 -7.97
CA GLY D 597 11.22 25.27 -7.67
C GLY D 597 12.56 25.83 -8.08
N ASP D 598 13.26 25.12 -8.96
CA ASP D 598 14.56 25.53 -9.48
C ASP D 598 14.45 26.34 -10.76
N LEU D 599 13.23 26.78 -11.11
CA LEU D 599 12.94 27.61 -12.29
C LEU D 599 13.38 26.95 -13.59
N CYS D 600 13.22 25.63 -13.67
CA CYS D 600 13.55 24.86 -14.85
C CYS D 600 12.41 23.91 -15.18
N ASN D 601 11.97 23.95 -16.43
CA ASN D 601 10.89 23.07 -16.88
C ASN D 601 11.36 21.64 -17.14
N ASP D 602 12.66 21.46 -17.42
CA ASP D 602 13.18 20.13 -17.72
C ASP D 602 13.30 19.27 -16.46
N THR D 603 13.73 19.88 -15.36
CA THR D 603 14.03 19.13 -14.15
C THR D 603 12.76 18.83 -13.37
N ASN D 604 12.45 17.55 -13.20
CA ASN D 604 11.29 17.12 -12.44
C ASN D 604 11.51 17.35 -10.95
N PRO D 605 10.43 17.44 -10.16
CA PRO D 605 10.59 17.49 -8.71
C PRO D 605 11.23 16.22 -8.15
N ALA D 606 12.04 16.40 -7.12
CA ALA D 606 12.80 15.32 -6.50
C ALA D 606 13.24 15.76 -5.12
N PRO D 607 13.34 14.84 -4.16
CA PRO D 607 13.91 15.17 -2.86
C PRO D 607 15.44 15.06 -2.92
N LYS D 608 16.07 15.30 -1.78
CA LYS D 608 17.52 15.18 -1.67
C LYS D 608 17.89 13.76 -1.27
N HIS D 609 18.82 13.17 -2.02
CA HIS D 609 19.28 11.81 -1.75
C HIS D 609 20.66 11.64 -2.36
N LYS D 610 21.38 10.64 -1.86
CA LYS D 610 22.70 10.31 -2.36
C LYS D 610 22.68 9.20 -3.41
N SER D 611 21.51 8.69 -3.76
CA SER D 611 21.40 7.60 -4.70
C SER D 611 21.49 8.12 -6.14
N CYS D 612 21.92 7.23 -7.04
CA CYS D 612 21.96 7.51 -8.47
C CYS D 612 20.72 7.02 -9.18
N GLY D 613 19.67 6.67 -8.44
CA GLY D 613 18.43 6.21 -9.04
C GLY D 613 17.21 6.93 -8.51
N ASP D 614 16.02 6.45 -8.87
CA ASP D 614 14.79 7.05 -8.38
C ASP D 614 14.52 6.59 -6.95
N PRO D 615 14.30 7.51 -6.01
CA PRO D 615 13.96 7.10 -4.65
C PRO D 615 12.54 6.58 -4.55
N GLY D 616 12.30 5.77 -3.53
CA GLY D 616 11.00 5.21 -3.28
C GLY D 616 10.18 6.04 -2.31
N PRO D 617 9.72 5.42 -1.23
CA PRO D 617 8.94 6.17 -0.23
C PRO D 617 9.79 7.14 0.56
N GLY D 618 9.22 8.30 0.86
CA GLY D 618 9.91 9.34 1.59
C GLY D 618 9.00 10.16 2.49
N ASN D 619 9.43 10.37 3.74
CA ASN D 619 8.65 11.12 4.71
C ASN D 619 8.88 12.62 4.62
N ASP D 620 9.96 13.06 3.96
CA ASP D 620 10.26 14.49 3.87
C ASP D 620 9.27 15.21 2.96
N THR D 621 8.85 14.55 1.88
CA THR D 621 7.89 15.14 0.96
C THR D 621 6.50 15.18 1.59
N CYS D 622 5.78 16.27 1.32
CA CYS D 622 4.47 16.48 1.94
C CYS D 622 3.43 15.50 1.39
N GLY D 623 3.11 15.60 0.11
CA GLY D 623 2.03 14.82 -0.45
C GLY D 623 2.42 13.81 -1.50
N PHE D 624 3.64 13.90 -2.00
CA PHE D 624 4.10 13.05 -3.10
C PHE D 624 4.90 11.90 -2.52
N HIS D 625 4.33 10.70 -2.58
CA HIS D 625 4.98 9.51 -2.02
C HIS D 625 6.09 8.99 -2.91
N SER D 626 5.97 9.14 -4.23
CA SER D 626 6.94 8.60 -5.16
C SER D 626 7.25 9.63 -6.25
N PHE D 627 8.42 9.48 -6.84
CA PHE D 627 8.88 10.36 -7.92
C PHE D 627 9.43 9.54 -9.07
N PHE D 628 9.20 10.04 -10.28
CA PHE D 628 9.70 9.41 -11.49
C PHE D 628 10.32 10.48 -12.38
N ASN D 629 11.25 10.04 -13.23
CA ASN D 629 12.15 10.90 -14.02
C ASN D 629 12.90 11.88 -13.11
N THR D 630 13.43 11.34 -12.03
CA THR D 630 14.25 12.14 -11.11
C THR D 630 15.57 12.48 -11.77
N PRO D 631 15.99 13.76 -11.78
CA PRO D 631 17.31 14.10 -12.30
C PRO D 631 18.43 13.70 -11.36
N TYR D 632 18.74 12.40 -11.30
CA TYR D 632 19.85 11.94 -10.46
C TYR D 632 21.20 12.26 -11.09
N ASN D 633 21.25 12.35 -12.42
CA ASN D 633 22.49 12.55 -13.14
C ASN D 633 22.84 14.02 -13.31
N ASN D 634 22.01 14.93 -12.81
CA ASN D 634 22.26 16.35 -12.95
C ASN D 634 23.38 16.79 -11.99
N PHE D 635 24.10 17.85 -12.39
CA PHE D 635 25.18 18.36 -11.57
C PHE D 635 24.69 19.01 -10.29
N MET D 636 23.46 19.50 -10.26
CA MET D 636 22.94 20.27 -9.14
C MET D 636 22.32 19.40 -8.06
N SER D 637 22.17 18.10 -8.28
CA SER D 637 21.58 17.23 -7.27
C SER D 637 22.62 16.84 -6.23
N TYR D 638 22.18 16.05 -5.25
CA TYR D 638 23.05 15.59 -4.16
C TYR D 638 23.67 14.23 -4.45
N ALA D 639 23.69 13.80 -5.71
CA ALA D 639 24.28 12.52 -6.06
C ALA D 639 25.80 12.60 -5.99
N ASP D 640 26.43 11.42 -6.04
CA ASP D 640 27.89 11.35 -6.03
C ASP D 640 28.46 11.88 -7.33
N ASP D 641 29.76 12.23 -7.30
CA ASP D 641 30.38 12.95 -8.41
C ASP D 641 30.47 12.11 -9.67
N ASP D 642 30.55 10.78 -9.53
CA ASP D 642 30.54 9.92 -10.71
C ASP D 642 29.14 9.84 -11.33
N CYS D 643 28.09 10.05 -10.52
CA CYS D 643 26.73 10.02 -11.01
C CYS D 643 26.36 11.29 -11.78
N THR D 644 26.90 12.45 -11.38
CA THR D 644 26.52 13.73 -11.96
C THR D 644 27.29 13.95 -13.26
N ASP D 645 26.59 13.92 -14.39
CA ASP D 645 27.27 14.09 -15.68
C ASP D 645 26.48 14.88 -16.71
N SER D 646 25.34 15.47 -16.38
CA SER D 646 24.51 16.11 -17.40
C SER D 646 23.94 17.44 -16.91
N PHE D 647 23.88 18.40 -17.82
CA PHE D 647 23.19 19.67 -17.63
C PHE D 647 21.97 19.72 -18.53
N THR D 648 20.83 20.15 -17.98
CA THR D 648 19.67 20.40 -18.82
C THR D 648 19.90 21.66 -19.66
N PRO D 649 19.32 21.74 -20.86
CA PRO D 649 19.44 22.97 -21.67
C PRO D 649 18.84 24.22 -21.03
N ASN D 650 17.85 24.08 -20.13
CA ASN D 650 17.33 25.23 -19.42
C ASN D 650 18.35 25.81 -18.46
N GLN D 651 19.13 24.94 -17.80
CA GLN D 651 20.19 25.41 -16.94
C GLN D 651 21.31 26.07 -17.74
N VAL D 652 21.55 25.60 -18.96
CA VAL D 652 22.51 26.24 -19.85
C VAL D 652 22.02 27.62 -20.27
N ALA D 653 20.73 27.76 -20.56
CA ALA D 653 20.14 29.06 -20.88
C ALA D 653 20.22 30.03 -19.70
N ARG D 654 19.97 29.52 -18.49
CA ARG D 654 20.09 30.35 -17.29
C ARG D 654 21.54 30.79 -17.06
N MET D 655 22.51 29.90 -17.29
CA MET D 655 23.91 30.26 -17.12
C MET D 655 24.36 31.30 -18.15
N HIS D 656 23.94 31.14 -19.42
CA HIS D 656 24.29 32.12 -20.44
C HIS D 656 23.61 33.46 -20.19
N CYS D 657 22.37 33.42 -19.72
CA CYS D 657 21.63 34.65 -19.46
C CYS D 657 22.18 35.40 -18.25
N TYR D 658 22.63 34.68 -17.23
CA TYR D 658 23.30 35.33 -16.11
C TYR D 658 24.71 35.78 -16.44
N LEU D 659 25.37 35.14 -17.42
CA LEU D 659 26.65 35.67 -17.88
C LEU D 659 26.46 36.96 -18.68
N ASP D 660 25.36 37.05 -19.43
CA ASP D 660 25.06 38.29 -20.14
C ASP D 660 24.57 39.38 -19.18
N LEU D 661 23.88 39.00 -18.11
CA LEU D 661 23.18 39.97 -17.28
C LEU D 661 24.13 40.70 -16.34
N VAL D 662 24.83 39.98 -15.47
CA VAL D 662 25.60 40.58 -14.40
C VAL D 662 27.10 40.37 -14.55
N TYR D 663 27.55 39.48 -15.43
CA TYR D 663 28.94 39.07 -15.53
C TYR D 663 29.62 39.58 -16.79
N GLN D 664 29.33 40.82 -17.19
CA GLN D 664 29.93 41.36 -18.40
C GLN D 664 31.40 41.72 -18.20
N GLY D 665 31.79 42.04 -16.96
CA GLY D 665 33.17 42.42 -16.71
C GLY D 665 34.13 41.26 -16.70
N TRP D 666 33.64 40.03 -16.50
CA TRP D 666 34.52 38.88 -16.47
C TRP D 666 35.02 38.51 -17.86
N GLN D 667 34.17 38.62 -18.85
CA GLN D 667 34.51 38.20 -20.20
C GLN D 667 35.39 39.24 -20.89
N PRO D 668 36.51 38.83 -21.49
CA PRO D 668 37.37 39.81 -22.18
C PRO D 668 36.80 40.31 -23.49
N SER D 669 35.89 39.56 -24.12
CA SER D 669 35.27 40.01 -25.35
C SER D 669 34.25 41.11 -25.04
N ARG D 670 34.41 42.26 -25.70
CA ARG D 670 33.58 43.43 -25.43
C ARG D 670 32.38 43.51 -26.35
N LYS D 671 31.83 42.37 -26.76
CA LYS D 671 30.61 42.37 -27.56
C LYS D 671 29.43 42.80 -26.68
N PRO D 672 28.62 43.75 -27.14
CA PRO D 672 27.52 44.25 -26.30
C PRO D 672 26.43 43.22 -26.08
N ALA D 673 25.67 43.44 -25.02
CA ALA D 673 24.59 42.53 -24.67
C ALA D 673 23.40 42.72 -25.61
N PRO D 674 22.70 41.66 -25.96
CA PRO D 674 21.60 41.78 -26.92
C PRO D 674 20.33 42.33 -26.28
N VAL D 675 19.41 42.74 -27.14
CA VAL D 675 18.05 43.07 -26.72
C VAL D 675 17.31 41.75 -26.53
N ALA D 676 17.02 41.41 -25.28
CA ALA D 676 16.55 40.07 -24.95
C ALA D 676 15.10 39.82 -25.35
N LEU D 677 14.31 40.86 -25.53
CA LEU D 677 12.92 40.72 -25.93
C LEU D 677 12.74 41.16 -27.38
N ALA D 678 11.77 40.53 -28.06
CA ALA D 678 11.45 40.89 -29.42
C ALA D 678 10.85 42.30 -29.47
N PRO D 679 11.06 43.03 -30.56
CA PRO D 679 10.43 44.35 -30.69
C PRO D 679 8.92 44.26 -30.74
N GLN D 680 8.26 45.26 -30.15
CA GLN D 680 6.82 45.27 -29.99
C GLN D 680 6.20 46.28 -30.94
N VAL D 681 5.06 45.92 -31.51
CA VAL D 681 4.35 46.78 -32.46
C VAL D 681 3.46 47.72 -31.67
N LEU D 682 3.87 49.00 -31.57
CA LEU D 682 3.07 49.97 -30.83
C LEU D 682 1.80 50.33 -31.58
N GLY D 683 1.92 50.62 -32.88
CA GLY D 683 0.77 51.01 -33.66
C GLY D 683 1.05 50.88 -35.13
N HIS D 684 -0.03 50.86 -35.91
CA HIS D 684 0.08 50.75 -37.36
C HIS D 684 -0.87 51.74 -38.03
N THR D 685 -0.47 52.22 -39.19
CA THR D 685 -1.28 53.09 -40.02
C THR D 685 -1.49 52.42 -41.37
N THR D 686 -2.08 53.17 -42.31
CA THR D 686 -2.30 52.63 -43.65
C THR D 686 -1.00 52.53 -44.44
N ASP D 687 -0.02 53.37 -44.14
CA ASP D 687 1.22 53.42 -44.89
C ASP D 687 2.47 53.23 -44.04
N SER D 688 2.34 52.98 -42.74
CA SER D 688 3.51 52.88 -41.87
C SER D 688 3.18 52.04 -40.65
N VAL D 689 4.24 51.61 -39.96
CA VAL D 689 4.13 50.93 -38.67
C VAL D 689 5.17 51.53 -37.74
N THR D 690 4.93 51.38 -36.44
CA THR D 690 5.83 51.90 -35.42
C THR D 690 6.29 50.76 -34.53
N LEU D 691 7.60 50.67 -34.29
CA LEU D 691 8.18 49.64 -33.44
C LEU D 691 8.95 50.28 -32.30
N GLU D 692 8.83 49.67 -31.12
CA GLU D 692 9.60 50.07 -29.95
C GLU D 692 10.04 48.81 -29.24
N TRP D 693 11.30 48.78 -28.81
CA TRP D 693 11.90 47.60 -28.20
C TRP D 693 12.45 47.92 -26.82
N PHE D 694 12.71 46.88 -26.06
CA PHE D 694 13.26 46.99 -24.73
C PHE D 694 14.74 47.40 -24.78
N PRO D 695 15.27 47.91 -23.68
CA PRO D 695 16.74 48.07 -23.56
C PRO D 695 17.44 46.73 -23.54
N PRO D 696 18.76 46.70 -23.78
CA PRO D 696 19.49 45.43 -23.73
C PRO D 696 19.49 44.79 -22.35
N ILE D 697 19.82 43.49 -22.33
CA ILE D 697 19.71 42.68 -21.12
C ILE D 697 20.71 43.11 -20.05
N ASP D 698 21.77 43.82 -20.43
CA ASP D 698 22.73 44.34 -19.46
C ASP D 698 22.14 45.44 -18.58
N GLY D 699 21.08 46.10 -19.04
CA GLY D 699 20.47 47.17 -18.29
C GLY D 699 21.18 48.49 -18.38
N HIS D 700 22.18 48.60 -19.26
CA HIS D 700 22.97 49.81 -19.40
C HIS D 700 22.56 50.55 -20.67
N PHE D 701 22.41 51.87 -20.56
CA PHE D 701 22.02 52.70 -21.68
C PHE D 701 23.19 53.45 -22.30
N PHE D 702 24.41 53.22 -21.82
CA PHE D 702 25.59 53.92 -22.30
C PHE D 702 26.70 52.91 -22.58
N GLU D 703 27.76 53.39 -23.21
CA GLU D 703 28.86 52.53 -23.61
C GLU D 703 29.70 52.14 -22.40
N ARG D 704 30.47 51.06 -22.56
CA ARG D 704 31.26 50.50 -21.48
C ARG D 704 32.62 51.20 -21.42
N GLU D 705 32.84 51.99 -20.38
CA GLU D 705 34.13 52.57 -20.08
C GLU D 705 34.53 52.17 -18.67
N LEU D 706 35.76 51.68 -18.53
CA LEU D 706 36.19 51.12 -17.24
C LEU D 706 36.43 52.19 -16.21
N GLY D 707 37.13 53.27 -16.58
CA GLY D 707 37.51 54.29 -15.63
C GLY D 707 36.58 55.49 -15.56
N SER D 708 35.27 55.25 -15.49
CA SER D 708 34.31 56.33 -15.38
C SER D 708 33.05 55.80 -14.73
N ALA D 709 32.04 56.67 -14.61
CA ALA D 709 30.76 56.33 -14.01
C ALA D 709 29.69 56.09 -15.05
N CYS D 710 30.05 55.47 -16.17
CA CYS D 710 29.10 55.27 -17.26
C CYS D 710 28.12 54.14 -16.99
N HIS D 711 28.40 53.26 -16.03
CA HIS D 711 27.46 52.22 -15.68
C HIS D 711 26.39 52.68 -14.70
N LEU D 712 26.55 53.87 -14.10
CA LEU D 712 25.54 54.43 -13.23
C LEU D 712 24.47 55.24 -13.98
N CYS D 713 24.72 55.59 -15.23
CA CYS D 713 23.81 56.48 -15.96
C CYS D 713 22.62 55.71 -16.50
N LEU D 714 21.45 56.32 -16.40
CA LEU D 714 20.18 55.73 -16.80
C LEU D 714 19.87 56.09 -18.26
N GLU D 715 18.60 55.95 -18.66
CA GLU D 715 18.17 56.28 -20.02
C GLU D 715 18.42 57.76 -20.35
N GLY D 716 18.05 58.65 -19.44
CA GLY D 716 18.49 60.03 -19.52
C GLY D 716 19.88 60.15 -18.93
N ARG D 717 20.34 61.40 -18.83
CA ARG D 717 21.67 61.64 -18.28
C ARG D 717 21.66 61.84 -16.77
N ILE D 718 20.70 61.22 -16.08
CA ILE D 718 20.70 61.19 -14.62
C ILE D 718 21.68 60.11 -14.14
N LEU D 719 22.05 60.21 -12.87
CA LEU D 719 22.98 59.26 -12.25
C LEU D 719 22.33 58.70 -11.00
N VAL D 720 22.23 57.37 -10.93
CA VAL D 720 21.58 56.67 -9.84
C VAL D 720 22.63 55.82 -9.14
N GLN D 721 22.94 56.15 -7.89
CA GLN D 721 24.01 55.48 -7.17
C GLN D 721 23.56 55.10 -5.78
N TYR D 722 24.30 54.18 -5.16
CA TYR D 722 24.00 53.68 -3.83
C TYR D 722 25.11 54.09 -2.86
N ALA D 723 24.88 53.82 -1.58
CA ALA D 723 25.77 54.30 -0.53
C ALA D 723 27.07 53.48 -0.54
N SER D 724 28.17 54.09 -0.98
CA SER D 724 29.40 53.33 -1.11
C SER D 724 30.08 53.10 0.22
N ASN D 725 30.07 54.08 1.11
CA ASN D 725 30.72 53.98 2.41
C ASN D 725 29.71 54.32 3.50
N ALA D 726 29.63 53.46 4.51
CA ALA D 726 28.74 53.64 5.64
C ALA D 726 29.55 53.82 6.91
N SER D 727 29.06 54.69 7.80
CA SER D 727 29.76 54.95 9.06
C SER D 727 28.74 55.24 10.13
N SER D 728 28.73 54.45 11.19
CA SER D 728 27.86 54.66 12.34
C SER D 728 28.70 54.62 13.61
N PRO D 729 28.39 55.46 14.60
CA PRO D 729 29.18 55.45 15.83
C PRO D 729 28.94 54.20 16.66
N MET D 730 30.02 53.64 17.18
CA MET D 730 29.90 52.53 18.12
C MET D 730 29.29 53.04 19.42
N PRO D 731 28.24 52.39 19.92
CA PRO D 731 27.52 52.96 21.08
C PRO D 731 28.29 52.89 22.38
N CYS D 732 28.94 51.76 22.67
CA CYS D 732 29.68 51.62 23.92
C CYS D 732 31.00 52.37 23.86
N SER D 733 31.86 52.02 22.91
CA SER D 733 33.17 52.63 22.81
C SER D 733 33.05 54.04 22.24
N PRO D 734 33.58 55.05 22.94
CA PRO D 734 33.50 56.43 22.41
C PRO D 734 34.42 56.62 21.21
N SER D 735 33.87 57.25 20.17
CA SER D 735 34.51 57.44 18.85
C SER D 735 34.96 56.11 18.25
N GLY D 736 34.15 55.07 18.42
CA GLY D 736 34.47 53.78 17.84
C GLY D 736 34.29 53.77 16.33
N HIS D 737 33.13 54.24 15.85
CA HIS D 737 32.81 54.45 14.44
C HIS D 737 32.94 53.16 13.61
N TRP D 738 32.09 52.19 13.94
CA TRP D 738 32.09 50.94 13.20
C TRP D 738 31.48 51.14 11.82
N SER D 739 31.99 50.39 10.84
CA SER D 739 31.58 50.55 9.46
C SER D 739 30.64 49.43 9.06
N PRO D 740 29.35 49.70 8.83
CA PRO D 740 28.43 48.62 8.42
C PRO D 740 28.68 48.23 6.97
N ARG D 741 29.11 46.97 6.76
CA ARG D 741 29.22 46.45 5.41
C ARG D 741 27.85 46.13 4.82
N GLU D 742 26.85 45.90 5.66
CA GLU D 742 25.47 45.92 5.22
C GLU D 742 25.02 47.37 5.11
N ALA D 743 23.81 47.58 4.58
CA ALA D 743 23.21 48.89 4.31
C ALA D 743 24.08 49.75 3.39
N GLU D 744 24.76 49.13 2.43
CA GLU D 744 25.56 49.88 1.47
C GLU D 744 25.09 49.69 0.03
N GLY D 745 25.01 48.46 -0.45
CA GLY D 745 24.75 48.20 -1.85
C GLY D 745 23.28 48.33 -2.21
N HIS D 746 22.89 47.60 -3.26
CA HIS D 746 21.49 47.55 -3.63
C HIS D 746 20.71 46.75 -2.58
N PRO D 747 19.43 47.06 -2.36
CA PRO D 747 18.66 46.40 -1.29
C PRO D 747 18.46 44.91 -1.56
N ASP D 748 18.68 44.10 -0.53
CA ASP D 748 18.72 42.66 -0.69
C ASP D 748 18.04 41.94 0.47
N VAL D 749 16.88 42.43 0.90
CA VAL D 749 16.07 41.72 1.89
C VAL D 749 14.97 40.96 1.18
N GLU D 750 14.63 39.79 1.71
CA GLU D 750 13.59 38.96 1.11
C GLU D 750 12.22 39.29 1.70
N GLN D 751 12.07 39.15 3.02
CA GLN D 751 10.84 39.55 3.68
C GLN D 751 10.97 41.03 4.02
N PRO D 752 10.18 41.91 3.42
CA PRO D 752 10.45 43.36 3.55
C PRO D 752 9.94 43.98 4.84
N CYS D 753 9.27 43.23 5.71
CA CYS D 753 8.80 43.73 7.00
C CYS D 753 9.21 42.79 8.12
N LYS D 754 10.50 42.41 8.11
CA LYS D 754 11.02 41.42 9.03
C LYS D 754 12.45 41.80 9.39
N SER D 755 12.84 41.55 10.65
CA SER D 755 14.20 41.82 11.08
C SER D 755 15.17 40.87 10.37
N SER D 756 16.24 41.44 9.81
CA SER D 756 17.15 40.68 8.96
C SER D 756 18.58 41.00 9.34
N VAL D 757 19.50 40.16 8.83
CA VAL D 757 20.92 40.38 9.04
C VAL D 757 21.54 41.25 7.95
N ARG D 758 20.81 41.55 6.88
CA ARG D 758 21.31 42.34 5.77
C ARG D 758 21.07 43.83 5.96
N THR D 759 20.69 44.26 7.16
CA THR D 759 20.31 45.64 7.42
C THR D 759 21.10 46.19 8.61
N TRP D 760 21.32 47.51 8.60
CA TRP D 760 21.94 48.19 9.72
C TRP D 760 20.93 48.42 10.85
N SER D 761 21.35 48.19 12.07
CA SER D 761 20.54 48.45 13.25
C SER D 761 21.37 49.24 14.25
N PRO D 762 20.74 50.11 15.04
CA PRO D 762 21.50 50.89 16.04
C PRO D 762 22.12 50.06 17.15
N ASN D 763 21.59 48.88 17.46
CA ASN D 763 22.09 48.05 18.54
C ASN D 763 22.74 46.76 18.05
N SER D 764 23.13 46.71 16.78
CA SER D 764 23.75 45.50 16.24
C SER D 764 25.26 45.50 16.36
N ALA D 765 25.88 46.67 16.57
CA ALA D 765 27.33 46.74 16.66
C ALA D 765 27.86 46.24 17.99
N VAL D 766 27.06 46.32 19.05
CA VAL D 766 27.55 46.01 20.39
C VAL D 766 27.72 44.50 20.56
N ASN D 767 28.57 44.14 21.51
CA ASN D 767 28.75 42.75 21.87
C ASN D 767 27.53 42.27 22.67
N PRO D 768 27.30 40.96 22.73
CA PRO D 768 26.22 40.46 23.60
C PRO D 768 26.41 40.77 25.08
N HIS D 769 27.65 40.87 25.55
CA HIS D 769 27.86 41.08 26.98
C HIS D 769 27.59 42.50 27.42
N THR D 770 27.87 43.49 26.57
CA THR D 770 27.70 44.88 26.98
C THR D 770 26.24 45.30 26.85
N VAL D 771 25.83 46.21 27.73
CA VAL D 771 24.46 46.74 27.73
C VAL D 771 24.35 47.76 26.61
N PRO D 772 23.44 47.56 25.65
CA PRO D 772 23.31 48.53 24.55
C PRO D 772 22.67 49.80 25.03
N PRO D 773 23.33 50.95 24.84
CA PRO D 773 22.74 52.21 25.28
C PRO D 773 21.58 52.64 24.38
N ALA D 774 20.61 53.30 25.00
CA ALA D 774 19.52 53.90 24.24
C ALA D 774 20.02 55.12 23.49
N CYS D 775 19.33 55.45 22.39
CA CYS D 775 19.73 56.59 21.58
C CYS D 775 19.36 57.89 22.29
N PRO D 776 20.13 58.96 22.07
CA PRO D 776 19.86 60.23 22.75
C PRO D 776 18.53 60.86 22.37
N GLU D 777 17.95 61.59 23.33
CA GLU D 777 16.62 62.17 23.13
C GLU D 777 16.53 63.26 22.07
N PRO D 778 17.40 64.30 22.02
CA PRO D 778 17.15 65.36 21.03
C PRO D 778 17.47 64.97 19.60
N GLN D 779 18.46 64.11 19.36
CA GLN D 779 18.86 63.74 18.01
C GLN D 779 18.59 62.28 17.69
N GLY D 780 19.14 61.36 18.47
CA GLY D 780 19.02 59.94 18.22
C GLY D 780 20.26 59.38 17.53
N CYS D 781 20.26 58.05 17.44
CA CYS D 781 21.36 57.34 16.79
C CYS D 781 21.30 57.55 15.29
N TYR D 782 22.45 57.78 14.67
CA TYR D 782 22.47 58.14 13.26
C TYR D 782 23.38 57.22 12.46
N LEU D 783 23.04 57.07 11.18
CA LEU D 783 23.85 56.38 10.19
C LEU D 783 24.34 57.40 9.19
N GLU D 784 25.65 57.46 8.95
CA GLU D 784 26.23 58.36 7.97
C GLU D 784 26.61 57.57 6.73
N LEU D 785 25.81 57.70 5.68
CA LEU D 785 26.02 56.98 4.43
C LEU D 785 26.67 57.92 3.43
N GLU D 786 27.85 57.56 2.95
CA GLU D 786 28.62 58.37 2.02
C GLU D 786 28.51 57.77 0.63
N PHE D 787 28.24 58.62 -0.36
CA PHE D 787 28.16 58.20 -1.74
C PHE D 787 29.49 58.43 -2.43
N LEU D 788 29.74 57.64 -3.50
CA LEU D 788 31.03 57.68 -4.16
C LEU D 788 31.23 58.96 -4.96
N TYR D 789 30.22 59.36 -5.72
CA TYR D 789 30.32 60.52 -6.59
C TYR D 789 29.42 61.63 -6.05
N PRO D 790 29.96 62.69 -5.47
CA PRO D 790 29.11 63.81 -5.04
C PRO D 790 28.59 64.59 -6.24
N LEU D 791 27.30 64.89 -6.22
CA LEU D 791 26.65 65.57 -7.33
C LEU D 791 25.44 66.34 -6.81
N VAL D 792 24.79 67.07 -7.71
CA VAL D 792 23.55 67.77 -7.38
C VAL D 792 22.43 66.76 -7.35
N PRO D 793 21.76 66.56 -6.22
CA PRO D 793 20.73 65.52 -6.13
C PRO D 793 19.33 66.03 -6.42
N GLU D 794 18.48 65.11 -6.88
CA GLU D 794 17.06 65.38 -7.03
C GLU D 794 16.18 64.39 -6.29
N SER D 795 16.67 63.21 -5.92
CA SER D 795 15.84 62.25 -5.23
C SER D 795 16.71 61.39 -4.32
N LEU D 796 16.11 60.95 -3.22
CA LEU D 796 16.82 60.14 -2.25
C LEU D 796 15.86 59.11 -1.68
N THR D 797 16.15 57.83 -1.88
CA THR D 797 15.31 56.77 -1.34
C THR D 797 16.08 55.98 -0.30
N ILE D 798 15.39 55.61 0.78
CA ILE D 798 15.95 54.83 1.87
C ILE D 798 15.05 53.64 2.09
N TRP D 799 15.62 52.44 2.06
CA TRP D 799 14.85 51.20 2.26
C TRP D 799 14.81 50.88 3.74
N VAL D 800 13.90 51.52 4.46
CA VAL D 800 13.67 51.17 5.85
C VAL D 800 12.88 49.86 5.87
N THR D 801 13.52 48.77 6.29
CA THR D 801 12.90 47.46 6.21
C THR D 801 11.96 47.21 7.39
N PHE D 802 12.49 47.22 8.60
CA PHE D 802 11.73 46.85 9.79
C PHE D 802 11.60 48.05 10.70
N VAL D 803 10.38 48.32 11.16
CA VAL D 803 10.12 49.33 12.16
C VAL D 803 9.52 48.65 13.38
N SER D 804 9.53 49.35 14.52
CA SER D 804 8.98 48.80 15.74
C SER D 804 7.45 48.80 15.69
N THR D 805 6.86 47.65 16.04
CA THR D 805 5.40 47.51 15.95
C THR D 805 4.69 48.36 16.98
N ASP D 806 5.13 48.29 18.24
CA ASP D 806 4.57 49.12 19.30
C ASP D 806 5.37 50.40 19.34
N TRP D 807 4.90 51.41 18.61
CA TRP D 807 5.63 52.65 18.38
C TRP D 807 4.69 53.82 18.66
N ASP D 808 4.74 54.32 19.90
CA ASP D 808 3.83 55.37 20.32
C ASP D 808 4.16 56.72 19.67
N SER D 809 5.43 56.96 19.38
CA SER D 809 5.84 58.23 18.75
C SER D 809 5.38 58.29 17.30
N SER D 810 5.46 59.49 16.72
CA SER D 810 4.93 59.70 15.38
C SER D 810 5.85 59.13 14.30
N GLY D 811 7.03 59.69 14.14
CA GLY D 811 7.92 59.35 13.04
C GLY D 811 9.16 58.61 13.54
N ALA D 812 9.47 57.51 12.85
CA ALA D 812 10.64 56.71 13.22
C ALA D 812 11.94 57.42 12.87
N VAL D 813 12.03 57.94 11.65
CA VAL D 813 13.21 58.69 11.23
C VAL D 813 13.11 60.09 11.81
N ASN D 814 14.06 60.44 12.68
CA ASN D 814 13.98 61.71 13.40
C ASN D 814 14.26 62.89 12.49
N ASP D 815 15.33 62.81 11.69
CA ASP D 815 15.59 63.72 10.59
C ASP D 815 16.60 63.08 9.65
N ILE D 816 16.77 63.71 8.49
CA ILE D 816 17.75 63.30 7.50
C ILE D 816 18.53 64.54 7.10
N LYS D 817 19.84 64.53 7.31
CA LYS D 817 20.69 65.69 7.08
C LYS D 817 21.65 65.38 5.94
N LEU D 818 21.46 66.08 4.82
CA LEU D 818 22.35 65.95 3.68
C LEU D 818 23.63 66.74 3.93
N LEU D 819 24.78 66.10 3.70
CA LEU D 819 26.08 66.72 3.91
C LEU D 819 26.58 67.25 2.58
N ALA D 820 26.74 68.56 2.48
CA ALA D 820 27.25 69.17 1.27
C ALA D 820 28.77 69.17 1.27
N VAL D 821 29.35 69.34 0.08
CA VAL D 821 30.80 69.40 -0.03
C VAL D 821 31.37 70.69 0.54
N SER D 822 30.54 71.74 0.66
CA SER D 822 30.97 73.00 1.25
C SER D 822 31.02 72.96 2.77
N GLY D 823 30.48 71.92 3.39
CA GLY D 823 30.42 71.81 4.83
C GLY D 823 29.08 72.13 5.45
N LYS D 824 28.16 72.71 4.68
CA LYS D 824 26.83 73.01 5.20
C LYS D 824 25.99 71.74 5.30
N ASN D 825 25.25 71.62 6.40
CA ASN D 825 24.33 70.51 6.60
C ASN D 825 22.92 70.97 6.29
N ILE D 826 22.25 70.30 5.36
CA ILE D 826 20.91 70.65 4.94
C ILE D 826 19.96 69.65 5.59
N SER D 827 19.14 70.11 6.52
CA SER D 827 18.32 69.22 7.33
C SER D 827 16.91 69.14 6.77
N LEU D 828 16.37 67.93 6.71
CA LEU D 828 14.98 67.70 6.38
C LEU D 828 14.21 67.34 7.63
N GLY D 829 12.88 67.34 7.53
CA GLY D 829 12.04 67.09 8.67
C GLY D 829 11.97 65.62 9.03
N PRO D 830 11.22 65.33 10.09
CA PRO D 830 10.97 63.92 10.44
C PRO D 830 10.09 63.26 9.40
N GLN D 831 10.59 62.17 8.83
CA GLN D 831 9.96 61.53 7.69
C GLN D 831 9.17 60.31 8.14
N ASN D 832 7.92 60.23 7.71
CA ASN D 832 7.13 59.03 7.95
C ASN D 832 7.61 57.91 7.04
N VAL D 833 7.62 56.69 7.56
CA VAL D 833 8.12 55.53 6.83
C VAL D 833 7.08 54.43 6.86
N PHE D 834 7.15 53.55 5.86
CA PHE D 834 6.37 52.34 5.81
C PHE D 834 7.31 51.15 5.84
N CYS D 835 6.76 50.00 6.24
CA CYS D 835 7.55 48.78 6.32
C CYS D 835 7.92 48.27 4.92
N ASP D 836 6.93 48.20 4.02
CA ASP D 836 7.13 47.54 2.73
C ASP D 836 7.78 48.47 1.71
N VAL D 837 7.10 49.56 1.35
CA VAL D 837 7.56 50.44 0.28
C VAL D 837 8.73 51.30 0.77
N PRO D 838 9.70 51.60 -0.08
CA PRO D 838 10.84 52.40 0.37
C PRO D 838 10.47 53.86 0.56
N LEU D 839 11.11 54.49 1.55
CA LEU D 839 10.92 55.92 1.77
C LEU D 839 11.57 56.69 0.62
N THR D 840 10.84 57.67 0.07
CA THR D 840 11.31 58.45 -1.06
C THR D 840 11.18 59.92 -0.73
N ILE D 841 12.25 60.68 -0.94
CA ILE D 841 12.26 62.12 -0.68
C ILE D 841 12.68 62.83 -1.96
N ARG D 842 11.89 63.82 -2.36
CA ARG D 842 12.25 64.72 -3.43
C ARG D 842 12.93 65.94 -2.83
N LEU D 843 14.09 66.31 -3.36
CA LEU D 843 14.92 67.37 -2.81
C LEU D 843 14.80 68.60 -3.69
N TRP D 844 14.49 69.75 -3.09
CA TRP D 844 14.27 70.99 -3.81
C TRP D 844 15.36 71.99 -3.47
N ASP D 845 15.89 72.62 -4.53
CA ASP D 845 16.85 73.74 -4.44
C ASP D 845 18.12 73.35 -3.70
N VAL D 846 18.56 72.11 -3.88
CA VAL D 846 19.86 71.66 -3.33
C VAL D 846 20.88 71.94 -4.43
N GLY D 847 21.35 73.19 -4.47
CA GLY D 847 22.31 73.59 -5.47
C GLY D 847 23.68 72.97 -5.26
N GLU D 848 24.11 72.86 -4.01
CA GLU D 848 25.43 72.33 -3.70
C GLU D 848 25.47 70.82 -3.86
N GLU D 849 26.65 70.32 -4.22
CA GLU D 849 26.85 68.89 -4.38
C GLU D 849 26.82 68.19 -3.03
N VAL D 850 26.18 67.03 -2.98
CA VAL D 850 25.95 66.29 -1.74
C VAL D 850 26.69 64.96 -1.85
N TYR D 851 27.59 64.70 -0.89
CA TYR D 851 28.38 63.48 -0.89
C TYR D 851 27.86 62.43 0.07
N GLY D 852 26.88 62.73 0.89
CA GLY D 852 26.36 61.75 1.82
C GLY D 852 25.17 62.28 2.59
N ILE D 853 24.54 61.37 3.32
CA ILE D 853 23.41 61.70 4.18
C ILE D 853 23.68 61.17 5.57
N GLN D 854 22.96 61.73 6.55
CA GLN D 854 22.93 61.21 7.91
C GLN D 854 21.47 60.98 8.27
N ILE D 855 21.14 59.75 8.65
CA ILE D 855 19.79 59.37 9.00
C ILE D 855 19.74 59.20 10.51
N TYR D 856 18.94 60.03 11.18
CA TYR D 856 18.81 60.01 12.62
C TYR D 856 17.56 59.25 13.02
N THR D 857 17.62 58.55 14.15
CA THR D 857 16.55 57.69 14.59
C THR D 857 16.40 57.79 16.10
N LEU D 858 15.15 57.80 16.57
CA LEU D 858 14.84 57.60 17.98
C LEU D 858 14.40 56.17 18.27
N ASP D 859 14.40 55.30 17.28
CA ASP D 859 14.01 53.91 17.41
C ASP D 859 15.26 53.04 17.39
N GLU D 860 15.32 52.08 18.31
CA GLU D 860 16.47 51.21 18.43
C GLU D 860 16.31 49.88 17.70
N HIS D 861 15.16 49.63 17.09
CA HIS D 861 14.95 48.45 16.27
C HIS D 861 14.74 48.80 14.80
N LEU D 862 14.98 50.05 14.41
CA LEU D 862 14.84 50.45 13.02
C LEU D 862 15.95 49.84 12.19
N GLU D 863 15.60 49.33 11.01
CA GLU D 863 16.56 48.68 10.13
C GLU D 863 16.55 49.36 8.76
N ILE D 864 17.70 49.86 8.35
CA ILE D 864 17.89 50.50 7.06
C ILE D 864 18.63 49.53 6.15
N ASP D 865 18.06 49.26 4.98
CA ASP D 865 18.60 48.25 4.09
C ASP D 865 19.50 48.81 3.01
N ALA D 866 19.17 49.99 2.48
CA ALA D 866 19.98 50.63 1.45
C ALA D 866 19.58 52.09 1.36
N ALA D 867 20.44 52.87 0.70
CA ALA D 867 20.12 54.23 0.32
C ALA D 867 20.49 54.42 -1.14
N MET D 868 19.77 55.31 -1.81
CA MET D 868 19.95 55.53 -3.24
C MET D 868 19.77 57.00 -3.55
N LEU D 869 20.74 57.58 -4.23
CA LEU D 869 20.73 58.98 -4.62
C LEU D 869 20.58 59.06 -6.13
N THR D 870 19.61 59.87 -6.57
CA THR D 870 19.33 60.10 -7.99
C THR D 870 19.56 61.58 -8.28
N SER D 871 20.43 61.85 -9.24
CA SER D 871 20.84 63.22 -9.56
C SER D 871 19.85 63.85 -10.53
N THR D 872 20.17 65.06 -11.00
CA THR D 872 19.29 65.83 -11.86
C THR D 872 19.38 65.33 -13.30
N ALA D 873 18.71 66.03 -14.22
CA ALA D 873 18.58 65.55 -15.60
C ALA D 873 19.90 65.63 -16.36
N ASP D 874 20.76 66.58 -16.05
CA ASP D 874 22.07 66.69 -16.67
C ASP D 874 23.12 66.59 -15.58
N THR D 875 23.95 65.54 -15.66
CA THR D 875 24.99 65.27 -14.69
C THR D 875 26.34 65.36 -15.38
N PRO D 876 27.31 66.10 -14.83
CA PRO D 876 28.62 66.23 -15.49
C PRO D 876 29.40 64.93 -15.58
N LEU D 877 29.09 63.94 -14.75
CA LEU D 877 29.75 62.64 -14.84
C LEU D 877 29.21 61.79 -15.99
N CYS D 878 27.94 61.99 -16.36
CA CYS D 878 27.35 61.24 -17.47
C CYS D 878 27.42 61.99 -18.79
N LEU D 879 27.92 63.23 -18.80
CA LEU D 879 28.07 63.95 -20.07
C LEU D 879 29.25 63.40 -20.88
N GLN D 880 30.24 62.82 -20.21
CA GLN D 880 31.40 62.29 -20.92
C GLN D 880 31.08 60.99 -21.65
N CYS D 881 30.15 60.20 -21.12
CA CYS D 881 29.84 58.90 -21.69
C CYS D 881 29.02 59.03 -22.97
N LYS D 882 29.23 58.09 -23.89
CA LYS D 882 28.50 58.05 -25.14
C LYS D 882 27.45 56.95 -25.12
N PRO D 883 26.23 57.21 -25.58
CA PRO D 883 25.16 56.21 -25.49
C PRO D 883 25.29 55.14 -26.57
N LEU D 884 24.59 54.04 -26.34
CA LEU D 884 24.51 52.98 -27.33
C LEU D 884 23.62 53.40 -28.49
N LYS D 885 23.76 52.68 -29.60
CA LYS D 885 22.94 52.88 -30.78
C LYS D 885 22.26 51.57 -31.14
N TYR D 886 21.18 51.67 -31.90
CA TYR D 886 20.39 50.50 -32.27
C TYR D 886 20.17 50.50 -33.78
N LYS D 887 20.25 49.33 -34.38
CA LYS D 887 20.08 49.16 -35.81
C LYS D 887 18.98 48.16 -36.08
N VAL D 888 18.01 48.53 -36.91
CA VAL D 888 16.87 47.68 -37.23
C VAL D 888 17.14 46.96 -38.53
N VAL D 889 17.06 45.64 -38.50
CA VAL D 889 17.30 44.79 -39.67
C VAL D 889 16.05 43.97 -39.92
N ARG D 890 15.54 44.02 -41.14
CA ARG D 890 14.32 43.33 -41.56
C ARG D 890 14.68 42.11 -42.39
N ASP D 891 13.80 41.10 -42.37
CA ASP D 891 14.08 39.89 -43.13
C ASP D 891 13.86 40.09 -44.63
N PRO D 892 12.86 40.84 -45.11
CA PRO D 892 12.99 41.46 -46.43
C PRO D 892 14.07 42.52 -46.40
N PRO D 893 14.77 42.74 -47.51
CA PRO D 893 15.84 43.75 -47.53
C PRO D 893 15.27 45.17 -47.47
N LEU D 894 15.74 45.93 -46.48
CA LEU D 894 15.35 47.32 -46.35
C LEU D 894 16.13 48.19 -47.34
N GLN D 895 15.77 49.47 -47.38
CA GLN D 895 16.52 50.44 -48.17
C GLN D 895 17.88 50.69 -47.54
N MET D 896 18.84 51.12 -48.37
CA MET D 896 20.20 51.34 -47.89
C MET D 896 20.27 52.50 -46.91
N ASP D 897 19.55 53.60 -47.19
CA ASP D 897 19.56 54.74 -46.29
C ASP D 897 18.81 54.45 -44.99
N VAL D 898 17.74 53.65 -45.07
CA VAL D 898 16.99 53.29 -43.87
C VAL D 898 17.79 52.32 -43.00
N ALA D 899 18.50 51.38 -43.62
CA ALA D 899 19.32 50.46 -42.85
C ALA D 899 20.62 51.09 -42.35
N SER D 900 21.08 52.16 -42.98
CA SER D 900 22.36 52.75 -42.60
C SER D 900 22.29 53.58 -41.34
N ILE D 901 21.15 54.22 -41.07
CA ILE D 901 21.06 55.15 -39.94
C ILE D 901 20.92 54.36 -38.64
N LEU D 902 21.76 54.70 -37.67
CA LEU D 902 21.75 54.07 -36.35
C LEU D 902 20.93 54.95 -35.41
N HIS D 903 19.86 54.39 -34.85
CA HIS D 903 18.93 55.16 -34.03
C HIS D 903 19.47 55.29 -32.61
N LEU D 904 19.49 56.53 -32.10
CA LEU D 904 19.82 56.73 -30.70
C LEU D 904 18.68 56.28 -29.79
N ASN D 905 17.46 56.66 -30.12
CA ASN D 905 16.30 56.27 -29.34
C ASN D 905 15.79 54.91 -29.81
N ARG D 906 14.85 54.35 -29.04
CA ARG D 906 14.35 53.01 -29.27
C ARG D 906 13.05 52.99 -30.07
N LYS D 907 12.88 53.94 -31.00
CA LYS D 907 11.67 54.04 -31.80
C LYS D 907 12.03 53.95 -33.27
N PHE D 908 11.25 53.17 -34.03
CA PHE D 908 11.51 52.96 -35.45
C PHE D 908 10.22 53.06 -36.24
N VAL D 909 10.23 53.90 -37.29
CA VAL D 909 9.09 54.07 -38.17
C VAL D 909 9.57 53.92 -39.61
N ASP D 910 8.83 53.13 -40.39
CA ASP D 910 9.16 52.89 -41.80
C ASP D 910 7.91 53.06 -42.64
N MET D 911 8.08 53.60 -43.85
CA MET D 911 6.98 53.78 -44.79
C MET D 911 7.10 52.89 -46.02
N ASP D 912 7.96 51.88 -45.97
CA ASP D 912 8.28 51.05 -47.13
C ASP D 912 7.61 49.69 -47.06
N LEU D 913 6.36 49.64 -46.61
CA LEU D 913 5.63 48.39 -46.45
C LEU D 913 4.55 48.25 -47.50
N ASN D 914 4.46 47.07 -48.10
CA ASN D 914 3.34 46.69 -48.94
C ASN D 914 2.21 46.13 -48.07
N LEU D 915 0.99 46.21 -48.60
CA LEU D 915 -0.19 45.92 -47.79
C LEU D 915 -0.37 44.44 -47.52
N GLY D 916 0.16 43.57 -48.38
CA GLY D 916 -0.02 42.14 -48.20
C GLY D 916 1.19 41.39 -47.70
N SER D 917 2.33 42.06 -47.62
CA SER D 917 3.61 41.38 -47.36
C SER D 917 3.85 41.21 -45.87
N VAL D 918 4.64 40.19 -45.53
CA VAL D 918 4.96 39.82 -44.16
C VAL D 918 6.41 40.19 -43.89
N TYR D 919 6.67 40.87 -42.77
CA TYR D 919 8.00 41.36 -42.46
C TYR D 919 8.43 40.86 -41.09
N GLN D 920 9.63 40.33 -40.99
CA GLN D 920 10.23 39.98 -39.71
C GLN D 920 11.30 41.00 -39.37
N TYR D 921 11.20 41.62 -38.20
CA TYR D 921 12.13 42.64 -37.76
C TYR D 921 12.97 42.13 -36.60
N TRP D 922 14.18 42.69 -36.47
CA TRP D 922 14.95 42.54 -35.25
C TRP D 922 15.87 43.74 -35.11
N VAL D 923 16.43 43.90 -33.91
CA VAL D 923 17.27 45.06 -33.59
C VAL D 923 18.60 44.56 -33.03
N ILE D 924 19.70 45.06 -33.58
CA ILE D 924 21.05 44.76 -33.11
C ILE D 924 21.62 45.99 -32.43
N THR D 925 22.27 45.78 -31.29
CA THR D 925 22.86 46.86 -30.51
C THR D 925 24.27 47.14 -30.99
N ILE D 926 24.56 48.40 -31.29
CA ILE D 926 25.86 48.83 -31.80
C ILE D 926 26.40 49.85 -30.80
N SER D 927 27.47 49.49 -30.10
CA SER D 927 28.07 50.41 -29.14
C SER D 927 29.02 51.37 -29.85
N GLY D 928 30.12 50.84 -30.39
CA GLY D 928 31.04 51.61 -31.19
C GLY D 928 30.98 51.16 -32.62
N THR D 929 31.96 50.33 -33.02
CA THR D 929 31.87 49.61 -34.28
C THR D 929 31.36 48.18 -34.11
N GLU D 930 31.52 47.61 -32.93
CA GLU D 930 31.13 46.23 -32.68
C GLU D 930 29.62 46.11 -32.51
N GLU D 931 29.07 45.00 -33.02
CA GLU D 931 27.65 44.71 -32.96
C GLU D 931 27.37 43.62 -31.95
N SER D 932 26.11 43.50 -31.55
CA SER D 932 25.68 42.52 -30.58
C SER D 932 25.03 41.34 -31.26
N GLU D 933 24.55 40.40 -30.46
CA GLU D 933 23.70 39.34 -30.98
C GLU D 933 22.35 39.92 -31.39
N PRO D 934 21.68 39.33 -32.39
CA PRO D 934 20.36 39.82 -32.77
C PRO D 934 19.31 39.57 -31.71
N SER D 935 18.34 40.48 -31.66
CA SER D 935 17.14 40.29 -30.88
C SER D 935 16.26 39.24 -31.55
N PRO D 936 15.34 38.63 -30.80
CA PRO D 936 14.33 37.77 -31.45
C PRO D 936 13.46 38.57 -32.41
N ALA D 937 13.07 37.92 -33.50
CA ALA D 937 12.38 38.62 -34.58
C ALA D 937 10.89 38.70 -34.32
N VAL D 938 10.30 39.83 -34.68
CA VAL D 938 8.86 40.02 -34.61
C VAL D 938 8.30 39.89 -36.03
N THR D 939 7.32 39.00 -36.20
CA THR D 939 6.67 38.77 -37.48
C THR D 939 5.41 39.62 -37.54
N TYR D 940 5.32 40.49 -38.54
CA TYR D 940 4.24 41.44 -38.66
C TYR D 940 3.63 41.37 -40.06
N ILE D 941 2.31 41.27 -40.12
CA ILE D 941 1.56 41.25 -41.37
C ILE D 941 0.80 42.56 -41.47
N HIS D 942 0.96 43.26 -42.59
CA HIS D 942 0.44 44.62 -42.69
C HIS D 942 -1.08 44.69 -42.82
N GLY D 943 -1.75 43.57 -43.06
CA GLY D 943 -3.20 43.56 -43.09
C GLY D 943 -3.80 42.99 -41.81
N SER D 944 -3.24 41.90 -41.31
CA SER D 944 -3.80 41.20 -40.16
C SER D 944 -3.45 41.92 -38.86
N GLY D 945 -3.99 41.41 -37.76
CA GLY D 945 -3.81 42.02 -36.45
C GLY D 945 -2.52 41.61 -35.79
N TYR D 946 -2.29 42.17 -34.61
CA TYR D 946 -1.07 41.95 -33.84
C TYR D 946 -1.42 42.09 -32.35
N CYS D 947 -0.40 42.25 -31.52
CA CYS D 947 -0.60 42.27 -30.06
C CYS D 947 -1.30 43.55 -29.61
N GLY D 948 -0.82 44.71 -30.06
CA GLY D 948 -1.35 45.96 -29.56
C GLY D 948 -2.39 46.60 -30.45
N ASP D 949 -3.07 45.81 -31.27
CA ASP D 949 -4.00 46.35 -32.25
C ASP D 949 -5.31 46.81 -31.63
N GLY D 950 -5.71 46.21 -30.50
CA GLY D 950 -6.97 46.53 -29.87
C GLY D 950 -8.08 45.53 -30.13
N ILE D 951 -7.84 44.52 -30.95
CA ILE D 951 -8.82 43.49 -31.27
C ILE D 951 -8.26 42.15 -30.80
N ILE D 952 -9.08 41.39 -30.07
CA ILE D 952 -8.63 40.09 -29.57
C ILE D 952 -8.62 39.11 -30.73
N GLN D 953 -7.43 38.55 -31.01
CA GLN D 953 -7.27 37.48 -31.98
C GLN D 953 -6.83 36.24 -31.21
N LYS D 954 -7.68 35.22 -31.17
CA LYS D 954 -7.35 33.99 -30.45
C LYS D 954 -6.37 33.12 -31.21
N ASP D 955 -6.11 33.42 -32.48
CA ASP D 955 -5.17 32.63 -33.27
C ASP D 955 -3.74 32.82 -32.80
N GLN D 956 -3.38 34.02 -32.35
CA GLN D 956 -2.04 34.30 -31.85
C GLN D 956 -1.89 34.03 -30.36
N GLY D 957 -2.93 33.48 -29.72
CA GLY D 957 -2.85 33.17 -28.30
C GLY D 957 -3.13 34.34 -27.38
N GLU D 958 -3.89 35.33 -27.85
CA GLU D 958 -4.14 36.54 -27.07
C GLU D 958 -5.38 36.35 -26.22
N GLN D 959 -5.19 36.22 -24.90
CA GLN D 959 -6.33 36.12 -24.00
C GLN D 959 -6.99 37.48 -23.79
N CYS D 960 -6.21 38.56 -23.82
CA CYS D 960 -6.74 39.91 -23.75
C CYS D 960 -6.00 40.75 -24.79
N ASP D 961 -6.64 41.84 -25.20
CA ASP D 961 -6.01 42.75 -26.14
C ASP D 961 -6.45 44.17 -25.83
N ASP D 962 -5.50 44.98 -25.37
CA ASP D 962 -5.69 46.40 -25.17
C ASP D 962 -4.50 47.11 -25.78
N MET D 963 -4.69 48.38 -26.13
CA MET D 963 -3.66 49.16 -26.79
C MET D 963 -2.68 49.82 -25.82
N ASN D 964 -2.63 49.34 -24.58
CA ASN D 964 -1.89 50.05 -23.54
C ASN D 964 -0.37 49.88 -23.68
N LYS D 965 0.09 48.63 -23.93
CA LYS D 965 1.49 48.21 -23.76
C LYS D 965 2.04 48.58 -22.39
N ILE D 966 1.19 48.45 -21.36
CA ILE D 966 1.52 48.85 -20.00
C ILE D 966 1.11 47.70 -19.07
N ASN D 967 2.04 47.28 -18.21
CA ASN D 967 1.80 46.15 -17.32
C ASN D 967 0.99 46.52 -16.08
N GLY D 968 0.70 47.79 -15.85
CA GLY D 968 -0.04 48.18 -14.66
C GLY D 968 -1.52 47.81 -14.71
N ASP D 969 -2.06 47.61 -15.90
CA ASP D 969 -3.47 47.27 -16.05
C ASP D 969 -3.65 45.76 -15.89
N GLY D 970 -4.81 45.25 -16.28
CA GLY D 970 -5.05 43.82 -16.22
C GLY D 970 -4.49 43.03 -17.38
N CYS D 971 -4.06 43.69 -18.44
CA CYS D 971 -3.56 43.03 -19.65
C CYS D 971 -2.10 43.38 -19.85
N SER D 972 -1.27 42.37 -20.05
CA SER D 972 0.17 42.56 -20.22
C SER D 972 0.48 43.17 -21.58
N LEU D 973 1.75 43.53 -21.77
CA LEU D 973 2.21 43.93 -23.09
C LEU D 973 2.47 42.75 -24.00
N PHE D 974 2.51 41.53 -23.44
CA PHE D 974 2.53 40.30 -24.22
C PHE D 974 1.13 39.75 -24.47
N CYS D 975 0.10 40.52 -24.09
CA CYS D 975 -1.30 40.26 -24.44
C CYS D 975 -1.82 38.96 -23.84
N ARG D 976 -1.33 38.64 -22.63
CA ARG D 976 -1.90 37.62 -21.78
C ARG D 976 -2.42 38.29 -20.52
N GLN D 977 -3.55 37.82 -20.00
CA GLN D 977 -4.15 38.47 -18.84
C GLN D 977 -3.34 38.15 -17.58
N GLU D 978 -3.40 39.07 -16.62
CA GLU D 978 -2.57 38.98 -15.43
C GLU D 978 -3.26 38.13 -14.38
N VAL D 979 -2.68 38.05 -13.19
CA VAL D 979 -3.20 37.19 -12.13
C VAL D 979 -4.41 37.86 -11.48
N SER D 980 -5.50 37.10 -11.37
CA SER D 980 -6.76 37.51 -10.72
C SER D 980 -7.36 38.75 -11.38
N PHE D 981 -7.28 38.82 -12.70
CA PHE D 981 -7.96 39.84 -13.48
C PHE D 981 -8.74 39.15 -14.59
N ASN D 982 -9.87 39.75 -14.97
CA ASN D 982 -10.69 39.22 -16.04
C ASN D 982 -11.05 40.35 -16.99
N CYS D 983 -10.84 40.13 -18.29
CA CYS D 983 -11.10 41.13 -19.31
C CYS D 983 -12.24 40.65 -20.19
N ILE D 984 -13.21 41.53 -20.46
CA ILE D 984 -14.50 41.13 -21.02
C ILE D 984 -14.67 41.63 -22.47
N ASP D 985 -14.50 42.92 -22.70
CA ASP D 985 -14.84 43.52 -23.98
C ASP D 985 -13.79 43.18 -25.04
N GLU D 986 -14.18 43.40 -26.31
CA GLU D 986 -13.28 43.16 -27.45
C GLU D 986 -12.11 44.14 -27.44
N PRO D 987 -12.28 45.46 -27.13
CA PRO D 987 -11.15 46.21 -26.56
C PRO D 987 -11.13 45.95 -25.06
N SER D 988 -10.14 45.18 -24.61
CA SER D 988 -10.22 44.48 -23.32
C SER D 988 -10.11 45.46 -22.16
N ARG D 989 -11.24 45.72 -21.52
CA ARG D 989 -11.26 46.37 -20.22
C ARG D 989 -11.33 45.29 -19.15
N CYS D 990 -10.45 45.38 -18.16
CA CYS D 990 -10.26 44.32 -17.20
C CYS D 990 -10.70 44.77 -15.81
N TYR D 991 -11.21 43.82 -15.04
CA TYR D 991 -11.66 44.07 -13.68
C TYR D 991 -11.12 42.99 -12.75
N PHE D 992 -10.97 43.35 -11.48
CA PHE D 992 -10.45 42.45 -10.47
C PHE D 992 -11.59 41.58 -9.96
N HIS D 993 -11.52 40.28 -10.27
CA HIS D 993 -12.63 39.38 -10.02
C HIS D 993 -12.46 38.50 -8.80
N ASP D 994 -11.29 38.51 -8.16
CA ASP D 994 -11.04 37.56 -7.07
C ASP D 994 -11.77 37.95 -5.79
N GLY D 995 -11.92 39.24 -5.54
CA GLY D 995 -12.62 39.69 -4.36
C GLY D 995 -13.90 40.45 -4.66
N ASP D 996 -14.46 40.21 -5.84
CA ASP D 996 -15.66 40.91 -6.27
C ASP D 996 -16.89 40.42 -5.49
N GLY D 997 -17.93 41.24 -5.49
CA GLY D 997 -19.16 40.87 -4.82
C GLY D 997 -19.89 39.73 -5.51
N VAL D 998 -19.89 39.73 -6.84
CA VAL D 998 -20.63 38.72 -7.59
C VAL D 998 -19.79 37.45 -7.70
N CYS D 999 -20.48 36.33 -7.93
CA CYS D 999 -19.86 35.04 -8.18
C CYS D 999 -20.24 34.57 -9.57
N GLU D 1000 -19.24 34.25 -10.39
CA GLU D 1000 -19.45 33.81 -11.75
C GLU D 1000 -19.00 32.36 -11.87
N GLU D 1001 -19.37 31.73 -13.00
CA GLU D 1001 -19.14 30.30 -13.17
C GLU D 1001 -17.68 29.95 -13.41
N PHE D 1002 -16.88 30.89 -13.91
CA PHE D 1002 -15.48 30.58 -14.18
C PHE D 1002 -14.60 30.73 -12.95
N GLU D 1003 -15.14 31.23 -11.83
CA GLU D 1003 -14.38 31.39 -10.60
C GLU D 1003 -14.99 30.60 -9.44
N GLN D 1004 -15.86 29.63 -9.74
CA GLN D 1004 -16.42 28.80 -8.67
C GLN D 1004 -15.37 27.85 -8.10
N LYS D 1005 -14.56 27.26 -8.98
CA LYS D 1005 -13.53 26.33 -8.51
C LYS D 1005 -12.35 27.07 -7.88
N THR D 1006 -11.95 28.19 -8.46
CA THR D 1006 -10.75 28.90 -8.02
C THR D 1006 -10.98 29.64 -6.71
N SER D 1007 -12.10 30.32 -6.57
CA SER D 1007 -12.32 31.26 -5.47
C SER D 1007 -13.22 30.67 -4.41
N ILE D 1008 -12.80 30.79 -3.15
CA ILE D 1008 -13.63 30.40 -2.02
C ILE D 1008 -14.30 31.60 -1.36
N LYS D 1009 -13.95 32.82 -1.76
CA LYS D 1009 -14.50 34.04 -1.16
C LYS D 1009 -15.78 34.49 -1.85
N ASP D 1010 -15.78 34.54 -3.19
CA ASP D 1010 -16.95 35.02 -3.92
C ASP D 1010 -18.08 33.99 -3.87
N CYS D 1011 -17.75 32.73 -4.10
CA CYS D 1011 -18.72 31.64 -4.06
C CYS D 1011 -18.46 30.79 -2.83
N GLY D 1012 -19.19 29.69 -2.72
CA GLY D 1012 -18.95 28.74 -1.66
C GLY D 1012 -17.85 27.76 -2.02
N VAL D 1013 -17.71 26.73 -1.19
CA VAL D 1013 -16.84 25.62 -1.54
C VAL D 1013 -17.47 24.84 -2.69
N TYR D 1014 -16.65 24.51 -3.68
CA TYR D 1014 -17.17 23.96 -4.92
C TYR D 1014 -17.59 22.50 -4.72
N THR D 1015 -18.87 22.23 -4.93
CA THR D 1015 -19.42 20.89 -4.89
C THR D 1015 -19.86 20.49 -6.29
N PRO D 1016 -19.44 19.34 -6.80
CA PRO D 1016 -19.84 18.93 -8.15
C PRO D 1016 -21.32 18.62 -8.26
N GLN D 1017 -21.78 18.47 -9.50
CA GLN D 1017 -23.22 18.37 -9.77
C GLN D 1017 -23.83 17.06 -9.28
N GLY D 1018 -23.03 16.02 -9.08
CA GLY D 1018 -23.55 14.77 -8.60
C GLY D 1018 -23.38 14.56 -7.11
N PHE D 1019 -23.07 15.65 -6.38
CA PHE D 1019 -22.75 15.54 -4.97
C PHE D 1019 -23.42 16.65 -4.18
N LEU D 1020 -23.53 16.42 -2.87
CA LEU D 1020 -24.10 17.36 -1.92
C LEU D 1020 -23.19 17.46 -0.72
N ASP D 1021 -23.14 18.64 -0.11
CA ASP D 1021 -22.25 18.91 1.02
C ASP D 1021 -23.07 19.25 2.25
N GLN D 1022 -22.79 18.59 3.36
CA GLN D 1022 -23.44 18.87 4.63
C GLN D 1022 -22.39 19.25 5.67
N TRP D 1023 -22.60 20.37 6.35
CA TRP D 1023 -21.62 20.83 7.32
C TRP D 1023 -22.00 20.39 8.73
N ALA D 1024 -21.02 20.46 9.64
CA ALA D 1024 -21.13 19.85 10.95
C ALA D 1024 -22.07 20.64 11.86
N SER D 1025 -22.45 20.01 12.96
CA SER D 1025 -23.34 20.62 13.94
C SER D 1025 -23.12 19.97 15.30
N ASN D 1026 -23.12 20.81 16.35
CA ASN D 1026 -22.98 20.40 17.75
C ASN D 1026 -21.70 19.60 17.99
N ALA D 1027 -20.60 20.08 17.41
CA ALA D 1027 -19.33 19.37 17.47
C ALA D 1027 -18.72 19.44 18.86
N SER D 1028 -17.95 18.42 19.21
CA SER D 1028 -17.24 18.35 20.48
C SER D 1028 -15.76 18.25 20.24
N VAL D 1029 -14.97 18.93 21.06
CA VAL D 1029 -13.52 18.99 20.89
C VAL D 1029 -12.85 18.45 22.14
N SER D 1030 -11.56 18.14 22.00
CA SER D 1030 -10.80 17.56 23.10
C SER D 1030 -10.53 18.58 24.19
N HIS D 1031 -10.06 19.77 23.82
CA HIS D 1031 -9.65 20.78 24.77
C HIS D 1031 -10.58 21.98 24.68
N GLN D 1032 -11.19 22.34 25.80
CA GLN D 1032 -12.12 23.46 25.89
C GLN D 1032 -11.58 24.48 26.87
N ASP D 1033 -11.85 25.75 26.60
CA ASP D 1033 -11.49 26.82 27.50
C ASP D 1033 -12.52 27.94 27.36
N GLN D 1034 -12.34 29.01 28.13
CA GLN D 1034 -13.20 30.16 27.97
C GLN D 1034 -12.81 30.99 26.75
N GLN D 1035 -11.51 31.04 26.44
CA GLN D 1035 -11.04 31.83 25.31
C GLN D 1035 -11.41 31.16 23.99
N CYS D 1036 -11.18 29.85 23.89
CA CYS D 1036 -11.54 29.11 22.68
C CYS D 1036 -12.93 28.51 22.83
N PRO D 1037 -13.89 28.87 21.99
CA PRO D 1037 -15.28 28.43 22.20
C PRO D 1037 -15.50 26.95 21.96
N GLY D 1038 -14.96 26.42 20.87
CA GLY D 1038 -15.10 25.02 20.52
C GLY D 1038 -16.33 24.67 19.73
N TRP D 1039 -17.34 25.54 19.71
CA TRP D 1039 -18.55 25.33 18.94
C TRP D 1039 -18.57 26.16 17.66
N VAL D 1040 -17.44 26.79 17.31
CA VAL D 1040 -17.36 27.60 16.11
C VAL D 1040 -17.22 26.79 14.83
N ILE D 1041 -17.07 25.46 14.96
CA ILE D 1041 -16.99 24.58 13.79
C ILE D 1041 -18.35 24.33 13.16
N ILE D 1042 -19.44 24.75 13.81
CA ILE D 1042 -20.77 24.44 13.34
C ILE D 1042 -21.11 25.30 12.13
N GLY D 1043 -21.49 24.65 11.04
CA GLY D 1043 -21.98 25.38 9.88
C GLY D 1043 -20.93 25.67 8.82
N GLN D 1044 -21.12 26.78 8.13
CA GLN D 1044 -20.26 27.16 7.02
C GLN D 1044 -18.86 27.52 7.51
N PRO D 1045 -17.82 27.24 6.71
CA PRO D 1045 -16.45 27.54 7.15
C PRO D 1045 -16.14 29.02 7.04
N ALA D 1046 -15.01 29.40 7.63
CA ALA D 1046 -14.50 30.77 7.56
C ALA D 1046 -13.77 30.92 6.23
N ALA D 1047 -14.56 31.21 5.19
CA ALA D 1047 -14.00 31.34 3.84
C ALA D 1047 -13.24 32.64 3.67
N SER D 1048 -13.64 33.70 4.39
CA SER D 1048 -12.95 34.97 4.29
C SER D 1048 -11.61 34.98 5.00
N GLN D 1049 -11.37 34.05 5.92
CA GLN D 1049 -10.11 33.98 6.63
C GLN D 1049 -9.02 33.39 5.74
N VAL D 1050 -7.84 33.98 5.81
CA VAL D 1050 -6.71 33.52 5.03
C VAL D 1050 -5.98 32.43 5.83
N CYS D 1051 -5.23 31.60 5.12
CA CYS D 1051 -4.54 30.45 5.71
C CYS D 1051 -3.15 30.88 6.16
N ARG D 1052 -2.86 30.71 7.44
CA ARG D 1052 -1.60 31.15 8.02
C ARG D 1052 -0.65 29.97 8.21
N THR D 1053 0.64 30.26 8.07
CA THR D 1053 1.68 29.25 8.26
C THR D 1053 2.89 29.90 8.88
N LYS D 1054 3.71 29.06 9.54
CA LYS D 1054 4.93 29.46 10.26
C LYS D 1054 4.63 30.54 11.29
N VAL D 1055 3.56 30.33 12.05
CA VAL D 1055 3.02 31.32 12.97
C VAL D 1055 3.29 30.88 14.39
N ILE D 1056 3.90 31.77 15.18
CA ILE D 1056 4.30 31.41 16.55
C ILE D 1056 3.08 31.32 17.47
N ASP D 1057 2.21 32.32 17.43
CA ASP D 1057 1.05 32.39 18.32
C ASP D 1057 -0.20 32.62 17.49
N LEU D 1058 -1.22 31.79 17.72
CA LEU D 1058 -2.47 31.84 16.97
C LEU D 1058 -3.55 32.61 17.72
N SER D 1059 -3.18 33.69 18.41
CA SER D 1059 -4.11 34.45 19.23
C SER D 1059 -4.48 35.79 18.62
N GLU D 1060 -4.37 35.93 17.29
CA GLU D 1060 -4.66 37.22 16.68
C GLU D 1060 -6.16 37.41 16.45
N GLY D 1061 -6.73 36.66 15.52
CA GLY D 1061 -8.16 36.79 15.27
C GLY D 1061 -8.85 35.49 14.88
N ILE D 1062 -8.13 34.37 14.94
CA ILE D 1062 -8.68 33.10 14.47
C ILE D 1062 -9.49 32.37 15.53
N SER D 1063 -9.54 32.88 16.76
CA SER D 1063 -10.30 32.23 17.82
C SER D 1063 -11.81 32.40 17.62
N GLN D 1064 -12.23 33.43 16.88
CA GLN D 1064 -13.64 33.67 16.63
C GLN D 1064 -14.15 33.02 15.36
N HIS D 1065 -13.31 32.26 14.65
CA HIS D 1065 -13.73 31.65 13.40
C HIS D 1065 -13.48 30.15 13.40
N ALA D 1066 -12.38 29.72 14.04
CA ALA D 1066 -11.98 28.32 14.04
C ALA D 1066 -11.50 27.93 15.41
N TRP D 1067 -11.41 26.62 15.65
CA TRP D 1067 -11.00 26.09 16.94
C TRP D 1067 -9.57 25.59 16.88
N TYR D 1068 -8.77 26.02 17.84
CA TYR D 1068 -7.43 25.50 18.11
C TYR D 1068 -7.35 25.25 19.60
N PRO D 1069 -6.46 24.34 20.05
CA PRO D 1069 -6.34 24.08 21.49
C PRO D 1069 -5.78 25.26 22.28
N CYS D 1070 -6.64 25.85 23.13
CA CYS D 1070 -6.24 27.01 23.91
C CYS D 1070 -5.29 26.64 25.04
N THR D 1071 -5.58 25.54 25.73
CA THR D 1071 -4.87 25.22 26.98
C THR D 1071 -3.44 24.76 26.72
N ILE D 1072 -3.20 24.08 25.60
CA ILE D 1072 -1.88 23.53 25.29
C ILE D 1072 -1.23 24.42 24.25
N SER D 1073 -0.05 24.95 24.55
CA SER D 1073 0.75 25.68 23.59
C SER D 1073 1.75 24.74 22.94
N TYR D 1074 2.42 25.24 21.89
CA TYR D 1074 3.39 24.42 21.17
C TYR D 1074 4.62 24.01 21.99
N PRO D 1075 5.28 24.86 22.79
CA PRO D 1075 6.38 24.33 23.63
C PRO D 1075 5.92 23.33 24.68
N TYR D 1076 4.74 23.54 25.27
CA TYR D 1076 4.24 22.60 26.28
C TYR D 1076 3.78 21.30 25.63
N SER D 1077 3.26 21.35 24.40
CA SER D 1077 2.98 20.12 23.68
C SER D 1077 4.25 19.42 23.25
N GLN D 1078 5.32 20.19 23.02
CA GLN D 1078 6.61 19.58 22.69
C GLN D 1078 7.23 18.89 23.90
N LEU D 1079 7.03 19.46 25.10
CA LEU D 1079 7.59 18.84 26.30
C LEU D 1079 6.86 17.54 26.65
N ALA D 1080 5.54 17.56 26.67
CA ALA D 1080 4.72 16.41 27.01
C ALA D 1080 3.82 16.08 25.83
N GLN D 1081 3.96 14.88 25.28
CA GLN D 1081 3.27 14.52 24.05
C GLN D 1081 1.81 14.21 24.34
N THR D 1082 0.92 14.82 23.56
CA THR D 1082 -0.52 14.64 23.72
C THR D 1082 -1.17 14.61 22.36
N THR D 1083 -2.37 14.04 22.31
CA THR D 1083 -3.13 13.89 21.08
C THR D 1083 -4.47 14.62 21.22
N PHE D 1084 -4.75 15.49 20.25
CA PHE D 1084 -5.98 16.28 20.24
C PHE D 1084 -6.95 15.67 19.24
N TRP D 1085 -8.24 15.68 19.58
CA TRP D 1085 -9.26 15.12 18.72
C TRP D 1085 -10.44 16.08 18.60
N LEU D 1086 -11.00 16.13 17.40
CA LEU D 1086 -12.13 16.99 17.07
C LEU D 1086 -13.24 16.09 16.56
N ARG D 1087 -14.34 16.02 17.30
CA ARG D 1087 -15.44 15.12 16.97
C ARG D 1087 -16.61 15.97 16.48
N ALA D 1088 -16.94 15.84 15.20
CA ALA D 1088 -17.98 16.65 14.57
C ALA D 1088 -19.15 15.76 14.18
N TYR D 1089 -20.34 16.11 14.66
CA TYR D 1089 -21.55 15.36 14.39
C TYR D 1089 -22.37 16.02 13.29
N PHE D 1090 -23.23 15.24 12.66
CA PHE D 1090 -24.05 15.71 11.56
C PHE D 1090 -25.51 15.39 11.82
N SER D 1091 -26.39 16.27 11.32
CA SER D 1091 -27.82 16.14 11.59
C SER D 1091 -28.42 14.96 10.85
N GLN D 1092 -28.14 14.85 9.55
CA GLN D 1092 -28.70 13.77 8.74
C GLN D 1092 -27.60 12.78 8.41
N PRO D 1093 -27.62 11.57 8.98
CA PRO D 1093 -26.57 10.59 8.67
C PRO D 1093 -26.68 10.05 7.26
N MET D 1094 -25.71 10.37 6.42
CA MET D 1094 -25.67 9.93 5.03
C MET D 1094 -24.38 9.19 4.77
N VAL D 1095 -24.21 8.76 3.51
CA VAL D 1095 -22.94 8.18 3.11
C VAL D 1095 -21.90 9.30 2.96
N ALA D 1096 -20.63 8.91 3.02
CA ALA D 1096 -19.52 9.86 2.95
C ALA D 1096 -18.69 9.55 1.72
N ALA D 1097 -18.97 10.26 0.63
CA ALA D 1097 -18.14 10.13 -0.57
C ALA D 1097 -16.79 10.78 -0.36
N ALA D 1098 -16.76 11.90 0.36
CA ALA D 1098 -15.52 12.59 0.69
C ALA D 1098 -15.75 13.40 1.95
N VAL D 1099 -14.64 13.77 2.60
CA VAL D 1099 -14.66 14.60 3.80
C VAL D 1099 -13.90 15.89 3.50
N ILE D 1100 -14.54 17.02 3.71
CA ILE D 1100 -13.95 18.33 3.46
C ILE D 1100 -13.55 18.93 4.80
N VAL D 1101 -12.25 19.14 5.01
CA VAL D 1101 -11.73 19.69 6.26
C VAL D 1101 -11.09 21.03 5.95
N HIS D 1102 -11.80 22.12 6.24
CA HIS D 1102 -11.32 23.45 5.93
C HIS D 1102 -10.50 23.99 7.09
N LEU D 1103 -9.28 24.41 6.80
CA LEU D 1103 -8.34 24.87 7.82
C LEU D 1103 -7.93 26.32 7.54
N VAL D 1104 -7.55 27.02 8.60
CA VAL D 1104 -6.98 28.34 8.50
C VAL D 1104 -5.55 28.41 9.02
N THR D 1105 -5.01 27.30 9.52
CA THR D 1105 -3.62 27.24 9.94
C THR D 1105 -3.05 25.87 9.59
N ASP D 1106 -1.83 25.85 9.06
CA ASP D 1106 -1.14 24.60 8.81
C ASP D 1106 -0.61 23.94 10.07
N GLY D 1107 -0.49 24.70 11.16
CA GLY D 1107 0.06 24.17 12.39
C GLY D 1107 1.57 24.18 12.46
N THR D 1108 2.25 24.72 11.45
CA THR D 1108 3.69 24.71 11.41
C THR D 1108 4.25 25.80 12.33
N TYR D 1109 5.11 25.41 13.26
CA TYR D 1109 5.78 26.38 14.11
C TYR D 1109 6.89 27.07 13.34
N TYR D 1110 7.16 28.32 13.70
CA TYR D 1110 8.13 29.12 12.95
C TYR D 1110 9.57 28.70 13.19
N GLY D 1111 9.83 27.92 14.23
CA GLY D 1111 11.15 27.38 14.50
C GLY D 1111 11.32 25.92 14.17
N ASP D 1112 10.26 25.21 13.78
CA ASP D 1112 10.32 23.78 13.51
C ASP D 1112 10.01 23.54 12.04
N GLN D 1113 10.83 22.73 11.39
CA GLN D 1113 10.70 22.47 9.97
C GLN D 1113 9.80 21.27 9.65
N LYS D 1114 9.25 20.61 10.68
CA LYS D 1114 8.43 19.43 10.44
C LYS D 1114 7.04 19.83 9.94
N GLN D 1115 6.47 18.97 9.12
CA GLN D 1115 5.11 19.15 8.64
C GLN D 1115 4.12 18.54 9.62
N GLU D 1116 2.87 18.98 9.52
CA GLU D 1116 1.83 18.55 10.45
C GLU D 1116 0.79 17.73 9.71
N THR D 1117 0.40 16.61 10.30
CA THR D 1117 -0.51 15.66 9.69
C THR D 1117 -1.82 15.60 10.47
N ILE D 1118 -2.90 15.36 9.73
CA ILE D 1118 -4.23 15.20 10.31
C ILE D 1118 -4.71 13.80 9.94
N SER D 1119 -5.32 13.13 10.91
CA SER D 1119 -5.88 11.80 10.72
C SER D 1119 -7.39 11.88 10.92
N VAL D 1120 -8.14 11.32 9.98
CA VAL D 1120 -9.59 11.41 9.96
C VAL D 1120 -10.17 10.01 10.07
N GLN D 1121 -11.06 9.80 11.04
CA GLN D 1121 -11.78 8.54 11.19
C GLN D 1121 -13.27 8.80 11.04
N LEU D 1122 -13.89 8.18 10.04
CA LEU D 1122 -15.34 8.23 9.93
C LEU D 1122 -15.97 7.37 11.01
N LEU D 1123 -17.05 7.86 11.60
CA LEU D 1123 -17.79 7.14 12.61
C LEU D 1123 -19.18 6.80 12.07
N ASP D 1124 -19.61 5.56 12.27
CA ASP D 1124 -20.87 5.08 11.74
C ASP D 1124 -22.00 5.31 12.73
N THR D 1125 -23.20 4.93 12.34
CA THR D 1125 -24.32 4.90 13.27
C THR D 1125 -24.25 3.70 14.20
N LYS D 1126 -23.45 2.69 13.86
CA LYS D 1126 -23.18 1.54 14.72
C LYS D 1126 -21.96 1.75 15.60
N ASP D 1127 -21.41 2.98 15.62
CA ASP D 1127 -20.24 3.38 16.41
C ASP D 1127 -19.00 2.55 16.07
N GLN D 1128 -18.60 2.64 14.80
CA GLN D 1128 -17.41 1.96 14.31
C GLN D 1128 -16.53 2.97 13.58
N SER D 1129 -15.22 2.84 13.74
CA SER D 1129 -14.27 3.78 13.16
C SER D 1129 -13.70 3.22 11.86
N HIS D 1130 -13.74 4.03 10.81
CA HIS D 1130 -13.14 3.71 9.52
C HIS D 1130 -12.03 4.71 9.26
N ASP D 1131 -10.81 4.21 9.10
CA ASP D 1131 -9.65 5.08 8.94
C ASP D 1131 -9.57 5.64 7.53
N LEU D 1132 -9.29 6.94 7.43
CA LEU D 1132 -9.10 7.60 6.16
C LEU D 1132 -7.65 8.03 5.94
N GLY D 1133 -6.77 7.80 6.91
CA GLY D 1133 -5.34 7.95 6.71
C GLY D 1133 -4.81 9.28 7.22
N LEU D 1134 -3.50 9.44 7.07
CA LEU D 1134 -2.78 10.64 7.45
C LEU D 1134 -2.61 11.55 6.25
N HIS D 1135 -2.92 12.84 6.42
CA HIS D 1135 -2.81 13.81 5.35
C HIS D 1135 -2.06 15.03 5.85
N VAL D 1136 -1.13 15.55 5.04
CA VAL D 1136 -0.44 16.78 5.42
C VAL D 1136 -1.35 17.98 5.16
N LEU D 1137 -1.04 19.08 5.83
CA LEU D 1137 -1.85 20.29 5.76
C LEU D 1137 -1.08 21.35 4.99
N SER D 1138 -1.73 21.91 3.95
CA SER D 1138 -1.12 22.93 3.12
C SER D 1138 -2.15 24.02 2.83
N CYS D 1139 -1.68 25.26 2.73
CA CYS D 1139 -2.58 26.36 2.40
C CYS D 1139 -2.98 26.35 0.93
N ARG D 1140 -2.18 25.74 0.06
CA ARG D 1140 -2.57 25.53 -1.32
C ARG D 1140 -3.75 24.58 -1.42
N ASN D 1141 -3.69 23.47 -0.70
CA ASN D 1141 -4.78 22.49 -0.63
C ASN D 1141 -5.71 22.86 0.52
N ASN D 1142 -6.38 24.00 0.35
CA ASN D 1142 -7.14 24.59 1.46
C ASN D 1142 -8.42 23.84 1.86
N PRO D 1143 -9.34 23.42 0.97
CA PRO D 1143 -10.51 22.69 1.48
C PRO D 1143 -10.20 21.29 1.98
N LEU D 1144 -9.12 20.68 1.48
CA LEU D 1144 -8.65 19.34 1.86
C LEU D 1144 -9.73 18.27 1.63
N ILE D 1145 -10.02 18.01 0.35
CA ILE D 1145 -10.92 16.94 -0.03
C ILE D 1145 -10.23 15.61 0.25
N ILE D 1146 -10.72 14.86 1.23
CA ILE D 1146 -10.23 13.52 1.52
C ILE D 1146 -11.22 12.53 0.91
N PRO D 1147 -10.84 11.78 -0.12
CA PRO D 1147 -11.77 10.81 -0.70
C PRO D 1147 -11.85 9.53 0.13
N VAL D 1148 -13.02 8.92 0.11
CA VAL D 1148 -13.28 7.68 0.84
C VAL D 1148 -13.32 6.54 -0.19
N VAL D 1149 -12.36 5.63 -0.08
CA VAL D 1149 -12.27 4.49 -1.00
C VAL D 1149 -13.02 3.33 -0.35
N HIS D 1150 -14.22 3.04 -0.84
CA HIS D 1150 -15.09 2.03 -0.28
C HIS D 1150 -15.11 0.81 -1.19
N ASP D 1151 -14.90 -0.36 -0.60
CA ASP D 1151 -14.94 -1.60 -1.36
C ASP D 1151 -16.38 -1.95 -1.69
N LEU D 1152 -16.66 -2.19 -2.97
CA LEU D 1152 -18.04 -2.34 -3.41
C LEU D 1152 -18.67 -3.66 -2.98
N SER D 1153 -17.86 -4.65 -2.60
CA SER D 1153 -18.42 -5.89 -2.07
C SER D 1153 -18.97 -5.68 -0.67
N GLN D 1154 -18.30 -4.86 0.13
CA GLN D 1154 -18.78 -4.54 1.47
C GLN D 1154 -20.02 -3.66 1.39
N PRO D 1155 -20.95 -3.79 2.35
CA PRO D 1155 -22.14 -2.93 2.35
C PRO D 1155 -21.79 -1.47 2.68
N PHE D 1156 -22.57 -0.57 2.09
CA PHE D 1156 -22.45 0.85 2.41
C PHE D 1156 -23.01 1.12 3.79
N TYR D 1157 -22.50 2.17 4.44
CA TYR D 1157 -22.88 2.49 5.79
C TYR D 1157 -23.09 3.99 5.92
N HIS D 1158 -24.09 4.37 6.72
CA HIS D 1158 -24.30 5.78 7.04
C HIS D 1158 -23.20 6.30 7.94
N SER D 1159 -22.85 7.57 7.76
CA SER D 1159 -21.82 8.23 8.54
C SER D 1159 -22.50 9.26 9.45
N GLN D 1160 -22.24 9.14 10.75
CA GLN D 1160 -22.82 10.05 11.74
C GLN D 1160 -21.85 11.12 12.19
N ALA D 1161 -20.61 10.74 12.50
CA ALA D 1161 -19.63 11.65 13.05
C ALA D 1161 -18.30 11.47 12.34
N VAL D 1162 -17.49 12.52 12.39
CA VAL D 1162 -16.13 12.50 11.87
C VAL D 1162 -15.19 12.90 13.00
N ARG D 1163 -14.22 12.04 13.30
CA ARG D 1163 -13.21 12.34 14.31
C ARG D 1163 -11.91 12.67 13.61
N VAL D 1164 -11.40 13.87 13.84
CA VAL D 1164 -10.16 14.36 13.26
C VAL D 1164 -9.13 14.41 14.38
N SER D 1165 -8.10 13.58 14.30
CA SER D 1165 -7.10 13.47 15.35
C SER D 1165 -5.78 14.05 14.85
N PHE D 1166 -5.26 15.03 15.58
CA PHE D 1166 -3.99 15.65 15.25
C PHE D 1166 -3.19 15.88 16.51
N SER D 1167 -1.87 15.92 16.37
CA SER D 1167 -0.95 16.02 17.49
C SER D 1167 -0.16 17.32 17.43
N SER D 1168 -0.81 18.42 17.07
CA SER D 1168 -0.16 19.72 17.05
C SER D 1168 -1.17 20.79 17.44
N PRO D 1169 -0.87 21.58 18.49
CA PRO D 1169 -1.87 22.51 19.01
C PRO D 1169 -2.07 23.78 18.20
N LEU D 1170 -1.32 23.97 17.11
CA LEU D 1170 -1.47 25.14 16.27
C LEU D 1170 -2.40 24.90 15.09
N VAL D 1171 -2.96 23.70 14.97
CA VAL D 1171 -3.86 23.37 13.87
C VAL D 1171 -5.26 23.90 14.19
N ALA D 1172 -5.85 24.64 13.26
CA ALA D 1172 -7.19 25.19 13.42
C ALA D 1172 -8.08 24.73 12.28
N ILE D 1173 -9.32 24.39 12.61
CA ILE D 1173 -10.31 23.91 11.63
C ILE D 1173 -11.53 24.80 11.71
N SER D 1174 -11.89 25.43 10.58
CA SER D 1174 -13.09 26.24 10.52
C SER D 1174 -14.35 25.40 10.45
N GLY D 1175 -14.34 24.33 9.65
CA GLY D 1175 -15.52 23.50 9.49
C GLY D 1175 -15.17 22.17 8.87
N VAL D 1176 -15.95 21.15 9.20
CA VAL D 1176 -15.80 19.81 8.65
C VAL D 1176 -17.09 19.46 7.92
N ALA D 1177 -16.96 19.04 6.66
CA ALA D 1177 -18.11 18.72 5.83
C ALA D 1177 -18.10 17.25 5.44
N LEU D 1178 -19.29 16.77 5.10
CA LEU D 1178 -19.51 15.43 4.61
C LEU D 1178 -20.10 15.52 3.21
N ARG D 1179 -19.49 14.81 2.27
CA ARG D 1179 -19.94 14.82 0.88
C ARG D 1179 -20.71 13.53 0.61
N SER D 1180 -21.93 13.68 0.09
CA SER D 1180 -22.82 12.56 -0.16
C SER D 1180 -23.38 12.66 -1.56
N PHE D 1181 -24.18 11.68 -1.94
CA PHE D 1181 -24.80 11.64 -3.27
C PHE D 1181 -26.18 12.25 -3.19
N ASP D 1182 -26.44 13.26 -4.03
CA ASP D 1182 -27.71 13.97 -3.97
C ASP D 1182 -28.84 13.18 -4.61
N ASN D 1183 -28.56 12.41 -5.65
CA ASN D 1183 -29.60 11.68 -6.36
C ASN D 1183 -30.08 10.44 -5.60
N PHE D 1184 -29.20 9.81 -4.82
CA PHE D 1184 -29.58 8.56 -4.18
C PHE D 1184 -28.85 8.38 -2.85
N ASP D 1185 -29.45 7.57 -1.99
CA ASP D 1185 -28.83 7.09 -0.76
C ASP D 1185 -28.49 5.62 -0.99
N PRO D 1186 -27.21 5.25 -1.10
CA PRO D 1186 -26.88 3.86 -1.46
C PRO D 1186 -27.12 2.86 -0.35
N VAL D 1187 -27.29 3.29 0.90
CA VAL D 1187 -27.52 2.35 1.99
C VAL D 1187 -28.94 1.80 1.95
N THR D 1188 -29.93 2.70 1.95
CA THR D 1188 -31.32 2.26 1.96
C THR D 1188 -31.78 1.72 0.61
N LEU D 1189 -31.04 1.99 -0.46
CA LEU D 1189 -31.41 1.47 -1.77
C LEU D 1189 -31.06 0.00 -1.93
N SER D 1190 -30.13 -0.52 -1.13
CA SER D 1190 -29.85 -1.95 -1.10
C SER D 1190 -30.87 -2.73 -0.29
N SER D 1191 -31.72 -2.03 0.47
CA SER D 1191 -32.78 -2.67 1.24
C SER D 1191 -33.97 -3.01 0.35
N CYS D 1215 -51.59 -5.21 -13.70
CA CYS D 1215 -51.06 -6.44 -14.30
C CYS D 1215 -52.16 -7.27 -14.94
N PRO D 1216 -51.92 -7.76 -16.15
CA PRO D 1216 -52.94 -8.53 -16.87
C PRO D 1216 -53.06 -9.94 -16.31
N GLU D 1217 -54.05 -10.66 -16.84
CA GLU D 1217 -54.27 -12.05 -16.46
C GLU D 1217 -53.30 -12.96 -17.22
N LEU D 1218 -52.69 -13.90 -16.51
CA LEU D 1218 -51.75 -14.84 -17.10
C LEU D 1218 -52.43 -16.21 -17.25
N ALA D 1219 -52.43 -16.73 -18.47
CA ALA D 1219 -53.06 -18.00 -18.78
C ALA D 1219 -51.99 -18.99 -19.22
N VAL D 1220 -51.85 -20.09 -18.48
CA VAL D 1220 -50.88 -21.13 -18.77
C VAL D 1220 -51.64 -22.42 -19.05
N GLU D 1221 -51.34 -23.04 -20.18
CA GLU D 1221 -52.05 -24.26 -20.59
C GLU D 1221 -51.51 -25.47 -19.83
N ASN D 1222 -52.42 -26.37 -19.46
CA ASN D 1222 -52.14 -27.63 -18.76
C ASN D 1222 -51.42 -27.41 -17.43
N ALA D 1223 -51.99 -26.55 -16.60
CA ALA D 1223 -51.38 -26.19 -15.33
C ALA D 1223 -52.45 -25.70 -14.37
N SER D 1224 -52.09 -25.63 -13.09
CA SER D 1224 -52.91 -25.03 -12.05
C SER D 1224 -52.22 -23.78 -11.54
N LEU D 1225 -52.92 -22.65 -11.57
CA LEU D 1225 -52.37 -21.37 -11.19
C LEU D 1225 -53.13 -20.83 -9.98
N ASN D 1226 -52.40 -20.32 -9.00
CA ASN D 1226 -53.00 -19.73 -7.80
C ASN D 1226 -52.21 -18.49 -7.41
N CYS D 1227 -52.91 -17.40 -7.16
CA CYS D 1227 -52.31 -16.16 -6.72
C CYS D 1227 -52.67 -15.92 -5.26
N SER D 1228 -51.66 -15.64 -4.43
CA SER D 1228 -51.90 -15.41 -3.01
C SER D 1228 -52.59 -14.09 -2.74
N SER D 1229 -52.56 -13.15 -3.68
CA SER D 1229 -53.26 -11.88 -3.57
C SER D 1229 -54.39 -11.83 -4.60
N SER D 1230 -55.58 -11.49 -4.15
CA SER D 1230 -56.73 -11.38 -5.05
C SER D 1230 -56.60 -10.17 -5.97
N ASP D 1231 -56.13 -9.05 -5.43
CA ASP D 1231 -55.98 -7.83 -6.22
C ASP D 1231 -54.73 -7.92 -7.08
N ARG D 1232 -54.87 -7.59 -8.37
CA ARG D 1232 -53.76 -7.57 -9.31
C ARG D 1232 -53.21 -6.15 -9.38
N TYR D 1233 -51.99 -5.96 -8.88
CA TYR D 1233 -51.34 -4.67 -8.86
C TYR D 1233 -49.86 -4.86 -9.20
N HIS D 1234 -49.13 -3.76 -9.24
CA HIS D 1234 -47.70 -3.80 -9.54
C HIS D 1234 -46.96 -4.35 -8.33
N GLY D 1235 -46.64 -5.65 -8.38
CA GLY D 1235 -45.96 -6.30 -7.27
C GLY D 1235 -46.57 -7.64 -6.89
N ALA D 1236 -47.70 -7.97 -7.50
CA ALA D 1236 -48.37 -9.24 -7.21
C ALA D 1236 -47.67 -10.40 -7.92
N GLN D 1237 -47.76 -11.58 -7.30
CA GLN D 1237 -47.14 -12.78 -7.83
C GLN D 1237 -48.15 -13.91 -7.85
N CYS D 1238 -48.01 -14.79 -8.85
CA CYS D 1238 -48.89 -15.94 -9.01
C CYS D 1238 -48.03 -17.19 -9.21
N THR D 1239 -48.35 -18.26 -8.48
CA THR D 1239 -47.62 -19.50 -8.55
C THR D 1239 -48.35 -20.48 -9.45
N VAL D 1240 -47.66 -20.97 -10.48
CA VAL D 1240 -48.23 -21.91 -11.43
C VAL D 1240 -47.45 -23.23 -11.31
N SER D 1241 -48.18 -24.32 -11.14
CA SER D 1241 -47.61 -25.66 -11.10
C SER D 1241 -48.34 -26.53 -12.11
N CYS D 1242 -47.58 -27.19 -12.98
CA CYS D 1242 -48.22 -27.95 -14.05
C CYS D 1242 -48.72 -29.30 -13.54
N ARG D 1243 -49.56 -29.93 -14.34
CA ARG D 1243 -50.13 -31.23 -14.00
C ARG D 1243 -49.16 -32.35 -14.40
N THR D 1244 -49.61 -33.58 -14.22
CA THR D 1244 -48.77 -34.74 -14.51
C THR D 1244 -48.62 -34.93 -16.01
N GLY D 1245 -47.44 -35.40 -16.41
CA GLY D 1245 -47.17 -35.65 -17.81
C GLY D 1245 -46.85 -34.43 -18.64
N TYR D 1246 -46.26 -33.40 -18.04
CA TYR D 1246 -45.90 -32.19 -18.78
C TYR D 1246 -44.54 -31.69 -18.31
N VAL D 1247 -43.76 -31.17 -19.25
CA VAL D 1247 -42.42 -30.67 -18.99
C VAL D 1247 -42.44 -29.16 -19.12
N LEU D 1248 -41.95 -28.47 -18.10
CA LEU D 1248 -41.85 -27.01 -18.11
C LEU D 1248 -40.74 -26.56 -19.06
N GLN D 1249 -40.97 -25.42 -19.70
CA GLN D 1249 -39.93 -24.68 -20.42
C GLN D 1249 -40.07 -23.22 -20.00
N ILE D 1250 -39.44 -22.85 -18.90
CA ILE D 1250 -39.43 -21.46 -18.45
C ILE D 1250 -38.36 -20.73 -19.23
N ARG D 1251 -38.75 -19.69 -19.96
CA ARG D 1251 -37.86 -18.99 -20.87
C ARG D 1251 -38.00 -17.49 -20.67
N ARG D 1252 -37.00 -16.76 -21.18
CA ARG D 1252 -37.06 -15.30 -21.26
C ARG D 1252 -36.74 -14.86 -22.67
N ASP D 1253 -36.57 -13.56 -22.88
CA ASP D 1253 -36.26 -13.03 -24.20
C ASP D 1253 -34.83 -13.37 -24.57
N ASP D 1254 -34.67 -14.29 -25.53
CA ASP D 1254 -33.38 -14.83 -25.98
C ASP D 1254 -32.58 -15.43 -24.82
N GLU D 1255 -33.28 -16.17 -23.96
CA GLU D 1255 -32.66 -16.76 -22.76
C GLU D 1255 -33.31 -18.12 -22.54
N LEU D 1256 -32.62 -19.18 -22.97
CA LEU D 1256 -33.13 -20.55 -22.90
C LEU D 1256 -32.55 -21.20 -21.65
N ILE D 1257 -33.30 -21.12 -20.55
CA ILE D 1257 -32.87 -21.69 -19.28
C ILE D 1257 -33.34 -23.14 -19.21
N LYS D 1258 -32.69 -23.91 -18.34
CA LYS D 1258 -33.05 -25.31 -18.15
C LYS D 1258 -34.36 -25.43 -17.37
N SER D 1259 -34.95 -26.62 -17.44
CA SER D 1259 -36.25 -26.85 -16.81
C SER D 1259 -36.11 -26.98 -15.30
N GLN D 1260 -37.06 -26.37 -14.58
CA GLN D 1260 -37.06 -26.44 -13.13
C GLN D 1260 -37.49 -27.83 -12.66
N THR D 1261 -36.75 -28.38 -11.70
CA THR D 1261 -37.10 -29.69 -11.15
C THR D 1261 -38.38 -29.62 -10.33
N GLY D 1262 -38.55 -28.56 -9.56
CA GLY D 1262 -39.77 -28.35 -8.81
C GLY D 1262 -40.93 -27.99 -9.73
N PRO D 1263 -42.14 -28.39 -9.34
CA PRO D 1263 -43.30 -28.14 -10.22
C PRO D 1263 -43.79 -26.70 -10.17
N SER D 1264 -43.61 -26.04 -9.04
CA SER D 1264 -44.18 -24.71 -8.83
C SER D 1264 -43.19 -23.64 -9.22
N VAL D 1265 -43.61 -22.73 -10.10
CA VAL D 1265 -42.83 -21.55 -10.45
C VAL D 1265 -43.69 -20.32 -10.16
N THR D 1266 -43.14 -19.36 -9.41
CA THR D 1266 -43.86 -18.16 -9.05
C THR D 1266 -43.44 -17.03 -9.99
N VAL D 1267 -44.41 -16.45 -10.70
CA VAL D 1267 -44.17 -15.41 -11.69
C VAL D 1267 -44.68 -14.09 -11.13
N THR D 1268 -43.87 -13.04 -11.25
CA THR D 1268 -44.19 -11.71 -10.78
C THR D 1268 -44.18 -10.75 -11.97
N CYS D 1269 -45.27 -9.99 -12.12
CA CYS D 1269 -45.34 -8.99 -13.17
C CYS D 1269 -44.52 -7.77 -12.80
N THR D 1270 -43.76 -7.26 -13.77
CA THR D 1270 -42.95 -6.05 -13.60
C THR D 1270 -43.29 -5.06 -14.69
N GLU D 1271 -43.61 -3.82 -14.27
CA GLU D 1271 -43.94 -2.70 -15.15
C GLU D 1271 -45.14 -3.00 -16.06
N GLY D 1272 -46.09 -3.75 -15.53
CA GLY D 1272 -47.27 -4.14 -16.29
C GLY D 1272 -47.07 -5.29 -17.26
N LYS D 1273 -45.87 -5.86 -17.31
CA LYS D 1273 -45.54 -6.92 -18.24
C LYS D 1273 -45.04 -8.15 -17.47
N TRP D 1274 -45.07 -9.30 -18.14
CA TRP D 1274 -44.60 -10.53 -17.55
C TRP D 1274 -43.13 -10.76 -17.91
N ASN D 1275 -42.31 -11.00 -16.89
CA ASN D 1275 -40.86 -11.06 -17.06
C ASN D 1275 -40.40 -12.32 -17.78
N LYS D 1276 -41.20 -13.38 -17.76
CA LYS D 1276 -40.80 -14.65 -18.35
C LYS D 1276 -42.01 -15.33 -18.96
N GLN D 1277 -41.74 -16.24 -19.89
CA GLN D 1277 -42.77 -17.07 -20.51
C GLN D 1277 -42.70 -18.47 -19.92
N VAL D 1278 -43.83 -18.94 -19.40
CA VAL D 1278 -43.94 -20.25 -18.76
C VAL D 1278 -44.85 -21.09 -19.62
N ALA D 1279 -44.34 -22.22 -20.12
CA ALA D 1279 -45.10 -23.15 -20.93
C ALA D 1279 -44.85 -24.56 -20.43
N CYS D 1280 -45.82 -25.44 -20.68
CA CYS D 1280 -45.70 -26.85 -20.29
C CYS D 1280 -46.05 -27.72 -21.49
N GLU D 1281 -45.00 -28.20 -22.16
CA GLU D 1281 -45.18 -29.10 -23.29
C GLU D 1281 -45.55 -30.49 -22.82
N PRO D 1282 -46.18 -31.30 -23.68
CA PRO D 1282 -46.29 -32.74 -23.37
C PRO D 1282 -44.91 -33.38 -23.30
N VAL D 1283 -44.78 -34.35 -22.39
CA VAL D 1283 -43.49 -35.00 -22.21
C VAL D 1283 -43.21 -35.91 -23.40
N ASP D 1284 -42.09 -35.69 -24.06
CA ASP D 1284 -41.79 -36.35 -25.32
C ASP D 1284 -41.23 -37.73 -25.04
N CYS D 1285 -42.08 -38.75 -25.21
CA CYS D 1285 -41.58 -40.12 -25.29
C CYS D 1285 -40.72 -40.26 -26.54
N SER D 1286 -39.68 -41.09 -26.44
CA SER D 1286 -38.82 -41.33 -27.58
C SER D 1286 -39.58 -42.08 -28.66
N ILE D 1287 -39.16 -41.88 -29.90
CA ILE D 1287 -39.66 -42.63 -31.05
C ILE D 1287 -39.31 -44.09 -30.80
N PRO D 1288 -40.30 -45.02 -30.84
CA PRO D 1288 -40.09 -46.39 -30.32
C PRO D 1288 -38.97 -47.17 -31.00
N ASP D 1289 -37.88 -47.33 -30.24
CA ASP D 1289 -36.65 -47.89 -30.76
C ASP D 1289 -36.77 -49.42 -30.87
N HIS D 1290 -35.85 -50.01 -31.63
CA HIS D 1290 -35.76 -51.46 -31.70
C HIS D 1290 -35.30 -52.07 -30.39
N HIS D 1291 -34.61 -51.30 -29.54
CA HIS D 1291 -34.19 -51.78 -28.24
C HIS D 1291 -35.32 -51.81 -27.23
N GLN D 1292 -36.43 -51.12 -27.50
CA GLN D 1292 -37.59 -51.22 -26.61
C GLN D 1292 -38.28 -52.57 -26.77
N VAL D 1293 -38.76 -52.87 -27.97
CA VAL D 1293 -39.27 -54.18 -28.32
C VAL D 1293 -38.48 -54.67 -29.52
N TYR D 1294 -37.87 -55.85 -29.40
CA TYR D 1294 -37.03 -56.37 -30.45
C TYR D 1294 -37.87 -57.12 -31.48
N ALA D 1295 -37.41 -57.07 -32.74
CA ALA D 1295 -38.04 -57.71 -33.90
C ALA D 1295 -39.49 -57.26 -34.08
N ALA D 1296 -39.69 -55.95 -34.12
CA ALA D 1296 -41.02 -55.39 -34.34
C ALA D 1296 -40.92 -54.12 -35.17
N SER D 1297 -42.02 -53.83 -35.87
CA SER D 1297 -42.19 -52.59 -36.62
C SER D 1297 -43.28 -51.77 -35.96
N PHE D 1298 -43.01 -50.49 -35.77
CA PHE D 1298 -43.86 -49.62 -34.97
C PHE D 1298 -44.65 -48.67 -35.86
N SER D 1299 -45.95 -48.59 -35.62
CA SER D 1299 -46.83 -47.66 -36.31
C SER D 1299 -47.57 -46.85 -35.25
N CYS D 1300 -47.26 -45.56 -35.16
CA CYS D 1300 -47.85 -44.67 -34.16
C CYS D 1300 -48.54 -43.52 -34.89
N PRO D 1301 -49.85 -43.62 -35.14
CA PRO D 1301 -50.54 -42.52 -35.83
C PRO D 1301 -50.80 -41.31 -34.97
N GLU D 1302 -50.88 -41.47 -33.65
CA GLU D 1302 -51.24 -40.37 -32.75
C GLU D 1302 -50.03 -39.59 -32.24
N GLY D 1303 -48.82 -40.02 -32.57
CA GLY D 1303 -47.63 -39.32 -32.14
C GLY D 1303 -46.94 -39.98 -30.97
N THR D 1304 -45.97 -39.25 -30.41
CA THR D 1304 -45.20 -39.71 -29.25
C THR D 1304 -45.38 -38.79 -28.05
N THR D 1305 -46.49 -38.07 -27.97
CA THR D 1305 -46.73 -37.18 -26.85
C THR D 1305 -47.37 -37.95 -25.70
N PHE D 1306 -47.66 -37.24 -24.60
CA PHE D 1306 -48.27 -37.85 -23.43
C PHE D 1306 -49.71 -38.23 -23.73
N GLY D 1307 -50.08 -39.46 -23.37
CA GLY D 1307 -51.38 -40.00 -23.66
C GLY D 1307 -51.50 -40.70 -25.01
N SER D 1308 -50.46 -40.64 -25.84
CA SER D 1308 -50.50 -41.27 -27.14
C SER D 1308 -50.37 -42.77 -27.02
N GLN D 1309 -50.76 -43.46 -28.09
CA GLN D 1309 -50.62 -44.91 -28.18
C GLN D 1309 -49.96 -45.26 -29.50
N CYS D 1310 -49.20 -46.35 -29.50
CA CYS D 1310 -48.53 -46.85 -30.68
C CYS D 1310 -48.76 -48.35 -30.77
N SER D 1311 -48.67 -48.90 -31.96
CA SER D 1311 -48.82 -50.34 -32.15
C SER D 1311 -47.52 -50.92 -32.69
N PHE D 1312 -47.23 -52.16 -32.31
CA PHE D 1312 -46.06 -52.84 -32.84
C PHE D 1312 -46.47 -54.19 -33.43
N GLN D 1313 -45.88 -54.52 -34.57
CA GLN D 1313 -46.16 -55.75 -35.30
C GLN D 1313 -44.87 -56.58 -35.37
N CYS D 1314 -44.96 -57.85 -34.99
CA CYS D 1314 -43.77 -58.69 -34.94
C CYS D 1314 -43.30 -59.04 -36.35
N ARG D 1315 -42.05 -59.47 -36.45
CA ARG D 1315 -41.41 -59.72 -37.73
C ARG D 1315 -41.95 -60.99 -38.38
N HIS D 1316 -41.60 -61.16 -39.65
CA HIS D 1316 -41.87 -62.41 -40.36
C HIS D 1316 -41.19 -63.63 -39.74
N PRO D 1317 -39.86 -63.60 -39.29
CA PRO D 1317 -39.34 -64.70 -38.47
C PRO D 1317 -39.61 -64.49 -36.98
N ALA D 1318 -40.86 -64.17 -36.64
CA ALA D 1318 -41.25 -63.95 -35.26
C ALA D 1318 -42.73 -64.29 -35.11
N GLN D 1319 -43.10 -64.65 -33.89
CA GLN D 1319 -44.47 -65.00 -33.56
C GLN D 1319 -45.01 -64.01 -32.54
N LEU D 1320 -46.19 -63.47 -32.84
CA LEU D 1320 -46.87 -62.50 -31.97
C LEU D 1320 -47.72 -63.26 -30.96
N LYS D 1321 -47.26 -63.34 -29.72
CA LYS D 1321 -48.02 -63.95 -28.64
C LYS D 1321 -48.19 -62.94 -27.53
N GLY D 1322 -49.42 -62.75 -27.10
CA GLY D 1322 -49.76 -61.78 -26.06
C GLY D 1322 -51.13 -61.17 -26.32
N ASN D 1323 -51.74 -60.70 -25.23
CA ASN D 1323 -53.13 -60.22 -25.29
C ASN D 1323 -53.24 -58.90 -26.04
N ASN D 1324 -52.35 -57.95 -25.77
CA ASN D 1324 -52.40 -56.63 -26.40
C ASN D 1324 -51.03 -56.28 -26.96
N SER D 1325 -51.02 -55.71 -28.17
CA SER D 1325 -49.80 -55.30 -28.84
C SER D 1325 -49.66 -53.78 -28.93
N LEU D 1326 -50.16 -53.04 -27.94
CA LEU D 1326 -50.10 -51.59 -27.93
C LEU D 1326 -49.17 -51.09 -26.83
N LEU D 1327 -48.41 -50.05 -27.13
CA LEU D 1327 -47.53 -49.37 -26.17
C LEU D 1327 -48.07 -47.98 -25.91
N THR D 1328 -48.13 -47.58 -24.64
CA THR D 1328 -48.70 -46.30 -24.25
C THR D 1328 -47.58 -45.41 -23.71
N CYS D 1329 -47.48 -44.19 -24.24
CA CYS D 1329 -46.60 -43.20 -23.66
C CYS D 1329 -47.16 -42.74 -22.31
N MET D 1330 -46.29 -42.64 -21.31
CA MET D 1330 -46.70 -42.48 -19.93
C MET D 1330 -46.26 -41.14 -19.36
N GLU D 1331 -46.60 -40.93 -18.09
CA GLU D 1331 -46.34 -39.66 -17.42
C GLU D 1331 -44.85 -39.39 -17.25
N ASP D 1332 -44.10 -40.41 -16.83
CA ASP D 1332 -42.68 -40.24 -16.56
C ASP D 1332 -41.84 -40.06 -17.83
N GLY D 1333 -42.37 -40.41 -18.99
CA GLY D 1333 -41.64 -40.27 -20.23
C GLY D 1333 -41.12 -41.56 -20.82
N LEU D 1334 -41.56 -42.70 -20.32
CA LEU D 1334 -41.18 -44.00 -20.86
C LEU D 1334 -42.42 -44.73 -21.36
N TRP D 1335 -42.26 -45.48 -22.44
CA TRP D 1335 -43.34 -46.31 -22.95
C TRP D 1335 -43.66 -47.43 -21.96
N SER D 1336 -44.94 -47.81 -21.93
CA SER D 1336 -45.42 -48.79 -20.95
C SER D 1336 -44.91 -50.18 -21.28
N PHE D 1337 -45.07 -51.08 -20.30
CA PHE D 1337 -44.58 -52.45 -20.45
C PHE D 1337 -45.35 -53.16 -21.56
N PRO D 1338 -44.64 -53.80 -22.50
CA PRO D 1338 -45.34 -54.52 -23.57
C PRO D 1338 -46.02 -55.78 -23.04
N GLU D 1339 -47.26 -55.97 -23.46
CA GLU D 1339 -48.05 -57.14 -23.09
C GLU D 1339 -47.98 -58.25 -24.12
N ALA D 1340 -47.29 -58.02 -25.23
CA ALA D 1340 -47.07 -59.05 -26.25
C ALA D 1340 -45.58 -59.19 -26.50
N LEU D 1341 -45.10 -60.43 -26.51
CA LEU D 1341 -43.68 -60.74 -26.65
C LEU D 1341 -43.44 -61.36 -28.02
N CYS D 1342 -42.76 -60.61 -28.91
CA CYS D 1342 -42.37 -61.15 -30.20
C CYS D 1342 -41.34 -62.26 -30.03
N GLU D 1343 -41.74 -63.51 -30.22
CA GLU D 1343 -40.88 -64.65 -29.96
C GLU D 1343 -40.28 -65.15 -31.26
N LEU D 1344 -38.95 -65.12 -31.35
CA LEU D 1344 -38.23 -65.55 -32.54
C LEU D 1344 -37.80 -67.01 -32.36
N MET D 1345 -38.15 -67.85 -33.32
CA MET D 1345 -37.80 -69.25 -33.32
C MET D 1345 -36.90 -69.53 -34.53
N CYS D 1346 -35.75 -70.16 -34.28
CA CYS D 1346 -34.84 -70.50 -35.35
C CYS D 1346 -35.34 -71.72 -36.11
N LEU D 1347 -35.43 -71.59 -37.43
CA LEU D 1347 -35.93 -72.66 -38.29
C LEU D 1347 -34.79 -73.60 -38.65
N ALA D 1348 -35.03 -74.48 -39.62
CA ALA D 1348 -33.99 -75.39 -40.08
C ALA D 1348 -32.91 -74.61 -40.83
N PRO D 1349 -31.64 -74.83 -40.53
CA PRO D 1349 -30.56 -74.06 -41.17
C PRO D 1349 -30.39 -74.46 -42.62
N PRO D 1350 -29.84 -73.57 -43.46
CA PRO D 1350 -29.56 -73.95 -44.85
C PRO D 1350 -28.44 -74.98 -44.92
N PRO D 1351 -28.45 -75.85 -45.92
CA PRO D 1351 -27.43 -76.90 -45.99
C PRO D 1351 -26.07 -76.35 -46.42
N VAL D 1352 -25.03 -77.09 -46.06
CA VAL D 1352 -23.65 -76.77 -46.41
C VAL D 1352 -23.13 -77.93 -47.26
N PRO D 1353 -22.51 -77.65 -48.41
CA PRO D 1353 -21.89 -78.73 -49.19
C PRO D 1353 -20.70 -79.34 -48.45
N ASN D 1354 -20.54 -80.66 -48.64
CA ASN D 1354 -19.50 -81.48 -48.01
C ASN D 1354 -19.53 -81.37 -46.48
N ALA D 1355 -20.72 -81.36 -45.91
CA ALA D 1355 -20.88 -81.28 -44.47
C ALA D 1355 -22.12 -82.08 -44.06
N ASP D 1356 -22.04 -82.69 -42.87
CA ASP D 1356 -23.14 -83.45 -42.31
C ASP D 1356 -23.50 -82.90 -40.94
N LEU D 1357 -24.80 -82.76 -40.69
CA LEU D 1357 -25.28 -82.30 -39.40
C LEU D 1357 -25.19 -83.43 -38.39
N GLN D 1358 -24.63 -83.14 -37.21
CA GLN D 1358 -24.37 -84.16 -36.21
C GLN D 1358 -25.40 -84.19 -35.09
N THR D 1359 -26.22 -83.17 -34.96
CA THR D 1359 -27.22 -83.09 -33.89
C THR D 1359 -28.60 -83.37 -34.47
N ALA D 1360 -29.34 -84.29 -33.83
CA ALA D 1360 -30.64 -84.71 -34.33
C ALA D 1360 -31.73 -83.67 -34.06
N ARG D 1361 -31.62 -82.92 -32.96
CA ARG D 1361 -32.62 -81.89 -32.66
C ARG D 1361 -32.45 -80.64 -33.51
N CYS D 1362 -31.32 -80.48 -34.19
CA CYS D 1362 -31.11 -79.35 -35.09
C CYS D 1362 -31.78 -79.54 -36.44
N ARG D 1363 -32.22 -80.76 -36.75
CA ARG D 1363 -32.97 -81.01 -37.98
C ARG D 1363 -34.41 -80.54 -37.88
N GLU D 1364 -34.91 -80.31 -36.67
CA GLU D 1364 -36.27 -79.83 -36.48
C GLU D 1364 -36.36 -78.35 -36.85
N ASN D 1365 -37.60 -77.88 -37.01
CA ASN D 1365 -37.87 -76.49 -37.37
C ASN D 1365 -37.96 -75.58 -36.16
N LYS D 1366 -37.90 -76.10 -34.94
CA LYS D 1366 -37.95 -75.32 -33.72
C LYS D 1366 -36.66 -75.52 -32.94
N HIS D 1367 -36.05 -74.42 -32.51
CA HIS D 1367 -34.78 -74.49 -31.80
C HIS D 1367 -34.65 -73.26 -30.90
N LYS D 1368 -33.87 -73.42 -29.83
CA LYS D 1368 -33.60 -72.32 -28.93
C LYS D 1368 -32.61 -71.34 -29.56
N VAL D 1369 -32.73 -70.07 -29.19
CA VAL D 1369 -31.87 -69.03 -29.71
C VAL D 1369 -30.63 -68.91 -28.83
N GLY D 1370 -29.46 -69.07 -29.45
CA GLY D 1370 -28.19 -69.00 -28.75
C GLY D 1370 -27.46 -70.32 -28.63
N SER D 1371 -28.09 -71.43 -29.00
CA SER D 1371 -27.44 -72.73 -28.94
C SER D 1371 -26.64 -72.97 -30.22
N PHE D 1372 -25.84 -74.03 -30.19
CA PHE D 1372 -24.92 -74.37 -31.28
C PHE D 1372 -25.33 -75.68 -31.92
N CYS D 1373 -25.28 -75.73 -33.24
CA CYS D 1373 -25.49 -76.95 -34.02
C CYS D 1373 -24.17 -77.31 -34.69
N LYS D 1374 -23.77 -78.58 -34.55
CA LYS D 1374 -22.45 -79.04 -34.97
C LYS D 1374 -22.54 -79.64 -36.36
N TYR D 1375 -21.76 -79.11 -37.29
CA TYR D 1375 -21.63 -79.64 -38.64
C TYR D 1375 -20.22 -80.16 -38.84
N LYS D 1376 -20.11 -81.41 -39.28
CA LYS D 1376 -18.82 -82.05 -39.49
C LYS D 1376 -18.53 -82.12 -40.98
N CYS D 1377 -17.34 -81.66 -41.36
CA CYS D 1377 -16.91 -81.71 -42.74
C CYS D 1377 -16.44 -83.12 -43.10
N LYS D 1378 -16.23 -83.35 -44.39
CA LYS D 1378 -15.64 -84.59 -44.85
C LYS D 1378 -14.14 -84.58 -44.53
N PRO D 1379 -13.53 -85.76 -44.44
CA PRO D 1379 -12.06 -85.82 -44.35
C PRO D 1379 -11.40 -85.26 -45.61
N GLY D 1380 -10.46 -84.34 -45.40
CA GLY D 1380 -9.86 -83.59 -46.47
C GLY D 1380 -10.47 -82.21 -46.67
N TYR D 1381 -11.68 -81.99 -46.16
CA TYR D 1381 -12.31 -80.68 -46.15
C TYR D 1381 -12.18 -80.09 -44.75
N HIS D 1382 -11.77 -78.82 -44.68
CA HIS D 1382 -11.54 -78.20 -43.39
C HIS D 1382 -11.76 -76.70 -43.51
N VAL D 1383 -11.84 -76.04 -42.36
CA VAL D 1383 -11.89 -74.58 -42.30
C VAL D 1383 -10.56 -74.02 -42.82
N PRO D 1384 -10.56 -73.01 -43.68
CA PRO D 1384 -9.30 -72.41 -44.12
C PRO D 1384 -8.58 -71.71 -42.98
N GLY D 1385 -7.26 -71.70 -43.05
CA GLY D 1385 -6.41 -71.26 -41.97
C GLY D 1385 -6.06 -72.34 -40.97
N SER D 1386 -6.43 -73.59 -41.23
CA SER D 1386 -6.13 -74.68 -40.31
C SER D 1386 -4.66 -75.10 -40.40
N SER D 1387 -4.13 -75.54 -39.26
CA SER D 1387 -2.75 -75.99 -39.19
C SER D 1387 -2.58 -77.40 -39.76
N ARG D 1388 -1.35 -77.72 -40.15
CA ARG D 1388 -1.06 -79.04 -40.69
C ARG D 1388 -1.12 -80.12 -39.62
N LYS D 1389 -0.61 -79.81 -38.42
CA LYS D 1389 -0.57 -80.80 -37.35
C LYS D 1389 -1.94 -81.03 -36.74
N SER D 1390 -2.75 -79.98 -36.65
CA SER D 1390 -4.09 -80.05 -36.06
C SER D 1390 -5.11 -79.72 -37.14
N LYS D 1391 -5.56 -80.74 -37.86
CA LYS D 1391 -6.58 -80.59 -38.89
C LYS D 1391 -7.93 -80.89 -38.26
N LYS D 1392 -8.71 -79.84 -37.98
CA LYS D 1392 -10.01 -79.98 -37.35
C LYS D 1392 -11.10 -80.05 -38.41
N ARG D 1393 -11.93 -81.11 -38.34
CA ARG D 1393 -12.87 -81.45 -39.39
C ARG D 1393 -14.32 -81.23 -38.98
N ALA D 1394 -14.56 -80.49 -37.89
CA ALA D 1394 -15.92 -80.23 -37.46
C ALA D 1394 -15.99 -78.84 -36.83
N PHE D 1395 -17.07 -78.12 -37.14
CA PHE D 1395 -17.30 -76.78 -36.64
C PHE D 1395 -18.74 -76.69 -36.11
N LYS D 1396 -19.07 -75.55 -35.51
CA LYS D 1396 -20.39 -75.31 -34.97
C LYS D 1396 -20.91 -73.96 -35.43
N THR D 1397 -22.23 -73.89 -35.65
CA THR D 1397 -22.89 -72.66 -36.03
C THR D 1397 -23.96 -72.32 -34.99
N GLN D 1398 -24.06 -71.04 -34.65
CA GLN D 1398 -24.97 -70.57 -33.62
C GLN D 1398 -26.18 -69.90 -34.26
N CYS D 1399 -27.36 -70.24 -33.75
CA CYS D 1399 -28.58 -69.52 -34.11
C CYS D 1399 -28.49 -68.09 -33.61
N THR D 1400 -28.49 -67.13 -34.54
CA THR D 1400 -28.31 -65.73 -34.18
C THR D 1400 -29.64 -65.13 -33.71
N GLN D 1401 -29.61 -63.83 -33.41
CA GLN D 1401 -30.79 -63.16 -32.88
C GLN D 1401 -31.83 -62.87 -33.96
N ASP D 1402 -31.41 -62.63 -35.19
CA ASP D 1402 -32.32 -62.28 -36.27
C ASP D 1402 -32.89 -63.49 -36.99
N GLY D 1403 -32.79 -64.69 -36.40
CA GLY D 1403 -33.30 -65.90 -37.00
C GLY D 1403 -32.35 -66.62 -37.92
N SER D 1404 -31.19 -66.04 -38.21
CA SER D 1404 -30.23 -66.64 -39.11
C SER D 1404 -29.27 -67.52 -38.31
N TRP D 1405 -28.20 -67.97 -38.95
CA TRP D 1405 -27.19 -68.83 -38.34
C TRP D 1405 -25.81 -68.29 -38.68
N GLN D 1406 -24.81 -68.78 -37.96
CA GLN D 1406 -23.43 -68.47 -38.31
C GLN D 1406 -23.05 -69.15 -39.62
N GLU D 1407 -22.42 -68.39 -40.51
CA GLU D 1407 -22.04 -68.93 -41.81
C GLU D 1407 -20.77 -69.77 -41.67
N GLY D 1408 -20.75 -70.91 -42.36
CA GLY D 1408 -19.59 -71.77 -42.37
C GLY D 1408 -19.54 -72.65 -43.60
N ALA D 1409 -18.41 -72.66 -44.29
CA ALA D 1409 -18.24 -73.47 -45.49
C ALA D 1409 -17.02 -74.37 -45.32
N CYS D 1410 -17.21 -75.67 -45.59
CA CYS D 1410 -16.11 -76.64 -45.55
C CYS D 1410 -15.34 -76.56 -46.86
N VAL D 1411 -14.55 -75.50 -47.00
CA VAL D 1411 -13.77 -75.26 -48.20
C VAL D 1411 -12.28 -75.25 -47.82
N PRO D 1412 -11.49 -76.22 -48.30
CA PRO D 1412 -10.05 -76.20 -48.01
C PRO D 1412 -9.31 -75.33 -49.02
N VAL D 1413 -8.33 -74.58 -48.54
CA VAL D 1413 -7.56 -73.70 -49.43
C VAL D 1413 -6.68 -74.53 -50.37
N THR D 1414 -5.97 -75.51 -49.82
CA THR D 1414 -4.93 -76.20 -50.58
C THR D 1414 -4.81 -77.64 -50.12
N CYS D 1415 -4.78 -78.57 -51.07
CA CYS D 1415 -4.42 -79.94 -50.74
C CYS D 1415 -2.93 -80.05 -50.43
N ASP D 1416 -2.09 -79.71 -51.41
CA ASP D 1416 -0.64 -79.71 -51.29
C ASP D 1416 -0.08 -78.98 -52.52
N PRO D 1417 1.03 -78.25 -52.35
CA PRO D 1417 1.56 -77.46 -53.49
C PRO D 1417 2.51 -78.28 -54.35
N PRO D 1418 2.30 -78.29 -55.66
CA PRO D 1418 3.24 -78.96 -56.58
C PRO D 1418 4.59 -78.26 -56.59
N PRO D 1419 5.66 -79.00 -56.88
CA PRO D 1419 6.99 -78.41 -56.90
C PRO D 1419 7.12 -77.38 -58.01
N PRO D 1420 7.91 -76.32 -57.79
CA PRO D 1420 8.01 -75.23 -58.78
C PRO D 1420 8.71 -75.62 -60.07
N LYS D 1421 9.40 -76.75 -60.11
CA LYS D 1421 10.13 -77.19 -61.30
C LYS D 1421 9.21 -77.72 -62.39
N PHE D 1422 7.93 -77.97 -62.11
CA PHE D 1422 6.98 -78.42 -63.11
C PHE D 1422 5.69 -77.61 -63.02
N HIS D 1423 5.82 -76.30 -62.86
CA HIS D 1423 4.69 -75.39 -62.76
C HIS D 1423 4.50 -74.66 -64.08
N GLY D 1424 3.24 -74.46 -64.46
CA GLY D 1424 2.92 -73.68 -65.64
C GLY D 1424 2.07 -74.38 -66.68
N LEU D 1425 2.31 -75.68 -66.90
CA LEU D 1425 1.57 -76.44 -67.88
C LEU D 1425 0.49 -77.32 -67.26
N TYR D 1426 0.30 -77.23 -65.96
CA TYR D 1426 -0.66 -78.11 -65.27
C TYR D 1426 -2.09 -77.62 -65.48
N GLN D 1427 -3.01 -78.59 -65.58
CA GLN D 1427 -4.45 -78.31 -65.61
C GLN D 1427 -5.13 -79.24 -64.63
N CYS D 1428 -5.86 -78.66 -63.68
CA CYS D 1428 -6.52 -79.40 -62.62
C CYS D 1428 -8.03 -79.20 -62.69
N THR D 1429 -8.76 -80.07 -62.00
CA THR D 1429 -10.21 -79.94 -61.94
C THR D 1429 -10.62 -78.80 -61.02
N ASN D 1430 -9.96 -78.67 -59.86
CA ASN D 1430 -10.28 -77.63 -58.89
C ASN D 1430 -9.07 -76.79 -58.52
N GLY D 1431 -7.99 -76.88 -59.29
CA GLY D 1431 -6.79 -76.14 -58.96
C GLY D 1431 -5.99 -76.88 -57.90
N PHE D 1432 -5.63 -76.17 -56.84
CA PHE D 1432 -4.85 -76.74 -55.75
C PHE D 1432 -5.72 -77.30 -54.63
N GLN D 1433 -7.03 -77.39 -54.84
CA GLN D 1433 -7.95 -77.80 -53.79
C GLN D 1433 -7.89 -79.31 -53.56
N PHE D 1434 -8.67 -79.76 -52.58
CA PHE D 1434 -8.67 -81.17 -52.20
C PHE D 1434 -9.36 -82.02 -53.27
N ASN D 1435 -8.80 -83.21 -53.51
CA ASN D 1435 -9.27 -84.18 -54.51
C ASN D 1435 -9.36 -83.57 -55.90
N SER D 1436 -8.34 -82.80 -56.28
CA SER D 1436 -8.27 -82.17 -57.59
C SER D 1436 -7.22 -82.91 -58.41
N GLU D 1437 -7.63 -83.44 -59.56
CA GLU D 1437 -6.75 -84.22 -60.42
C GLU D 1437 -6.05 -83.28 -61.39
N CYS D 1438 -4.74 -83.13 -61.23
CA CYS D 1438 -3.94 -82.24 -62.06
C CYS D 1438 -3.26 -83.05 -63.15
N ARG D 1439 -3.41 -82.62 -64.40
CA ARG D 1439 -2.80 -83.27 -65.54
C ARG D 1439 -1.97 -82.26 -66.32
N ILE D 1440 -0.81 -82.69 -66.82
CA ILE D 1440 0.04 -81.89 -67.69
C ILE D 1440 -0.05 -82.50 -69.09
N LYS D 1441 -0.50 -81.70 -70.05
CA LYS D 1441 -0.71 -82.20 -71.40
C LYS D 1441 0.61 -82.38 -72.12
N CYS D 1442 0.76 -83.52 -72.78
CA CYS D 1442 1.99 -83.84 -73.49
C CYS D 1442 1.69 -84.16 -74.96
N LEU D 1451 6.57 -95.25 -69.89
CA LEU D 1451 6.83 -94.56 -68.63
C LEU D 1451 5.53 -94.03 -68.03
N GLY D 1452 5.66 -93.34 -66.89
CA GLY D 1452 4.51 -92.78 -66.21
C GLY D 1452 4.03 -91.49 -66.85
N SER D 1453 2.96 -90.95 -66.28
CA SER D 1453 2.36 -89.69 -66.71
C SER D 1453 2.30 -88.73 -65.54
N ASN D 1454 1.88 -87.50 -65.82
CA ASN D 1454 1.73 -86.46 -64.80
C ASN D 1454 0.31 -86.40 -64.26
N VAL D 1455 -0.21 -87.55 -63.83
CA VAL D 1455 -1.56 -87.65 -63.30
C VAL D 1455 -1.47 -88.14 -61.85
N ILE D 1456 -1.91 -87.29 -60.91
CA ILE D 1456 -1.83 -87.61 -59.49
C ILE D 1456 -3.15 -87.25 -58.82
N HIS D 1457 -3.41 -87.90 -57.69
CA HIS D 1457 -4.66 -87.72 -56.95
C HIS D 1457 -4.34 -87.38 -55.50
N CYS D 1458 -5.03 -86.35 -54.98
CA CYS D 1458 -4.83 -85.95 -53.59
C CYS D 1458 -5.46 -86.98 -52.65
N ARG D 1459 -4.69 -87.41 -51.65
CA ARG D 1459 -5.16 -88.42 -50.71
C ARG D 1459 -5.77 -87.78 -49.47
N LYS D 1460 -6.21 -88.63 -48.54
CA LYS D 1460 -6.88 -88.20 -47.32
C LYS D 1460 -5.91 -87.47 -46.39
N ASP D 1461 -4.66 -87.94 -46.30
CA ASP D 1461 -3.67 -87.28 -45.45
C ASP D 1461 -3.19 -85.97 -46.04
N GLY D 1462 -3.39 -85.74 -47.34
CA GLY D 1462 -2.98 -84.51 -47.99
C GLY D 1462 -1.83 -84.65 -48.96
N THR D 1463 -1.33 -85.86 -49.19
CA THR D 1463 -0.22 -86.09 -50.09
C THR D 1463 -0.70 -86.68 -51.42
N TRP D 1464 0.18 -86.66 -52.40
CA TRP D 1464 -0.10 -87.22 -53.72
C TRP D 1464 0.42 -88.66 -53.79
N ASN D 1465 -0.12 -89.41 -54.73
CA ASN D 1465 0.38 -90.76 -55.00
C ASN D 1465 1.62 -90.76 -55.87
N GLY D 1466 2.03 -89.62 -56.41
CA GLY D 1466 3.23 -89.52 -57.19
C GLY D 1466 3.69 -88.09 -57.28
N SER D 1467 4.58 -87.83 -58.24
CA SER D 1467 5.08 -86.49 -58.49
C SER D 1467 5.25 -86.29 -59.98
N PHE D 1468 5.32 -85.01 -60.37
CA PHE D 1468 5.49 -84.66 -61.77
C PHE D 1468 6.92 -84.95 -62.24
N HIS D 1469 7.05 -85.13 -63.55
CA HIS D 1469 8.35 -85.40 -64.17
C HIS D 1469 8.42 -84.63 -65.49
N VAL D 1470 9.50 -84.85 -66.23
CA VAL D 1470 9.71 -84.19 -67.51
C VAL D 1470 8.80 -84.79 -68.59
N VAL D 1480 18.57 -65.88 -72.14
CA VAL D 1480 18.80 -64.81 -71.18
C VAL D 1480 17.51 -64.05 -70.93
N PRO D 1481 17.09 -63.98 -69.65
CA PRO D 1481 15.86 -63.24 -69.32
C PRO D 1481 16.05 -61.74 -69.36
N ASN D 1482 15.95 -61.16 -70.56
CA ASN D 1482 16.16 -59.72 -70.72
C ASN D 1482 15.01 -58.89 -70.15
N GLU D 1483 13.84 -59.48 -69.96
CA GLU D 1483 12.69 -58.77 -69.41
C GLU D 1483 12.82 -58.72 -67.89
N LEU D 1484 13.61 -57.75 -67.43
CA LEU D 1484 13.88 -57.53 -66.01
C LEU D 1484 13.13 -56.30 -65.52
N ASN D 1485 13.17 -56.10 -64.21
CA ASN D 1485 12.55 -54.95 -63.58
C ASN D 1485 13.54 -53.78 -63.54
N SER D 1486 13.19 -52.72 -62.82
CA SER D 1486 14.05 -51.55 -62.75
C SER D 1486 15.30 -51.81 -61.90
N ASN D 1487 15.20 -52.70 -60.91
CA ASN D 1487 16.31 -53.01 -60.03
C ASN D 1487 16.60 -54.50 -59.93
N LEU D 1488 15.98 -55.32 -60.77
CA LEU D 1488 16.09 -56.78 -60.61
C LEU D 1488 17.42 -57.29 -61.13
N LYS D 1489 18.05 -58.18 -60.36
CA LYS D 1489 19.34 -58.78 -60.70
C LYS D 1489 19.29 -60.27 -60.40
N LEU D 1490 19.73 -61.08 -61.36
CA LEU D 1490 19.75 -62.53 -61.21
C LEU D 1490 21.19 -63.03 -61.28
N GLN D 1491 21.58 -63.86 -60.32
CA GLN D 1491 22.91 -64.47 -60.29
C GLN D 1491 22.76 -65.98 -60.39
N CYS D 1492 23.36 -66.58 -61.41
CA CYS D 1492 23.22 -68.02 -61.64
C CYS D 1492 24.47 -68.76 -61.22
N PRO D 1493 24.42 -69.58 -60.15
CA PRO D 1493 25.60 -70.36 -59.78
C PRO D 1493 25.84 -71.58 -60.65
N ASP D 1494 24.85 -72.03 -61.41
CA ASP D 1494 24.99 -73.20 -62.27
C ASP D 1494 24.73 -72.88 -63.74
N GLY D 1495 24.67 -71.60 -64.10
CA GLY D 1495 24.39 -71.23 -65.48
C GLY D 1495 22.91 -71.36 -65.81
N TYR D 1496 22.64 -71.48 -67.11
CA TYR D 1496 21.28 -71.61 -67.62
C TYR D 1496 20.91 -73.06 -67.93
N ALA D 1497 21.40 -73.99 -67.11
CA ALA D 1497 21.11 -75.40 -67.33
C ALA D 1497 19.68 -75.74 -66.91
N ILE D 1498 19.26 -76.96 -67.22
CA ILE D 1498 17.91 -77.41 -66.94
C ILE D 1498 17.79 -77.74 -65.46
N GLY D 1499 16.83 -77.11 -64.79
CA GLY D 1499 16.60 -77.32 -63.38
C GLY D 1499 17.48 -76.54 -62.44
N SER D 1500 18.36 -75.69 -62.97
CA SER D 1500 19.24 -74.90 -62.11
C SER D 1500 18.47 -73.78 -61.43
N GLU D 1501 18.90 -73.44 -60.21
CA GLU D 1501 18.27 -72.43 -59.39
C GLU D 1501 19.20 -71.23 -59.28
N CYS D 1502 18.71 -70.05 -59.64
CA CYS D 1502 19.51 -68.83 -59.61
C CYS D 1502 18.93 -67.86 -58.59
N ALA D 1503 19.80 -67.13 -57.91
CA ALA D 1503 19.38 -66.17 -56.89
C ALA D 1503 18.83 -64.91 -57.54
N THR D 1504 17.76 -64.38 -56.94
CA THR D 1504 17.13 -63.14 -57.37
C THR D 1504 17.32 -62.07 -56.30
N SER D 1505 17.53 -60.83 -56.73
CA SER D 1505 17.74 -59.73 -55.80
C SER D 1505 17.28 -58.43 -56.44
N CYS D 1506 17.10 -57.41 -55.62
CA CYS D 1506 16.81 -56.07 -56.09
C CYS D 1506 18.03 -55.19 -55.88
N LEU D 1507 18.31 -54.31 -56.85
CA LEU D 1507 19.47 -53.44 -56.76
C LEU D 1507 19.32 -52.39 -55.67
N ASP D 1508 18.10 -51.92 -55.42
CA ASP D 1508 17.87 -51.01 -54.31
C ASP D 1508 17.86 -51.79 -52.99
N HIS D 1509 18.46 -51.17 -51.95
CA HIS D 1509 18.54 -51.84 -50.66
C HIS D 1509 17.18 -51.93 -49.98
N ASN D 1510 16.30 -50.96 -50.22
CA ASN D 1510 14.97 -50.94 -49.62
C ASN D 1510 13.90 -51.49 -50.54
N SER D 1511 14.23 -52.52 -51.33
CA SER D 1511 13.30 -53.13 -52.26
C SER D 1511 13.30 -54.64 -52.09
N GLU D 1512 12.14 -55.23 -52.29
CA GLU D 1512 11.97 -56.68 -52.25
C GLU D 1512 11.25 -57.14 -53.52
N SER D 1513 11.64 -58.31 -54.01
CA SER D 1513 11.14 -58.85 -55.27
C SER D 1513 10.00 -59.83 -54.97
N ILE D 1514 8.82 -59.55 -55.51
CA ILE D 1514 7.63 -60.36 -55.29
C ILE D 1514 6.99 -60.68 -56.64
N ILE D 1515 5.97 -61.53 -56.59
CA ILE D 1515 5.17 -61.87 -57.76
C ILE D 1515 3.84 -61.11 -57.64
N LEU D 1516 3.66 -60.10 -58.47
CA LEU D 1516 2.42 -59.34 -58.35
C LEU D 1516 1.35 -59.95 -59.26
N PRO D 1517 0.11 -60.00 -58.78
CA PRO D 1517 -1.01 -60.38 -59.66
C PRO D 1517 -1.29 -59.31 -60.70
N MET D 1518 -2.07 -59.70 -61.71
CA MET D 1518 -2.34 -58.81 -62.83
C MET D 1518 -3.28 -57.67 -62.44
N ASN D 1519 -4.20 -57.91 -61.51
CA ASN D 1519 -5.10 -56.86 -61.03
C ASN D 1519 -4.51 -56.07 -59.86
N VAL D 1520 -3.32 -56.42 -59.40
CA VAL D 1520 -2.66 -55.74 -58.30
C VAL D 1520 -1.51 -54.92 -58.87
N THR D 1521 -1.58 -53.60 -58.70
CA THR D 1521 -0.56 -52.71 -59.23
C THR D 1521 0.60 -52.60 -58.24
N VAL D 1522 1.49 -51.64 -58.46
CA VAL D 1522 2.64 -51.45 -57.59
C VAL D 1522 2.30 -50.54 -56.41
N ARG D 1523 1.68 -49.38 -56.69
CA ARG D 1523 1.41 -48.38 -55.66
C ARG D 1523 0.09 -48.58 -54.95
N ASP D 1524 -0.72 -49.57 -55.34
CA ASP D 1524 -1.99 -49.85 -54.70
C ASP D 1524 -2.05 -51.30 -54.21
N ILE D 1525 -0.96 -51.78 -53.63
CA ILE D 1525 -0.97 -53.09 -52.97
C ILE D 1525 -1.75 -52.97 -51.67
N PRO D 1526 -2.73 -53.84 -51.41
CA PRO D 1526 -3.50 -53.75 -50.17
C PRO D 1526 -2.67 -54.07 -48.94
N HIS D 1527 -3.04 -53.43 -47.82
CA HIS D 1527 -2.32 -53.62 -46.57
C HIS D 1527 -2.64 -54.95 -45.90
N TRP D 1528 -3.75 -55.60 -46.25
CA TRP D 1528 -4.06 -56.91 -45.72
C TRP D 1528 -3.50 -58.05 -46.55
N LEU D 1529 -2.95 -57.76 -47.73
CA LEU D 1529 -2.47 -58.79 -48.63
C LEU D 1529 -0.99 -59.09 -48.37
N ASN D 1530 -0.66 -60.38 -48.37
CA ASN D 1530 0.72 -60.83 -48.23
C ASN D 1530 1.19 -61.44 -49.54
N PRO D 1531 1.89 -60.68 -50.40
CA PRO D 1531 2.38 -61.26 -51.65
C PRO D 1531 3.54 -62.21 -51.42
N THR D 1532 3.73 -63.11 -52.38
CA THR D 1532 4.74 -64.14 -52.28
C THR D 1532 6.10 -63.58 -52.68
N ARG D 1533 7.05 -63.57 -51.75
CA ARG D 1533 8.39 -63.08 -52.03
C ARG D 1533 9.15 -64.08 -52.89
N VAL D 1534 10.07 -63.56 -53.69
CA VAL D 1534 10.86 -64.36 -54.61
C VAL D 1534 12.21 -64.64 -53.96
N GLU D 1535 12.59 -65.93 -53.93
CA GLU D 1535 13.91 -66.33 -53.45
C GLU D 1535 14.82 -66.74 -54.59
N ARG D 1536 14.38 -67.67 -55.43
CA ARG D 1536 15.17 -68.15 -56.56
C ARG D 1536 14.29 -68.29 -57.79
N VAL D 1537 14.91 -68.17 -58.96
CA VAL D 1537 14.30 -68.55 -60.22
C VAL D 1537 14.73 -69.99 -60.53
N VAL D 1538 13.75 -70.86 -60.73
CA VAL D 1538 13.99 -72.26 -61.04
C VAL D 1538 13.40 -72.56 -62.41
N CYS D 1539 14.20 -73.14 -63.29
CA CYS D 1539 13.76 -73.45 -64.64
C CYS D 1539 12.76 -74.60 -64.64
N THR D 1540 11.89 -74.60 -65.64
CA THR D 1540 10.82 -75.59 -65.77
C THR D 1540 11.15 -76.55 -66.92
N ALA D 1541 10.20 -77.45 -67.19
CA ALA D 1541 10.37 -78.43 -68.25
C ALA D 1541 10.17 -77.83 -69.65
N GLY D 1542 9.56 -76.66 -69.74
CA GLY D 1542 9.36 -76.02 -71.02
C GLY D 1542 10.43 -75.01 -71.37
N LEU D 1543 11.57 -75.10 -70.65
CA LEU D 1543 12.71 -74.19 -70.77
C LEU D 1543 12.30 -72.74 -70.54
N LYS D 1544 11.42 -72.53 -69.56
CA LYS D 1544 10.96 -71.21 -69.15
C LYS D 1544 11.28 -71.01 -67.67
N TRP D 1545 10.79 -69.90 -67.12
CA TRP D 1545 11.00 -69.56 -65.72
C TRP D 1545 9.68 -69.49 -65.00
N TYR D 1546 9.55 -70.28 -63.92
CA TYR D 1546 8.31 -70.24 -63.10
C TYR D 1546 8.12 -68.82 -62.57
N PRO D 1547 9.07 -68.20 -61.83
CA PRO D 1547 8.94 -66.80 -61.42
C PRO D 1547 9.54 -65.97 -62.56
N HIS D 1548 8.72 -65.63 -63.56
CA HIS D 1548 9.25 -64.89 -64.74
C HIS D 1548 9.76 -63.52 -64.27
N PRO D 1549 10.94 -63.04 -64.73
CA PRO D 1549 11.51 -61.79 -64.25
C PRO D 1549 10.62 -60.57 -64.51
N ALA D 1550 9.95 -60.51 -65.67
CA ALA D 1550 9.00 -59.40 -65.93
C ALA D 1550 7.87 -59.46 -64.90
N LEU D 1551 7.40 -60.67 -64.58
CA LEU D 1551 6.34 -60.85 -63.55
C LEU D 1551 6.89 -60.46 -62.18
N ILE D 1552 8.21 -60.55 -61.98
CA ILE D 1552 8.84 -60.16 -60.68
C ILE D 1552 8.90 -58.64 -60.54
N HIS D 1553 8.25 -58.08 -59.51
CA HIS D 1553 8.27 -56.66 -59.24
C HIS D 1553 9.13 -56.40 -58.01
N CYS D 1554 10.09 -55.49 -58.13
CA CYS D 1554 10.86 -55.01 -56.98
C CYS D 1554 10.11 -53.81 -56.41
N VAL D 1555 9.34 -54.06 -55.35
CA VAL D 1555 8.57 -53.02 -54.71
C VAL D 1555 9.34 -52.53 -53.49
N LYS D 1556 8.89 -51.42 -52.91
CA LYS D 1556 9.57 -50.80 -51.78
C LYS D 1556 9.50 -51.72 -50.56
N GLY D 1557 10.64 -52.29 -50.20
CA GLY D 1557 10.68 -53.31 -49.18
C GLY D 1557 10.50 -52.74 -47.78
N CYS D 1558 10.42 -53.67 -46.82
CA CYS D 1558 10.21 -53.29 -45.43
C CYS D 1558 11.47 -52.68 -44.85
N GLU D 1559 11.31 -51.55 -44.17
CA GLU D 1559 12.39 -50.96 -43.40
C GLU D 1559 12.75 -51.88 -42.24
N PRO D 1560 14.01 -51.86 -41.77
CA PRO D 1560 14.41 -52.74 -40.67
C PRO D 1560 13.94 -52.30 -39.29
N PHE D 1561 13.02 -51.35 -39.19
CA PHE D 1561 12.57 -50.82 -37.91
C PHE D 1561 11.37 -51.59 -37.36
N MET D 1562 11.49 -52.90 -37.29
CA MET D 1562 10.41 -53.77 -36.84
C MET D 1562 10.74 -54.31 -35.46
N GLY D 1563 9.75 -54.34 -34.57
CA GLY D 1563 9.94 -54.87 -33.24
C GLY D 1563 10.71 -53.97 -32.31
N ASP D 1564 10.76 -52.67 -32.58
CA ASP D 1564 11.47 -51.72 -31.73
C ASP D 1564 10.52 -50.87 -30.90
N ASN D 1565 9.33 -51.40 -30.60
CA ASN D 1565 8.27 -50.73 -29.82
C ASN D 1565 7.87 -49.39 -30.43
N TYR D 1566 7.82 -49.35 -31.76
CA TYR D 1566 7.59 -48.11 -32.48
C TYR D 1566 6.75 -48.39 -33.71
N CYS D 1567 5.68 -47.60 -33.88
CA CYS D 1567 4.77 -47.79 -35.01
C CYS D 1567 5.19 -46.91 -36.18
N ASP D 1568 5.30 -47.52 -37.36
CA ASP D 1568 5.66 -46.82 -38.58
C ASP D 1568 4.57 -47.01 -39.62
N ALA D 1569 4.31 -45.96 -40.40
CA ALA D 1569 3.24 -46.01 -41.38
C ALA D 1569 3.61 -46.86 -42.60
N ILE D 1570 4.91 -46.94 -42.91
CA ILE D 1570 5.34 -47.71 -44.08
C ILE D 1570 5.18 -49.21 -43.83
N ASN D 1571 5.58 -49.67 -42.65
CA ASN D 1571 5.56 -51.09 -42.32
C ASN D 1571 4.25 -51.53 -41.68
N ASN D 1572 3.21 -50.69 -41.69
CA ASN D 1572 1.92 -51.03 -41.11
C ASN D 1572 1.07 -51.78 -42.14
N ARG D 1573 1.49 -53.01 -42.42
CA ARG D 1573 0.83 -53.87 -43.39
C ARG D 1573 1.23 -55.30 -43.12
N ALA D 1574 0.46 -56.23 -43.69
CA ALA D 1574 0.79 -57.65 -43.57
C ALA D 1574 2.03 -58.03 -44.35
N PHE D 1575 2.46 -57.19 -45.29
CA PHE D 1575 3.73 -57.41 -46.00
C PHE D 1575 4.91 -57.22 -45.06
N CYS D 1576 4.76 -56.40 -44.02
CA CYS D 1576 5.83 -56.17 -43.04
C CYS D 1576 5.37 -56.49 -41.63
N ASN D 1577 4.45 -57.46 -41.50
CA ASN D 1577 3.96 -58.01 -40.22
C ASN D 1577 3.36 -56.94 -39.31
N TYR D 1578 2.75 -55.92 -39.93
CA TYR D 1578 2.21 -54.73 -39.25
C TYR D 1578 3.26 -54.09 -38.36
N ASP D 1579 4.47 -53.92 -38.94
CA ASP D 1579 5.67 -53.43 -38.26
C ASP D 1579 6.00 -54.29 -37.04
N GLY D 1580 5.79 -55.59 -37.15
CA GLY D 1580 5.99 -56.47 -36.02
C GLY D 1580 4.96 -56.34 -34.94
N GLY D 1581 3.78 -55.80 -35.26
CA GLY D 1581 2.73 -55.65 -34.27
C GLY D 1581 2.95 -54.53 -33.28
N ASP D 1582 3.78 -53.54 -33.61
CA ASP D 1582 4.04 -52.43 -32.71
C ASP D 1582 2.95 -51.38 -32.73
N CYS D 1583 2.07 -51.40 -33.73
CA CYS D 1583 1.04 -50.38 -33.89
C CYS D 1583 -0.22 -50.65 -33.10
N CYS D 1584 -0.30 -51.80 -32.42
CA CYS D 1584 -1.44 -52.13 -31.57
C CYS D 1584 -1.00 -52.12 -30.11
N THR D 1585 -1.91 -51.70 -29.22
CA THR D 1585 -1.57 -51.60 -27.80
C THR D 1585 -1.38 -52.97 -27.17
N SER D 1586 -2.20 -53.94 -27.57
CA SER D 1586 -2.17 -55.27 -26.94
C SER D 1586 -0.95 -56.08 -27.35
N THR D 1587 -0.27 -55.72 -28.43
CA THR D 1587 0.86 -56.49 -28.92
C THR D 1587 2.21 -55.80 -28.75
N VAL D 1588 2.25 -54.48 -28.57
CA VAL D 1588 3.51 -53.78 -28.43
C VAL D 1588 4.10 -54.06 -27.04
N LYS D 1589 5.43 -54.06 -26.97
CA LYS D 1589 6.12 -54.45 -25.74
C LYS D 1589 6.04 -53.37 -24.66
N THR D 1590 5.99 -52.11 -25.04
CA THR D 1590 5.90 -51.02 -24.07
C THR D 1590 4.46 -50.70 -23.67
N LYS D 1591 3.49 -51.43 -24.22
CA LYS D 1591 2.06 -51.33 -23.89
C LYS D 1591 1.49 -49.93 -24.12
N LYS D 1592 2.01 -49.23 -25.13
CA LYS D 1592 1.49 -47.92 -25.53
C LYS D 1592 1.88 -47.66 -26.98
N VAL D 1593 0.92 -47.25 -27.79
CA VAL D 1593 1.16 -47.03 -29.22
C VAL D 1593 1.77 -45.64 -29.40
N THR D 1594 2.94 -45.59 -30.01
CA THR D 1594 3.63 -44.33 -30.30
C THR D 1594 4.03 -44.31 -31.77
N PRO D 1595 3.38 -43.49 -32.59
CA PRO D 1595 3.89 -43.28 -33.95
C PRO D 1595 5.23 -42.58 -33.93
N PHE D 1596 6.13 -43.01 -34.82
CA PHE D 1596 7.45 -42.37 -34.89
C PHE D 1596 7.40 -40.90 -35.31
N PRO D 1597 6.67 -40.48 -36.35
CA PRO D 1597 6.45 -39.03 -36.52
C PRO D 1597 5.45 -38.55 -35.47
N MET D 1598 5.69 -37.34 -34.96
CA MET D 1598 4.74 -36.83 -33.97
C MET D 1598 3.44 -36.30 -34.60
N SER D 1599 3.30 -36.25 -35.94
CA SER D 1599 2.05 -35.86 -36.59
C SER D 1599 1.69 -36.92 -37.64
N CYS D 1600 1.02 -37.97 -37.19
CA CYS D 1600 0.50 -39.01 -38.06
C CYS D 1600 -0.92 -39.34 -37.62
N ASP D 1601 -1.70 -39.85 -38.56
CA ASP D 1601 -3.08 -40.22 -38.25
C ASP D 1601 -3.07 -41.47 -37.40
N LEU D 1602 -3.48 -41.33 -36.13
CA LEU D 1602 -3.42 -42.45 -35.19
C LEU D 1602 -4.49 -43.49 -35.49
N GLN D 1603 -5.65 -43.05 -35.98
CA GLN D 1603 -6.69 -43.97 -36.43
C GLN D 1603 -6.66 -44.20 -37.93
N GLY D 1604 -5.69 -43.60 -38.63
CA GLY D 1604 -5.64 -43.70 -40.08
C GLY D 1604 -4.46 -44.49 -40.60
N ASP D 1605 -3.41 -43.80 -41.06
CA ASP D 1605 -2.28 -44.47 -41.69
C ASP D 1605 -1.40 -45.18 -40.67
N CYS D 1606 -1.28 -44.64 -39.46
CA CYS D 1606 -0.51 -45.26 -38.39
C CYS D 1606 -1.39 -46.06 -37.44
N ALA D 1607 -2.45 -46.70 -37.94
CA ALA D 1607 -3.43 -47.35 -37.09
C ALA D 1607 -3.08 -48.82 -36.85
N CYS D 1608 -3.85 -49.46 -35.98
CA CYS D 1608 -3.71 -50.87 -35.67
C CYS D 1608 -4.57 -51.67 -36.62
N ARG D 1609 -3.94 -52.38 -37.55
CA ARG D 1609 -4.65 -53.19 -38.54
C ARG D 1609 -4.37 -54.68 -38.40
N ASP D 1610 -3.78 -55.09 -37.27
CA ASP D 1610 -3.49 -56.51 -37.07
C ASP D 1610 -4.76 -57.22 -36.59
N PRO D 1611 -5.27 -58.20 -37.35
CA PRO D 1611 -6.51 -58.87 -36.94
C PRO D 1611 -6.35 -59.79 -35.74
N GLN D 1612 -5.12 -60.17 -35.38
CA GLN D 1612 -4.87 -60.97 -34.20
C GLN D 1612 -4.90 -60.16 -32.91
N ALA D 1613 -4.88 -58.84 -33.00
CA ALA D 1613 -4.93 -57.99 -31.82
C ALA D 1613 -6.32 -58.00 -31.19
N GLN D 1614 -6.36 -57.67 -29.90
CA GLN D 1614 -7.60 -57.70 -29.13
C GLN D 1614 -8.55 -56.55 -29.46
N GLU D 1615 -8.06 -55.50 -30.12
CA GLU D 1615 -8.94 -54.40 -30.53
C GLU D 1615 -9.90 -54.84 -31.63
N HIS D 1616 -9.40 -55.60 -32.61
CA HIS D 1616 -10.21 -56.02 -33.74
C HIS D 1616 -11.17 -57.14 -33.34
#